data_2KVB
#
_entry.id   2KVB
#
_entity_poly.entity_id   1
_entity_poly.type   'polypeptide(L)'
_entity_poly.pdbx_seq_one_letter_code
;EAEAEFLSRTEGDNCTVFDSQAGFSFDLTPLTKKDAYKVETDKYEFHINVCGPVSVGACPPDSGACQVSRSDRKSWNLGR
SNAKLSYYDGMIQLTYRDGTPYNNEKRTPRATLITFLCDRDAGVGFPEYQEEDNSTYNFRWYTSYACP
;
_entity_poly.pdbx_strand_id   A
#
# COMPACT_ATOMS: atom_id res chain seq x y z
N GLU A 1 -19.02 8.84 -0.25
CA GLU A 1 -18.16 8.48 -1.37
C GLU A 1 -17.80 7.03 -1.27
N ALA A 2 -17.65 6.38 -2.39
CA ALA A 2 -17.33 4.97 -2.41
C ALA A 2 -15.94 4.75 -2.98
N GLU A 3 -15.28 3.72 -2.49
CA GLU A 3 -13.94 3.37 -2.91
C GLU A 3 -13.97 2.76 -4.31
N ALA A 4 -13.77 3.63 -5.30
CA ALA A 4 -13.80 3.30 -6.73
C ALA A 4 -15.22 3.03 -7.22
N GLU A 5 -15.43 3.25 -8.51
CA GLU A 5 -16.73 3.02 -9.13
C GLU A 5 -16.80 1.56 -9.59
N PHE A 6 -15.66 0.91 -9.49
CA PHE A 6 -15.45 -0.48 -9.83
C PHE A 6 -15.52 -0.71 -11.34
N LEU A 7 -14.44 -0.36 -12.00
CA LEU A 7 -14.26 -0.64 -13.41
C LEU A 7 -12.95 -1.35 -13.58
N SER A 8 -13.06 -2.63 -13.88
CA SER A 8 -11.92 -3.52 -14.05
C SER A 8 -10.99 -3.57 -12.82
N ARG A 9 -11.46 -4.25 -11.81
CA ARG A 9 -10.68 -4.52 -10.64
C ARG A 9 -10.55 -5.98 -10.46
N THR A 10 -9.37 -6.45 -10.58
CA THR A 10 -9.11 -7.82 -10.32
C THR A 10 -8.47 -7.89 -8.96
N GLU A 11 -9.15 -8.44 -8.01
CA GLU A 11 -8.63 -8.47 -6.67
C GLU A 11 -8.18 -9.87 -6.33
N GLY A 12 -6.99 -9.97 -5.83
CA GLY A 12 -6.48 -11.23 -5.39
C GLY A 12 -6.64 -11.37 -3.91
N ASP A 13 -6.03 -12.36 -3.35
CA ASP A 13 -6.11 -12.57 -1.91
C ASP A 13 -4.76 -12.46 -1.32
N ASN A 14 -3.82 -13.12 -1.93
CA ASN A 14 -2.45 -13.04 -1.52
C ASN A 14 -1.78 -11.99 -2.40
N CYS A 15 -0.55 -11.63 -2.09
CA CYS A 15 0.18 -10.62 -2.82
C CYS A 15 0.68 -11.02 -4.22
N THR A 16 -0.17 -11.72 -4.95
CA THR A 16 0.08 -11.99 -6.33
C THR A 16 -1.20 -11.65 -7.08
N VAL A 17 -1.09 -11.11 -8.25
CA VAL A 17 -2.25 -10.74 -8.97
C VAL A 17 -2.24 -11.22 -10.43
N PHE A 18 -3.28 -11.85 -10.86
CA PHE A 18 -3.43 -12.19 -12.24
C PHE A 18 -4.67 -11.54 -12.77
N ASP A 19 -4.51 -10.74 -13.79
CA ASP A 19 -5.60 -9.98 -14.32
C ASP A 19 -6.06 -10.60 -15.60
N SER A 20 -7.31 -10.96 -15.64
CA SER A 20 -7.89 -11.62 -16.78
C SER A 20 -8.03 -10.72 -18.02
N GLN A 21 -8.09 -9.40 -17.80
CA GLN A 21 -8.22 -8.48 -18.91
C GLN A 21 -6.85 -8.26 -19.52
N ALA A 22 -5.88 -8.11 -18.64
CA ALA A 22 -4.53 -7.80 -19.02
C ALA A 22 -3.77 -9.03 -19.47
N GLY A 23 -4.22 -10.19 -19.04
CA GLY A 23 -3.59 -11.45 -19.45
C GLY A 23 -2.16 -11.61 -18.91
N PHE A 24 -1.84 -10.85 -17.88
CA PHE A 24 -0.53 -10.93 -17.27
C PHE A 24 -0.66 -11.17 -15.79
N SER A 25 0.22 -11.97 -15.27
CA SER A 25 0.24 -12.30 -13.87
C SER A 25 1.46 -11.65 -13.22
N PHE A 26 1.27 -10.98 -12.13
CA PHE A 26 2.34 -10.26 -11.49
C PHE A 26 2.53 -10.69 -10.04
N ASP A 27 3.77 -11.00 -9.68
CA ASP A 27 4.12 -11.40 -8.34
C ASP A 27 4.82 -10.25 -7.67
N LEU A 28 4.22 -9.70 -6.65
CA LEU A 28 4.83 -8.58 -5.98
C LEU A 28 5.41 -9.00 -4.65
N THR A 29 5.69 -10.26 -4.57
CA THR A 29 6.27 -10.89 -3.42
C THR A 29 7.74 -10.45 -3.11
N PRO A 30 8.66 -10.24 -4.14
CA PRO A 30 10.03 -9.75 -3.89
C PRO A 30 10.00 -8.34 -3.28
N LEU A 31 8.88 -7.67 -3.47
CA LEU A 31 8.66 -6.33 -2.99
C LEU A 31 8.36 -6.34 -1.49
N THR A 32 8.04 -7.50 -0.96
CA THR A 32 7.81 -7.67 0.45
C THR A 32 9.14 -7.68 1.19
N LYS A 33 9.25 -6.85 2.18
CA LYS A 33 10.45 -6.79 2.96
C LYS A 33 10.10 -6.83 4.44
N LYS A 34 10.94 -7.49 5.20
CA LYS A 34 10.76 -7.56 6.63
C LYS A 34 11.10 -6.21 7.22
N ASP A 35 12.15 -5.65 6.67
CA ASP A 35 12.66 -4.32 7.07
C ASP A 35 11.68 -3.23 6.62
N ALA A 36 10.99 -3.53 5.52
CA ALA A 36 9.95 -2.67 4.94
C ALA A 36 10.50 -1.38 4.31
N TYR A 37 9.61 -0.63 3.70
CA TYR A 37 9.96 0.58 3.00
C TYR A 37 9.60 1.79 3.81
N LYS A 38 10.38 2.85 3.69
CA LYS A 38 10.11 4.07 4.40
C LYS A 38 10.14 5.26 3.47
N VAL A 39 9.08 5.99 3.48
CA VAL A 39 8.98 7.22 2.75
C VAL A 39 9.07 8.32 3.79
N GLU A 40 9.89 9.29 3.55
CA GLU A 40 10.10 10.34 4.52
C GLU A 40 9.62 11.67 4.00
N THR A 41 8.96 12.42 4.85
CA THR A 41 8.47 13.71 4.49
C THR A 41 9.18 14.72 5.40
N ASP A 42 8.62 15.90 5.53
CA ASP A 42 9.23 16.90 6.39
C ASP A 42 9.17 16.49 7.85
N LYS A 43 8.02 16.02 8.28
CA LYS A 43 7.85 15.69 9.69
C LYS A 43 7.32 14.30 9.94
N TYR A 44 7.16 13.52 8.93
CA TYR A 44 6.59 12.20 9.10
C TYR A 44 7.35 11.21 8.25
N GLU A 45 7.19 9.97 8.57
CA GLU A 45 7.66 8.92 7.73
C GLU A 45 6.53 7.98 7.57
N PHE A 46 6.50 7.32 6.49
CA PHE A 46 5.55 6.31 6.28
C PHE A 46 6.31 5.05 6.03
N HIS A 47 6.07 4.08 6.82
CA HIS A 47 6.73 2.84 6.66
C HIS A 47 5.68 1.86 6.23
N ILE A 48 5.88 1.25 5.12
CA ILE A 48 4.88 0.37 4.55
C ILE A 48 5.57 -0.83 3.96
N ASN A 49 4.84 -1.89 3.84
CA ASN A 49 5.36 -3.09 3.25
C ASN A 49 4.33 -3.66 2.30
N VAL A 50 4.79 -4.20 1.19
CA VAL A 50 3.91 -4.89 0.28
C VAL A 50 3.69 -6.27 0.78
N CYS A 51 2.45 -6.58 1.09
CA CYS A 51 2.00 -7.89 1.54
C CYS A 51 2.36 -8.10 3.00
N GLY A 52 1.50 -8.79 3.68
CA GLY A 52 1.73 -9.14 5.05
C GLY A 52 1.73 -7.94 5.94
N PRO A 53 2.49 -8.00 7.00
CA PRO A 53 2.65 -6.93 7.93
C PRO A 53 3.94 -6.14 7.70
N VAL A 54 4.09 -5.07 8.45
CA VAL A 54 5.25 -4.26 8.40
C VAL A 54 5.97 -4.40 9.73
N SER A 55 7.26 -4.55 9.71
CA SER A 55 7.96 -4.67 10.94
C SER A 55 8.66 -3.36 11.28
N VAL A 56 7.90 -2.47 11.88
CA VAL A 56 8.42 -1.21 12.34
C VAL A 56 8.29 -1.19 13.86
N GLY A 57 9.13 -0.46 14.54
CA GLY A 57 9.07 -0.40 15.98
C GLY A 57 8.16 0.71 16.46
N ALA A 58 7.38 1.26 15.55
CA ALA A 58 6.47 2.35 15.88
C ALA A 58 5.03 1.85 15.99
N CYS A 59 4.75 0.73 15.36
CA CYS A 59 3.42 0.16 15.38
C CYS A 59 3.48 -1.32 15.62
N PRO A 60 2.38 -1.92 16.14
CA PRO A 60 2.27 -3.36 16.39
C PRO A 60 2.56 -4.21 15.13
N PRO A 61 3.06 -5.46 15.31
CA PRO A 61 3.41 -6.36 14.19
C PRO A 61 2.22 -6.71 13.30
N ASP A 62 1.00 -6.55 13.80
CA ASP A 62 -0.21 -6.83 13.01
C ASP A 62 -0.54 -5.71 12.04
N SER A 63 0.27 -4.68 12.01
CA SER A 63 0.07 -3.61 11.11
C SER A 63 0.88 -3.86 9.84
N GLY A 64 0.35 -3.45 8.69
CA GLY A 64 1.04 -3.63 7.42
C GLY A 64 1.60 -2.32 6.89
N ALA A 65 1.20 -1.23 7.52
CA ALA A 65 1.67 0.09 7.18
C ALA A 65 1.55 0.98 8.40
N CYS A 66 2.60 1.68 8.70
CA CYS A 66 2.68 2.49 9.89
C CYS A 66 3.35 3.81 9.60
N GLN A 67 2.77 4.86 10.11
CA GLN A 67 3.38 6.16 10.00
C GLN A 67 3.72 6.69 11.35
N VAL A 68 4.80 7.38 11.44
CA VAL A 68 5.22 7.98 12.65
C VAL A 68 5.71 9.39 12.39
N SER A 69 5.24 10.29 13.19
CA SER A 69 5.66 11.63 13.15
C SER A 69 7.05 11.70 13.72
N ARG A 70 8.00 12.04 12.91
CA ARG A 70 9.34 12.19 13.37
C ARG A 70 9.44 13.45 14.22
N SER A 71 8.44 14.32 14.06
CA SER A 71 8.38 15.53 14.79
C SER A 71 7.79 15.32 16.23
N ASP A 72 6.63 14.66 16.34
CA ASP A 72 5.96 14.51 17.67
C ASP A 72 6.13 13.11 18.26
N ARG A 73 6.57 12.19 17.42
CA ARG A 73 6.71 10.75 17.77
C ARG A 73 5.34 10.06 17.87
N LYS A 74 4.35 10.70 17.28
CA LYS A 74 3.01 10.15 17.13
C LYS A 74 3.04 9.10 16.05
N SER A 75 2.40 8.01 16.25
CA SER A 75 2.35 7.02 15.21
C SER A 75 0.94 6.52 15.04
N TRP A 76 0.60 6.23 13.81
CA TRP A 76 -0.73 5.82 13.46
C TRP A 76 -0.67 4.58 12.61
N ASN A 77 -1.75 3.85 12.63
CA ASN A 77 -1.83 2.59 11.91
C ASN A 77 -2.47 2.89 10.57
N LEU A 78 -1.82 2.46 9.52
CA LEU A 78 -2.30 2.74 8.18
C LEU A 78 -2.83 1.48 7.53
N GLY A 79 -3.19 0.54 8.36
CA GLY A 79 -3.77 -0.65 7.88
C GLY A 79 -3.14 -1.86 8.49
N ARG A 80 -3.96 -2.79 8.92
CA ARG A 80 -3.46 -4.03 9.45
C ARG A 80 -2.96 -4.91 8.32
N SER A 81 -2.28 -5.98 8.69
CA SER A 81 -1.69 -6.90 7.75
C SER A 81 -2.71 -7.47 6.78
N ASN A 82 -2.35 -7.50 5.52
CA ASN A 82 -3.25 -7.89 4.46
C ASN A 82 -2.41 -8.17 3.23
N ALA A 83 -2.98 -8.72 2.17
CA ALA A 83 -2.18 -8.99 0.99
C ALA A 83 -3.00 -8.76 -0.26
N LYS A 84 -4.10 -8.05 -0.13
CA LYS A 84 -5.03 -7.85 -1.22
C LYS A 84 -4.46 -6.97 -2.34
N LEU A 85 -3.97 -7.59 -3.39
CA LEU A 85 -3.59 -6.87 -4.56
C LEU A 85 -4.76 -6.75 -5.48
N SER A 86 -4.96 -5.62 -5.99
CA SER A 86 -5.99 -5.36 -6.92
C SER A 86 -5.37 -4.86 -8.18
N TYR A 87 -5.89 -5.25 -9.28
CA TYR A 87 -5.40 -4.77 -10.51
C TYR A 87 -6.49 -3.92 -11.07
N TYR A 88 -6.19 -2.70 -11.26
CA TYR A 88 -7.09 -1.74 -11.77
C TYR A 88 -6.68 -1.51 -13.19
N ASP A 89 -7.62 -1.33 -14.09
CA ASP A 89 -7.25 -1.07 -15.48
C ASP A 89 -6.25 0.08 -15.52
N GLY A 90 -5.07 -0.22 -16.01
CA GLY A 90 -4.02 0.76 -16.03
C GLY A 90 -2.89 0.49 -15.01
N MET A 91 -3.24 0.27 -13.72
CA MET A 91 -2.21 0.11 -12.65
C MET A 91 -2.64 -0.91 -11.61
N ILE A 92 -1.67 -1.42 -10.88
CA ILE A 92 -1.95 -2.35 -9.80
C ILE A 92 -2.07 -1.54 -8.50
N GLN A 93 -3.01 -1.88 -7.66
CA GLN A 93 -3.23 -1.18 -6.40
C GLN A 93 -3.37 -2.16 -5.24
N LEU A 94 -2.84 -1.81 -4.10
CA LEU A 94 -2.93 -2.66 -2.93
C LEU A 94 -3.67 -1.89 -1.86
N THR A 95 -4.71 -2.47 -1.33
CA THR A 95 -5.51 -1.85 -0.31
C THR A 95 -5.27 -2.55 1.05
N TYR A 96 -4.95 -1.79 2.08
CA TYR A 96 -4.79 -2.36 3.41
C TYR A 96 -6.04 -2.26 4.26
N ARG A 97 -6.00 -2.93 5.40
CA ARG A 97 -7.14 -3.04 6.32
C ARG A 97 -7.41 -1.78 7.10
N ASP A 98 -8.45 -1.86 7.93
CA ASP A 98 -8.96 -0.77 8.75
C ASP A 98 -7.89 -0.11 9.64
N GLY A 99 -7.01 -0.89 10.22
CA GLY A 99 -5.97 -0.34 11.08
C GLY A 99 -6.52 0.53 12.20
N THR A 100 -6.37 1.82 12.06
CA THR A 100 -6.83 2.78 13.03
C THR A 100 -7.54 3.94 12.31
N PRO A 101 -8.84 4.18 12.60
CA PRO A 101 -9.58 5.26 11.99
C PRO A 101 -9.27 6.58 12.62
N TYR A 102 -9.47 7.63 11.86
CA TYR A 102 -9.16 9.00 12.29
C TYR A 102 -9.84 9.41 13.60
N ASN A 103 -11.02 9.95 13.46
CA ASN A 103 -11.78 10.57 14.54
C ASN A 103 -13.01 11.24 13.95
N ASN A 104 -13.51 10.66 12.88
CA ASN A 104 -14.58 11.27 12.14
C ASN A 104 -15.84 10.46 12.34
N GLU A 105 -16.94 11.01 11.92
CA GLU A 105 -18.26 10.41 12.11
C GLU A 105 -18.39 9.14 11.30
N LYS A 106 -17.68 9.08 10.20
CA LYS A 106 -17.75 7.92 9.34
C LYS A 106 -16.93 6.75 9.92
N ARG A 107 -16.01 7.03 10.90
CA ARG A 107 -15.17 5.98 11.53
C ARG A 107 -14.24 5.44 10.44
N THR A 108 -13.66 6.37 9.72
CA THR A 108 -12.89 6.07 8.56
C THR A 108 -11.50 5.61 8.91
N PRO A 109 -11.19 4.38 8.52
CA PRO A 109 -9.90 3.79 8.80
C PRO A 109 -8.80 4.46 7.99
N ARG A 110 -7.68 4.76 8.64
CA ARG A 110 -6.56 5.26 7.92
C ARG A 110 -5.97 4.08 7.21
N ALA A 111 -5.99 4.10 5.91
CA ALA A 111 -5.52 2.95 5.19
C ALA A 111 -4.52 3.37 4.18
N THR A 112 -3.83 2.42 3.64
CA THR A 112 -2.83 2.67 2.65
C THR A 112 -3.26 2.05 1.34
N LEU A 113 -3.16 2.82 0.28
CA LEU A 113 -3.43 2.35 -1.04
C LEU A 113 -2.17 2.58 -1.83
N ILE A 114 -1.58 1.54 -2.27
CA ILE A 114 -0.36 1.65 -3.02
C ILE A 114 -0.69 1.45 -4.48
N THR A 115 -0.33 2.42 -5.28
CA THR A 115 -0.57 2.38 -6.68
C THR A 115 0.74 2.10 -7.38
N PHE A 116 0.80 1.02 -8.06
CA PHE A 116 1.99 0.58 -8.70
C PHE A 116 2.02 1.06 -10.11
N LEU A 117 3.10 1.67 -10.46
CA LEU A 117 3.25 2.26 -11.75
C LEU A 117 4.33 1.53 -12.51
N CYS A 118 4.17 1.51 -13.78
CA CYS A 118 5.11 0.89 -14.65
C CYS A 118 6.37 1.71 -14.79
N ASP A 119 7.47 1.09 -14.44
CA ASP A 119 8.75 1.67 -14.65
C ASP A 119 9.52 0.58 -15.35
N ARG A 120 9.95 0.84 -16.58
CA ARG A 120 10.49 -0.20 -17.47
C ARG A 120 11.66 -0.99 -16.87
N ASP A 121 12.56 -0.32 -16.21
CA ASP A 121 13.66 -1.00 -15.52
C ASP A 121 14.07 -0.19 -14.30
N ALA A 122 13.81 -0.73 -13.16
CA ALA A 122 14.07 -0.05 -11.91
C ALA A 122 14.72 -0.99 -10.93
N GLY A 123 13.94 -1.91 -10.44
CA GLY A 123 14.41 -2.87 -9.51
C GLY A 123 13.24 -3.39 -8.76
N VAL A 124 13.35 -3.41 -7.45
CA VAL A 124 12.26 -3.88 -6.63
C VAL A 124 11.21 -2.78 -6.55
N GLY A 125 11.68 -1.56 -6.61
CA GLY A 125 10.80 -0.46 -6.62
C GLY A 125 10.92 0.41 -5.40
N PHE A 126 10.63 1.64 -5.60
CA PHE A 126 10.58 2.64 -4.55
C PHE A 126 9.20 3.31 -4.52
N PRO A 127 8.53 3.26 -3.35
CA PRO A 127 7.24 3.94 -3.17
C PRO A 127 7.42 5.43 -2.81
N GLU A 128 6.49 6.25 -3.24
CA GLU A 128 6.51 7.66 -2.93
C GLU A 128 5.14 8.09 -2.43
N TYR A 129 5.13 8.91 -1.40
CA TYR A 129 3.89 9.39 -0.81
C TYR A 129 3.32 10.51 -1.62
N GLN A 130 2.12 10.30 -2.10
CA GLN A 130 1.48 11.30 -2.91
C GLN A 130 0.42 12.06 -2.15
N GLU A 131 -0.72 11.44 -1.95
CA GLU A 131 -1.80 12.19 -1.37
C GLU A 131 -2.67 11.38 -0.45
N GLU A 132 -2.73 11.81 0.77
CA GLU A 132 -3.83 11.41 1.60
C GLU A 132 -4.90 12.46 1.32
N ASP A 133 -6.06 12.03 0.99
CA ASP A 133 -7.14 12.95 0.64
C ASP A 133 -8.45 12.23 0.66
N ASN A 134 -8.41 11.05 0.08
CA ASN A 134 -9.57 10.18 0.01
C ASN A 134 -9.69 9.32 1.29
N SER A 135 -9.08 9.82 2.38
CA SER A 135 -9.09 9.17 3.70
C SER A 135 -8.17 7.92 3.73
N THR A 136 -7.56 7.67 2.62
CA THR A 136 -6.65 6.61 2.45
C THR A 136 -5.37 7.23 1.89
N TYR A 137 -4.25 6.75 2.34
CA TYR A 137 -2.97 7.25 1.93
C TYR A 137 -2.54 6.57 0.65
N ASN A 138 -2.34 7.36 -0.38
CA ASN A 138 -1.90 6.84 -1.67
C ASN A 138 -0.43 7.03 -1.87
N PHE A 139 0.20 5.96 -2.21
CA PHE A 139 1.60 5.92 -2.51
C PHE A 139 1.75 5.40 -3.91
N ARG A 140 2.70 5.92 -4.64
CA ARG A 140 2.98 5.40 -5.94
C ARG A 140 4.23 4.58 -5.88
N TRP A 141 4.23 3.47 -6.50
CA TRP A 141 5.34 2.59 -6.44
C TRP A 141 5.86 2.36 -7.85
N TYR A 142 7.07 2.77 -8.10
CA TYR A 142 7.68 2.55 -9.39
C TYR A 142 8.44 1.26 -9.36
N THR A 143 7.88 0.25 -9.98
CA THR A 143 8.47 -1.05 -9.99
C THR A 143 8.32 -1.70 -11.35
N SER A 144 9.34 -2.41 -11.76
CA SER A 144 9.31 -3.13 -13.01
C SER A 144 8.34 -4.32 -12.89
N TYR A 145 8.12 -4.79 -11.65
CA TYR A 145 7.24 -5.92 -11.37
C TYR A 145 5.78 -5.62 -11.64
N ALA A 146 5.46 -4.35 -11.84
CA ALA A 146 4.07 -3.95 -12.08
C ALA A 146 3.86 -3.63 -13.55
N CYS A 147 4.87 -3.85 -14.36
CA CYS A 147 4.77 -3.51 -15.74
C CYS A 147 4.97 -4.76 -16.61
N PRO A 148 4.18 -4.92 -17.70
CA PRO A 148 4.28 -6.07 -18.60
C PRO A 148 5.46 -5.93 -19.56
N GLU A 1 -14.38 8.35 -4.58
CA GLU A 1 -12.98 7.94 -4.38
C GLU A 1 -12.81 6.49 -4.75
N ALA A 2 -12.51 6.27 -6.00
CA ALA A 2 -12.32 4.94 -6.56
C ALA A 2 -11.69 5.08 -7.91
N GLU A 3 -12.26 6.02 -8.69
CA GLU A 3 -11.79 6.39 -10.04
C GLU A 3 -12.06 5.30 -11.08
N ALA A 4 -11.57 4.12 -10.85
CA ALA A 4 -11.70 3.05 -11.80
C ALA A 4 -12.87 2.13 -11.48
N GLU A 5 -13.96 2.30 -12.19
CA GLU A 5 -15.07 1.40 -12.10
C GLU A 5 -15.01 0.47 -13.30
N PHE A 6 -14.69 1.05 -14.45
CA PHE A 6 -14.39 0.29 -15.65
C PHE A 6 -12.88 0.14 -15.64
N LEU A 7 -12.33 -0.87 -16.37
CA LEU A 7 -10.88 -1.18 -16.25
C LEU A 7 -10.64 -1.57 -14.80
N SER A 8 -11.65 -2.27 -14.31
CA SER A 8 -11.94 -2.64 -12.93
C SER A 8 -10.77 -3.21 -12.07
N ARG A 9 -11.16 -3.62 -10.88
CA ARG A 9 -10.28 -4.08 -9.84
C ARG A 9 -10.47 -5.57 -9.63
N THR A 10 -9.41 -6.28 -9.62
CA THR A 10 -9.44 -7.66 -9.26
C THR A 10 -8.80 -7.78 -7.88
N GLU A 11 -9.30 -8.64 -7.06
CA GLU A 11 -8.66 -8.90 -5.82
C GLU A 11 -7.97 -10.24 -5.93
N GLY A 12 -6.68 -10.24 -5.71
CA GLY A 12 -5.89 -11.44 -5.87
C GLY A 12 -5.76 -12.26 -4.62
N ASP A 13 -4.57 -12.79 -4.43
CA ASP A 13 -4.25 -13.67 -3.34
C ASP A 13 -3.14 -13.07 -2.51
N ASN A 14 -2.56 -13.86 -1.62
CA ASN A 14 -1.47 -13.42 -0.77
C ASN A 14 -0.24 -12.99 -1.58
N CYS A 15 0.04 -11.68 -1.56
CA CYS A 15 1.25 -11.11 -2.19
C CYS A 15 1.26 -11.28 -3.70
N THR A 16 0.16 -11.74 -4.25
CA THR A 16 0.06 -12.03 -5.65
C THR A 16 -1.25 -11.50 -6.20
N VAL A 17 -1.25 -11.08 -7.42
CA VAL A 17 -2.43 -10.57 -8.01
C VAL A 17 -2.70 -11.28 -9.31
N PHE A 18 -3.93 -11.61 -9.54
CA PHE A 18 -4.34 -12.18 -10.77
C PHE A 18 -5.56 -11.46 -11.24
N ASP A 19 -5.49 -10.97 -12.43
CA ASP A 19 -6.54 -10.20 -12.99
C ASP A 19 -7.26 -10.95 -14.08
N SER A 20 -8.55 -11.06 -13.93
CA SER A 20 -9.39 -11.76 -14.87
C SER A 20 -9.54 -11.04 -16.23
N GLN A 21 -9.54 -9.71 -16.22
CA GLN A 21 -9.74 -8.94 -17.44
C GLN A 21 -8.43 -8.87 -18.23
N ALA A 22 -7.33 -8.80 -17.50
CA ALA A 22 -6.02 -8.72 -18.09
C ALA A 22 -5.55 -10.11 -18.46
N GLY A 23 -6.15 -11.10 -17.80
CA GLY A 23 -5.89 -12.49 -18.09
C GLY A 23 -4.50 -12.97 -17.68
N PHE A 24 -3.83 -12.21 -16.84
CA PHE A 24 -2.50 -12.57 -16.39
C PHE A 24 -2.27 -12.25 -14.93
N SER A 25 -1.29 -12.88 -14.35
CA SER A 25 -1.01 -12.74 -12.95
C SER A 25 0.37 -12.16 -12.69
N PHE A 26 0.51 -11.50 -11.57
CA PHE A 26 1.75 -10.89 -11.15
C PHE A 26 2.04 -11.24 -9.70
N ASP A 27 3.29 -11.40 -9.36
CA ASP A 27 3.69 -11.66 -7.99
C ASP A 27 4.66 -10.59 -7.57
N LEU A 28 4.28 -9.83 -6.58
CA LEU A 28 5.12 -8.74 -6.10
C LEU A 28 5.73 -9.13 -4.79
N THR A 29 5.78 -10.42 -4.62
CA THR A 29 6.32 -11.09 -3.47
C THR A 29 7.82 -10.71 -3.21
N PRO A 30 8.72 -10.65 -4.27
CA PRO A 30 10.13 -10.22 -4.09
C PRO A 30 10.23 -8.77 -3.61
N LEU A 31 9.16 -8.02 -3.80
CA LEU A 31 9.10 -6.61 -3.42
C LEU A 31 8.84 -6.44 -1.92
N THR A 32 8.38 -7.50 -1.31
CA THR A 32 8.11 -7.53 0.12
C THR A 32 9.42 -7.59 0.90
N LYS A 33 9.53 -6.76 1.91
CA LYS A 33 10.70 -6.75 2.74
C LYS A 33 10.28 -6.74 4.18
N LYS A 34 11.02 -7.44 5.00
CA LYS A 34 10.75 -7.45 6.43
C LYS A 34 11.12 -6.09 6.99
N ASP A 35 12.23 -5.59 6.48
CA ASP A 35 12.77 -4.29 6.90
C ASP A 35 11.84 -3.16 6.48
N ALA A 36 11.08 -3.43 5.42
CA ALA A 36 10.06 -2.52 4.88
C ALA A 36 10.64 -1.29 4.18
N TYR A 37 9.77 -0.49 3.63
CA TYR A 37 10.10 0.71 2.94
C TYR A 37 9.60 1.90 3.73
N LYS A 38 10.46 2.83 3.96
CA LYS A 38 10.11 4.01 4.64
C LYS A 38 10.27 5.23 3.74
N VAL A 39 9.30 6.10 3.82
CA VAL A 39 9.28 7.36 3.09
C VAL A 39 9.18 8.45 4.14
N GLU A 40 9.85 9.56 3.94
CA GLU A 40 9.80 10.63 4.92
C GLU A 40 9.18 11.86 4.35
N THR A 41 8.57 12.64 5.20
CA THR A 41 8.06 13.91 4.85
C THR A 41 8.70 14.92 5.80
N ASP A 42 8.16 16.11 5.85
CA ASP A 42 8.68 17.17 6.72
C ASP A 42 8.71 16.75 8.18
N LYS A 43 7.60 16.22 8.67
CA LYS A 43 7.52 15.86 10.09
C LYS A 43 7.02 14.45 10.32
N TYR A 44 6.79 13.72 9.28
CA TYR A 44 6.30 12.35 9.39
C TYR A 44 7.11 11.43 8.53
N GLU A 45 6.99 10.18 8.79
CA GLU A 45 7.58 9.18 7.98
C GLU A 45 6.62 8.04 7.89
N PHE A 46 6.64 7.39 6.80
CA PHE A 46 5.72 6.33 6.57
C PHE A 46 6.48 5.05 6.32
N HIS A 47 6.16 4.02 7.05
CA HIS A 47 6.73 2.72 6.80
C HIS A 47 5.66 1.85 6.23
N ILE A 48 5.92 1.29 5.09
CA ILE A 48 4.97 0.45 4.42
C ILE A 48 5.70 -0.74 3.86
N ASN A 49 4.99 -1.79 3.68
CA ASN A 49 5.54 -3.00 3.09
C ASN A 49 4.58 -3.50 2.04
N VAL A 50 5.09 -4.20 1.04
CA VAL A 50 4.23 -4.78 0.04
C VAL A 50 3.71 -6.07 0.56
N CYS A 51 2.42 -6.09 0.77
CA CYS A 51 1.70 -7.26 1.19
C CYS A 51 1.96 -7.56 2.67
N GLY A 52 0.92 -8.07 3.30
CA GLY A 52 1.01 -8.50 4.66
C GLY A 52 1.19 -7.34 5.60
N PRO A 53 1.81 -7.59 6.72
CA PRO A 53 2.15 -6.56 7.67
C PRO A 53 3.50 -5.92 7.37
N VAL A 54 3.80 -4.90 8.12
CA VAL A 54 5.04 -4.24 8.05
C VAL A 54 5.80 -4.56 9.34
N SER A 55 7.01 -4.99 9.22
CA SER A 55 7.74 -5.34 10.39
C SER A 55 8.60 -4.18 10.86
N VAL A 56 7.95 -3.25 11.52
CA VAL A 56 8.63 -2.10 12.09
C VAL A 56 8.56 -2.21 13.58
N GLY A 57 9.67 -1.99 14.26
CA GLY A 57 9.70 -2.07 15.71
C GLY A 57 9.12 -0.82 16.36
N ALA A 58 8.08 -0.30 15.77
CA ALA A 58 7.41 0.88 16.28
C ALA A 58 5.90 0.80 15.98
N CYS A 59 5.49 -0.27 15.33
CA CYS A 59 4.11 -0.44 14.95
C CYS A 59 3.69 -1.89 15.18
N PRO A 60 2.39 -2.15 15.43
CA PRO A 60 1.89 -3.51 15.69
C PRO A 60 2.00 -4.43 14.45
N PRO A 61 2.30 -5.73 14.66
CA PRO A 61 2.41 -6.74 13.59
C PRO A 61 1.12 -6.90 12.73
N ASP A 62 0.01 -6.32 13.18
CA ASP A 62 -1.22 -6.32 12.37
C ASP A 62 -1.33 -5.12 11.46
N SER A 63 -0.31 -4.30 11.42
CA SER A 63 -0.32 -3.16 10.55
C SER A 63 0.59 -3.42 9.34
N GLY A 64 0.11 -3.10 8.15
CA GLY A 64 0.92 -3.25 6.93
C GLY A 64 1.52 -1.94 6.48
N ALA A 65 0.91 -0.88 6.91
CA ALA A 65 1.39 0.45 6.64
C ALA A 65 1.16 1.27 7.87
N CYS A 66 2.20 1.86 8.36
CA CYS A 66 2.16 2.62 9.58
C CYS A 66 3.01 3.86 9.46
N GLN A 67 2.47 4.99 9.89
CA GLN A 67 3.22 6.21 9.87
C GLN A 67 3.56 6.62 11.26
N VAL A 68 4.69 7.20 11.42
CA VAL A 68 5.12 7.69 12.68
C VAL A 68 5.64 9.10 12.51
N SER A 69 5.20 9.96 13.38
CA SER A 69 5.60 11.32 13.38
C SER A 69 7.00 11.42 13.89
N ARG A 70 7.90 11.87 13.04
CA ARG A 70 9.28 12.04 13.43
C ARG A 70 9.37 13.24 14.38
N SER A 71 8.34 14.08 14.33
CA SER A 71 8.25 15.26 15.16
C SER A 71 7.70 14.92 16.57
N ASP A 72 6.57 14.22 16.64
CA ASP A 72 5.91 14.00 17.94
C ASP A 72 6.08 12.57 18.47
N ARG A 73 6.50 11.68 17.60
CA ARG A 73 6.67 10.23 17.91
C ARG A 73 5.36 9.46 18.04
N LYS A 74 4.30 10.00 17.49
CA LYS A 74 3.05 9.25 17.43
C LYS A 74 3.03 8.43 16.19
N SER A 75 2.41 7.29 16.24
CA SER A 75 2.24 6.50 15.07
C SER A 75 0.78 6.09 14.92
N TRP A 76 0.36 5.90 13.70
CA TRP A 76 -1.02 5.56 13.40
C TRP A 76 -1.07 4.35 12.49
N ASN A 77 -2.21 3.74 12.44
CA ASN A 77 -2.42 2.56 11.61
C ASN A 77 -3.00 3.04 10.31
N LEU A 78 -2.35 2.74 9.21
CA LEU A 78 -2.80 3.21 7.92
C LEU A 78 -3.34 2.07 7.11
N GLY A 79 -3.57 0.97 7.77
CA GLY A 79 -4.09 -0.16 7.13
C GLY A 79 -3.55 -1.40 7.72
N ARG A 80 -4.44 -2.23 8.19
CA ARG A 80 -4.06 -3.48 8.75
C ARG A 80 -3.54 -4.40 7.68
N SER A 81 -2.81 -5.39 8.11
CA SER A 81 -2.15 -6.30 7.24
C SER A 81 -3.09 -6.97 6.26
N ASN A 82 -2.73 -6.89 5.02
CA ASN A 82 -3.52 -7.39 3.94
C ASN A 82 -2.60 -7.81 2.85
N ALA A 83 -2.90 -8.89 2.22
CA ALA A 83 -2.03 -9.38 1.20
C ALA A 83 -2.70 -9.38 -0.12
N LYS A 84 -3.97 -9.00 -0.12
CA LYS A 84 -4.75 -9.02 -1.32
C LYS A 84 -4.33 -7.88 -2.21
N LEU A 85 -3.66 -8.22 -3.29
CA LEU A 85 -3.26 -7.23 -4.25
C LEU A 85 -4.40 -6.97 -5.19
N SER A 86 -4.45 -5.80 -5.74
CA SER A 86 -5.49 -5.43 -6.64
C SER A 86 -4.93 -4.99 -7.99
N TYR A 87 -5.55 -5.40 -9.04
CA TYR A 87 -5.07 -5.03 -10.35
C TYR A 87 -6.13 -4.15 -10.98
N TYR A 88 -5.69 -3.13 -11.65
CA TYR A 88 -6.51 -2.22 -12.42
C TYR A 88 -5.93 -2.22 -13.79
N ASP A 89 -6.74 -2.20 -14.84
CA ASP A 89 -6.14 -2.27 -16.19
C ASP A 89 -5.14 -1.15 -16.39
N GLY A 90 -3.91 -1.53 -16.64
CA GLY A 90 -2.87 -0.56 -16.78
C GLY A 90 -1.80 -0.71 -15.72
N MET A 91 -2.19 -0.85 -14.45
CA MET A 91 -1.23 -0.92 -13.36
C MET A 91 -1.77 -1.61 -12.11
N ILE A 92 -0.88 -1.98 -11.24
CA ILE A 92 -1.22 -2.70 -10.03
C ILE A 92 -1.36 -1.70 -8.86
N GLN A 93 -2.33 -1.91 -8.03
CA GLN A 93 -2.55 -1.09 -6.84
C GLN A 93 -2.76 -1.99 -5.64
N LEU A 94 -2.29 -1.57 -4.52
CA LEU A 94 -2.44 -2.37 -3.34
C LEU A 94 -3.26 -1.58 -2.38
N THR A 95 -4.33 -2.15 -1.95
CA THR A 95 -5.24 -1.51 -1.06
C THR A 95 -5.17 -2.19 0.29
N TYR A 96 -4.90 -1.46 1.32
CA TYR A 96 -4.90 -2.03 2.64
C TYR A 96 -6.21 -1.85 3.34
N ARG A 97 -6.29 -2.37 4.54
CA ARG A 97 -7.50 -2.34 5.28
C ARG A 97 -7.77 -1.02 5.94
N ASP A 98 -8.90 -0.96 6.57
CA ASP A 98 -9.43 0.23 7.20
C ASP A 98 -8.60 0.66 8.43
N GLY A 99 -8.09 -0.32 9.17
CA GLY A 99 -7.19 -0.04 10.29
C GLY A 99 -7.76 0.92 11.34
N THR A 100 -7.01 1.96 11.63
CA THR A 100 -7.41 2.95 12.61
C THR A 100 -7.99 4.18 11.90
N PRO A 101 -9.18 4.64 12.31
CA PRO A 101 -9.79 5.83 11.75
C PRO A 101 -9.12 7.11 12.23
N TYR A 102 -9.22 8.19 11.43
CA TYR A 102 -8.57 9.50 11.70
C TYR A 102 -8.70 9.92 13.16
N ASN A 103 -9.89 10.42 13.53
CA ASN A 103 -10.22 10.83 14.94
C ASN A 103 -11.55 11.57 14.96
N ASN A 104 -12.30 11.47 13.88
CA ASN A 104 -13.51 12.24 13.72
C ASN A 104 -14.69 11.51 14.31
N GLU A 105 -15.78 12.22 14.48
CA GLU A 105 -17.02 11.71 15.06
C GLU A 105 -17.54 10.49 14.29
N LYS A 106 -17.40 10.51 12.98
CA LYS A 106 -17.85 9.42 12.16
C LYS A 106 -16.87 8.26 12.23
N ARG A 107 -15.61 8.58 12.54
CA ARG A 107 -14.53 7.62 12.54
C ARG A 107 -14.32 7.03 11.18
N THR A 108 -13.66 7.80 10.36
CA THR A 108 -13.36 7.40 9.03
C THR A 108 -11.98 6.71 9.01
N PRO A 109 -11.94 5.45 8.57
CA PRO A 109 -10.72 4.63 8.55
C PRO A 109 -9.58 5.20 7.69
N ARG A 110 -8.36 5.02 8.16
CA ARG A 110 -7.19 5.44 7.41
C ARG A 110 -6.71 4.24 6.62
N ALA A 111 -6.58 4.39 5.34
CA ALA A 111 -6.17 3.29 4.49
C ALA A 111 -4.99 3.68 3.64
N THR A 112 -4.34 2.72 3.06
CA THR A 112 -3.20 2.96 2.22
C THR A 112 -3.44 2.36 0.84
N LEU A 113 -3.16 3.14 -0.18
CA LEU A 113 -3.29 2.71 -1.52
C LEU A 113 -1.95 2.93 -2.20
N ILE A 114 -1.33 1.87 -2.59
CA ILE A 114 -0.07 1.95 -3.24
C ILE A 114 -0.29 1.72 -4.71
N THR A 115 0.10 2.66 -5.52
CA THR A 115 -0.06 2.56 -6.94
C THR A 115 1.29 2.20 -7.55
N PHE A 116 1.35 1.10 -8.23
CA PHE A 116 2.57 0.63 -8.82
C PHE A 116 2.64 1.03 -10.27
N LEU A 117 3.67 1.74 -10.60
CA LEU A 117 3.89 2.19 -11.96
C LEU A 117 5.10 1.50 -12.47
N CYS A 118 5.13 1.26 -13.73
CA CYS A 118 6.27 0.63 -14.29
C CYS A 118 7.25 1.66 -14.72
N ASP A 119 8.39 1.66 -14.10
CA ASP A 119 9.42 2.58 -14.51
C ASP A 119 10.28 1.82 -15.49
N ARG A 120 10.65 2.46 -16.57
CA ARG A 120 11.44 1.81 -17.61
C ARG A 120 12.85 1.48 -17.14
N ASP A 121 13.30 2.15 -16.09
CA ASP A 121 14.59 1.85 -15.49
C ASP A 121 14.47 1.90 -13.99
N ALA A 122 14.55 0.74 -13.36
CA ALA A 122 14.40 0.60 -11.93
C ALA A 122 14.61 -0.85 -11.55
N GLY A 123 14.43 -1.15 -10.30
CA GLY A 123 14.56 -2.49 -9.85
C GLY A 123 13.31 -2.92 -9.11
N VAL A 124 13.45 -3.10 -7.82
CA VAL A 124 12.35 -3.53 -6.96
C VAL A 124 11.29 -2.44 -6.85
N GLY A 125 11.74 -1.23 -6.81
CA GLY A 125 10.86 -0.12 -6.75
C GLY A 125 10.84 0.56 -5.41
N PHE A 126 10.87 1.87 -5.44
CA PHE A 126 10.76 2.66 -4.25
C PHE A 126 9.44 3.43 -4.28
N PRO A 127 8.67 3.40 -3.19
CA PRO A 127 7.42 4.14 -3.07
C PRO A 127 7.62 5.61 -2.71
N GLU A 128 6.73 6.46 -3.17
CA GLU A 128 6.77 7.85 -2.82
C GLU A 128 5.43 8.24 -2.25
N TYR A 129 5.43 8.93 -1.14
CA TYR A 129 4.19 9.39 -0.57
C TYR A 129 3.75 10.62 -1.30
N GLN A 130 2.57 10.58 -1.82
CA GLN A 130 2.06 11.70 -2.53
C GLN A 130 1.12 12.47 -1.64
N GLU A 131 -0.09 12.01 -1.50
CA GLU A 131 -1.01 12.66 -0.64
C GLU A 131 -2.13 11.73 -0.20
N GLU A 132 -2.49 11.85 1.04
CA GLU A 132 -3.71 11.26 1.52
C GLU A 132 -4.78 12.26 1.20
N ASP A 133 -5.80 11.80 0.55
CA ASP A 133 -6.87 12.68 0.12
C ASP A 133 -8.11 11.87 -0.11
N ASN A 134 -7.90 10.71 -0.69
CA ASN A 134 -8.97 9.82 -1.13
C ASN A 134 -9.43 8.91 0.01
N SER A 135 -9.27 9.38 1.28
CA SER A 135 -9.53 8.61 2.53
C SER A 135 -8.46 7.54 2.73
N THR A 136 -7.56 7.51 1.80
CA THR A 136 -6.50 6.60 1.75
C THR A 136 -5.23 7.33 1.31
N TYR A 137 -4.11 6.86 1.77
CA TYR A 137 -2.83 7.45 1.46
C TYR A 137 -2.30 6.84 0.19
N ASN A 138 -1.98 7.66 -0.78
CA ASN A 138 -1.43 7.14 -2.02
C ASN A 138 0.05 7.26 -2.08
N PHE A 139 0.66 6.15 -2.34
CA PHE A 139 2.07 6.03 -2.54
C PHE A 139 2.30 5.56 -3.94
N ARG A 140 3.29 6.09 -4.61
CA ARG A 140 3.60 5.62 -5.93
C ARG A 140 4.79 4.78 -5.89
N TRP A 141 4.63 3.60 -6.32
CA TRP A 141 5.70 2.69 -6.33
C TRP A 141 6.17 2.57 -7.76
N TYR A 142 7.36 3.00 -8.02
CA TYR A 142 7.90 2.90 -9.35
C TYR A 142 8.78 1.67 -9.48
N THR A 143 8.19 0.60 -9.99
CA THR A 143 8.82 -0.70 -10.06
C THR A 143 8.90 -1.20 -11.49
N SER A 144 9.98 -1.86 -11.79
CA SER A 144 10.15 -2.49 -13.08
C SER A 144 9.13 -3.66 -13.23
N TYR A 145 8.69 -4.22 -12.08
CA TYR A 145 7.76 -5.34 -12.06
C TYR A 145 6.35 -4.96 -12.50
N ALA A 146 6.07 -3.68 -12.62
CA ALA A 146 4.73 -3.23 -12.99
C ALA A 146 4.52 -3.20 -14.49
N CYS A 147 5.41 -3.85 -15.21
CA CYS A 147 5.24 -3.98 -16.65
C CYS A 147 4.81 -5.38 -17.02
N PRO A 148 3.71 -5.49 -17.79
CA PRO A 148 3.24 -6.76 -18.32
C PRO A 148 4.12 -7.22 -19.49
N GLU A 1 -13.69 -2.50 7.79
CA GLU A 1 -14.29 -2.09 6.53
C GLU A 1 -13.20 -1.79 5.52
N ALA A 2 -13.57 -1.87 4.25
CA ALA A 2 -12.73 -1.59 3.09
C ALA A 2 -13.51 -1.95 1.85
N GLU A 3 -14.38 -1.06 1.45
CA GLU A 3 -15.23 -1.32 0.32
C GLU A 3 -14.71 -0.66 -0.91
N ALA A 4 -13.92 -1.36 -1.65
CA ALA A 4 -13.46 -0.90 -2.92
C ALA A 4 -14.10 -1.77 -3.96
N GLU A 5 -15.22 -1.35 -4.46
CA GLU A 5 -15.96 -2.17 -5.35
C GLU A 5 -15.99 -1.52 -6.73
N PHE A 6 -15.24 -2.08 -7.65
CA PHE A 6 -15.13 -1.54 -8.99
C PHE A 6 -15.13 -2.67 -10.00
N LEU A 7 -15.75 -2.44 -11.16
CA LEU A 7 -15.82 -3.47 -12.19
C LEU A 7 -14.48 -3.65 -12.88
N SER A 8 -13.72 -2.58 -12.93
CA SER A 8 -12.41 -2.60 -13.56
C SER A 8 -11.33 -2.95 -12.53
N ARG A 9 -11.76 -3.48 -11.39
CA ARG A 9 -10.87 -3.85 -10.32
C ARG A 9 -10.88 -5.35 -10.14
N THR A 10 -9.74 -5.91 -10.04
CA THR A 10 -9.58 -7.30 -9.80
C THR A 10 -8.86 -7.45 -8.47
N GLU A 11 -9.37 -8.24 -7.58
CA GLU A 11 -8.70 -8.43 -6.32
C GLU A 11 -8.04 -9.79 -6.32
N GLY A 12 -6.75 -9.79 -6.12
CA GLY A 12 -5.97 -10.99 -6.16
C GLY A 12 -5.92 -11.70 -4.84
N ASP A 13 -4.90 -12.49 -4.66
CA ASP A 13 -4.76 -13.33 -3.48
C ASP A 13 -3.52 -12.95 -2.71
N ASN A 14 -3.06 -13.86 -1.84
CA ASN A 14 -1.89 -13.66 -0.96
C ASN A 14 -0.65 -13.20 -1.72
N CYS A 15 -0.42 -11.89 -1.70
CA CYS A 15 0.78 -11.24 -2.18
C CYS A 15 0.98 -11.44 -3.70
N THR A 16 -0.05 -11.93 -4.37
CA THR A 16 0.00 -12.16 -5.78
C THR A 16 -1.33 -11.76 -6.41
N VAL A 17 -1.28 -11.23 -7.59
CA VAL A 17 -2.49 -10.87 -8.26
C VAL A 17 -2.54 -11.40 -9.68
N PHE A 18 -3.52 -12.21 -9.96
CA PHE A 18 -3.76 -12.57 -11.32
C PHE A 18 -5.00 -11.89 -11.80
N ASP A 19 -4.84 -11.16 -12.85
CA ASP A 19 -5.93 -10.45 -13.41
C ASP A 19 -6.38 -11.14 -14.68
N SER A 20 -7.61 -11.58 -14.67
CA SER A 20 -8.19 -12.29 -15.78
C SER A 20 -8.44 -11.40 -17.01
N GLN A 21 -8.76 -10.12 -16.80
CA GLN A 21 -9.07 -9.23 -17.90
C GLN A 21 -7.79 -8.74 -18.56
N ALA A 22 -6.76 -8.58 -17.76
CA ALA A 22 -5.49 -8.11 -18.25
C ALA A 22 -4.68 -9.29 -18.76
N GLY A 23 -5.02 -10.47 -18.28
CA GLY A 23 -4.39 -11.68 -18.75
C GLY A 23 -2.97 -11.87 -18.26
N PHE A 24 -2.60 -11.15 -17.24
CA PHE A 24 -1.26 -11.24 -16.68
C PHE A 24 -1.31 -11.41 -15.19
N SER A 25 -0.38 -12.17 -14.68
CA SER A 25 -0.26 -12.42 -13.29
C SER A 25 0.96 -11.72 -12.76
N PHE A 26 0.78 -11.01 -11.68
CA PHE A 26 1.85 -10.26 -11.09
C PHE A 26 2.12 -10.72 -9.68
N ASP A 27 3.33 -11.12 -9.46
CA ASP A 27 3.81 -11.59 -8.16
C ASP A 27 4.72 -10.53 -7.59
N LEU A 28 4.33 -9.95 -6.50
CA LEU A 28 5.12 -8.89 -5.91
C LEU A 28 5.83 -9.32 -4.63
N THR A 29 6.04 -10.61 -4.48
CA THR A 29 6.67 -11.16 -3.28
C THR A 29 8.17 -10.70 -3.10
N PRO A 30 9.01 -10.59 -4.21
CA PRO A 30 10.38 -10.05 -4.10
C PRO A 30 10.39 -8.62 -3.54
N LEU A 31 9.25 -7.97 -3.63
CA LEU A 31 9.07 -6.61 -3.18
C LEU A 31 8.83 -6.54 -1.67
N THR A 32 8.46 -7.64 -1.10
CA THR A 32 8.21 -7.72 0.33
C THR A 32 9.53 -7.71 1.10
N LYS A 33 9.61 -6.85 2.06
CA LYS A 33 10.79 -6.74 2.86
C LYS A 33 10.44 -6.78 4.33
N LYS A 34 11.28 -7.43 5.10
CA LYS A 34 11.16 -7.49 6.55
C LYS A 34 11.50 -6.13 7.09
N ASP A 35 12.44 -5.53 6.41
CA ASP A 35 12.95 -4.20 6.73
C ASP A 35 11.94 -3.14 6.34
N ALA A 36 11.00 -3.55 5.47
CA ALA A 36 9.93 -2.70 4.94
C ALA A 36 10.48 -1.53 4.11
N TYR A 37 9.60 -0.71 3.63
CA TYR A 37 9.96 0.47 2.88
C TYR A 37 9.56 1.69 3.66
N LYS A 38 10.50 2.56 3.91
CA LYS A 38 10.20 3.79 4.56
C LYS A 38 10.24 4.91 3.54
N VAL A 39 9.16 5.58 3.45
CA VAL A 39 9.01 6.72 2.61
C VAL A 39 9.11 7.91 3.53
N GLU A 40 9.75 8.94 3.12
CA GLU A 40 9.97 10.05 4.01
C GLU A 40 9.46 11.33 3.46
N THR A 41 9.04 12.16 4.34
CA THR A 41 8.63 13.48 4.00
C THR A 41 9.46 14.38 4.89
N ASP A 42 9.12 15.63 4.95
CA ASP A 42 9.87 16.55 5.77
C ASP A 42 9.82 16.19 7.25
N LYS A 43 8.64 15.85 7.78
CA LYS A 43 8.55 15.54 9.21
C LYS A 43 7.93 14.17 9.48
N TYR A 44 7.45 13.52 8.47
CA TYR A 44 6.77 12.26 8.68
C TYR A 44 7.39 11.18 7.82
N GLU A 45 7.33 9.97 8.28
CA GLU A 45 7.84 8.87 7.55
C GLU A 45 6.79 7.79 7.49
N PHE A 46 6.69 7.16 6.39
CA PHE A 46 5.69 6.16 6.21
C PHE A 46 6.38 4.83 5.94
N HIS A 47 6.07 3.84 6.72
CA HIS A 47 6.58 2.50 6.50
C HIS A 47 5.49 1.66 5.99
N ILE A 48 5.72 1.07 4.86
CA ILE A 48 4.76 0.20 4.27
C ILE A 48 5.50 -1.02 3.78
N ASN A 49 4.82 -2.09 3.71
CA ASN A 49 5.40 -3.31 3.19
C ASN A 49 4.45 -3.89 2.17
N VAL A 50 4.97 -4.66 1.23
CA VAL A 50 4.12 -5.30 0.26
C VAL A 50 3.61 -6.58 0.85
N CYS A 51 2.32 -6.64 0.99
CA CYS A 51 1.54 -7.74 1.53
C CYS A 51 1.84 -8.04 3.00
N GLY A 52 0.83 -8.44 3.68
CA GLY A 52 0.97 -8.81 5.04
C GLY A 52 1.09 -7.61 5.92
N PRO A 53 1.87 -7.72 6.94
CA PRO A 53 2.17 -6.65 7.85
C PRO A 53 3.49 -5.94 7.56
N VAL A 54 3.71 -4.87 8.26
CA VAL A 54 4.96 -4.18 8.22
C VAL A 54 5.69 -4.48 9.51
N SER A 55 6.90 -4.89 9.40
CA SER A 55 7.63 -5.25 10.56
C SER A 55 8.51 -4.08 10.96
N VAL A 56 7.90 -3.12 11.60
CA VAL A 56 8.63 -1.98 12.08
C VAL A 56 8.30 -1.72 13.52
N GLY A 57 9.29 -1.32 14.29
CA GLY A 57 9.11 -0.99 15.69
C GLY A 57 8.46 0.37 15.85
N ALA A 58 7.34 0.52 15.20
CA ALA A 58 6.57 1.71 15.20
C ALA A 58 5.14 1.31 15.33
N CYS A 59 4.75 0.28 14.58
CA CYS A 59 3.40 -0.24 14.71
C CYS A 59 3.40 -1.74 14.90
N PRO A 60 2.38 -2.27 15.63
CA PRO A 60 2.23 -3.70 15.88
C PRO A 60 2.13 -4.53 14.59
N PRO A 61 2.51 -5.83 14.67
CA PRO A 61 2.47 -6.77 13.53
C PRO A 61 1.10 -6.86 12.83
N ASP A 62 0.08 -6.31 13.43
CA ASP A 62 -1.24 -6.28 12.83
C ASP A 62 -1.37 -5.16 11.81
N SER A 63 -0.37 -4.29 11.74
CA SER A 63 -0.39 -3.19 10.78
C SER A 63 0.45 -3.53 9.55
N GLY A 64 -0.04 -3.18 8.37
CA GLY A 64 0.69 -3.41 7.13
C GLY A 64 1.35 -2.14 6.63
N ALA A 65 0.82 -1.03 7.06
CA ALA A 65 1.35 0.27 6.75
C ALA A 65 1.24 1.13 7.97
N CYS A 66 2.31 1.73 8.33
CA CYS A 66 2.40 2.52 9.53
C CYS A 66 3.20 3.76 9.30
N GLN A 67 2.71 4.86 9.73
CA GLN A 67 3.44 6.09 9.65
C GLN A 67 3.81 6.55 11.01
N VAL A 68 4.95 7.12 11.13
CA VAL A 68 5.40 7.65 12.37
C VAL A 68 5.97 9.03 12.13
N SER A 69 5.60 9.94 12.96
CA SER A 69 6.07 11.26 12.87
C SER A 69 7.42 11.33 13.50
N ARG A 70 8.39 11.75 12.76
CA ARG A 70 9.73 11.89 13.29
C ARG A 70 9.75 13.08 14.27
N SER A 71 8.83 14.00 14.03
CA SER A 71 8.62 15.17 14.83
C SER A 71 7.77 14.91 16.11
N ASP A 72 6.64 14.23 15.94
CA ASP A 72 5.67 14.04 17.06
C ASP A 72 5.91 12.75 17.82
N ARG A 73 6.66 11.86 17.20
CA ARG A 73 6.98 10.52 17.73
C ARG A 73 5.74 9.63 17.85
N LYS A 74 4.70 10.00 17.16
CA LYS A 74 3.50 9.21 17.17
C LYS A 74 3.45 8.40 15.93
N SER A 75 2.88 7.24 16.01
CA SER A 75 2.68 6.45 14.86
C SER A 75 1.23 6.10 14.72
N TRP A 76 0.77 6.09 13.51
CA TRP A 76 -0.60 5.85 13.22
C TRP A 76 -0.70 4.65 12.29
N ASN A 77 -1.83 3.99 12.34
CA ASN A 77 -2.04 2.78 11.56
C ASN A 77 -2.73 3.17 10.29
N LEU A 78 -2.15 2.79 9.18
CA LEU A 78 -2.66 3.17 7.87
C LEU A 78 -3.26 1.98 7.17
N GLY A 79 -3.52 0.96 7.92
CA GLY A 79 -4.11 -0.20 7.37
C GLY A 79 -3.56 -1.43 7.97
N ARG A 80 -4.45 -2.24 8.54
CA ARG A 80 -4.04 -3.48 9.11
C ARG A 80 -3.59 -4.44 8.04
N SER A 81 -2.88 -5.46 8.47
CA SER A 81 -2.25 -6.42 7.60
C SER A 81 -3.22 -7.08 6.65
N ASN A 82 -2.85 -7.09 5.40
CA ASN A 82 -3.65 -7.63 4.34
C ASN A 82 -2.71 -8.05 3.24
N ALA A 83 -3.04 -9.07 2.53
CA ALA A 83 -2.15 -9.55 1.51
C ALA A 83 -2.81 -9.56 0.17
N LYS A 84 -4.01 -9.04 0.11
CA LYS A 84 -4.75 -9.05 -1.11
C LYS A 84 -4.31 -7.90 -2.00
N LEU A 85 -3.68 -8.25 -3.10
CA LEU A 85 -3.28 -7.25 -4.06
C LEU A 85 -4.45 -6.99 -4.95
N SER A 86 -4.54 -5.83 -5.49
CA SER A 86 -5.62 -5.48 -6.36
C SER A 86 -5.06 -5.03 -7.69
N TYR A 87 -5.79 -5.22 -8.71
CA TYR A 87 -5.37 -4.81 -9.98
C TYR A 87 -6.49 -3.98 -10.55
N TYR A 88 -6.20 -2.78 -10.91
CA TYR A 88 -7.16 -1.94 -11.53
C TYR A 88 -6.69 -1.82 -12.95
N ASP A 89 -7.60 -1.83 -13.93
CA ASP A 89 -7.18 -1.78 -15.35
C ASP A 89 -6.16 -0.68 -15.56
N GLY A 90 -4.98 -1.07 -15.98
CA GLY A 90 -3.92 -0.13 -16.17
C GLY A 90 -2.80 -0.27 -15.12
N MET A 91 -3.16 -0.30 -13.83
CA MET A 91 -2.13 -0.32 -12.76
C MET A 91 -2.53 -1.25 -11.61
N ILE A 92 -1.54 -1.86 -11.03
CA ILE A 92 -1.73 -2.71 -9.88
C ILE A 92 -1.84 -1.80 -8.65
N GLN A 93 -2.74 -2.11 -7.75
CA GLN A 93 -2.93 -1.32 -6.55
C GLN A 93 -2.98 -2.23 -5.33
N LEU A 94 -2.55 -1.77 -4.22
CA LEU A 94 -2.61 -2.58 -3.03
C LEU A 94 -3.47 -1.85 -2.04
N THR A 95 -4.49 -2.50 -1.57
CA THR A 95 -5.43 -1.92 -0.66
C THR A 95 -5.26 -2.56 0.72
N TYR A 96 -5.09 -1.76 1.74
CA TYR A 96 -5.03 -2.29 3.09
C TYR A 96 -6.33 -2.09 3.85
N ARG A 97 -6.37 -2.56 5.09
CA ARG A 97 -7.58 -2.53 5.88
C ARG A 97 -7.82 -1.17 6.51
N ASP A 98 -8.94 -1.09 7.21
CA ASP A 98 -9.45 0.12 7.89
C ASP A 98 -8.41 0.75 8.85
N GLY A 99 -7.68 -0.08 9.56
CA GLY A 99 -6.60 0.39 10.43
C GLY A 99 -7.10 1.24 11.61
N THR A 100 -6.39 2.31 11.88
CA THR A 100 -6.76 3.23 12.94
C THR A 100 -7.47 4.42 12.31
N PRO A 101 -8.74 4.64 12.64
CA PRO A 101 -9.49 5.72 12.06
C PRO A 101 -9.08 7.09 12.61
N TYR A 102 -8.49 7.91 11.68
CA TYR A 102 -7.92 9.24 11.94
C TYR A 102 -7.55 9.51 13.38
N ASN A 103 -8.50 10.10 14.11
CA ASN A 103 -8.41 10.39 15.55
C ASN A 103 -9.59 11.25 15.94
N ASN A 104 -10.66 11.22 15.14
CA ASN A 104 -11.77 12.12 15.40
C ASN A 104 -13.00 11.34 15.76
N GLU A 105 -14.02 12.07 16.19
CA GLU A 105 -15.29 11.51 16.65
C GLU A 105 -16.02 10.72 15.55
N LYS A 106 -15.83 11.09 14.30
CA LYS A 106 -16.50 10.39 13.22
C LYS A 106 -15.85 9.06 12.93
N ARG A 107 -14.55 8.98 13.23
CA ARG A 107 -13.77 7.78 13.03
C ARG A 107 -13.77 7.33 11.59
N THR A 108 -12.88 7.87 10.87
CA THR A 108 -12.72 7.57 9.50
C THR A 108 -11.46 6.71 9.35
N PRO A 109 -11.59 5.48 8.87
CA PRO A 109 -10.45 4.56 8.76
C PRO A 109 -9.36 5.08 7.84
N ARG A 110 -8.12 5.00 8.29
CA ARG A 110 -7.02 5.38 7.47
C ARG A 110 -6.57 4.18 6.71
N ALA A 111 -6.54 4.27 5.43
CA ALA A 111 -6.16 3.12 4.65
C ALA A 111 -5.08 3.50 3.69
N THR A 112 -4.42 2.53 3.16
CA THR A 112 -3.35 2.74 2.24
C THR A 112 -3.67 2.09 0.90
N LEU A 113 -3.47 2.83 -0.15
CA LEU A 113 -3.66 2.35 -1.47
C LEU A 113 -2.36 2.64 -2.20
N ILE A 114 -1.69 1.62 -2.60
CA ILE A 114 -0.44 1.78 -3.28
C ILE A 114 -0.68 1.55 -4.76
N THR A 115 -0.37 2.52 -5.57
CA THR A 115 -0.58 2.43 -6.98
C THR A 115 0.77 2.12 -7.64
N PHE A 116 0.84 1.00 -8.27
CA PHE A 116 2.05 0.51 -8.89
C PHE A 116 2.10 0.88 -10.33
N LEU A 117 3.19 1.44 -10.73
CA LEU A 117 3.41 1.85 -12.08
C LEU A 117 4.65 1.17 -12.59
N CYS A 118 4.86 1.24 -13.85
CA CYS A 118 6.05 0.69 -14.43
C CYS A 118 7.17 1.67 -14.21
N ASP A 119 8.31 1.20 -13.78
CA ASP A 119 9.38 2.10 -13.40
C ASP A 119 10.22 2.50 -14.58
N ARG A 120 10.69 3.73 -14.53
CA ARG A 120 11.63 4.21 -15.50
C ARG A 120 13.02 3.92 -14.94
N ASP A 121 13.16 4.17 -13.64
CA ASP A 121 14.34 3.86 -12.86
C ASP A 121 13.93 3.60 -11.43
N ALA A 122 14.04 2.35 -11.01
CA ALA A 122 13.72 1.96 -9.64
C ALA A 122 14.19 0.53 -9.39
N GLY A 123 13.66 -0.40 -10.15
CA GLY A 123 14.08 -1.79 -10.02
C GLY A 123 13.12 -2.55 -9.16
N VAL A 124 13.51 -2.83 -7.92
CA VAL A 124 12.62 -3.48 -6.98
C VAL A 124 11.44 -2.56 -6.72
N GLY A 125 11.74 -1.28 -6.73
CA GLY A 125 10.75 -0.31 -6.60
C GLY A 125 10.93 0.58 -5.42
N PHE A 126 10.57 1.79 -5.63
CA PHE A 126 10.59 2.81 -4.62
C PHE A 126 9.22 3.44 -4.51
N PRO A 127 8.54 3.27 -3.39
CA PRO A 127 7.26 3.91 -3.17
C PRO A 127 7.43 5.40 -2.88
N GLU A 128 6.53 6.17 -3.38
CA GLU A 128 6.56 7.59 -3.19
C GLU A 128 5.22 8.04 -2.66
N TYR A 129 5.22 8.81 -1.61
CA TYR A 129 4.00 9.30 -1.04
C TYR A 129 3.48 10.44 -1.87
N GLN A 130 2.24 10.31 -2.31
CA GLN A 130 1.65 11.34 -3.11
C GLN A 130 0.96 12.36 -2.25
N GLU A 131 -0.24 12.03 -1.82
CA GLU A 131 -1.06 12.93 -1.05
C GLU A 131 -2.26 12.21 -0.49
N GLU A 132 -2.43 12.26 0.79
CA GLU A 132 -3.62 11.74 1.39
C GLU A 132 -4.68 12.82 1.33
N ASP A 133 -5.79 12.51 0.78
CA ASP A 133 -6.89 13.44 0.60
C ASP A 133 -8.17 12.69 0.53
N ASN A 134 -8.11 11.62 -0.21
CA ASN A 134 -9.21 10.70 -0.43
C ASN A 134 -9.37 9.70 0.73
N SER A 135 -8.95 10.11 1.95
CA SER A 135 -9.04 9.32 3.22
C SER A 135 -8.16 8.07 3.21
N THR A 136 -7.49 7.89 2.15
CA THR A 136 -6.64 6.80 1.93
C THR A 136 -5.31 7.32 1.43
N TYR A 137 -4.25 6.81 1.96
CA TYR A 137 -2.95 7.23 1.56
C TYR A 137 -2.57 6.54 0.30
N ASN A 138 -2.33 7.31 -0.72
CA ASN A 138 -1.88 6.78 -1.97
C ASN A 138 -0.41 6.94 -2.13
N PHE A 139 0.21 5.85 -2.41
CA PHE A 139 1.61 5.80 -2.68
C PHE A 139 1.80 5.40 -4.10
N ARG A 140 2.74 5.98 -4.71
CA ARG A 140 3.06 5.69 -6.06
C ARG A 140 4.32 4.84 -6.08
N TRP A 141 4.19 3.65 -6.58
CA TRP A 141 5.29 2.71 -6.54
C TRP A 141 5.73 2.40 -7.96
N TYR A 142 6.93 2.76 -8.27
CA TYR A 142 7.51 2.41 -9.56
C TYR A 142 8.30 1.13 -9.41
N THR A 143 7.86 0.07 -10.03
CA THR A 143 8.54 -1.20 -9.93
C THR A 143 8.56 -1.93 -11.26
N SER A 144 9.68 -2.57 -11.55
CA SER A 144 9.84 -3.36 -12.75
C SER A 144 8.85 -4.52 -12.78
N TYR A 145 8.41 -4.91 -11.60
CA TYR A 145 7.49 -5.99 -11.43
C TYR A 145 6.06 -5.58 -11.80
N ALA A 146 5.84 -4.28 -11.99
CA ALA A 146 4.53 -3.79 -12.40
C ALA A 146 4.54 -3.53 -13.90
N CYS A 147 5.59 -3.99 -14.53
CA CYS A 147 5.75 -3.86 -15.95
C CYS A 147 5.53 -5.23 -16.55
N PRO A 148 4.75 -5.33 -17.64
CA PRO A 148 4.45 -6.61 -18.29
C PRO A 148 5.68 -7.17 -19.02
N GLU A 1 -18.37 3.13 -7.84
CA GLU A 1 -17.44 4.00 -7.13
C GLU A 1 -16.76 3.23 -6.00
N ALA A 2 -17.49 3.00 -4.92
CA ALA A 2 -16.94 2.28 -3.79
C ALA A 2 -17.00 0.79 -4.02
N GLU A 3 -15.89 0.24 -4.45
CA GLU A 3 -15.71 -1.18 -4.72
C GLU A 3 -16.70 -1.81 -5.68
N ALA A 4 -16.33 -1.79 -6.94
CA ALA A 4 -17.06 -2.46 -7.96
C ALA A 4 -16.08 -3.30 -8.76
N GLU A 5 -15.84 -4.48 -8.27
CA GLU A 5 -14.92 -5.38 -8.90
C GLU A 5 -15.62 -6.22 -9.95
N PHE A 6 -14.85 -7.06 -10.63
CA PHE A 6 -15.33 -7.83 -11.81
C PHE A 6 -15.55 -6.86 -12.98
N LEU A 7 -15.04 -5.64 -12.82
CA LEU A 7 -15.22 -4.60 -13.82
C LEU A 7 -13.86 -4.15 -14.38
N SER A 8 -13.19 -3.25 -13.69
CA SER A 8 -11.89 -2.79 -14.14
C SER A 8 -10.79 -3.09 -13.11
N ARG A 9 -11.22 -3.30 -11.88
CA ARG A 9 -10.33 -3.68 -10.80
C ARG A 9 -10.51 -5.13 -10.48
N THR A 10 -9.44 -5.84 -10.41
CA THR A 10 -9.45 -7.23 -10.08
C THR A 10 -8.62 -7.41 -8.81
N GLU A 11 -9.09 -8.20 -7.89
CA GLU A 11 -8.38 -8.40 -6.65
C GLU A 11 -7.67 -9.75 -6.65
N GLY A 12 -6.45 -9.75 -6.16
CA GLY A 12 -5.67 -10.96 -6.08
C GLY A 12 -5.83 -11.63 -4.74
N ASP A 13 -4.94 -12.52 -4.41
CA ASP A 13 -5.06 -13.24 -3.16
C ASP A 13 -4.00 -12.88 -2.16
N ASN A 14 -2.96 -13.69 -2.05
CA ASN A 14 -1.90 -13.40 -1.09
C ASN A 14 -0.62 -12.91 -1.77
N CYS A 15 -0.37 -11.58 -1.72
CA CYS A 15 0.87 -10.96 -2.26
C CYS A 15 0.97 -11.13 -3.78
N THR A 16 -0.07 -11.67 -4.37
CA THR A 16 -0.10 -11.99 -5.75
C THR A 16 -1.44 -11.62 -6.34
N VAL A 17 -1.44 -11.20 -7.57
CA VAL A 17 -2.65 -10.89 -8.26
C VAL A 17 -2.69 -11.58 -9.61
N PHE A 18 -3.79 -12.19 -9.92
CA PHE A 18 -4.03 -12.68 -11.24
C PHE A 18 -5.40 -12.24 -11.66
N ASP A 19 -5.49 -11.69 -12.83
CA ASP A 19 -6.72 -11.17 -13.29
C ASP A 19 -7.17 -11.86 -14.55
N SER A 20 -8.43 -12.14 -14.63
CA SER A 20 -9.02 -12.73 -15.78
C SER A 20 -9.13 -11.77 -16.99
N GLN A 21 -9.14 -10.45 -16.74
CA GLN A 21 -9.35 -9.50 -17.83
C GLN A 21 -8.11 -9.29 -18.69
N ALA A 22 -6.97 -9.13 -18.05
CA ALA A 22 -5.75 -8.93 -18.75
C ALA A 22 -5.06 -10.24 -18.93
N GLY A 23 -5.45 -11.18 -18.09
CA GLY A 23 -4.89 -12.48 -18.12
C GLY A 23 -3.45 -12.47 -17.71
N PHE A 24 -3.09 -11.58 -16.79
CA PHE A 24 -1.71 -11.50 -16.38
C PHE A 24 -1.54 -11.79 -14.94
N SER A 25 -0.56 -12.60 -14.66
CA SER A 25 -0.26 -12.92 -13.32
C SER A 25 0.87 -12.01 -12.87
N PHE A 26 0.69 -11.39 -11.74
CA PHE A 26 1.66 -10.50 -11.18
C PHE A 26 1.90 -10.85 -9.72
N ASP A 27 3.13 -11.17 -9.40
CA ASP A 27 3.51 -11.45 -8.03
C ASP A 27 4.50 -10.42 -7.56
N LEU A 28 4.16 -9.73 -6.50
CA LEU A 28 5.00 -8.68 -5.97
C LEU A 28 5.65 -9.14 -4.67
N THR A 29 5.85 -10.42 -4.58
CA THR A 29 6.44 -11.07 -3.43
C THR A 29 7.90 -10.60 -3.09
N PRO A 30 8.82 -10.39 -4.11
CA PRO A 30 10.17 -9.86 -3.84
C PRO A 30 10.10 -8.42 -3.30
N LEU A 31 8.98 -7.78 -3.54
CA LEU A 31 8.76 -6.41 -3.10
C LEU A 31 8.43 -6.36 -1.63
N THR A 32 8.06 -7.48 -1.09
CA THR A 32 7.78 -7.59 0.32
C THR A 32 9.11 -7.66 1.07
N LYS A 33 9.26 -6.82 2.06
CA LYS A 33 10.46 -6.81 2.84
C LYS A 33 10.15 -6.76 4.32
N LYS A 34 10.95 -7.47 5.11
CA LYS A 34 10.89 -7.34 6.57
C LYS A 34 11.45 -5.99 6.93
N ASP A 35 12.41 -5.57 6.10
CA ASP A 35 13.12 -4.28 6.22
C ASP A 35 12.14 -3.12 6.13
N ALA A 36 11.09 -3.32 5.32
CA ALA A 36 10.06 -2.32 5.07
C ALA A 36 10.57 -1.15 4.25
N TYR A 37 9.67 -0.45 3.64
CA TYR A 37 10.00 0.71 2.86
C TYR A 37 9.56 1.95 3.60
N LYS A 38 10.47 2.87 3.79
CA LYS A 38 10.14 4.11 4.44
C LYS A 38 10.19 5.25 3.46
N VAL A 39 9.20 6.08 3.51
CA VAL A 39 9.16 7.31 2.76
C VAL A 39 9.29 8.43 3.79
N GLU A 40 10.08 9.39 3.51
CA GLU A 40 10.31 10.46 4.44
C GLU A 40 9.78 11.76 3.89
N THR A 41 9.14 12.53 4.72
CA THR A 41 8.66 13.82 4.35
C THR A 41 9.33 14.80 5.28
N ASP A 42 8.85 16.01 5.36
CA ASP A 42 9.45 17.00 6.21
C ASP A 42 9.35 16.59 7.69
N LYS A 43 8.19 16.12 8.11
CA LYS A 43 8.00 15.76 9.53
C LYS A 43 7.48 14.35 9.72
N TYR A 44 7.09 13.70 8.68
CA TYR A 44 6.51 12.37 8.81
C TYR A 44 7.31 11.36 8.03
N GLU A 45 7.24 10.15 8.45
CA GLU A 45 7.84 9.08 7.75
C GLU A 45 6.80 8.01 7.64
N PHE A 46 6.76 7.37 6.54
CA PHE A 46 5.78 6.36 6.31
C PHE A 46 6.46 5.04 6.07
N HIS A 47 6.12 4.05 6.83
CA HIS A 47 6.63 2.71 6.58
C HIS A 47 5.54 1.86 6.03
N ILE A 48 5.79 1.31 4.90
CA ILE A 48 4.83 0.45 4.26
C ILE A 48 5.57 -0.75 3.71
N ASN A 49 4.87 -1.80 3.56
CA ASN A 49 5.41 -3.01 2.99
C ASN A 49 4.43 -3.52 1.96
N VAL A 50 4.91 -4.23 0.95
CA VAL A 50 4.02 -4.80 -0.02
C VAL A 50 3.50 -6.10 0.48
N CYS A 51 2.25 -6.10 0.83
CA CYS A 51 1.53 -7.25 1.27
C CYS A 51 1.89 -7.64 2.70
N GLY A 52 0.91 -8.15 3.39
CA GLY A 52 1.10 -8.63 4.72
C GLY A 52 1.24 -7.51 5.69
N PRO A 53 2.03 -7.73 6.71
CA PRO A 53 2.35 -6.72 7.68
C PRO A 53 3.69 -6.04 7.39
N VAL A 54 3.95 -4.99 8.12
CA VAL A 54 5.19 -4.29 8.02
C VAL A 54 5.95 -4.55 9.31
N SER A 55 7.19 -4.92 9.20
CA SER A 55 7.94 -5.24 10.37
C SER A 55 8.74 -4.06 10.85
N VAL A 56 8.06 -3.14 11.47
CA VAL A 56 8.68 -1.99 12.08
C VAL A 56 8.44 -2.05 13.56
N GLY A 57 9.46 -1.81 14.34
CA GLY A 57 9.33 -1.87 15.78
C GLY A 57 8.76 -0.60 16.36
N ALA A 58 8.04 0.15 15.54
CA ALA A 58 7.44 1.40 15.96
C ALA A 58 5.93 1.29 15.93
N CYS A 59 5.46 0.31 15.21
CA CYS A 59 4.06 0.12 15.01
C CYS A 59 3.69 -1.34 15.27
N PRO A 60 2.38 -1.66 15.42
CA PRO A 60 1.95 -3.03 15.65
C PRO A 60 2.22 -3.95 14.45
N PRO A 61 2.61 -5.22 14.72
CA PRO A 61 2.86 -6.23 13.66
C PRO A 61 1.60 -6.54 12.85
N ASP A 62 0.46 -6.08 13.35
CA ASP A 62 -0.82 -6.28 12.65
C ASP A 62 -1.04 -5.25 11.58
N SER A 63 -0.11 -4.34 11.41
CA SER A 63 -0.25 -3.34 10.38
C SER A 63 0.74 -3.57 9.26
N GLY A 64 0.30 -3.35 8.02
CA GLY A 64 1.15 -3.49 6.86
C GLY A 64 1.68 -2.16 6.41
N ALA A 65 1.14 -1.12 6.99
CA ALA A 65 1.55 0.24 6.73
C ALA A 65 1.33 1.04 7.98
N CYS A 66 2.35 1.68 8.44
CA CYS A 66 2.28 2.45 9.63
C CYS A 66 3.06 3.75 9.50
N GLN A 67 2.46 4.81 9.94
CA GLN A 67 3.10 6.11 9.89
C GLN A 67 3.52 6.57 11.25
N VAL A 68 4.62 7.25 11.30
CA VAL A 68 5.12 7.84 12.48
C VAL A 68 5.64 9.26 12.20
N SER A 69 5.14 10.19 12.96
CA SER A 69 5.60 11.54 12.88
C SER A 69 6.97 11.62 13.53
N ARG A 70 7.97 12.00 12.79
CA ARG A 70 9.34 12.02 13.33
C ARG A 70 9.50 13.15 14.36
N SER A 71 8.57 14.09 14.31
CA SER A 71 8.59 15.22 15.21
C SER A 71 8.09 14.84 16.64
N ASP A 72 6.95 14.14 16.74
CA ASP A 72 6.43 13.76 18.08
C ASP A 72 6.65 12.29 18.40
N ARG A 73 6.86 11.51 17.37
CA ARG A 73 6.90 10.03 17.44
C ARG A 73 5.51 9.42 17.66
N LYS A 74 4.50 10.16 17.24
CA LYS A 74 3.13 9.63 17.19
C LYS A 74 3.08 8.67 16.03
N SER A 75 2.46 7.55 16.20
CA SER A 75 2.35 6.62 15.11
C SER A 75 0.91 6.16 14.95
N TRP A 76 0.53 5.88 13.73
CA TRP A 76 -0.81 5.48 13.43
C TRP A 76 -0.80 4.25 12.53
N ASN A 77 -1.90 3.54 12.51
CA ASN A 77 -2.06 2.34 11.72
C ASN A 77 -2.75 2.72 10.44
N LEU A 78 -2.13 2.43 9.32
CA LEU A 78 -2.67 2.83 8.03
C LEU A 78 -3.19 1.62 7.27
N GLY A 79 -3.47 0.58 7.98
CA GLY A 79 -4.00 -0.57 7.37
C GLY A 79 -3.45 -1.80 7.95
N ARG A 80 -4.33 -2.65 8.45
CA ARG A 80 -3.92 -3.89 8.99
C ARG A 80 -3.41 -4.82 7.90
N SER A 81 -2.75 -5.88 8.31
CA SER A 81 -2.11 -6.83 7.42
C SER A 81 -3.09 -7.39 6.40
N ASN A 82 -2.79 -7.17 5.15
CA ASN A 82 -3.65 -7.60 4.08
C ASN A 82 -2.78 -7.97 2.92
N ALA A 83 -3.19 -8.90 2.14
CA ALA A 83 -2.37 -9.35 1.03
C ALA A 83 -3.05 -9.13 -0.29
N LYS A 84 -4.19 -8.48 -0.26
CA LYS A 84 -4.99 -8.30 -1.46
C LYS A 84 -4.36 -7.27 -2.37
N LEU A 85 -3.79 -7.72 -3.45
CA LEU A 85 -3.32 -6.83 -4.46
C LEU A 85 -4.50 -6.53 -5.37
N SER A 86 -4.58 -5.35 -5.84
CA SER A 86 -5.65 -4.98 -6.71
C SER A 86 -5.06 -4.57 -8.04
N TYR A 87 -5.53 -5.13 -9.08
CA TYR A 87 -5.00 -4.81 -10.36
C TYR A 87 -6.07 -4.12 -11.15
N TYR A 88 -5.75 -2.93 -11.53
CA TYR A 88 -6.58 -2.11 -12.33
C TYR A 88 -6.01 -2.19 -13.69
N ASP A 89 -6.84 -2.23 -14.71
CA ASP A 89 -6.30 -2.31 -16.06
C ASP A 89 -5.32 -1.17 -16.27
N GLY A 90 -4.08 -1.52 -16.51
CA GLY A 90 -3.03 -0.55 -16.60
C GLY A 90 -2.03 -0.67 -15.45
N MET A 91 -2.44 -0.34 -14.21
CA MET A 91 -1.51 -0.30 -13.08
C MET A 91 -2.03 -1.11 -11.89
N ILE A 92 -1.13 -1.45 -11.01
CA ILE A 92 -1.44 -2.23 -9.83
C ILE A 92 -1.64 -1.31 -8.62
N GLN A 93 -2.61 -1.60 -7.82
CA GLN A 93 -2.88 -0.88 -6.60
C GLN A 93 -2.94 -1.87 -5.44
N LEU A 94 -2.53 -1.47 -4.28
CA LEU A 94 -2.60 -2.37 -3.14
C LEU A 94 -3.50 -1.73 -2.12
N THR A 95 -4.51 -2.43 -1.72
CA THR A 95 -5.49 -1.92 -0.80
C THR A 95 -5.28 -2.56 0.58
N TYR A 96 -5.21 -1.76 1.61
CA TYR A 96 -5.12 -2.31 2.95
C TYR A 96 -6.41 -2.21 3.73
N ARG A 97 -6.40 -2.81 4.90
CA ARG A 97 -7.55 -2.88 5.78
C ARG A 97 -7.76 -1.57 6.51
N ASP A 98 -8.81 -1.56 7.31
CA ASP A 98 -9.26 -0.40 8.12
C ASP A 98 -8.14 0.25 8.98
N GLY A 99 -7.30 -0.57 9.55
CA GLY A 99 -6.17 -0.06 10.32
C GLY A 99 -6.59 0.59 11.62
N THR A 100 -6.45 1.88 11.67
CA THR A 100 -6.86 2.68 12.77
C THR A 100 -7.58 3.92 12.25
N PRO A 101 -8.79 4.20 12.73
CA PRO A 101 -9.58 5.33 12.27
C PRO A 101 -9.10 6.67 12.82
N TYR A 102 -9.40 7.73 12.06
CA TYR A 102 -9.09 9.09 12.49
C TYR A 102 -9.79 9.35 13.81
N ASN A 103 -9.20 10.17 14.63
CA ASN A 103 -9.90 10.58 15.82
C ASN A 103 -10.89 11.69 15.46
N ASN A 104 -12.04 11.26 14.98
CA ASN A 104 -13.09 12.16 14.58
C ASN A 104 -14.43 11.56 14.98
N GLU A 105 -15.51 12.24 14.66
CA GLU A 105 -16.85 11.82 15.06
C GLU A 105 -17.29 10.51 14.40
N LYS A 106 -16.87 10.30 13.18
CA LYS A 106 -17.30 9.15 12.39
C LYS A 106 -16.50 7.90 12.73
N ARG A 107 -15.25 8.10 13.11
CA ARG A 107 -14.27 7.04 13.25
C ARG A 107 -14.05 6.38 11.90
N THR A 108 -13.43 7.15 11.04
CA THR A 108 -13.16 6.75 9.70
C THR A 108 -11.80 6.03 9.62
N PRO A 109 -11.77 4.76 9.18
CA PRO A 109 -10.53 3.99 9.08
C PRO A 109 -9.53 4.64 8.10
N ARG A 110 -8.29 4.72 8.52
CA ARG A 110 -7.25 5.32 7.72
C ARG A 110 -6.51 4.17 7.06
N ALA A 111 -6.52 4.15 5.75
CA ALA A 111 -5.97 3.03 5.03
C ALA A 111 -4.98 3.49 3.99
N THR A 112 -4.23 2.55 3.45
CA THR A 112 -3.23 2.82 2.47
C THR A 112 -3.57 2.16 1.13
N LEU A 113 -3.40 2.91 0.06
CA LEU A 113 -3.58 2.43 -1.26
C LEU A 113 -2.30 2.77 -2.02
N ILE A 114 -1.60 1.78 -2.45
CA ILE A 114 -0.35 2.02 -3.14
C ILE A 114 -0.59 1.84 -4.62
N THR A 115 -0.19 2.79 -5.43
CA THR A 115 -0.36 2.71 -6.84
C THR A 115 1.00 2.48 -7.49
N PHE A 116 1.13 1.37 -8.14
CA PHE A 116 2.36 0.94 -8.73
C PHE A 116 2.40 1.35 -10.18
N LEU A 117 3.43 2.04 -10.55
CA LEU A 117 3.57 2.53 -11.88
C LEU A 117 4.75 1.85 -12.56
N CYS A 118 4.73 1.87 -13.84
CA CYS A 118 5.78 1.29 -14.65
C CYS A 118 6.91 2.28 -14.88
N ASP A 119 8.12 1.87 -14.55
CA ASP A 119 9.31 2.65 -14.85
C ASP A 119 10.44 1.68 -15.12
N ARG A 120 11.34 2.04 -16.01
CA ARG A 120 12.45 1.17 -16.38
C ARG A 120 13.50 1.09 -15.27
N ASP A 121 13.62 2.14 -14.48
CA ASP A 121 14.64 2.21 -13.44
C ASP A 121 14.02 2.30 -12.08
N ALA A 122 14.16 1.24 -11.31
CA ALA A 122 13.60 1.15 -9.99
C ALA A 122 14.07 -0.14 -9.34
N GLY A 123 13.90 -1.20 -10.06
CA GLY A 123 14.34 -2.49 -9.63
C GLY A 123 13.23 -3.16 -8.93
N VAL A 124 13.42 -3.40 -7.64
CA VAL A 124 12.36 -3.94 -6.81
C VAL A 124 11.26 -2.90 -6.71
N GLY A 125 11.69 -1.66 -6.80
CA GLY A 125 10.80 -0.59 -6.79
C GLY A 125 10.81 0.17 -5.52
N PHE A 126 10.62 1.44 -5.65
CA PHE A 126 10.61 2.35 -4.54
C PHE A 126 9.28 3.12 -4.47
N PRO A 127 8.72 3.28 -3.26
CA PRO A 127 7.50 4.06 -3.06
C PRO A 127 7.78 5.54 -2.78
N GLU A 128 6.84 6.35 -3.15
CA GLU A 128 6.86 7.77 -2.91
C GLU A 128 5.49 8.18 -2.41
N TYR A 129 5.43 9.06 -1.44
CA TYR A 129 4.15 9.47 -0.90
C TYR A 129 3.56 10.61 -1.70
N GLN A 130 2.30 10.47 -2.03
CA GLN A 130 1.61 11.50 -2.76
C GLN A 130 0.89 12.41 -1.78
N GLU A 131 -0.40 12.16 -1.60
CA GLU A 131 -1.21 12.88 -0.64
C GLU A 131 -2.38 12.04 -0.24
N GLU A 132 -2.64 11.99 1.03
CA GLU A 132 -3.86 11.44 1.52
C GLU A 132 -4.91 12.55 1.46
N ASP A 133 -6.01 12.26 0.82
CA ASP A 133 -7.10 13.21 0.69
C ASP A 133 -8.43 12.46 0.73
N ASN A 134 -8.43 11.24 0.19
CA ASN A 134 -9.64 10.42 0.09
C ASN A 134 -9.79 9.46 1.29
N SER A 135 -9.11 9.79 2.39
CA SER A 135 -9.07 9.00 3.67
C SER A 135 -8.21 7.75 3.54
N THR A 136 -7.69 7.57 2.38
CA THR A 136 -6.83 6.50 2.09
C THR A 136 -5.54 7.09 1.48
N TYR A 137 -4.42 6.71 2.04
CA TYR A 137 -3.12 7.20 1.63
C TYR A 137 -2.72 6.59 0.32
N ASN A 138 -2.50 7.42 -0.65
CA ASN A 138 -2.03 6.93 -1.94
C ASN A 138 -0.55 7.17 -2.07
N PHE A 139 0.13 6.12 -2.42
CA PHE A 139 1.54 6.15 -2.67
C PHE A 139 1.80 5.84 -4.10
N ARG A 140 2.87 6.38 -4.58
CA ARG A 140 3.31 6.17 -5.92
C ARG A 140 4.48 5.22 -5.85
N TRP A 141 4.37 4.09 -6.44
CA TRP A 141 5.43 3.12 -6.37
C TRP A 141 5.94 2.84 -7.77
N TYR A 142 7.19 3.13 -8.00
CA TYR A 142 7.79 2.83 -9.28
C TYR A 142 8.47 1.51 -9.19
N THR A 143 7.94 0.53 -9.87
CA THR A 143 8.51 -0.78 -9.86
C THR A 143 8.46 -1.40 -11.24
N SER A 144 9.49 -2.11 -11.58
CA SER A 144 9.56 -2.80 -12.85
C SER A 144 8.58 -3.99 -12.84
N TYR A 145 8.26 -4.47 -11.64
CA TYR A 145 7.39 -5.62 -11.47
C TYR A 145 5.93 -5.31 -11.81
N ALA A 146 5.56 -4.04 -11.80
CA ALA A 146 4.19 -3.65 -12.11
C ALA A 146 4.05 -3.38 -13.59
N CYS A 147 5.07 -3.67 -14.33
CA CYS A 147 5.09 -3.36 -15.70
C CYS A 147 5.41 -4.63 -16.50
N PRO A 148 4.58 -4.97 -17.49
CA PRO A 148 4.82 -6.13 -18.34
C PRO A 148 5.70 -5.75 -19.55
N GLU A 1 -12.87 10.58 -2.10
CA GLU A 1 -14.18 9.95 -2.18
C GLU A 1 -14.12 8.90 -3.28
N ALA A 2 -14.12 7.63 -2.90
CA ALA A 2 -14.03 6.58 -3.88
C ALA A 2 -14.81 5.33 -3.48
N GLU A 3 -16.05 5.30 -3.87
CA GLU A 3 -16.85 4.12 -3.72
C GLU A 3 -17.03 3.52 -5.11
N ALA A 4 -16.84 4.37 -6.09
CA ALA A 4 -16.84 3.97 -7.46
C ALA A 4 -15.49 3.37 -7.76
N GLU A 5 -15.48 2.20 -8.30
CA GLU A 5 -14.24 1.47 -8.53
C GLU A 5 -13.99 1.25 -10.02
N PHE A 6 -14.82 1.89 -10.85
CA PHE A 6 -14.73 1.84 -12.32
C PHE A 6 -15.04 0.42 -12.85
N LEU A 7 -15.62 -0.41 -11.96
CA LEU A 7 -16.03 -1.79 -12.24
C LEU A 7 -14.84 -2.76 -12.42
N SER A 8 -13.83 -2.34 -13.18
CA SER A 8 -12.66 -3.16 -13.44
C SER A 8 -11.72 -3.20 -12.22
N ARG A 9 -12.18 -3.88 -11.22
CA ARG A 9 -11.48 -4.07 -9.97
C ARG A 9 -11.29 -5.54 -9.75
N THR A 10 -10.10 -5.98 -9.72
CA THR A 10 -9.82 -7.36 -9.51
C THR A 10 -9.04 -7.54 -8.22
N GLU A 11 -9.55 -8.34 -7.32
CA GLU A 11 -8.83 -8.61 -6.10
C GLU A 11 -8.21 -9.99 -6.22
N GLY A 12 -6.91 -10.06 -6.13
CA GLY A 12 -6.20 -11.30 -6.34
C GLY A 12 -5.99 -12.09 -5.09
N ASP A 13 -4.86 -12.76 -5.03
CA ASP A 13 -4.52 -13.63 -3.92
C ASP A 13 -3.53 -12.95 -3.01
N ASN A 14 -2.94 -13.73 -2.12
CA ASN A 14 -1.96 -13.21 -1.19
C ASN A 14 -0.66 -12.85 -1.89
N CYS A 15 -0.42 -11.55 -1.98
CA CYS A 15 0.82 -10.96 -2.46
C CYS A 15 1.05 -11.25 -3.96
N THR A 16 0.07 -11.85 -4.59
CA THR A 16 0.13 -12.15 -6.00
C THR A 16 -1.20 -11.80 -6.64
N VAL A 17 -1.18 -11.30 -7.85
CA VAL A 17 -2.40 -10.96 -8.52
C VAL A 17 -2.48 -11.53 -9.93
N PHE A 18 -3.60 -12.07 -10.26
CA PHE A 18 -3.88 -12.45 -11.61
C PHE A 18 -5.21 -11.88 -11.98
N ASP A 19 -5.24 -11.18 -13.07
CA ASP A 19 -6.46 -10.58 -13.52
C ASP A 19 -6.93 -11.27 -14.78
N SER A 20 -8.15 -11.75 -14.77
CA SER A 20 -8.72 -12.40 -15.92
C SER A 20 -8.99 -11.41 -17.07
N GLN A 21 -9.23 -10.14 -16.74
CA GLN A 21 -9.51 -9.16 -17.76
C GLN A 21 -8.23 -8.70 -18.41
N ALA A 22 -7.15 -8.79 -17.68
CA ALA A 22 -5.90 -8.30 -18.19
C ALA A 22 -5.08 -9.43 -18.80
N GLY A 23 -5.38 -10.66 -18.38
CA GLY A 23 -4.67 -11.81 -18.91
C GLY A 23 -3.20 -11.86 -18.51
N PHE A 24 -2.87 -11.14 -17.46
CA PHE A 24 -1.51 -11.11 -16.96
C PHE A 24 -1.48 -11.36 -15.48
N SER A 25 -0.45 -12.03 -15.05
CA SER A 25 -0.25 -12.35 -13.67
C SER A 25 0.97 -11.61 -13.16
N PHE A 26 0.86 -11.06 -11.97
CA PHE A 26 1.91 -10.27 -11.37
C PHE A 26 2.18 -10.72 -9.94
N ASP A 27 3.43 -11.01 -9.64
CA ASP A 27 3.81 -11.39 -8.28
C ASP A 27 4.65 -10.30 -7.68
N LEU A 28 4.21 -9.78 -6.56
CA LEU A 28 4.91 -8.72 -5.88
C LEU A 28 5.62 -9.24 -4.62
N THR A 29 5.82 -10.54 -4.57
CA THR A 29 6.47 -11.19 -3.45
C THR A 29 7.97 -10.78 -3.22
N PRO A 30 8.82 -10.62 -4.30
CA PRO A 30 10.23 -10.14 -4.14
C PRO A 30 10.29 -8.73 -3.55
N LEU A 31 9.17 -8.04 -3.64
CA LEU A 31 9.03 -6.67 -3.20
C LEU A 31 8.86 -6.58 -1.68
N THR A 32 8.55 -7.69 -1.05
CA THR A 32 8.35 -7.74 0.38
C THR A 32 9.68 -7.67 1.13
N LYS A 33 9.73 -6.84 2.16
CA LYS A 33 10.91 -6.67 2.99
C LYS A 33 10.58 -6.77 4.46
N LYS A 34 11.51 -7.28 5.25
CA LYS A 34 11.39 -7.30 6.71
C LYS A 34 11.54 -5.87 7.22
N ASP A 35 12.53 -5.21 6.64
CA ASP A 35 12.89 -3.81 6.95
C ASP A 35 11.83 -2.86 6.42
N ALA A 36 11.07 -3.36 5.45
CA ALA A 36 10.00 -2.64 4.80
C ALA A 36 10.51 -1.43 4.03
N TYR A 37 9.61 -0.65 3.50
CA TYR A 37 9.94 0.53 2.75
C TYR A 37 9.50 1.73 3.52
N LYS A 38 10.31 2.73 3.55
CA LYS A 38 10.01 3.89 4.25
C LYS A 38 10.12 5.11 3.35
N VAL A 39 9.15 5.96 3.44
CA VAL A 39 9.12 7.21 2.74
C VAL A 39 9.29 8.28 3.77
N GLU A 40 10.07 9.27 3.50
CA GLU A 40 10.32 10.30 4.48
C GLU A 40 9.76 11.60 4.03
N THR A 41 9.26 12.36 4.96
CA THR A 41 8.74 13.66 4.69
C THR A 41 9.41 14.61 5.67
N ASP A 42 8.94 15.84 5.77
CA ASP A 42 9.55 16.82 6.66
C ASP A 42 9.47 16.41 8.13
N LYS A 43 8.36 15.81 8.54
CA LYS A 43 8.21 15.46 9.95
C LYS A 43 7.67 14.06 10.17
N TYR A 44 7.31 13.40 9.12
CA TYR A 44 6.73 12.07 9.24
C TYR A 44 7.45 11.11 8.34
N GLU A 45 7.28 9.88 8.60
CA GLU A 45 7.75 8.87 7.72
C GLU A 45 6.63 7.92 7.52
N PHE A 46 6.56 7.37 6.39
CA PHE A 46 5.59 6.38 6.14
C PHE A 46 6.34 5.12 5.89
N HIS A 47 6.08 4.13 6.66
CA HIS A 47 6.75 2.90 6.50
C HIS A 47 5.70 1.86 6.10
N ILE A 48 5.92 1.22 4.99
CA ILE A 48 4.94 0.30 4.44
C ILE A 48 5.66 -0.90 3.88
N ASN A 49 4.98 -1.98 3.76
CA ASN A 49 5.55 -3.19 3.22
C ASN A 49 4.59 -3.77 2.21
N VAL A 50 5.10 -4.47 1.23
CA VAL A 50 4.26 -5.10 0.25
C VAL A 50 3.76 -6.40 0.80
N CYS A 51 2.45 -6.45 0.96
CA CYS A 51 1.66 -7.57 1.45
C CYS A 51 1.97 -7.93 2.91
N GLY A 52 0.97 -8.37 3.59
CA GLY A 52 1.14 -8.82 4.93
C GLY A 52 1.30 -7.67 5.87
N PRO A 53 2.08 -7.86 6.89
CA PRO A 53 2.37 -6.86 7.86
C PRO A 53 3.72 -6.16 7.62
N VAL A 54 3.88 -5.05 8.28
CA VAL A 54 5.08 -4.29 8.22
C VAL A 54 5.76 -4.37 9.58
N SER A 55 7.04 -4.50 9.60
CA SER A 55 7.72 -4.52 10.84
C SER A 55 8.36 -3.17 11.09
N VAL A 56 7.58 -2.29 11.65
CA VAL A 56 8.08 -0.97 12.02
C VAL A 56 8.02 -0.87 13.51
N GLY A 57 9.04 -0.31 14.11
CA GLY A 57 9.05 -0.13 15.54
C GLY A 57 8.22 1.06 15.95
N ALA A 58 6.99 1.10 15.48
CA ALA A 58 6.08 2.19 15.77
C ALA A 58 4.64 1.67 15.84
N CYS A 59 4.35 0.66 15.06
CA CYS A 59 3.02 0.10 15.05
C CYS A 59 3.10 -1.41 15.23
N PRO A 60 2.05 -2.01 15.81
CA PRO A 60 1.96 -3.45 16.04
C PRO A 60 2.14 -4.29 14.76
N PRO A 61 2.61 -5.55 14.91
CA PRO A 61 2.79 -6.52 13.80
C PRO A 61 1.51 -6.80 13.00
N ASP A 62 0.37 -6.35 13.50
CA ASP A 62 -0.90 -6.49 12.76
C ASP A 62 -1.08 -5.39 11.73
N SER A 63 -0.14 -4.48 11.67
CA SER A 63 -0.18 -3.40 10.74
C SER A 63 0.67 -3.73 9.51
N GLY A 64 0.20 -3.32 8.34
CA GLY A 64 0.94 -3.51 7.11
C GLY A 64 1.49 -2.19 6.58
N ALA A 65 1.06 -1.10 7.20
CA ALA A 65 1.49 0.24 6.83
C ALA A 65 1.31 1.16 8.03
N CYS A 66 2.36 1.82 8.40
CA CYS A 66 2.36 2.66 9.58
C CYS A 66 3.13 3.94 9.34
N GLN A 67 2.56 5.05 9.75
CA GLN A 67 3.29 6.30 9.71
C GLN A 67 3.62 6.71 11.11
N VAL A 68 4.76 7.27 11.28
CA VAL A 68 5.19 7.74 12.55
C VAL A 68 5.80 9.11 12.40
N SER A 69 5.45 9.97 13.30
CA SER A 69 5.95 11.28 13.30
C SER A 69 7.35 11.25 13.85
N ARG A 70 8.31 11.58 13.04
CA ARG A 70 9.68 11.64 13.48
C ARG A 70 9.85 12.85 14.40
N SER A 71 8.92 13.80 14.24
CA SER A 71 8.92 15.03 15.02
C SER A 71 8.26 14.83 16.40
N ASP A 72 7.08 14.21 16.44
CA ASP A 72 6.31 14.09 17.70
C ASP A 72 6.38 12.69 18.31
N ARG A 73 6.77 11.74 17.51
CA ARG A 73 6.93 10.32 17.90
C ARG A 73 5.64 9.57 18.14
N LYS A 74 4.56 10.05 17.55
CA LYS A 74 3.34 9.29 17.54
C LYS A 74 3.20 8.58 16.23
N SER A 75 2.42 7.54 16.21
CA SER A 75 2.24 6.80 15.00
C SER A 75 0.79 6.44 14.79
N TRP A 76 0.45 6.19 13.56
CA TRP A 76 -0.90 5.89 13.17
C TRP A 76 -0.91 4.67 12.28
N ASN A 77 -1.98 3.94 12.32
CA ASN A 77 -2.11 2.72 11.58
C ASN A 77 -2.80 3.03 10.27
N LEU A 78 -2.11 2.76 9.18
CA LEU A 78 -2.59 3.10 7.87
C LEU A 78 -3.09 1.88 7.14
N GLY A 79 -3.26 0.82 7.87
CA GLY A 79 -3.77 -0.37 7.29
C GLY A 79 -3.27 -1.58 7.98
N ARG A 80 -4.18 -2.45 8.34
CA ARG A 80 -3.83 -3.67 8.99
C ARG A 80 -3.28 -4.63 7.95
N SER A 81 -2.66 -5.69 8.38
CA SER A 81 -2.06 -6.67 7.50
C SER A 81 -3.07 -7.23 6.50
N ASN A 82 -2.72 -7.14 5.25
CA ASN A 82 -3.54 -7.60 4.15
C ASN A 82 -2.62 -8.00 3.03
N ALA A 83 -3.00 -8.95 2.25
CA ALA A 83 -2.13 -9.40 1.20
C ALA A 83 -2.83 -9.39 -0.13
N LYS A 84 -4.05 -8.91 -0.16
CA LYS A 84 -4.81 -8.92 -1.38
C LYS A 84 -4.37 -7.79 -2.30
N LEU A 85 -3.80 -8.15 -3.41
CA LEU A 85 -3.44 -7.18 -4.39
C LEU A 85 -4.64 -6.91 -5.26
N SER A 86 -4.80 -5.71 -5.71
CA SER A 86 -5.90 -5.36 -6.54
C SER A 86 -5.42 -4.89 -7.89
N TYR A 87 -6.08 -5.30 -8.91
CA TYR A 87 -5.71 -4.89 -10.21
C TYR A 87 -6.84 -4.04 -10.77
N TYR A 88 -6.49 -2.85 -11.13
CA TYR A 88 -7.38 -1.92 -11.77
C TYR A 88 -6.93 -1.78 -13.17
N ASP A 89 -7.85 -1.67 -14.12
CA ASP A 89 -7.48 -1.55 -15.54
C ASP A 89 -6.39 -0.49 -15.71
N GLY A 90 -5.26 -0.93 -16.20
CA GLY A 90 -4.11 -0.07 -16.30
C GLY A 90 -2.95 -0.56 -15.44
N MET A 91 -3.15 -0.64 -14.12
CA MET A 91 -2.04 -0.99 -13.22
C MET A 91 -2.54 -1.61 -11.91
N ILE A 92 -1.60 -2.19 -11.19
CA ILE A 92 -1.87 -2.87 -9.95
C ILE A 92 -1.85 -1.86 -8.80
N GLN A 93 -2.77 -2.01 -7.88
CA GLN A 93 -2.89 -1.17 -6.71
C GLN A 93 -3.17 -2.06 -5.51
N LEU A 94 -2.67 -1.71 -4.38
CA LEU A 94 -2.86 -2.54 -3.21
C LEU A 94 -3.62 -1.73 -2.19
N THR A 95 -4.74 -2.26 -1.75
CA THR A 95 -5.58 -1.61 -0.78
C THR A 95 -5.38 -2.30 0.58
N TYR A 96 -5.05 -1.54 1.58
CA TYR A 96 -4.96 -2.12 2.91
C TYR A 96 -6.23 -1.92 3.71
N ARG A 97 -6.27 -2.57 4.85
CA ARG A 97 -7.41 -2.59 5.74
C ARG A 97 -7.62 -1.26 6.45
N ASP A 98 -8.67 -1.23 7.26
CA ASP A 98 -9.13 -0.03 7.98
C ASP A 98 -8.04 0.67 8.78
N GLY A 99 -7.17 -0.09 9.38
CA GLY A 99 -6.09 0.48 10.13
C GLY A 99 -6.57 1.19 11.38
N THR A 100 -6.47 2.48 11.38
CA THR A 100 -6.94 3.29 12.45
C THR A 100 -7.68 4.50 11.88
N PRO A 101 -8.96 4.71 12.23
CA PRO A 101 -9.74 5.81 11.72
C PRO A 101 -9.36 7.15 12.32
N TYR A 102 -9.61 8.21 11.56
CA TYR A 102 -9.27 9.60 11.92
C TYR A 102 -9.78 10.02 13.30
N ASN A 103 -11.04 10.47 13.36
CA ASN A 103 -11.69 10.97 14.61
C ASN A 103 -13.02 11.58 14.23
N ASN A 104 -13.55 11.18 13.10
CA ASN A 104 -14.68 11.85 12.51
C ASN A 104 -15.96 11.10 12.74
N GLU A 105 -17.06 11.77 12.41
CA GLU A 105 -18.42 11.26 12.55
C GLU A 105 -18.59 9.89 11.91
N LYS A 106 -18.02 9.73 10.75
CA LYS A 106 -18.18 8.53 9.98
C LYS A 106 -17.23 7.42 10.44
N ARG A 107 -16.20 7.79 11.23
CA ARG A 107 -15.12 6.87 11.60
C ARG A 107 -14.47 6.36 10.33
N THR A 108 -13.71 7.20 9.72
CA THR A 108 -13.10 6.91 8.47
C THR A 108 -11.76 6.25 8.68
N PRO A 109 -11.60 5.04 8.19
CA PRO A 109 -10.36 4.29 8.32
C PRO A 109 -9.23 4.90 7.48
N ARG A 110 -8.10 5.11 8.11
CA ARG A 110 -6.94 5.55 7.38
C ARG A 110 -6.36 4.33 6.72
N ALA A 111 -6.35 4.31 5.42
CA ALA A 111 -5.90 3.15 4.71
C ALA A 111 -4.84 3.52 3.71
N THR A 112 -4.15 2.54 3.21
CA THR A 112 -3.08 2.74 2.28
C THR A 112 -3.43 2.12 0.93
N LEU A 113 -3.16 2.86 -0.12
CA LEU A 113 -3.34 2.40 -1.46
C LEU A 113 -2.01 2.61 -2.16
N ILE A 114 -1.40 1.55 -2.54
CA ILE A 114 -0.13 1.62 -3.21
C ILE A 114 -0.38 1.42 -4.68
N THR A 115 0.06 2.35 -5.47
CA THR A 115 -0.15 2.30 -6.88
C THR A 115 1.16 1.89 -7.55
N PHE A 116 1.14 0.81 -8.26
CA PHE A 116 2.33 0.27 -8.88
C PHE A 116 2.37 0.64 -10.35
N LEU A 117 3.50 1.11 -10.78
CA LEU A 117 3.70 1.48 -12.16
C LEU A 117 4.74 0.56 -12.79
N CYS A 118 4.82 0.58 -14.12
CA CYS A 118 5.75 -0.25 -14.92
C CYS A 118 7.23 0.08 -14.66
N ASP A 119 7.48 1.22 -14.01
CA ASP A 119 8.86 1.70 -13.69
C ASP A 119 9.64 2.20 -14.90
N ARG A 120 10.33 3.30 -14.72
CA ARG A 120 11.22 3.82 -15.74
C ARG A 120 12.62 3.34 -15.42
N ASP A 121 13.10 3.69 -14.25
CA ASP A 121 14.40 3.24 -13.80
C ASP A 121 14.45 3.13 -12.29
N ALA A 122 14.53 1.90 -11.81
CA ALA A 122 14.66 1.57 -10.39
C ALA A 122 14.86 0.08 -10.24
N GLY A 123 13.84 -0.68 -10.58
CA GLY A 123 13.90 -2.12 -10.46
C GLY A 123 12.93 -2.61 -9.43
N VAL A 124 13.40 -2.75 -8.20
CA VAL A 124 12.53 -3.14 -7.12
C VAL A 124 11.57 -1.99 -6.82
N GLY A 125 12.11 -0.81 -6.78
CA GLY A 125 11.32 0.33 -6.59
C GLY A 125 11.25 0.77 -5.17
N PHE A 126 10.99 2.01 -5.04
CA PHE A 126 10.75 2.64 -3.78
C PHE A 126 9.42 3.39 -3.90
N PRO A 127 8.57 3.31 -2.87
CA PRO A 127 7.29 4.00 -2.87
C PRO A 127 7.44 5.49 -2.53
N GLU A 128 6.65 6.31 -3.16
CA GLU A 128 6.64 7.72 -2.88
C GLU A 128 5.27 8.13 -2.36
N TYR A 129 5.25 8.82 -1.26
CA TYR A 129 4.01 9.31 -0.71
C TYR A 129 3.51 10.49 -1.52
N GLN A 130 2.27 10.41 -1.97
CA GLN A 130 1.69 11.49 -2.72
C GLN A 130 1.05 12.49 -1.77
N GLU A 131 -0.23 12.31 -1.55
CA GLU A 131 -1.03 13.12 -0.65
C GLU A 131 -2.27 12.43 -0.29
N GLU A 132 -2.48 12.34 0.97
CA GLU A 132 -3.67 11.81 1.48
C GLU A 132 -4.70 12.94 1.54
N ASP A 133 -5.83 12.69 0.96
CA ASP A 133 -6.96 13.60 0.93
C ASP A 133 -8.18 12.77 0.68
N ASN A 134 -7.97 11.78 -0.13
CA ASN A 134 -8.96 10.81 -0.55
C ASN A 134 -9.23 9.73 0.51
N SER A 135 -8.91 10.03 1.79
CA SER A 135 -9.16 9.15 2.95
C SER A 135 -8.23 7.93 2.95
N THR A 136 -7.37 7.88 2.00
CA THR A 136 -6.48 6.81 1.83
C THR A 136 -5.12 7.36 1.39
N TYR A 137 -4.07 6.78 1.87
CA TYR A 137 -2.74 7.23 1.57
C TYR A 137 -2.26 6.55 0.32
N ASN A 138 -1.96 7.32 -0.67
CA ASN A 138 -1.47 6.80 -1.93
C ASN A 138 0.00 6.94 -2.07
N PHE A 139 0.61 5.88 -2.50
CA PHE A 139 2.01 5.81 -2.73
C PHE A 139 2.25 5.37 -4.16
N ARG A 140 3.30 5.87 -4.75
CA ARG A 140 3.66 5.46 -6.09
C ARG A 140 4.79 4.54 -6.02
N TRP A 141 4.62 3.41 -6.58
CA TRP A 141 5.64 2.44 -6.56
C TRP A 141 6.06 2.17 -7.98
N TYR A 142 7.26 2.49 -8.28
CA TYR A 142 7.80 2.22 -9.57
C TYR A 142 8.60 0.96 -9.53
N THR A 143 8.04 -0.09 -10.03
CA THR A 143 8.67 -1.36 -9.97
C THR A 143 8.58 -2.05 -11.31
N SER A 144 9.63 -2.69 -11.69
CA SER A 144 9.70 -3.39 -12.93
C SER A 144 8.78 -4.62 -12.91
N TYR A 145 8.50 -5.13 -11.71
CA TYR A 145 7.69 -6.32 -11.54
C TYR A 145 6.22 -6.06 -11.88
N ALA A 146 5.82 -4.79 -11.85
CA ALA A 146 4.43 -4.43 -12.12
C ALA A 146 4.24 -4.11 -13.60
N CYS A 147 5.25 -4.39 -14.37
CA CYS A 147 5.18 -4.15 -15.76
C CYS A 147 5.07 -5.48 -16.49
N PRO A 148 4.16 -5.60 -17.48
CA PRO A 148 3.99 -6.82 -18.28
C PRO A 148 5.29 -7.25 -18.96
N GLU A 1 -14.52 -1.32 -0.85
CA GLU A 1 -13.65 -1.70 0.27
C GLU A 1 -13.26 -3.18 0.16
N ALA A 2 -14.23 -4.04 0.36
CA ALA A 2 -14.03 -5.47 0.29
C ALA A 2 -15.23 -6.06 -0.39
N GLU A 3 -15.00 -6.67 -1.56
CA GLU A 3 -16.06 -7.19 -2.43
C GLU A 3 -16.84 -6.06 -3.08
N ALA A 4 -17.75 -6.41 -3.99
CA ALA A 4 -18.62 -5.47 -4.74
C ALA A 4 -17.86 -4.71 -5.83
N GLU A 5 -16.59 -4.44 -5.61
CA GLU A 5 -15.76 -3.79 -6.59
C GLU A 5 -15.30 -4.76 -7.66
N PHE A 6 -16.12 -4.93 -8.66
CA PHE A 6 -15.78 -5.78 -9.77
C PHE A 6 -16.23 -5.12 -11.06
N LEU A 7 -15.47 -4.15 -11.47
CA LEU A 7 -15.69 -3.39 -12.70
C LEU A 7 -14.33 -2.99 -13.22
N SER A 8 -13.68 -2.14 -12.47
CA SER A 8 -12.37 -1.67 -12.77
C SER A 8 -11.34 -2.35 -11.87
N ARG A 9 -11.82 -2.86 -10.73
CA ARG A 9 -10.99 -3.52 -9.76
C ARG A 9 -11.15 -5.00 -9.86
N THR A 10 -10.08 -5.65 -9.92
CA THR A 10 -10.02 -7.04 -9.85
C THR A 10 -9.23 -7.38 -8.60
N GLU A 11 -9.78 -8.12 -7.69
CA GLU A 11 -9.05 -8.46 -6.50
C GLU A 11 -8.56 -9.87 -6.61
N GLY A 12 -7.26 -10.02 -6.56
CA GLY A 12 -6.66 -11.31 -6.73
C GLY A 12 -6.54 -12.07 -5.44
N ASP A 13 -5.33 -12.37 -5.08
CA ASP A 13 -5.04 -13.16 -3.91
C ASP A 13 -3.91 -12.52 -3.12
N ASN A 14 -3.36 -13.26 -2.20
CA ASN A 14 -2.26 -12.78 -1.38
C ASN A 14 -0.97 -12.70 -2.18
N CYS A 15 -0.44 -11.48 -2.28
CA CYS A 15 0.84 -11.16 -2.93
C CYS A 15 0.81 -11.30 -4.45
N THR A 16 -0.30 -11.73 -4.97
CA THR A 16 -0.40 -11.97 -6.38
C THR A 16 -1.75 -11.53 -6.86
N VAL A 17 -1.79 -11.01 -8.04
CA VAL A 17 -3.02 -10.66 -8.64
C VAL A 17 -3.11 -11.18 -10.06
N PHE A 18 -4.05 -12.05 -10.31
CA PHE A 18 -4.33 -12.40 -11.66
C PHE A 18 -5.61 -11.75 -12.06
N ASP A 19 -5.53 -11.00 -13.10
CA ASP A 19 -6.65 -10.28 -13.58
C ASP A 19 -7.17 -10.85 -14.86
N SER A 20 -8.42 -11.22 -14.82
CA SER A 20 -9.10 -11.78 -15.94
C SER A 20 -9.34 -10.75 -17.06
N GLN A 21 -9.48 -9.46 -16.73
CA GLN A 21 -9.70 -8.48 -17.76
C GLN A 21 -8.38 -8.09 -18.43
N ALA A 22 -7.33 -7.92 -17.64
CA ALA A 22 -6.04 -7.52 -18.17
C ALA A 22 -5.31 -8.71 -18.77
N GLY A 23 -5.69 -9.90 -18.34
CA GLY A 23 -5.05 -11.10 -18.85
C GLY A 23 -3.60 -11.19 -18.41
N PHE A 24 -3.30 -10.60 -17.27
CA PHE A 24 -1.96 -10.62 -16.73
C PHE A 24 -1.98 -11.04 -15.29
N SER A 25 -0.99 -11.78 -14.91
CA SER A 25 -0.83 -12.19 -13.55
C SER A 25 0.44 -11.56 -12.99
N PHE A 26 0.34 -10.95 -11.85
CA PHE A 26 1.49 -10.29 -11.25
C PHE A 26 1.74 -10.76 -9.83
N ASP A 27 2.97 -11.22 -9.59
CA ASP A 27 3.41 -11.57 -8.26
C ASP A 27 4.38 -10.53 -7.79
N LEU A 28 3.99 -9.82 -6.76
CA LEU A 28 4.84 -8.79 -6.20
C LEU A 28 5.37 -9.26 -4.89
N THR A 29 5.36 -10.54 -4.77
CA THR A 29 5.83 -11.29 -3.67
C THR A 29 7.33 -10.97 -3.33
N PRO A 30 8.26 -10.88 -4.37
CA PRO A 30 9.67 -10.50 -4.15
C PRO A 30 9.82 -9.09 -3.56
N LEU A 31 8.78 -8.30 -3.71
CA LEU A 31 8.75 -6.91 -3.24
C LEU A 31 8.57 -6.82 -1.72
N THR A 32 8.38 -7.92 -1.07
CA THR A 32 8.27 -7.93 0.38
C THR A 32 9.66 -7.76 1.02
N LYS A 33 9.72 -6.92 2.04
CA LYS A 33 10.93 -6.71 2.81
C LYS A 33 10.58 -6.86 4.27
N LYS A 34 11.50 -7.36 5.06
CA LYS A 34 11.25 -7.50 6.50
C LYS A 34 11.20 -6.13 7.09
N ASP A 35 12.12 -5.34 6.67
CA ASP A 35 12.31 -4.01 7.18
C ASP A 35 11.40 -3.06 6.50
N ALA A 36 10.76 -3.56 5.44
CA ALA A 36 9.78 -2.85 4.68
C ALA A 36 10.38 -1.64 3.98
N TYR A 37 9.53 -0.75 3.56
CA TYR A 37 9.90 0.42 2.85
C TYR A 37 9.50 1.63 3.67
N LYS A 38 10.26 2.69 3.55
CA LYS A 38 9.92 3.90 4.25
C LYS A 38 9.83 5.06 3.27
N VAL A 39 8.76 5.76 3.35
CA VAL A 39 8.57 6.96 2.59
C VAL A 39 8.79 8.11 3.53
N GLU A 40 9.46 9.12 3.09
CA GLU A 40 9.75 10.23 3.97
C GLU A 40 9.06 11.47 3.50
N THR A 41 8.74 12.31 4.42
CA THR A 41 8.23 13.61 4.12
C THR A 41 9.09 14.56 4.91
N ASP A 42 8.68 15.77 5.11
CA ASP A 42 9.48 16.68 5.91
C ASP A 42 9.53 16.23 7.37
N LYS A 43 8.38 15.84 7.90
CA LYS A 43 8.29 15.54 9.34
C LYS A 43 7.60 14.22 9.65
N TYR A 44 7.22 13.50 8.66
CA TYR A 44 6.53 12.23 8.87
C TYR A 44 7.17 11.18 8.00
N GLU A 45 7.09 9.96 8.42
CA GLU A 45 7.53 8.90 7.58
C GLU A 45 6.38 7.95 7.47
N PHE A 46 6.29 7.32 6.36
CA PHE A 46 5.33 6.30 6.20
C PHE A 46 6.10 5.03 5.98
N HIS A 47 5.90 4.07 6.82
CA HIS A 47 6.60 2.83 6.67
C HIS A 47 5.58 1.79 6.28
N ILE A 48 5.82 1.13 5.16
CA ILE A 48 4.86 0.19 4.63
C ILE A 48 5.59 -0.99 4.04
N ASN A 49 4.95 -2.10 3.99
CA ASN A 49 5.51 -3.30 3.39
C ASN A 49 4.54 -3.87 2.39
N VAL A 50 5.05 -4.63 1.44
CA VAL A 50 4.23 -5.33 0.46
C VAL A 50 3.92 -6.69 1.02
N CYS A 51 2.66 -6.88 1.35
CA CYS A 51 2.12 -8.08 1.97
C CYS A 51 2.45 -8.12 3.45
N GLY A 52 1.54 -8.67 4.20
CA GLY A 52 1.74 -8.95 5.59
C GLY A 52 1.90 -7.70 6.42
N PRO A 53 2.63 -7.83 7.50
CA PRO A 53 2.94 -6.72 8.38
C PRO A 53 4.26 -6.05 8.03
N VAL A 54 4.52 -4.96 8.69
CA VAL A 54 5.75 -4.24 8.53
C VAL A 54 6.60 -4.45 9.79
N SER A 55 7.85 -4.82 9.63
CA SER A 55 8.68 -5.01 10.76
C SER A 55 9.53 -3.77 11.00
N VAL A 56 8.90 -2.82 11.63
CA VAL A 56 9.54 -1.61 12.03
C VAL A 56 9.12 -1.31 13.45
N GLY A 57 10.06 -0.85 14.26
CA GLY A 57 9.79 -0.59 15.67
C GLY A 57 8.73 0.46 15.91
N ALA A 58 8.48 1.28 14.91
CA ALA A 58 7.48 2.31 15.00
C ALA A 58 6.06 1.78 14.70
N CYS A 59 5.95 0.55 14.22
CA CYS A 59 4.64 0.00 13.91
C CYS A 59 4.45 -1.38 14.55
N PRO A 60 3.22 -1.70 14.99
CA PRO A 60 2.91 -3.01 15.56
C PRO A 60 2.92 -4.11 14.48
N PRO A 61 3.23 -5.37 14.87
CA PRO A 61 3.25 -6.53 13.94
C PRO A 61 1.87 -6.84 13.33
N ASP A 62 0.84 -6.22 13.86
CA ASP A 62 -0.51 -6.43 13.34
C ASP A 62 -0.78 -5.52 12.16
N SER A 63 0.14 -4.63 11.86
CA SER A 63 -0.07 -3.69 10.80
C SER A 63 1.00 -3.79 9.72
N GLY A 64 0.61 -3.50 8.50
CA GLY A 64 1.51 -3.54 7.38
C GLY A 64 1.89 -2.16 6.91
N ALA A 65 1.16 -1.16 7.37
CA ALA A 65 1.44 0.21 7.02
C ALA A 65 1.16 1.12 8.20
N CYS A 66 2.16 1.86 8.60
CA CYS A 66 2.09 2.79 9.71
C CYS A 66 2.85 4.06 9.42
N GLN A 67 2.27 5.17 9.73
CA GLN A 67 2.96 6.42 9.63
C GLN A 67 3.27 6.93 11.01
N VAL A 68 4.40 7.55 11.15
CA VAL A 68 4.79 8.13 12.39
C VAL A 68 5.36 9.51 12.13
N SER A 69 4.99 10.45 12.94
CA SER A 69 5.53 11.74 12.83
C SER A 69 6.90 11.74 13.46
N ARG A 70 7.90 11.97 12.67
CA ARG A 70 9.26 11.99 13.16
C ARG A 70 9.47 13.23 14.05
N SER A 71 8.54 14.17 13.90
CA SER A 71 8.48 15.35 14.73
C SER A 71 7.79 15.11 16.10
N ASP A 72 6.61 14.46 16.12
CA ASP A 72 5.85 14.32 17.38
C ASP A 72 5.94 12.94 17.98
N ARG A 73 6.31 12.00 17.16
CA ARG A 73 6.45 10.58 17.53
C ARG A 73 5.12 9.91 17.74
N LYS A 74 4.14 10.47 17.08
CA LYS A 74 2.80 9.95 17.02
C LYS A 74 2.74 9.02 15.84
N SER A 75 2.12 7.91 16.00
CA SER A 75 1.98 7.01 14.89
C SER A 75 0.56 6.53 14.77
N TRP A 76 0.15 6.31 13.56
CA TRP A 76 -1.19 5.90 13.27
C TRP A 76 -1.16 4.66 12.39
N ASN A 77 -2.23 3.92 12.41
CA ASN A 77 -2.33 2.68 11.68
C ASN A 77 -3.00 2.96 10.35
N LEU A 78 -2.33 2.61 9.27
CA LEU A 78 -2.81 2.90 7.93
C LEU A 78 -3.24 1.64 7.23
N GLY A 79 -3.33 0.58 7.98
CA GLY A 79 -3.72 -0.65 7.41
C GLY A 79 -3.12 -1.80 8.13
N ARG A 80 -3.96 -2.68 8.63
CA ARG A 80 -3.50 -3.85 9.33
C ARG A 80 -2.89 -4.80 8.29
N SER A 81 -2.23 -5.84 8.73
CA SER A 81 -1.57 -6.78 7.83
C SER A 81 -2.56 -7.40 6.83
N ASN A 82 -2.17 -7.44 5.57
CA ASN A 82 -3.01 -7.94 4.48
C ASN A 82 -2.12 -8.20 3.28
N ALA A 83 -2.60 -8.92 2.29
CA ALA A 83 -1.79 -9.18 1.12
C ALA A 83 -2.65 -9.19 -0.14
N LYS A 84 -3.81 -8.58 -0.08
CA LYS A 84 -4.72 -8.62 -1.21
C LYS A 84 -4.34 -7.58 -2.27
N LEU A 85 -3.80 -8.06 -3.36
CA LEU A 85 -3.49 -7.20 -4.48
C LEU A 85 -4.69 -7.04 -5.39
N SER A 86 -4.90 -5.85 -5.83
CA SER A 86 -5.98 -5.54 -6.69
C SER A 86 -5.45 -5.02 -8.01
N TYR A 87 -6.13 -5.27 -9.05
CA TYR A 87 -5.72 -4.79 -10.31
C TYR A 87 -6.79 -3.83 -10.80
N TYR A 88 -6.40 -2.62 -11.02
CA TYR A 88 -7.24 -1.64 -11.65
C TYR A 88 -6.76 -1.48 -13.04
N ASP A 89 -7.66 -1.33 -13.98
CA ASP A 89 -7.26 -1.17 -15.38
C ASP A 89 -6.21 -0.06 -15.50
N GLY A 90 -5.05 -0.42 -15.98
CA GLY A 90 -3.97 0.51 -16.09
C GLY A 90 -2.77 0.14 -15.23
N MET A 91 -3.01 -0.13 -13.94
CA MET A 91 -1.91 -0.45 -13.00
C MET A 91 -2.38 -1.27 -11.81
N ILE A 92 -1.48 -2.05 -11.26
CA ILE A 92 -1.75 -2.87 -10.11
C ILE A 92 -1.74 -1.98 -8.86
N GLN A 93 -2.67 -2.23 -7.96
CA GLN A 93 -2.81 -1.47 -6.74
C GLN A 93 -3.05 -2.41 -5.54
N LEU A 94 -2.52 -2.08 -4.40
CA LEU A 94 -2.63 -2.97 -3.25
C LEU A 94 -3.39 -2.20 -2.17
N THR A 95 -4.37 -2.86 -1.57
CA THR A 95 -5.21 -2.25 -0.57
C THR A 95 -4.98 -2.92 0.81
N TYR A 96 -4.87 -2.11 1.84
CA TYR A 96 -4.77 -2.61 3.18
C TYR A 96 -6.07 -2.43 3.96
N ARG A 97 -6.08 -2.94 5.18
CA ARG A 97 -7.27 -2.96 6.00
C ARG A 97 -7.60 -1.59 6.59
N ASP A 98 -8.72 -1.56 7.31
CA ASP A 98 -9.31 -0.37 7.96
C ASP A 98 -8.31 0.38 8.85
N GLY A 99 -7.42 -0.36 9.44
CA GLY A 99 -6.37 0.20 10.28
C GLY A 99 -6.92 0.96 11.47
N THR A 100 -6.54 2.20 11.59
CA THR A 100 -7.03 3.06 12.63
C THR A 100 -7.68 4.28 12.00
N PRO A 101 -8.87 4.64 12.42
CA PRO A 101 -9.60 5.75 11.86
C PRO A 101 -9.03 7.10 12.26
N TYR A 102 -9.27 8.11 11.39
CA TYR A 102 -8.78 9.50 11.53
C TYR A 102 -8.79 10.04 12.97
N ASN A 103 -9.93 10.58 13.40
CA ASN A 103 -10.09 11.16 14.74
C ASN A 103 -11.49 11.70 14.92
N ASN A 104 -12.45 11.22 14.14
CA ASN A 104 -13.78 11.75 14.23
C ASN A 104 -14.69 10.74 14.89
N GLU A 105 -15.84 11.21 15.31
CA GLU A 105 -16.83 10.41 16.05
C GLU A 105 -17.33 9.23 15.21
N LYS A 106 -17.42 9.43 13.92
CA LYS A 106 -17.89 8.40 13.02
C LYS A 106 -16.83 7.34 12.80
N ARG A 107 -15.56 7.73 12.95
CA ARG A 107 -14.43 6.85 12.74
C ARG A 107 -14.31 6.42 11.30
N THR A 108 -13.47 7.12 10.60
CA THR A 108 -13.23 6.87 9.22
C THR A 108 -11.90 6.11 9.10
N PRO A 109 -11.92 4.85 8.65
CA PRO A 109 -10.70 4.01 8.58
C PRO A 109 -9.65 4.51 7.61
N ARG A 110 -8.41 4.48 8.05
CA ARG A 110 -7.27 4.82 7.25
C ARG A 110 -6.75 3.57 6.60
N ALA A 111 -6.69 3.57 5.32
CA ALA A 111 -6.20 2.42 4.60
C ALA A 111 -5.14 2.86 3.64
N THR A 112 -4.35 1.94 3.17
CA THR A 112 -3.27 2.25 2.26
C THR A 112 -3.53 1.63 0.89
N LEU A 113 -3.31 2.41 -0.15
CA LEU A 113 -3.45 1.98 -1.50
C LEU A 113 -2.13 2.28 -2.21
N ILE A 114 -1.47 1.28 -2.65
CA ILE A 114 -0.22 1.44 -3.32
C ILE A 114 -0.40 1.28 -4.81
N THR A 115 0.06 2.23 -5.58
CA THR A 115 0.01 2.16 -7.03
C THR A 115 1.35 1.75 -7.56
N PHE A 116 1.37 0.74 -8.36
CA PHE A 116 2.59 0.26 -8.93
C PHE A 116 2.72 0.70 -10.37
N LEU A 117 3.76 1.43 -10.66
CA LEU A 117 3.97 1.96 -11.99
C LEU A 117 5.21 1.34 -12.61
N CYS A 118 5.22 1.27 -13.92
CA CYS A 118 6.34 0.72 -14.67
C CYS A 118 7.46 1.73 -14.81
N ASP A 119 8.58 1.43 -14.21
CA ASP A 119 9.77 2.21 -14.40
C ASP A 119 10.92 1.24 -14.35
N ARG A 120 11.93 1.45 -15.13
CA ARG A 120 12.97 0.47 -15.26
C ARG A 120 13.99 0.51 -14.12
N ASP A 121 14.75 1.57 -14.04
CA ASP A 121 15.82 1.63 -13.07
C ASP A 121 15.31 2.12 -11.74
N ALA A 122 15.31 1.19 -10.81
CA ALA A 122 14.83 1.32 -9.44
C ALA A 122 14.78 -0.09 -8.92
N GLY A 123 14.41 -0.97 -9.85
CA GLY A 123 14.42 -2.38 -9.65
C GLY A 123 13.29 -2.78 -8.81
N VAL A 124 13.58 -2.96 -7.54
CA VAL A 124 12.61 -3.29 -6.56
C VAL A 124 11.62 -2.14 -6.45
N GLY A 125 12.14 -0.94 -6.54
CA GLY A 125 11.35 0.19 -6.49
C GLY A 125 11.14 0.70 -5.11
N PHE A 126 10.82 1.90 -5.06
CA PHE A 126 10.55 2.61 -3.85
C PHE A 126 9.18 3.28 -3.93
N PRO A 127 8.43 3.26 -2.84
CA PRO A 127 7.15 3.96 -2.76
C PRO A 127 7.33 5.43 -2.38
N GLU A 128 6.49 6.26 -2.94
CA GLU A 128 6.46 7.66 -2.63
C GLU A 128 5.05 8.03 -2.19
N TYR A 129 4.93 8.87 -1.19
CA TYR A 129 3.64 9.29 -0.71
C TYR A 129 3.10 10.38 -1.61
N GLN A 130 1.90 10.18 -2.08
CA GLN A 130 1.28 11.13 -2.94
C GLN A 130 0.29 11.97 -2.19
N GLU A 131 -0.85 11.39 -1.92
CA GLU A 131 -1.91 12.11 -1.29
C GLU A 131 -2.93 11.20 -0.67
N GLU A 132 -3.21 11.42 0.57
CA GLU A 132 -4.35 10.84 1.17
C GLU A 132 -5.49 11.78 0.83
N ASP A 133 -6.54 11.26 0.29
CA ASP A 133 -7.64 12.08 -0.17
C ASP A 133 -8.93 11.31 -0.08
N ASN A 134 -8.88 10.13 -0.63
CA ASN A 134 -10.04 9.25 -0.74
C ASN A 134 -10.17 8.33 0.48
N SER A 135 -9.64 8.78 1.63
CA SER A 135 -9.62 8.08 2.95
C SER A 135 -8.64 6.92 2.95
N THR A 136 -8.02 6.75 1.83
CA THR A 136 -7.05 5.77 1.64
C THR A 136 -5.78 6.49 1.16
N TYR A 137 -4.66 6.12 1.71
CA TYR A 137 -3.39 6.72 1.41
C TYR A 137 -2.83 6.13 0.16
N ASN A 138 -2.61 6.94 -0.82
CA ASN A 138 -2.07 6.46 -2.07
C ASN A 138 -0.60 6.74 -2.18
N PHE A 139 0.12 5.68 -2.46
CA PHE A 139 1.54 5.73 -2.66
C PHE A 139 1.88 5.38 -4.08
N ARG A 140 2.86 6.03 -4.60
CA ARG A 140 3.32 5.85 -5.94
C ARG A 140 4.59 5.04 -5.90
N TRP A 141 4.56 3.90 -6.51
CA TRP A 141 5.67 3.00 -6.47
C TRP A 141 6.21 2.78 -7.89
N TYR A 142 7.44 3.16 -8.11
CA TYR A 142 8.06 2.91 -9.39
C TYR A 142 8.81 1.60 -9.31
N THR A 143 8.31 0.56 -9.96
CA THR A 143 8.93 -0.74 -9.88
C THR A 143 8.91 -1.44 -11.23
N SER A 144 9.99 -2.12 -11.53
CA SER A 144 10.10 -2.85 -12.74
C SER A 144 9.18 -4.10 -12.71
N TYR A 145 8.87 -4.57 -11.49
CA TYR A 145 8.07 -5.79 -11.31
C TYR A 145 6.62 -5.62 -11.74
N ALA A 146 6.13 -4.40 -11.70
CA ALA A 146 4.76 -4.14 -12.10
C ALA A 146 4.68 -3.83 -13.57
N CYS A 147 5.76 -4.10 -14.24
CA CYS A 147 5.87 -3.84 -15.63
C CYS A 147 6.18 -5.15 -16.33
N PRO A 148 5.57 -5.41 -17.49
CA PRO A 148 5.84 -6.62 -18.25
C PRO A 148 7.24 -6.58 -18.85
N GLU A 1 -9.89 5.28 -8.34
CA GLU A 1 -9.81 5.38 -6.87
C GLU A 1 -11.12 5.86 -6.26
N ALA A 2 -11.83 6.77 -6.94
CA ALA A 2 -13.09 7.30 -6.42
C ALA A 2 -14.24 6.32 -6.66
N GLU A 3 -14.34 5.33 -5.75
CA GLU A 3 -15.38 4.27 -5.78
C GLU A 3 -15.29 3.39 -7.03
N ALA A 4 -16.00 2.28 -7.02
CA ALA A 4 -16.05 1.36 -8.13
C ALA A 4 -17.11 0.31 -7.90
N GLU A 5 -18.08 0.30 -8.75
CA GLU A 5 -19.11 -0.72 -8.72
C GLU A 5 -18.85 -1.67 -9.85
N PHE A 6 -18.89 -1.16 -11.05
CA PHE A 6 -18.60 -1.95 -12.21
C PHE A 6 -17.34 -1.41 -12.84
N LEU A 7 -16.24 -1.93 -12.41
CA LEU A 7 -14.97 -1.52 -12.89
C LEU A 7 -14.04 -2.68 -12.72
N SER A 8 -13.10 -2.82 -13.60
CA SER A 8 -12.19 -3.93 -13.57
C SER A 8 -11.22 -3.90 -12.38
N ARG A 9 -11.67 -4.50 -11.29
CA ARG A 9 -10.88 -4.70 -10.09
C ARG A 9 -10.77 -6.18 -9.80
N THR A 10 -9.64 -6.62 -9.39
CA THR A 10 -9.50 -7.98 -8.96
C THR A 10 -8.67 -8.00 -7.67
N GLU A 11 -9.05 -8.84 -6.73
CA GLU A 11 -8.37 -8.92 -5.46
C GLU A 11 -7.59 -10.23 -5.37
N GLY A 12 -6.33 -10.13 -5.05
CA GLY A 12 -5.51 -11.28 -4.84
C GLY A 12 -5.54 -11.65 -3.38
N ASP A 13 -5.37 -12.91 -3.07
CA ASP A 13 -5.43 -13.35 -1.68
C ASP A 13 -4.11 -13.14 -0.99
N ASN A 14 -3.07 -13.60 -1.65
CA ASN A 14 -1.73 -13.39 -1.20
C ASN A 14 -1.13 -12.32 -2.07
N CYS A 15 0.17 -12.08 -1.98
CA CYS A 15 0.79 -11.00 -2.70
C CYS A 15 0.95 -11.32 -4.22
N THR A 16 -0.01 -11.98 -4.80
CA THR A 16 -0.03 -12.20 -6.21
C THR A 16 -1.38 -11.76 -6.75
N VAL A 17 -1.42 -11.19 -7.91
CA VAL A 17 -2.65 -10.75 -8.50
C VAL A 17 -2.76 -11.24 -9.95
N PHE A 18 -3.92 -11.66 -10.34
CA PHE A 18 -4.17 -11.96 -11.72
C PHE A 18 -5.46 -11.32 -12.14
N ASP A 19 -5.42 -10.59 -13.21
CA ASP A 19 -6.57 -9.88 -13.65
C ASP A 19 -7.04 -10.44 -14.98
N SER A 20 -8.32 -10.66 -15.08
CA SER A 20 -8.92 -11.15 -16.28
C SER A 20 -8.94 -10.10 -17.41
N GLN A 21 -8.95 -8.81 -17.05
CA GLN A 21 -9.09 -7.76 -18.02
C GLN A 21 -7.83 -7.52 -18.84
N ALA A 22 -6.69 -7.51 -18.21
CA ALA A 22 -5.45 -7.32 -18.91
C ALA A 22 -4.85 -8.65 -19.25
N GLY A 23 -5.27 -9.65 -18.49
CA GLY A 23 -4.79 -10.97 -18.71
C GLY A 23 -3.34 -11.09 -18.34
N PHE A 24 -2.94 -10.41 -17.26
CA PHE A 24 -1.56 -10.49 -16.84
C PHE A 24 -1.44 -10.91 -15.41
N SER A 25 -0.53 -11.79 -15.15
CA SER A 25 -0.33 -12.24 -13.82
C SER A 25 0.83 -11.46 -13.22
N PHE A 26 0.63 -10.91 -12.07
CA PHE A 26 1.63 -10.10 -11.43
C PHE A 26 1.86 -10.57 -10.02
N ASP A 27 3.10 -10.84 -9.71
CA ASP A 27 3.47 -11.28 -8.38
C ASP A 27 4.37 -10.25 -7.75
N LEU A 28 3.89 -9.67 -6.69
CA LEU A 28 4.61 -8.64 -5.99
C LEU A 28 5.24 -9.20 -4.71
N THR A 29 5.29 -10.50 -4.66
CA THR A 29 5.86 -11.24 -3.56
C THR A 29 7.37 -10.89 -3.28
N PRO A 30 8.27 -10.77 -4.33
CA PRO A 30 9.69 -10.40 -4.12
C PRO A 30 9.82 -9.00 -3.52
N LEU A 31 8.78 -8.23 -3.65
CA LEU A 31 8.74 -6.86 -3.22
C LEU A 31 8.54 -6.71 -1.70
N THR A 32 8.24 -7.80 -1.03
CA THR A 32 8.04 -7.78 0.42
C THR A 32 9.39 -7.69 1.17
N LYS A 33 9.48 -6.76 2.10
CA LYS A 33 10.68 -6.58 2.89
C LYS A 33 10.37 -6.53 4.37
N LYS A 34 11.25 -7.10 5.16
CA LYS A 34 11.12 -7.07 6.62
C LYS A 34 11.41 -5.68 7.11
N ASP A 35 12.45 -5.13 6.52
CA ASP A 35 12.95 -3.80 6.85
C ASP A 35 11.98 -2.73 6.41
N ALA A 36 11.10 -3.14 5.51
CA ALA A 36 10.05 -2.29 4.96
C ALA A 36 10.59 -1.16 4.13
N TYR A 37 9.69 -0.39 3.62
CA TYR A 37 10.02 0.74 2.83
C TYR A 37 9.56 1.99 3.56
N LYS A 38 10.48 2.91 3.82
CA LYS A 38 10.10 4.15 4.48
C LYS A 38 10.08 5.29 3.48
N VAL A 39 9.00 6.00 3.47
CA VAL A 39 8.85 7.19 2.69
C VAL A 39 8.95 8.35 3.67
N GLU A 40 9.58 9.42 3.29
CA GLU A 40 9.77 10.52 4.22
C GLU A 40 9.17 11.80 3.71
N THR A 41 8.62 12.57 4.61
CA THR A 41 8.13 13.88 4.31
C THR A 41 8.85 14.80 5.29
N ASP A 42 8.41 16.02 5.45
CA ASP A 42 9.06 16.93 6.40
C ASP A 42 8.99 16.41 7.81
N LYS A 43 7.82 16.00 8.25
CA LYS A 43 7.66 15.59 9.63
C LYS A 43 7.06 14.21 9.80
N TYR A 44 6.65 13.60 8.74
CA TYR A 44 6.06 12.29 8.83
C TYR A 44 6.79 11.30 7.96
N GLU A 45 6.94 10.14 8.43
CA GLU A 45 7.55 9.10 7.68
C GLU A 45 6.57 7.97 7.60
N PHE A 46 6.55 7.32 6.50
CA PHE A 46 5.62 6.27 6.29
C PHE A 46 6.35 4.98 6.05
N HIS A 47 6.06 3.98 6.80
CA HIS A 47 6.62 2.68 6.57
C HIS A 47 5.58 1.79 6.05
N ILE A 48 5.82 1.22 4.91
CA ILE A 48 4.90 0.32 4.33
C ILE A 48 5.65 -0.86 3.81
N ASN A 49 4.98 -1.93 3.70
CA ASN A 49 5.55 -3.13 3.17
C ASN A 49 4.62 -3.67 2.11
N VAL A 50 5.12 -4.49 1.23
CA VAL A 50 4.28 -5.09 0.24
C VAL A 50 3.71 -6.37 0.76
N CYS A 51 2.45 -6.30 1.12
CA CYS A 51 1.65 -7.43 1.54
C CYS A 51 2.03 -7.91 2.96
N GLY A 52 1.05 -8.42 3.66
CA GLY A 52 1.23 -8.85 5.01
C GLY A 52 1.43 -7.67 5.92
N PRO A 53 2.00 -7.90 7.09
CA PRO A 53 2.34 -6.82 8.02
C PRO A 53 3.69 -6.17 7.68
N VAL A 54 3.99 -5.11 8.38
CA VAL A 54 5.25 -4.43 8.27
C VAL A 54 6.03 -4.66 9.56
N SER A 55 7.28 -4.98 9.44
CA SER A 55 8.06 -5.27 10.60
C SER A 55 8.98 -4.10 10.96
N VAL A 56 8.39 -3.08 11.53
CA VAL A 56 9.14 -1.93 12.00
C VAL A 56 8.99 -1.83 13.49
N GLY A 57 10.10 -1.63 14.19
CA GLY A 57 10.06 -1.50 15.65
C GLY A 57 9.53 -0.14 16.12
N ALA A 58 8.68 0.45 15.32
CA ALA A 58 8.04 1.71 15.61
C ALA A 58 6.59 1.63 15.18
N CYS A 59 6.20 0.44 14.78
CA CYS A 59 4.87 0.17 14.29
C CYS A 59 4.35 -1.11 14.92
N PRO A 60 3.03 -1.31 14.95
CA PRO A 60 2.45 -2.54 15.47
C PRO A 60 2.51 -3.66 14.40
N PRO A 61 2.69 -4.94 14.84
CA PRO A 61 2.75 -6.10 13.92
C PRO A 61 1.42 -6.31 13.19
N ASP A 62 0.38 -5.62 13.66
CA ASP A 62 -0.95 -5.69 13.06
C ASP A 62 -1.13 -4.72 11.93
N SER A 63 -0.09 -4.03 11.56
CA SER A 63 -0.18 -3.12 10.47
C SER A 63 0.80 -3.49 9.39
N GLY A 64 0.39 -3.34 8.15
CA GLY A 64 1.27 -3.56 7.03
C GLY A 64 1.75 -2.23 6.49
N ALA A 65 1.07 -1.18 6.91
CA ALA A 65 1.42 0.18 6.56
C ALA A 65 1.21 1.02 7.78
N CYS A 66 2.22 1.70 8.18
CA CYS A 66 2.20 2.47 9.39
C CYS A 66 2.90 3.81 9.19
N GLN A 67 2.29 4.84 9.67
CA GLN A 67 2.91 6.13 9.62
C GLN A 67 3.36 6.54 10.97
N VAL A 68 4.46 7.22 11.01
CA VAL A 68 4.98 7.72 12.23
C VAL A 68 5.45 9.15 12.07
N SER A 69 4.99 9.95 12.96
CA SER A 69 5.35 11.32 13.03
C SER A 69 6.76 11.37 13.57
N ARG A 70 7.70 11.71 12.72
CA ARG A 70 9.09 11.79 13.13
C ARG A 70 9.27 12.97 14.06
N SER A 71 8.35 13.90 13.95
CA SER A 71 8.34 15.08 14.74
C SER A 71 7.75 14.83 16.15
N ASP A 72 6.59 14.17 16.24
CA ASP A 72 5.93 13.98 17.57
C ASP A 72 6.08 12.55 18.15
N ARG A 73 6.65 11.64 17.36
CA ARG A 73 6.96 10.24 17.73
C ARG A 73 5.66 9.37 17.81
N LYS A 74 4.61 9.83 17.21
CA LYS A 74 3.33 9.12 17.18
C LYS A 74 3.24 8.25 15.94
N SER A 75 2.74 7.04 16.06
CA SER A 75 2.52 6.23 14.88
C SER A 75 1.06 5.83 14.77
N TRP A 76 0.57 5.73 13.56
CA TRP A 76 -0.79 5.38 13.30
C TRP A 76 -0.87 4.22 12.33
N ASN A 77 -1.98 3.53 12.35
CA ASN A 77 -2.20 2.34 11.54
C ASN A 77 -2.93 2.75 10.27
N LEU A 78 -2.30 2.53 9.13
CA LEU A 78 -2.88 2.94 7.86
C LEU A 78 -3.37 1.72 7.09
N GLY A 79 -3.41 0.63 7.76
CA GLY A 79 -3.85 -0.58 7.16
C GLY A 79 -3.32 -1.75 7.88
N ARG A 80 -4.22 -2.62 8.30
CA ARG A 80 -3.83 -3.79 9.04
C ARG A 80 -3.15 -4.76 8.09
N SER A 81 -2.51 -5.77 8.65
CA SER A 81 -1.73 -6.73 7.88
C SER A 81 -2.60 -7.35 6.79
N ASN A 82 -2.26 -7.11 5.57
CA ASN A 82 -3.09 -7.50 4.46
C ASN A 82 -2.25 -7.77 3.24
N ALA A 83 -2.59 -8.81 2.52
CA ALA A 83 -1.80 -9.23 1.38
C ALA A 83 -2.60 -9.12 0.12
N LYS A 84 -3.73 -8.49 0.21
CA LYS A 84 -4.64 -8.40 -0.90
C LYS A 84 -4.15 -7.40 -1.93
N LEU A 85 -3.65 -7.90 -3.03
CA LEU A 85 -3.30 -7.06 -4.14
C LEU A 85 -4.53 -6.81 -4.95
N SER A 86 -4.57 -5.75 -5.62
CA SER A 86 -5.66 -5.46 -6.47
C SER A 86 -5.15 -5.05 -7.83
N TYR A 87 -5.88 -5.39 -8.83
CA TYR A 87 -5.50 -4.94 -10.12
C TYR A 87 -6.58 -4.00 -10.51
N TYR A 88 -6.20 -2.81 -10.76
CA TYR A 88 -7.09 -1.78 -11.12
C TYR A 88 -6.93 -1.60 -12.59
N ASP A 89 -8.01 -1.36 -13.32
CA ASP A 89 -7.91 -1.22 -14.77
C ASP A 89 -6.81 -0.21 -15.12
N GLY A 90 -5.80 -0.69 -15.84
CA GLY A 90 -4.68 0.14 -16.21
C GLY A 90 -3.40 -0.13 -15.41
N MET A 91 -3.52 -0.36 -14.09
CA MET A 91 -2.32 -0.49 -13.22
C MET A 91 -2.61 -1.28 -11.95
N ILE A 92 -1.58 -1.80 -11.34
CA ILE A 92 -1.74 -2.60 -10.16
C ILE A 92 -1.80 -1.67 -8.95
N GLN A 93 -2.67 -1.96 -8.02
CA GLN A 93 -2.76 -1.21 -6.77
C GLN A 93 -2.89 -2.16 -5.61
N LEU A 94 -2.36 -1.79 -4.50
CA LEU A 94 -2.45 -2.61 -3.32
C LEU A 94 -3.20 -1.83 -2.30
N THR A 95 -4.25 -2.38 -1.79
CA THR A 95 -5.03 -1.73 -0.79
C THR A 95 -4.85 -2.44 0.52
N TYR A 96 -4.68 -1.68 1.55
CA TYR A 96 -4.68 -2.23 2.86
C TYR A 96 -6.03 -2.04 3.50
N ARG A 97 -6.15 -2.52 4.72
CA ARG A 97 -7.40 -2.51 5.43
C ARG A 97 -7.60 -1.27 6.27
N ASP A 98 -8.74 -1.24 6.94
CA ASP A 98 -9.26 -0.11 7.73
C ASP A 98 -8.26 0.46 8.73
N GLY A 99 -7.46 -0.41 9.32
CA GLY A 99 -6.42 0.00 10.24
C GLY A 99 -6.93 0.82 11.38
N THR A 100 -6.48 2.03 11.45
CA THR A 100 -6.90 2.94 12.43
C THR A 100 -7.57 4.17 11.77
N PRO A 101 -8.83 4.44 12.12
CA PRO A 101 -9.59 5.56 11.58
C PRO A 101 -8.96 6.90 11.95
N TYR A 102 -9.22 7.92 11.12
CA TYR A 102 -8.67 9.29 11.29
C TYR A 102 -8.62 9.73 12.74
N ASN A 103 -9.76 10.18 13.25
CA ASN A 103 -9.91 10.65 14.65
C ASN A 103 -11.28 11.28 14.85
N ASN A 104 -12.17 11.05 13.90
CA ASN A 104 -13.45 11.72 13.89
C ASN A 104 -14.47 10.90 14.64
N GLU A 105 -15.58 11.53 14.98
CA GLU A 105 -16.66 10.93 15.76
C GLU A 105 -17.27 9.75 14.97
N LYS A 106 -17.26 9.89 13.67
CA LYS A 106 -17.81 8.90 12.77
C LYS A 106 -16.86 7.70 12.68
N ARG A 107 -15.56 7.95 12.91
CA ARG A 107 -14.53 6.92 12.79
C ARG A 107 -14.44 6.44 11.36
N THR A 108 -13.71 7.18 10.58
CA THR A 108 -13.48 6.83 9.22
C THR A 108 -12.14 6.12 9.10
N PRO A 109 -12.15 4.81 8.79
CA PRO A 109 -10.94 4.01 8.67
C PRO A 109 -10.02 4.52 7.59
N ARG A 110 -8.75 4.46 7.86
CA ARG A 110 -7.77 4.90 6.93
C ARG A 110 -7.15 3.74 6.23
N ALA A 111 -7.05 3.85 4.94
CA ALA A 111 -6.55 2.76 4.15
C ALA A 111 -5.43 3.24 3.28
N THR A 112 -4.72 2.32 2.71
CA THR A 112 -3.57 2.64 1.92
C THR A 112 -3.68 2.01 0.55
N LEU A 113 -3.52 2.82 -0.47
CA LEU A 113 -3.52 2.39 -1.85
C LEU A 113 -2.17 2.66 -2.44
N ILE A 114 -1.52 1.62 -2.81
CA ILE A 114 -0.23 1.73 -3.41
C ILE A 114 -0.40 1.56 -4.90
N THR A 115 0.01 2.54 -5.63
CA THR A 115 -0.17 2.60 -7.05
C THR A 115 1.14 2.22 -7.75
N PHE A 116 1.09 1.18 -8.52
CA PHE A 116 2.27 0.64 -9.17
C PHE A 116 2.39 1.08 -10.62
N LEU A 117 3.50 1.70 -10.92
CA LEU A 117 3.81 2.13 -12.26
C LEU A 117 5.01 1.35 -12.73
N CYS A 118 5.15 1.18 -14.02
CA CYS A 118 6.25 0.41 -14.56
C CYS A 118 7.47 1.27 -14.85
N ASP A 119 8.57 0.98 -14.17
CA ASP A 119 9.86 1.62 -14.42
C ASP A 119 10.97 0.63 -14.28
N ARG A 120 11.99 0.77 -15.10
CA ARG A 120 13.12 -0.16 -15.08
C ARG A 120 14.16 0.37 -14.06
N ASP A 121 13.84 1.48 -13.43
CA ASP A 121 14.72 2.11 -12.47
C ASP A 121 14.51 1.47 -11.13
N ALA A 122 15.63 1.13 -10.49
CA ALA A 122 15.67 0.48 -9.16
C ALA A 122 15.30 -1.00 -9.24
N GLY A 123 14.34 -1.32 -10.09
CA GLY A 123 13.92 -2.68 -10.27
C GLY A 123 12.87 -3.04 -9.29
N VAL A 124 13.28 -3.15 -8.04
CA VAL A 124 12.38 -3.45 -6.96
C VAL A 124 11.41 -2.26 -6.77
N GLY A 125 11.96 -1.09 -6.80
CA GLY A 125 11.17 0.08 -6.69
C GLY A 125 11.00 0.52 -5.27
N PHE A 126 11.01 1.79 -5.09
CA PHE A 126 10.78 2.40 -3.81
C PHE A 126 9.55 3.28 -3.88
N PRO A 127 8.70 3.24 -2.86
CA PRO A 127 7.45 3.99 -2.82
C PRO A 127 7.64 5.50 -2.59
N GLU A 128 6.70 6.23 -3.12
CA GLU A 128 6.60 7.66 -3.04
C GLU A 128 5.29 7.98 -2.36
N TYR A 129 5.24 9.05 -1.64
CA TYR A 129 4.00 9.45 -1.01
C TYR A 129 3.41 10.62 -1.72
N GLN A 130 2.23 10.44 -2.24
CA GLN A 130 1.58 11.50 -2.92
C GLN A 130 0.79 12.31 -1.91
N GLU A 131 -0.42 11.87 -1.58
CA GLU A 131 -1.19 12.54 -0.57
C GLU A 131 -2.44 11.76 -0.26
N GLU A 132 -2.77 11.74 0.98
CA GLU A 132 -4.00 11.21 1.46
C GLU A 132 -5.02 12.33 1.35
N ASP A 133 -6.16 12.03 0.84
CA ASP A 133 -7.20 13.03 0.68
C ASP A 133 -8.51 12.34 0.38
N ASN A 134 -8.41 11.24 -0.34
CA ASN A 134 -9.56 10.48 -0.78
C ASN A 134 -9.96 9.38 0.21
N SER A 135 -9.61 9.57 1.51
CA SER A 135 -9.92 8.62 2.61
C SER A 135 -8.89 7.48 2.62
N THR A 136 -7.95 7.59 1.73
CA THR A 136 -6.95 6.62 1.52
C THR A 136 -5.60 7.29 1.21
N TYR A 137 -4.54 6.72 1.74
CA TYR A 137 -3.19 7.18 1.49
C TYR A 137 -2.69 6.55 0.22
N ASN A 138 -2.34 7.36 -0.74
CA ASN A 138 -1.82 6.83 -1.99
C ASN A 138 -0.33 6.95 -2.07
N PHE A 139 0.29 5.85 -2.33
CA PHE A 139 1.69 5.77 -2.52
C PHE A 139 1.97 5.37 -3.92
N ARG A 140 2.95 5.95 -4.48
CA ARG A 140 3.31 5.70 -5.83
C ARG A 140 4.54 4.82 -5.86
N TRP A 141 4.46 3.73 -6.56
CA TRP A 141 5.56 2.80 -6.60
C TRP A 141 6.02 2.65 -8.05
N TYR A 142 7.29 2.88 -8.29
CA TYR A 142 7.83 2.68 -9.61
C TYR A 142 8.57 1.35 -9.61
N THR A 143 8.02 0.34 -10.24
CA THR A 143 8.62 -0.99 -10.18
C THR A 143 8.68 -1.66 -11.54
N SER A 144 9.75 -2.39 -11.78
CA SER A 144 9.91 -3.15 -12.99
C SER A 144 8.90 -4.30 -13.05
N TYR A 145 8.42 -4.72 -11.86
CA TYR A 145 7.46 -5.80 -11.74
C TYR A 145 6.08 -5.38 -12.20
N ALA A 146 5.88 -4.08 -12.42
CA ALA A 146 4.59 -3.58 -12.89
C ALA A 146 4.48 -3.75 -14.40
N CYS A 147 5.54 -4.26 -15.00
CA CYS A 147 5.50 -4.61 -16.39
C CYS A 147 5.50 -6.12 -16.52
N PRO A 148 4.82 -6.67 -17.54
CA PRO A 148 4.81 -8.09 -17.77
C PRO A 148 5.98 -8.50 -18.64
N GLU A 1 -23.11 2.10 -1.24
CA GLU A 1 -23.53 1.69 -2.57
C GLU A 1 -22.33 1.30 -3.42
N ALA A 2 -21.43 2.27 -3.63
CA ALA A 2 -20.25 2.10 -4.47
C ALA A 2 -20.64 1.76 -5.90
N GLU A 3 -20.98 2.78 -6.62
CA GLU A 3 -21.41 2.65 -7.99
C GLU A 3 -20.39 3.31 -8.90
N ALA A 4 -20.38 2.88 -10.18
CA ALA A 4 -19.44 3.32 -11.22
C ALA A 4 -18.09 2.67 -11.01
N GLU A 5 -17.47 2.28 -12.12
CA GLU A 5 -16.18 1.59 -12.11
C GLU A 5 -16.36 0.16 -11.52
N PHE A 6 -15.27 -0.57 -11.34
CA PHE A 6 -15.23 -1.92 -10.84
C PHE A 6 -15.65 -2.93 -11.90
N LEU A 7 -14.76 -3.09 -12.84
CA LEU A 7 -14.84 -4.06 -13.92
C LEU A 7 -13.42 -4.25 -14.36
N SER A 8 -12.73 -3.13 -14.51
CA SER A 8 -11.33 -3.09 -14.83
C SER A 8 -10.51 -3.21 -13.53
N ARG A 9 -11.17 -3.58 -12.45
CA ARG A 9 -10.54 -3.80 -11.17
C ARG A 9 -10.74 -5.23 -10.77
N THR A 10 -9.66 -5.92 -10.64
CA THR A 10 -9.66 -7.29 -10.29
C THR A 10 -9.03 -7.42 -8.89
N GLU A 11 -9.65 -8.17 -8.01
CA GLU A 11 -9.15 -8.26 -6.64
C GLU A 11 -8.43 -9.61 -6.44
N GLY A 12 -7.32 -9.59 -5.73
CA GLY A 12 -6.56 -10.79 -5.44
C GLY A 12 -6.65 -11.18 -3.98
N ASP A 13 -5.70 -12.00 -3.51
CA ASP A 13 -5.69 -12.44 -2.11
C ASP A 13 -4.33 -12.35 -1.50
N ASN A 14 -3.35 -12.82 -2.22
CA ASN A 14 -1.98 -12.86 -1.73
C ASN A 14 -1.18 -11.75 -2.36
N CYS A 15 0.12 -11.78 -2.14
CA CYS A 15 1.07 -10.81 -2.67
C CYS A 15 1.24 -10.97 -4.20
N THR A 16 0.37 -11.73 -4.79
CA THR A 16 0.35 -11.97 -6.18
C THR A 16 -1.00 -11.54 -6.68
N VAL A 17 -1.06 -11.04 -7.87
CA VAL A 17 -2.31 -10.68 -8.41
C VAL A 17 -2.49 -11.29 -9.77
N PHE A 18 -3.55 -11.98 -9.94
CA PHE A 18 -3.89 -12.49 -11.21
C PHE A 18 -5.20 -11.91 -11.61
N ASP A 19 -5.21 -11.33 -12.77
CA ASP A 19 -6.37 -10.71 -13.23
C ASP A 19 -6.93 -11.41 -14.43
N SER A 20 -8.22 -11.56 -14.43
CA SER A 20 -8.91 -12.16 -15.52
C SER A 20 -8.95 -11.28 -16.78
N GLN A 21 -8.80 -9.96 -16.62
CA GLN A 21 -8.94 -9.05 -17.75
C GLN A 21 -7.69 -9.02 -18.64
N ALA A 22 -6.53 -8.95 -18.04
CA ALA A 22 -5.30 -8.95 -18.79
C ALA A 22 -4.84 -10.36 -18.91
N GLY A 23 -5.32 -11.18 -18.00
CA GLY A 23 -4.97 -12.54 -17.97
C GLY A 23 -3.50 -12.71 -17.68
N PHE A 24 -2.96 -11.88 -16.79
CA PHE A 24 -1.56 -12.01 -16.50
C PHE A 24 -1.34 -12.00 -15.01
N SER A 25 -0.54 -12.89 -14.55
CA SER A 25 -0.30 -12.98 -13.16
C SER A 25 0.95 -12.20 -12.78
N PHE A 26 0.82 -11.36 -11.80
CA PHE A 26 1.89 -10.51 -11.33
C PHE A 26 2.29 -10.88 -9.91
N ASP A 27 3.53 -11.22 -9.72
CA ASP A 27 4.07 -11.54 -8.42
C ASP A 27 4.83 -10.32 -7.94
N LEU A 28 4.32 -9.69 -6.90
CA LEU A 28 4.96 -8.50 -6.34
C LEU A 28 5.57 -8.87 -5.02
N THR A 29 5.64 -10.13 -4.81
CA THR A 29 6.14 -10.77 -3.68
C THR A 29 7.65 -10.40 -3.39
N PRO A 30 8.56 -10.32 -4.45
CA PRO A 30 9.96 -9.88 -4.23
C PRO A 30 10.05 -8.46 -3.68
N LEU A 31 8.98 -7.71 -3.87
CA LEU A 31 8.90 -6.34 -3.41
C LEU A 31 8.68 -6.27 -1.90
N THR A 32 8.30 -7.38 -1.32
CA THR A 32 8.07 -7.48 0.10
C THR A 32 9.40 -7.52 0.86
N LYS A 33 9.55 -6.63 1.82
CA LYS A 33 10.73 -6.54 2.65
C LYS A 33 10.32 -6.65 4.11
N LYS A 34 11.16 -7.26 4.92
CA LYS A 34 10.84 -7.37 6.34
C LYS A 34 11.00 -6.00 6.97
N ASP A 35 12.08 -5.33 6.58
CA ASP A 35 12.45 -4.02 7.11
C ASP A 35 11.55 -2.97 6.48
N ALA A 36 10.97 -3.35 5.34
CA ALA A 36 9.99 -2.59 4.61
C ALA A 36 10.56 -1.32 3.99
N TYR A 37 9.68 -0.50 3.45
CA TYR A 37 10.04 0.72 2.78
C TYR A 37 9.60 1.90 3.60
N LYS A 38 10.43 2.90 3.69
CA LYS A 38 10.07 4.09 4.39
C LYS A 38 10.06 5.27 3.44
N VAL A 39 8.96 5.94 3.42
CA VAL A 39 8.83 7.16 2.67
C VAL A 39 8.91 8.28 3.67
N GLU A 40 9.59 9.33 3.35
CA GLU A 40 9.78 10.40 4.29
C GLU A 40 9.10 11.66 3.81
N THR A 41 8.61 12.43 4.74
CA THR A 41 8.10 13.73 4.45
C THR A 41 8.85 14.69 5.37
N ASP A 42 8.33 15.89 5.57
CA ASP A 42 9.02 16.84 6.43
C ASP A 42 9.03 16.37 7.88
N LYS A 43 7.89 15.91 8.37
CA LYS A 43 7.79 15.50 9.77
C LYS A 43 7.24 14.11 9.97
N TYR A 44 6.92 13.44 8.93
CA TYR A 44 6.37 12.12 9.04
C TYR A 44 7.12 11.16 8.18
N GLU A 45 6.95 9.92 8.46
CA GLU A 45 7.46 8.89 7.63
C GLU A 45 6.34 7.93 7.46
N PHE A 46 6.31 7.29 6.38
CA PHE A 46 5.37 6.27 6.18
C PHE A 46 6.15 5.03 5.95
N HIS A 47 5.94 4.06 6.75
CA HIS A 47 6.62 2.84 6.57
C HIS A 47 5.61 1.84 6.10
N ILE A 48 5.87 1.25 4.97
CA ILE A 48 4.92 0.36 4.37
C ILE A 48 5.65 -0.81 3.79
N ASN A 49 4.96 -1.87 3.66
CA ASN A 49 5.51 -3.06 3.05
C ASN A 49 4.51 -3.59 2.04
N VAL A 50 4.99 -4.34 1.08
CA VAL A 50 4.12 -4.98 0.14
C VAL A 50 3.56 -6.21 0.76
N CYS A 51 2.28 -6.16 1.02
CA CYS A 51 1.44 -7.23 1.54
C CYS A 51 1.80 -7.65 2.97
N GLY A 52 0.78 -8.04 3.69
CA GLY A 52 0.96 -8.55 5.02
C GLY A 52 1.27 -7.45 5.98
N PRO A 53 1.93 -7.78 7.07
CA PRO A 53 2.40 -6.79 8.03
C PRO A 53 3.72 -6.15 7.63
N VAL A 54 4.01 -5.06 8.30
CA VAL A 54 5.24 -4.36 8.15
C VAL A 54 6.05 -4.61 9.44
N SER A 55 7.30 -4.95 9.31
CA SER A 55 8.07 -5.23 10.48
C SER A 55 8.94 -4.04 10.84
N VAL A 56 8.34 -3.05 11.44
CA VAL A 56 9.05 -1.86 11.87
C VAL A 56 9.01 -1.75 13.37
N GLY A 57 10.12 -1.40 13.97
CA GLY A 57 10.19 -1.25 15.41
C GLY A 57 9.65 0.08 15.89
N ALA A 58 8.60 0.54 15.24
CA ALA A 58 7.95 1.78 15.61
C ALA A 58 6.43 1.62 15.55
N CYS A 59 5.98 0.48 15.08
CA CYS A 59 4.56 0.23 14.95
C CYS A 59 4.28 -1.25 15.20
N PRO A 60 3.03 -1.62 15.58
CA PRO A 60 2.67 -3.00 15.86
C PRO A 60 2.62 -3.89 14.61
N PRO A 61 2.94 -5.20 14.76
CA PRO A 61 2.89 -6.20 13.66
C PRO A 61 1.49 -6.33 13.02
N ASP A 62 0.47 -5.74 13.65
CA ASP A 62 -0.91 -5.75 13.12
C ASP A 62 -1.04 -4.92 11.87
N SER A 63 -0.09 -4.07 11.64
CA SER A 63 -0.19 -3.18 10.52
C SER A 63 0.81 -3.54 9.44
N GLY A 64 0.39 -3.37 8.21
CA GLY A 64 1.25 -3.59 7.06
C GLY A 64 1.75 -2.29 6.51
N ALA A 65 1.19 -1.22 7.03
CA ALA A 65 1.56 0.12 6.72
C ALA A 65 1.34 0.95 7.96
N CYS A 66 2.35 1.62 8.41
CA CYS A 66 2.28 2.37 9.63
C CYS A 66 3.00 3.70 9.50
N GLN A 67 2.39 4.75 9.96
CA GLN A 67 3.06 6.03 9.96
C GLN A 67 3.45 6.41 11.35
N VAL A 68 4.56 7.06 11.46
CA VAL A 68 5.03 7.57 12.70
C VAL A 68 5.55 8.97 12.45
N SER A 69 5.21 9.87 13.32
CA SER A 69 5.66 11.20 13.21
C SER A 69 7.08 11.29 13.72
N ARG A 70 8.01 11.66 12.87
CA ARG A 70 9.40 11.80 13.27
C ARG A 70 9.53 13.02 14.18
N SER A 71 8.52 13.84 14.13
CA SER A 71 8.42 15.04 14.85
C SER A 71 7.97 14.83 16.32
N ASP A 72 6.89 14.09 16.54
CA ASP A 72 6.41 13.87 17.92
C ASP A 72 6.69 12.44 18.41
N ARG A 73 6.88 11.56 17.47
CA ARG A 73 7.06 10.10 17.69
C ARG A 73 5.79 9.37 18.10
N LYS A 74 4.69 9.72 17.43
CA LYS A 74 3.45 8.99 17.54
C LYS A 74 3.25 8.15 16.32
N SER A 75 2.65 6.99 16.44
CA SER A 75 2.40 6.19 15.28
C SER A 75 0.92 5.84 15.12
N TRP A 76 0.51 5.69 13.89
CA TRP A 76 -0.85 5.40 13.55
C TRP A 76 -0.89 4.23 12.58
N ASN A 77 -2.01 3.57 12.52
CA ASN A 77 -2.18 2.37 11.71
C ASN A 77 -2.78 2.78 10.38
N LEU A 78 -2.11 2.43 9.30
CA LEU A 78 -2.54 2.80 7.96
C LEU A 78 -3.05 1.59 7.21
N GLY A 79 -3.40 0.58 7.93
CA GLY A 79 -3.92 -0.59 7.32
C GLY A 79 -3.39 -1.81 7.97
N ARG A 80 -4.29 -2.65 8.43
CA ARG A 80 -3.88 -3.83 9.08
C ARG A 80 -3.39 -4.84 8.06
N SER A 81 -2.70 -5.86 8.53
CA SER A 81 -2.04 -6.83 7.66
C SER A 81 -3.01 -7.46 6.66
N ASN A 82 -2.74 -7.21 5.40
CA ASN A 82 -3.57 -7.62 4.32
C ASN A 82 -2.73 -7.68 3.06
N ALA A 83 -3.07 -8.55 2.15
CA ALA A 83 -2.27 -8.75 0.96
C ALA A 83 -3.10 -8.63 -0.30
N LYS A 84 -4.28 -8.06 -0.18
CA LYS A 84 -5.18 -7.99 -1.33
C LYS A 84 -4.66 -7.02 -2.38
N LEU A 85 -4.08 -7.57 -3.42
CA LEU A 85 -3.66 -6.78 -4.54
C LEU A 85 -4.81 -6.58 -5.48
N SER A 86 -5.00 -5.39 -5.85
CA SER A 86 -6.05 -5.00 -6.70
C SER A 86 -5.44 -4.68 -8.05
N TYR A 87 -6.02 -5.11 -9.09
CA TYR A 87 -5.48 -4.86 -10.37
C TYR A 87 -6.43 -3.95 -11.07
N TYR A 88 -5.94 -2.82 -11.44
CA TYR A 88 -6.70 -1.87 -12.18
C TYR A 88 -6.12 -1.89 -13.56
N ASP A 89 -6.95 -1.79 -14.57
CA ASP A 89 -6.45 -1.83 -15.94
C ASP A 89 -5.26 -0.88 -16.13
N GLY A 90 -4.13 -1.46 -16.48
CA GLY A 90 -2.92 -0.69 -16.70
C GLY A 90 -1.99 -0.63 -15.48
N MET A 91 -2.51 -0.82 -14.27
CA MET A 91 -1.66 -0.67 -13.07
C MET A 91 -2.19 -1.45 -11.88
N ILE A 92 -1.28 -2.04 -11.16
CA ILE A 92 -1.62 -2.82 -10.00
C ILE A 92 -1.64 -1.90 -8.78
N GLN A 93 -2.59 -2.10 -7.92
CA GLN A 93 -2.71 -1.35 -6.70
C GLN A 93 -2.80 -2.31 -5.51
N LEU A 94 -2.42 -1.88 -4.36
CA LEU A 94 -2.49 -2.73 -3.19
C LEU A 94 -3.41 -2.04 -2.21
N THR A 95 -4.43 -2.74 -1.79
CA THR A 95 -5.39 -2.20 -0.86
C THR A 95 -5.13 -2.75 0.54
N TYR A 96 -5.06 -1.90 1.53
CA TYR A 96 -4.98 -2.33 2.92
C TYR A 96 -6.29 -2.14 3.65
N ARG A 97 -6.33 -2.55 4.90
CA ARG A 97 -7.55 -2.54 5.67
C ARG A 97 -7.71 -1.30 6.50
N ASP A 98 -8.81 -1.26 7.22
CA ASP A 98 -9.27 -0.13 8.03
C ASP A 98 -8.19 0.42 9.00
N GLY A 99 -7.41 -0.48 9.57
CA GLY A 99 -6.35 -0.09 10.48
C GLY A 99 -6.87 0.66 11.70
N THR A 100 -6.58 1.94 11.74
CA THR A 100 -7.04 2.81 12.80
C THR A 100 -7.57 4.11 12.16
N PRO A 101 -8.72 4.64 12.61
CA PRO A 101 -9.29 5.84 12.03
C PRO A 101 -8.53 7.10 12.42
N TYR A 102 -8.63 8.11 11.55
CA TYR A 102 -7.93 9.41 11.71
C TYR A 102 -8.16 10.06 13.08
N ASN A 103 -9.22 10.84 13.18
CA ASN A 103 -9.56 11.59 14.41
C ASN A 103 -10.81 12.42 14.19
N ASN A 104 -11.64 11.98 13.27
CA ASN A 104 -12.83 12.70 12.91
C ASN A 104 -14.03 12.07 13.55
N GLU A 105 -15.14 12.77 13.54
CA GLU A 105 -16.37 12.31 14.17
C GLU A 105 -16.90 11.04 13.50
N LYS A 106 -16.66 10.92 12.21
CA LYS A 106 -17.10 9.76 11.47
C LYS A 106 -16.23 8.54 11.74
N ARG A 107 -15.00 8.77 12.29
CA ARG A 107 -14.04 7.68 12.51
C ARG A 107 -13.68 7.05 11.16
N THR A 108 -12.96 7.79 10.35
CA THR A 108 -12.58 7.31 9.06
C THR A 108 -11.31 6.48 9.16
N PRO A 109 -11.33 5.23 8.70
CA PRO A 109 -10.18 4.34 8.76
C PRO A 109 -9.02 4.79 7.87
N ARG A 110 -7.84 4.92 8.46
CA ARG A 110 -6.65 5.21 7.70
C ARG A 110 -6.22 3.97 6.98
N ALA A 111 -6.27 3.99 5.67
CA ALA A 111 -5.88 2.83 4.91
C ALA A 111 -4.88 3.23 3.88
N THR A 112 -4.18 2.29 3.36
CA THR A 112 -3.16 2.54 2.37
C THR A 112 -3.52 1.89 1.05
N LEU A 113 -3.35 2.64 -0.01
CA LEU A 113 -3.56 2.17 -1.33
C LEU A 113 -2.27 2.48 -2.09
N ILE A 114 -1.60 1.47 -2.51
CA ILE A 114 -0.35 1.66 -3.21
C ILE A 114 -0.59 1.46 -4.69
N THR A 115 -0.30 2.45 -5.47
CA THR A 115 -0.50 2.40 -6.90
C THR A 115 0.85 2.16 -7.58
N PHE A 116 0.95 1.09 -8.32
CA PHE A 116 2.18 0.68 -8.96
C PHE A 116 2.23 1.10 -10.41
N LEU A 117 3.31 1.76 -10.77
CA LEU A 117 3.56 2.18 -12.14
C LEU A 117 4.76 1.43 -12.63
N CYS A 118 4.82 1.21 -13.91
CA CYS A 118 5.93 0.51 -14.50
C CYS A 118 7.09 1.46 -14.72
N ASP A 119 8.17 1.27 -13.99
CA ASP A 119 9.34 2.10 -14.14
C ASP A 119 10.56 1.25 -13.91
N ARG A 120 11.61 1.45 -14.65
CA ARG A 120 12.78 0.57 -14.57
C ARG A 120 13.80 1.06 -13.52
N ASP A 121 13.49 2.14 -12.83
CA ASP A 121 14.43 2.70 -11.86
C ASP A 121 14.29 1.99 -10.54
N ALA A 122 15.44 1.59 -9.99
CA ALA A 122 15.55 0.84 -8.73
C ALA A 122 15.20 -0.63 -8.91
N GLY A 123 14.43 -0.95 -9.93
CA GLY A 123 14.09 -2.31 -10.24
C GLY A 123 12.93 -2.79 -9.42
N VAL A 124 13.18 -3.01 -8.14
CA VAL A 124 12.16 -3.45 -7.20
C VAL A 124 11.15 -2.32 -7.03
N GLY A 125 11.67 -1.12 -6.98
CA GLY A 125 10.86 0.02 -6.92
C GLY A 125 10.72 0.56 -5.54
N PHE A 126 10.55 1.81 -5.49
CA PHE A 126 10.33 2.52 -4.27
C PHE A 126 9.00 3.28 -4.34
N PRO A 127 8.24 3.32 -3.25
CA PRO A 127 7.01 4.08 -3.18
C PRO A 127 7.26 5.57 -2.86
N GLU A 128 6.45 6.41 -3.45
CA GLU A 128 6.48 7.84 -3.22
C GLU A 128 5.13 8.24 -2.65
N TYR A 129 5.13 9.06 -1.62
CA TYR A 129 3.87 9.48 -1.03
C TYR A 129 3.25 10.60 -1.83
N GLN A 130 2.09 10.33 -2.40
CA GLN A 130 1.41 11.31 -3.19
C GLN A 130 0.50 12.15 -2.33
N GLU A 131 -0.64 11.63 -1.95
CA GLU A 131 -1.56 12.38 -1.15
C GLU A 131 -2.60 11.51 -0.50
N GLU A 132 -2.77 11.68 0.77
CA GLU A 132 -3.95 11.22 1.39
C GLU A 132 -4.93 12.33 1.21
N ASP A 133 -6.05 12.03 0.70
CA ASP A 133 -7.07 13.01 0.45
C ASP A 133 -8.36 12.29 0.21
N ASN A 134 -8.23 11.17 -0.43
CA ASN A 134 -9.33 10.26 -0.75
C ASN A 134 -9.60 9.24 0.39
N SER A 135 -9.26 9.63 1.65
CA SER A 135 -9.50 8.84 2.90
C SER A 135 -8.59 7.61 3.03
N THR A 136 -7.76 7.44 2.06
CA THR A 136 -6.86 6.37 1.97
C THR A 136 -5.54 6.99 1.50
N TYR A 137 -4.44 6.55 2.05
CA TYR A 137 -3.14 7.05 1.69
C TYR A 137 -2.67 6.39 0.42
N ASN A 138 -2.45 7.18 -0.60
CA ASN A 138 -1.94 6.66 -1.86
C ASN A 138 -0.48 6.90 -2.03
N PHE A 139 0.19 5.83 -2.32
CA PHE A 139 1.58 5.87 -2.61
C PHE A 139 1.76 5.46 -4.02
N ARG A 140 2.66 6.10 -4.67
CA ARG A 140 2.95 5.81 -6.02
C ARG A 140 4.23 5.04 -6.07
N TRP A 141 4.16 3.84 -6.53
CA TRP A 141 5.29 2.95 -6.55
C TRP A 141 5.79 2.84 -7.97
N TYR A 142 7.06 2.98 -8.15
CA TYR A 142 7.64 2.89 -9.48
C TYR A 142 8.40 1.57 -9.56
N THR A 143 7.82 0.59 -10.22
CA THR A 143 8.42 -0.74 -10.25
C THR A 143 8.38 -1.38 -11.63
N SER A 144 9.44 -2.09 -11.96
CA SER A 144 9.53 -2.80 -13.22
C SER A 144 8.53 -3.96 -13.24
N TYR A 145 8.18 -4.44 -12.04
CA TYR A 145 7.26 -5.54 -11.84
C TYR A 145 5.84 -5.16 -12.22
N ALA A 146 5.60 -3.87 -12.43
CA ALA A 146 4.29 -3.41 -12.87
C ALA A 146 4.13 -3.57 -14.37
N CYS A 147 5.19 -4.05 -15.00
CA CYS A 147 5.12 -4.41 -16.40
C CYS A 147 5.14 -5.91 -16.51
N PRO A 148 4.46 -6.50 -17.51
CA PRO A 148 4.43 -7.95 -17.71
C PRO A 148 5.78 -8.48 -18.19
N GLU A 1 -11.39 4.03 -0.64
CA GLU A 1 -12.41 3.36 -1.47
C GLU A 1 -12.27 3.85 -2.91
N ALA A 2 -12.70 3.03 -3.85
CA ALA A 2 -12.66 3.40 -5.26
C ALA A 2 -13.76 2.68 -5.98
N GLU A 3 -14.59 3.42 -6.68
CA GLU A 3 -15.70 2.85 -7.39
C GLU A 3 -15.30 2.38 -8.78
N ALA A 4 -15.18 1.07 -8.94
CA ALA A 4 -14.82 0.50 -10.20
C ALA A 4 -16.03 0.50 -11.13
N GLU A 5 -16.02 1.42 -12.05
CA GLU A 5 -17.09 1.53 -13.01
C GLU A 5 -16.83 0.64 -14.20
N PHE A 6 -15.57 0.41 -14.46
CA PHE A 6 -15.17 -0.49 -15.50
C PHE A 6 -14.70 -1.76 -14.90
N LEU A 7 -15.10 -2.87 -15.45
CA LEU A 7 -14.70 -4.14 -14.94
C LEU A 7 -13.37 -4.54 -15.52
N SER A 8 -12.37 -3.87 -15.07
CA SER A 8 -11.01 -4.09 -15.43
C SER A 8 -10.21 -4.25 -14.15
N ARG A 9 -10.94 -4.64 -13.14
CA ARG A 9 -10.44 -4.75 -11.82
C ARG A 9 -10.55 -6.18 -11.33
N THR A 10 -9.51 -6.65 -10.71
CA THR A 10 -9.46 -7.97 -10.14
C THR A 10 -8.83 -7.86 -8.78
N GLU A 11 -9.32 -8.62 -7.83
CA GLU A 11 -8.75 -8.59 -6.52
C GLU A 11 -8.25 -9.96 -6.16
N GLY A 12 -6.99 -10.05 -5.83
CA GLY A 12 -6.39 -11.28 -5.42
C GLY A 12 -6.50 -11.46 -3.94
N ASP A 13 -5.69 -12.31 -3.38
CA ASP A 13 -5.74 -12.53 -1.94
C ASP A 13 -4.37 -12.47 -1.32
N ASN A 14 -3.39 -12.95 -2.03
CA ASN A 14 -2.03 -12.98 -1.53
C ASN A 14 -1.23 -11.86 -2.15
N CYS A 15 0.07 -11.86 -1.93
CA CYS A 15 0.96 -10.84 -2.43
C CYS A 15 1.16 -10.97 -3.98
N THR A 16 0.24 -11.66 -4.65
CA THR A 16 0.26 -11.84 -6.08
C THR A 16 -1.11 -11.47 -6.64
N VAL A 17 -1.13 -10.92 -7.82
CA VAL A 17 -2.39 -10.55 -8.45
C VAL A 17 -2.46 -11.09 -9.88
N PHE A 18 -3.61 -11.55 -10.27
CA PHE A 18 -3.81 -12.00 -11.62
C PHE A 18 -5.08 -11.38 -12.19
N ASP A 19 -4.94 -10.77 -13.34
CA ASP A 19 -6.05 -10.11 -13.96
C ASP A 19 -6.50 -10.87 -15.18
N SER A 20 -7.80 -11.00 -15.32
CA SER A 20 -8.38 -11.72 -16.41
C SER A 20 -8.24 -10.98 -17.75
N GLN A 21 -8.18 -9.66 -17.70
CA GLN A 21 -8.17 -8.88 -18.89
C GLN A 21 -6.82 -8.77 -19.59
N ALA A 22 -5.75 -8.56 -18.85
CA ALA A 22 -4.44 -8.52 -19.46
C ALA A 22 -3.92 -9.91 -19.54
N GLY A 23 -4.47 -10.75 -18.70
CA GLY A 23 -4.08 -12.11 -18.66
C GLY A 23 -2.66 -12.25 -18.18
N PHE A 24 -2.28 -11.45 -17.20
CA PHE A 24 -0.94 -11.55 -16.67
C PHE A 24 -0.96 -11.67 -15.19
N SER A 25 -0.20 -12.59 -14.70
CA SER A 25 -0.08 -12.75 -13.31
C SER A 25 1.14 -11.96 -12.84
N PHE A 26 0.97 -11.19 -11.82
CA PHE A 26 2.02 -10.35 -11.33
C PHE A 26 2.39 -10.68 -9.89
N ASP A 27 3.67 -10.89 -9.66
CA ASP A 27 4.17 -11.24 -8.35
C ASP A 27 4.71 -10.02 -7.68
N LEU A 28 4.08 -9.62 -6.62
CA LEU A 28 4.56 -8.52 -5.83
C LEU A 28 5.17 -9.07 -4.56
N THR A 29 5.35 -10.36 -4.58
CA THR A 29 5.92 -11.14 -3.53
C THR A 29 7.39 -10.69 -3.20
N PRO A 30 8.31 -10.57 -4.23
CA PRO A 30 9.70 -10.11 -4.01
C PRO A 30 9.77 -8.70 -3.42
N LEU A 31 8.68 -7.98 -3.56
CA LEU A 31 8.56 -6.60 -3.10
C LEU A 31 8.41 -6.54 -1.59
N THR A 32 8.13 -7.67 -0.98
CA THR A 32 7.97 -7.75 0.45
C THR A 32 9.33 -7.71 1.16
N LYS A 33 9.45 -6.87 2.16
CA LYS A 33 10.64 -6.78 2.96
C LYS A 33 10.25 -6.77 4.42
N LYS A 34 11.03 -7.43 5.25
CA LYS A 34 10.76 -7.43 6.67
C LYS A 34 11.12 -6.08 7.22
N ASP A 35 12.26 -5.58 6.74
CA ASP A 35 12.78 -4.25 7.08
C ASP A 35 11.81 -3.19 6.62
N ALA A 36 11.03 -3.56 5.59
CA ALA A 36 10.01 -2.73 5.00
C ALA A 36 10.56 -1.49 4.34
N TYR A 37 9.70 -0.74 3.74
CA TYR A 37 10.07 0.46 3.04
C TYR A 37 9.64 1.66 3.84
N LYS A 38 10.51 2.63 3.95
CA LYS A 38 10.17 3.85 4.63
C LYS A 38 10.22 5.00 3.66
N VAL A 39 9.15 5.73 3.62
CA VAL A 39 9.08 6.94 2.84
C VAL A 39 9.15 8.07 3.84
N GLU A 40 9.88 9.09 3.54
CA GLU A 40 10.07 10.17 4.49
C GLU A 40 9.56 11.48 3.94
N THR A 41 8.92 12.27 4.78
CA THR A 41 8.46 13.57 4.39
C THR A 41 9.12 14.57 5.31
N ASP A 42 8.61 15.78 5.35
CA ASP A 42 9.19 16.82 6.20
C ASP A 42 9.03 16.50 7.67
N LYS A 43 7.94 15.84 8.03
CA LYS A 43 7.67 15.58 9.44
C LYS A 43 7.19 14.18 9.72
N TYR A 44 6.96 13.43 8.70
CA TYR A 44 6.44 12.11 8.89
C TYR A 44 7.21 11.11 8.10
N GLU A 45 7.06 9.89 8.44
CA GLU A 45 7.57 8.84 7.65
C GLU A 45 6.47 7.86 7.51
N PHE A 46 6.44 7.19 6.44
CA PHE A 46 5.50 6.17 6.28
C PHE A 46 6.26 4.91 6.12
N HIS A 47 6.02 3.97 6.95
CA HIS A 47 6.67 2.72 6.82
C HIS A 47 5.64 1.74 6.34
N ILE A 48 5.90 1.13 5.22
CA ILE A 48 4.94 0.26 4.60
C ILE A 48 5.66 -0.95 4.05
N ASN A 49 4.94 -2.00 3.90
CA ASN A 49 5.46 -3.20 3.30
C ASN A 49 4.45 -3.73 2.30
N VAL A 50 4.93 -4.40 1.26
CA VAL A 50 4.05 -5.02 0.29
C VAL A 50 3.59 -6.32 0.81
N CYS A 51 2.33 -6.37 1.15
CA CYS A 51 1.64 -7.55 1.61
C CYS A 51 2.04 -7.91 3.04
N GLY A 52 1.10 -8.42 3.76
CA GLY A 52 1.34 -8.87 5.09
C GLY A 52 1.48 -7.72 6.03
N PRO A 53 2.30 -7.89 7.03
CA PRO A 53 2.61 -6.88 7.98
C PRO A 53 3.91 -6.15 7.69
N VAL A 54 4.13 -5.11 8.45
CA VAL A 54 5.32 -4.33 8.37
C VAL A 54 6.08 -4.53 9.67
N SER A 55 7.34 -4.82 9.59
CA SER A 55 8.09 -4.98 10.78
C SER A 55 8.82 -3.69 11.10
N VAL A 56 8.12 -2.80 11.75
CA VAL A 56 8.71 -1.56 12.18
C VAL A 56 8.82 -1.61 13.68
N GLY A 57 9.97 -1.31 14.20
CA GLY A 57 10.15 -1.30 15.64
C GLY A 57 9.58 -0.03 16.27
N ALA A 58 8.41 0.36 15.80
CA ALA A 58 7.71 1.52 16.32
C ALA A 58 6.21 1.30 16.28
N CYS A 59 5.79 0.26 15.57
CA CYS A 59 4.39 -0.03 15.38
C CYS A 59 4.12 -1.52 15.60
N PRO A 60 2.88 -1.89 15.96
CA PRO A 60 2.51 -3.30 16.16
C PRO A 60 2.70 -4.12 14.88
N PRO A 61 3.13 -5.40 15.02
CA PRO A 61 3.35 -6.32 13.89
C PRO A 61 2.05 -6.63 13.14
N ASP A 62 0.92 -6.26 13.72
CA ASP A 62 -0.38 -6.48 13.10
C ASP A 62 -0.67 -5.46 12.04
N SER A 63 0.22 -4.51 11.89
CA SER A 63 0.05 -3.50 10.92
C SER A 63 0.91 -3.82 9.71
N GLY A 64 0.40 -3.48 8.54
CA GLY A 64 1.13 -3.67 7.30
C GLY A 64 1.67 -2.35 6.77
N ALA A 65 1.15 -1.27 7.33
CA ALA A 65 1.57 0.08 6.99
C ALA A 65 1.28 0.97 8.18
N CYS A 66 2.30 1.62 8.65
CA CYS A 66 2.18 2.45 9.82
C CYS A 66 3.00 3.72 9.65
N GLN A 67 2.43 4.83 10.02
CA GLN A 67 3.12 6.08 9.96
C GLN A 67 3.49 6.54 11.32
N VAL A 68 4.63 7.17 11.42
CA VAL A 68 5.07 7.73 12.65
C VAL A 68 5.61 9.12 12.39
N SER A 69 5.21 10.04 13.21
CA SER A 69 5.64 11.38 13.10
C SER A 69 7.02 11.52 13.68
N ARG A 70 7.96 11.89 12.85
CA ARG A 70 9.31 12.13 13.32
C ARG A 70 9.31 13.41 14.15
N SER A 71 8.28 14.22 13.93
CA SER A 71 8.08 15.47 14.60
C SER A 71 7.45 15.27 16.00
N ASP A 72 6.39 14.46 16.06
CA ASP A 72 5.58 14.34 17.30
C ASP A 72 5.86 13.04 18.05
N ARG A 73 6.42 12.09 17.34
CA ARG A 73 6.69 10.70 17.85
C ARG A 73 5.39 9.91 17.99
N LYS A 74 4.37 10.40 17.35
CA LYS A 74 3.05 9.79 17.28
C LYS A 74 3.02 8.80 16.13
N SER A 75 2.36 7.70 16.30
CA SER A 75 2.19 6.79 15.20
C SER A 75 0.73 6.45 15.00
N TRP A 76 0.38 6.18 13.77
CA TRP A 76 -0.98 5.88 13.41
C TRP A 76 -0.99 4.65 12.54
N ASN A 77 -2.06 3.91 12.60
CA ASN A 77 -2.16 2.65 11.88
C ASN A 77 -2.84 2.91 10.57
N LEU A 78 -2.16 2.56 9.49
CA LEU A 78 -2.63 2.83 8.16
C LEU A 78 -3.16 1.57 7.53
N GLY A 79 -3.33 0.56 8.33
CA GLY A 79 -3.87 -0.65 7.83
C GLY A 79 -3.23 -1.85 8.45
N ARG A 80 -4.06 -2.77 8.89
CA ARG A 80 -3.60 -4.00 9.46
C ARG A 80 -3.03 -4.89 8.37
N SER A 81 -2.38 -5.96 8.76
CA SER A 81 -1.76 -6.89 7.83
C SER A 81 -2.80 -7.43 6.84
N ASN A 82 -2.56 -7.22 5.56
CA ASN A 82 -3.48 -7.57 4.52
C ASN A 82 -2.68 -7.81 3.25
N ALA A 83 -3.28 -8.42 2.25
CA ALA A 83 -2.57 -8.70 1.02
C ALA A 83 -3.47 -8.56 -0.18
N LYS A 84 -4.51 -7.76 -0.04
CA LYS A 84 -5.44 -7.64 -1.12
C LYS A 84 -4.90 -6.77 -2.24
N LEU A 85 -4.37 -7.41 -3.24
CA LEU A 85 -3.91 -6.73 -4.41
C LEU A 85 -5.04 -6.61 -5.38
N SER A 86 -5.15 -5.48 -5.94
CA SER A 86 -6.16 -5.19 -6.88
C SER A 86 -5.51 -4.72 -8.15
N TYR A 87 -5.99 -5.16 -9.25
CA TYR A 87 -5.44 -4.75 -10.50
C TYR A 87 -6.51 -3.96 -11.19
N TYR A 88 -6.16 -2.81 -11.69
CA TYR A 88 -7.06 -2.01 -12.47
C TYR A 88 -6.33 -1.78 -13.76
N ASP A 89 -6.99 -1.98 -14.91
CA ASP A 89 -6.31 -1.90 -16.25
C ASP A 89 -5.33 -0.75 -16.30
N GLY A 90 -4.08 -1.10 -16.50
CA GLY A 90 -3.03 -0.14 -16.51
C GLY A 90 -2.05 -0.27 -15.34
N MET A 91 -2.57 -0.45 -14.11
CA MET A 91 -1.69 -0.50 -12.91
C MET A 91 -2.13 -1.56 -11.91
N ILE A 92 -1.39 -1.64 -10.82
CA ILE A 92 -1.71 -2.54 -9.73
C ILE A 92 -1.83 -1.70 -8.46
N GLN A 93 -2.79 -1.99 -7.64
CA GLN A 93 -3.01 -1.28 -6.41
C GLN A 93 -3.13 -2.26 -5.25
N LEU A 94 -2.63 -1.89 -4.11
CA LEU A 94 -2.71 -2.73 -2.93
C LEU A 94 -3.51 -1.96 -1.90
N THR A 95 -4.52 -2.57 -1.37
CA THR A 95 -5.39 -1.94 -0.43
C THR A 95 -5.19 -2.54 0.98
N TYR A 96 -5.02 -1.68 1.96
CA TYR A 96 -4.96 -2.15 3.33
C TYR A 96 -6.25 -1.90 4.08
N ARG A 97 -6.29 -2.35 5.31
CA ARG A 97 -7.50 -2.27 6.13
C ARG A 97 -7.70 -0.92 6.79
N ASP A 98 -8.83 -0.82 7.50
CA ASP A 98 -9.29 0.40 8.19
C ASP A 98 -8.22 0.97 9.11
N GLY A 99 -7.48 0.07 9.70
CA GLY A 99 -6.34 0.41 10.52
C GLY A 99 -6.71 1.19 11.76
N THR A 100 -6.46 2.46 11.73
CA THR A 100 -6.82 3.33 12.79
C THR A 100 -7.43 4.60 12.20
N PRO A 101 -8.72 4.85 12.44
CA PRO A 101 -9.43 5.99 11.89
C PRO A 101 -9.02 7.31 12.51
N TYR A 102 -9.22 8.38 11.74
CA TYR A 102 -8.95 9.75 12.16
C TYR A 102 -9.67 10.11 13.48
N ASN A 103 -9.39 11.28 13.97
CA ASN A 103 -10.01 11.80 15.15
C ASN A 103 -11.16 12.69 14.75
N ASN A 104 -11.66 12.48 13.56
CA ASN A 104 -12.70 13.30 13.01
C ASN A 104 -14.03 12.81 13.54
N GLU A 105 -15.07 13.58 13.30
CA GLU A 105 -16.40 13.27 13.81
C GLU A 105 -16.87 11.89 13.34
N LYS A 106 -16.56 11.60 12.10
CA LYS A 106 -16.99 10.38 11.46
C LYS A 106 -16.18 9.14 11.89
N ARG A 107 -14.90 9.35 12.28
CA ARG A 107 -13.99 8.21 12.51
C ARG A 107 -13.82 7.46 11.23
N THR A 108 -13.16 8.11 10.33
CA THR A 108 -12.92 7.60 9.03
C THR A 108 -11.69 6.74 9.05
N PRO A 109 -11.78 5.47 8.60
CA PRO A 109 -10.63 4.57 8.59
C PRO A 109 -9.50 5.13 7.75
N ARG A 110 -8.34 5.11 8.31
CA ARG A 110 -7.17 5.63 7.67
C ARG A 110 -6.40 4.44 7.10
N ALA A 111 -6.34 4.36 5.79
CA ALA A 111 -5.79 3.19 5.14
C ALA A 111 -4.75 3.57 4.11
N THR A 112 -4.02 2.59 3.64
CA THR A 112 -2.98 2.79 2.66
C THR A 112 -3.35 2.10 1.34
N LEU A 113 -3.14 2.80 0.24
CA LEU A 113 -3.37 2.29 -1.07
C LEU A 113 -2.09 2.50 -1.86
N ILE A 114 -1.45 1.45 -2.25
CA ILE A 114 -0.22 1.56 -2.98
C ILE A 114 -0.50 1.34 -4.45
N THR A 115 -0.06 2.24 -5.28
CA THR A 115 -0.29 2.15 -6.69
C THR A 115 1.04 1.93 -7.40
N PHE A 116 1.13 0.84 -8.07
CA PHE A 116 2.32 0.39 -8.73
C PHE A 116 2.27 0.79 -10.19
N LEU A 117 3.34 1.37 -10.67
CA LEU A 117 3.38 1.86 -12.03
C LEU A 117 4.51 1.20 -12.80
N CYS A 118 4.42 1.30 -14.10
CA CYS A 118 5.47 0.87 -15.00
C CYS A 118 6.17 2.12 -15.47
N ASP A 119 7.10 2.59 -14.67
CA ASP A 119 7.76 3.86 -14.98
C ASP A 119 9.01 4.05 -14.15
N ARG A 120 10.00 4.72 -14.72
CA ARG A 120 11.21 5.16 -14.01
C ARG A 120 12.16 4.04 -13.64
N ASP A 121 11.86 3.32 -12.59
CA ASP A 121 12.77 2.30 -12.09
C ASP A 121 12.35 0.94 -12.49
N ALA A 122 13.23 0.25 -13.15
CA ALA A 122 13.00 -1.10 -13.52
C ALA A 122 13.77 -2.01 -12.58
N GLY A 123 13.17 -2.23 -11.44
CA GLY A 123 13.73 -3.08 -10.45
C GLY A 123 12.73 -3.23 -9.37
N VAL A 124 13.19 -3.42 -8.15
CA VAL A 124 12.30 -3.55 -7.02
C VAL A 124 11.45 -2.28 -6.87
N GLY A 125 12.11 -1.15 -6.98
CA GLY A 125 11.43 0.08 -6.86
C GLY A 125 11.18 0.49 -5.43
N PHE A 126 11.29 1.74 -5.21
CA PHE A 126 11.01 2.32 -3.92
C PHE A 126 9.75 3.20 -4.03
N PRO A 127 8.87 3.15 -3.02
CA PRO A 127 7.61 3.89 -3.04
C PRO A 127 7.77 5.40 -2.83
N GLU A 128 6.91 6.13 -3.49
CA GLU A 128 6.80 7.57 -3.38
C GLU A 128 5.53 7.86 -2.70
N TYR A 129 5.53 8.80 -1.83
CA TYR A 129 4.30 9.20 -1.21
C TYR A 129 3.59 10.12 -2.15
N GLN A 130 2.44 9.68 -2.64
CA GLN A 130 1.73 10.41 -3.60
C GLN A 130 1.02 11.59 -2.94
N GLU A 131 -0.06 11.30 -2.22
CA GLU A 131 -0.85 12.30 -1.53
C GLU A 131 -2.05 11.66 -0.87
N GLU A 132 -2.21 11.89 0.41
CA GLU A 132 -3.41 11.47 1.06
C GLU A 132 -4.42 12.58 0.86
N ASP A 133 -5.55 12.23 0.35
CA ASP A 133 -6.60 13.19 0.08
C ASP A 133 -7.93 12.50 0.15
N ASN A 134 -7.93 11.26 -0.26
CA ASN A 134 -9.14 10.46 -0.28
C ASN A 134 -9.31 9.64 1.00
N SER A 135 -8.62 10.06 2.09
CA SER A 135 -8.65 9.40 3.42
C SER A 135 -7.81 8.12 3.44
N THR A 136 -7.24 7.83 2.32
CA THR A 136 -6.40 6.72 2.15
C THR A 136 -5.07 7.24 1.58
N TYR A 137 -3.98 6.78 2.12
CA TYR A 137 -2.68 7.21 1.68
C TYR A 137 -2.28 6.47 0.44
N ASN A 138 -2.05 7.20 -0.60
CA ASN A 138 -1.62 6.61 -1.84
C ASN A 138 -0.15 6.75 -2.00
N PHE A 139 0.47 5.70 -2.44
CA PHE A 139 1.86 5.69 -2.75
C PHE A 139 2.06 5.32 -4.18
N ARG A 140 3.01 5.93 -4.77
CA ARG A 140 3.34 5.72 -6.14
C ARG A 140 4.61 4.87 -6.16
N TRP A 141 4.51 3.70 -6.72
CA TRP A 141 5.61 2.78 -6.69
C TRP A 141 6.10 2.50 -8.10
N TYR A 142 7.36 2.72 -8.34
CA TYR A 142 7.95 2.47 -9.63
C TYR A 142 8.64 1.12 -9.58
N THR A 143 8.04 0.13 -10.19
CA THR A 143 8.53 -1.22 -10.10
C THR A 143 8.40 -1.95 -11.44
N SER A 144 9.38 -2.77 -11.74
CA SER A 144 9.33 -3.57 -12.93
C SER A 144 8.26 -4.68 -12.82
N TYR A 145 7.93 -5.07 -11.59
CA TYR A 145 7.00 -6.15 -11.33
C TYR A 145 5.57 -5.80 -11.64
N ALA A 146 5.30 -4.53 -11.86
CA ALA A 146 3.97 -4.08 -12.22
C ALA A 146 3.86 -3.93 -13.71
N CYS A 147 4.91 -4.31 -14.39
CA CYS A 147 4.97 -4.11 -15.80
C CYS A 147 5.32 -5.44 -16.48
N PRO A 148 4.53 -5.84 -17.48
CA PRO A 148 4.76 -7.10 -18.20
C PRO A 148 5.88 -6.96 -19.23
N GLU A 1 -14.01 -11.96 -3.46
CA GLU A 1 -15.43 -11.65 -3.40
C GLU A 1 -15.87 -11.15 -4.74
N ALA A 2 -17.05 -11.54 -5.15
CA ALA A 2 -17.57 -11.12 -6.42
C ALA A 2 -18.14 -9.72 -6.32
N GLU A 3 -17.26 -8.77 -6.41
CA GLU A 3 -17.56 -7.38 -6.37
C GLU A 3 -16.64 -6.73 -7.38
N ALA A 4 -17.23 -6.00 -8.32
CA ALA A 4 -16.48 -5.29 -9.36
C ALA A 4 -15.86 -6.24 -10.37
N GLU A 5 -16.34 -7.47 -10.37
CA GLU A 5 -15.86 -8.47 -11.29
C GLU A 5 -16.32 -8.22 -12.74
N PHE A 6 -17.33 -7.38 -12.89
CA PHE A 6 -17.80 -6.94 -14.20
C PHE A 6 -17.16 -5.59 -14.52
N LEU A 7 -16.41 -5.10 -13.58
CA LEU A 7 -15.82 -3.79 -13.62
C LEU A 7 -14.31 -3.93 -13.84
N SER A 8 -13.61 -2.82 -13.90
CA SER A 8 -12.18 -2.79 -14.12
C SER A 8 -11.35 -3.06 -12.86
N ARG A 9 -11.95 -3.69 -11.84
CA ARG A 9 -11.21 -4.01 -10.62
C ARG A 9 -11.16 -5.51 -10.39
N THR A 10 -10.00 -6.02 -10.24
CA THR A 10 -9.79 -7.38 -9.90
C THR A 10 -9.10 -7.46 -8.55
N GLU A 11 -9.64 -8.19 -7.63
CA GLU A 11 -8.97 -8.35 -6.36
C GLU A 11 -8.37 -9.74 -6.37
N GLY A 12 -7.08 -9.81 -6.25
CA GLY A 12 -6.38 -11.06 -6.41
C GLY A 12 -6.19 -11.82 -5.13
N ASP A 13 -4.98 -12.23 -4.91
CA ASP A 13 -4.65 -13.08 -3.80
C ASP A 13 -3.53 -12.49 -2.99
N ASN A 14 -2.97 -13.29 -2.10
CA ASN A 14 -1.91 -12.87 -1.21
C ASN A 14 -0.61 -12.66 -1.96
N CYS A 15 -0.19 -11.40 -2.07
CA CYS A 15 1.09 -11.00 -2.67
C CYS A 15 1.14 -11.19 -4.20
N THR A 16 0.12 -11.80 -4.75
CA THR A 16 0.06 -12.01 -6.17
C THR A 16 -1.31 -11.61 -6.69
N VAL A 17 -1.34 -11.07 -7.86
CA VAL A 17 -2.60 -10.69 -8.47
C VAL A 17 -2.70 -11.22 -9.89
N PHE A 18 -3.81 -11.80 -10.23
CA PHE A 18 -4.05 -12.18 -11.58
C PHE A 18 -5.27 -11.47 -12.10
N ASP A 19 -5.09 -10.75 -13.17
CA ASP A 19 -6.17 -9.98 -13.75
C ASP A 19 -6.66 -10.64 -15.01
N SER A 20 -7.93 -10.95 -15.03
CA SER A 20 -8.55 -11.60 -16.16
C SER A 20 -8.65 -10.71 -17.42
N GLN A 21 -8.65 -9.40 -17.25
CA GLN A 21 -8.75 -8.52 -18.41
C GLN A 21 -7.38 -8.40 -19.03
N ALA A 22 -6.39 -8.25 -18.16
CA ALA A 22 -5.02 -8.04 -18.55
C ALA A 22 -4.33 -9.32 -18.94
N GLY A 23 -4.85 -10.42 -18.45
CA GLY A 23 -4.30 -11.73 -18.79
C GLY A 23 -2.89 -11.94 -18.24
N PHE A 24 -2.51 -11.15 -17.27
CA PHE A 24 -1.21 -11.27 -16.66
C PHE A 24 -1.33 -11.42 -15.17
N SER A 25 -0.49 -12.22 -14.61
CA SER A 25 -0.42 -12.42 -13.20
C SER A 25 0.88 -11.79 -12.69
N PHE A 26 0.79 -11.02 -11.65
CA PHE A 26 1.94 -10.34 -11.12
C PHE A 26 2.17 -10.68 -9.67
N ASP A 27 3.41 -10.99 -9.35
CA ASP A 27 3.83 -11.27 -7.99
C ASP A 27 4.64 -10.10 -7.50
N LEU A 28 4.16 -9.49 -6.46
CA LEU A 28 4.85 -8.38 -5.82
C LEU A 28 5.48 -8.88 -4.54
N THR A 29 5.57 -10.17 -4.50
CA THR A 29 6.11 -10.94 -3.44
C THR A 29 7.61 -10.55 -3.11
N PRO A 30 8.53 -10.36 -4.15
CA PRO A 30 9.93 -9.96 -3.90
C PRO A 30 10.04 -8.58 -3.27
N LEU A 31 8.98 -7.84 -3.40
CA LEU A 31 8.90 -6.47 -2.91
C LEU A 31 8.68 -6.42 -1.41
N THR A 32 8.35 -7.54 -0.83
CA THR A 32 8.10 -7.62 0.58
C THR A 32 9.43 -7.63 1.35
N LYS A 33 9.51 -6.79 2.35
CA LYS A 33 10.66 -6.68 3.20
C LYS A 33 10.22 -6.63 4.64
N LYS A 34 10.97 -7.24 5.54
CA LYS A 34 10.68 -7.07 6.96
C LYS A 34 11.05 -5.66 7.35
N ASP A 35 12.14 -5.17 6.77
CA ASP A 35 12.63 -3.79 7.01
C ASP A 35 11.66 -2.79 6.42
N ALA A 36 10.93 -3.25 5.42
CA ALA A 36 9.90 -2.49 4.73
C ALA A 36 10.48 -1.28 4.00
N TYR A 37 9.62 -0.43 3.53
CA TYR A 37 9.99 0.78 2.83
C TYR A 37 9.55 1.99 3.61
N LYS A 38 10.33 3.04 3.60
CA LYS A 38 9.97 4.25 4.30
C LYS A 38 9.94 5.44 3.35
N VAL A 39 8.87 6.19 3.42
CA VAL A 39 8.76 7.43 2.72
C VAL A 39 8.81 8.51 3.78
N GLU A 40 9.57 9.52 3.55
CA GLU A 40 9.72 10.55 4.55
C GLU A 40 9.15 11.85 4.08
N THR A 41 8.62 12.60 4.99
CA THR A 41 8.11 13.91 4.73
C THR A 41 8.80 14.83 5.73
N ASP A 42 8.30 16.02 5.90
CA ASP A 42 8.90 16.95 6.86
C ASP A 42 8.86 16.42 8.27
N LYS A 43 7.68 16.04 8.75
CA LYS A 43 7.60 15.59 10.13
C LYS A 43 7.10 14.17 10.26
N TYR A 44 6.79 13.54 9.18
CA TYR A 44 6.26 12.20 9.27
C TYR A 44 6.98 11.27 8.35
N GLU A 45 6.91 10.03 8.65
CA GLU A 45 7.41 9.03 7.79
C GLU A 45 6.32 8.05 7.59
N PHE A 46 6.29 7.46 6.47
CA PHE A 46 5.37 6.43 6.24
C PHE A 46 6.17 5.18 6.01
N HIS A 47 5.93 4.19 6.78
CA HIS A 47 6.62 2.97 6.62
C HIS A 47 5.63 1.95 6.17
N ILE A 48 5.88 1.33 5.05
CA ILE A 48 4.95 0.40 4.47
C ILE A 48 5.69 -0.80 3.93
N ASN A 49 5.02 -1.87 3.84
CA ASN A 49 5.58 -3.09 3.27
C ASN A 49 4.62 -3.59 2.21
N VAL A 50 5.12 -4.32 1.24
CA VAL A 50 4.28 -4.87 0.21
C VAL A 50 3.74 -6.18 0.66
N CYS A 51 2.45 -6.17 0.88
CA CYS A 51 1.62 -7.28 1.35
C CYS A 51 2.01 -7.75 2.75
N GLY A 52 1.02 -8.17 3.49
CA GLY A 52 1.24 -8.67 4.81
C GLY A 52 1.44 -7.56 5.79
N PRO A 53 2.13 -7.83 6.86
CA PRO A 53 2.45 -6.86 7.87
C PRO A 53 3.82 -6.19 7.66
N VAL A 54 4.02 -5.09 8.32
CA VAL A 54 5.23 -4.35 8.28
C VAL A 54 5.99 -4.59 9.59
N SER A 55 7.24 -4.93 9.50
CA SER A 55 7.99 -5.20 10.69
C SER A 55 8.80 -3.98 11.12
N VAL A 56 8.13 -3.02 11.70
CA VAL A 56 8.82 -1.85 12.20
C VAL A 56 8.61 -1.76 13.70
N GLY A 57 9.68 -1.49 14.42
CA GLY A 57 9.63 -1.42 15.87
C GLY A 57 8.89 -0.20 16.40
N ALA A 58 8.26 0.53 15.51
CA ALA A 58 7.51 1.70 15.87
C ALA A 58 6.11 1.58 15.31
N CYS A 59 5.78 0.39 14.85
CA CYS A 59 4.51 0.12 14.24
C CYS A 59 3.93 -1.16 14.78
N PRO A 60 2.59 -1.30 14.82
CA PRO A 60 1.95 -2.54 15.27
C PRO A 60 2.34 -3.71 14.34
N PRO A 61 2.65 -4.90 14.90
CA PRO A 61 3.03 -6.08 14.10
C PRO A 61 1.88 -6.59 13.23
N ASP A 62 0.67 -6.16 13.55
CA ASP A 62 -0.50 -6.50 12.74
C ASP A 62 -0.78 -5.43 11.71
N SER A 63 0.10 -4.47 11.62
CA SER A 63 -0.05 -3.40 10.66
C SER A 63 0.79 -3.70 9.44
N GLY A 64 0.34 -3.28 8.28
CA GLY A 64 1.10 -3.45 7.06
C GLY A 64 1.60 -2.13 6.52
N ALA A 65 1.08 -1.06 7.08
CA ALA A 65 1.45 0.29 6.69
C ALA A 65 1.22 1.19 7.88
N CYS A 66 2.24 1.90 8.26
CA CYS A 66 2.22 2.69 9.46
C CYS A 66 2.91 4.02 9.25
N GLN A 67 2.32 5.08 9.75
CA GLN A 67 2.99 6.34 9.71
C GLN A 67 3.46 6.69 11.07
N VAL A 68 4.57 7.31 11.12
CA VAL A 68 5.15 7.70 12.36
C VAL A 68 5.54 9.15 12.27
N SER A 69 5.24 9.90 13.27
CA SER A 69 5.64 11.26 13.33
C SER A 69 7.01 11.32 13.88
N ARG A 70 7.94 11.79 13.12
CA ARG A 70 9.30 11.93 13.59
C ARG A 70 9.37 13.08 14.61
N SER A 71 8.37 13.96 14.52
CA SER A 71 8.26 15.11 15.41
C SER A 71 7.64 14.70 16.76
N ASP A 72 6.54 13.95 16.71
CA ASP A 72 5.81 13.57 17.96
C ASP A 72 6.27 12.22 18.49
N ARG A 73 6.89 11.46 17.61
CA ARG A 73 7.31 10.08 17.86
C ARG A 73 6.15 9.13 18.07
N LYS A 74 5.00 9.55 17.64
CA LYS A 74 3.84 8.73 17.68
C LYS A 74 3.64 8.10 16.35
N SER A 75 2.93 7.04 16.32
CA SER A 75 2.71 6.38 15.09
C SER A 75 1.27 6.08 14.91
N TRP A 76 0.86 5.98 13.69
CA TRP A 76 -0.53 5.70 13.37
C TRP A 76 -0.64 4.52 12.44
N ASN A 77 -1.78 3.86 12.48
CA ASN A 77 -1.98 2.67 11.70
C ASN A 77 -2.68 3.04 10.41
N LEU A 78 -2.05 2.75 9.31
CA LEU A 78 -2.59 3.10 8.01
C LEU A 78 -3.16 1.86 7.31
N GLY A 79 -3.36 0.83 8.09
CA GLY A 79 -3.95 -0.36 7.58
C GLY A 79 -3.33 -1.58 8.18
N ARG A 80 -4.15 -2.54 8.55
CA ARG A 80 -3.65 -3.75 9.11
C ARG A 80 -3.13 -4.65 8.02
N SER A 81 -2.46 -5.71 8.42
CA SER A 81 -1.84 -6.65 7.51
C SER A 81 -2.82 -7.24 6.51
N ASN A 82 -2.50 -7.08 5.26
CA ASN A 82 -3.32 -7.55 4.18
C ASN A 82 -2.43 -7.86 3.01
N ALA A 83 -2.73 -8.86 2.27
CA ALA A 83 -1.87 -9.24 1.19
C ALA A 83 -2.61 -9.26 -0.11
N LYS A 84 -3.85 -8.84 -0.06
CA LYS A 84 -4.71 -8.88 -1.21
C LYS A 84 -4.39 -7.74 -2.16
N LEU A 85 -3.80 -8.07 -3.28
CA LEU A 85 -3.48 -7.10 -4.29
C LEU A 85 -4.70 -6.87 -5.15
N SER A 86 -4.88 -5.67 -5.61
CA SER A 86 -5.98 -5.36 -6.47
C SER A 86 -5.44 -4.85 -7.79
N TYR A 87 -6.06 -5.21 -8.83
CA TYR A 87 -5.63 -4.79 -10.11
C TYR A 87 -6.70 -3.91 -10.69
N TYR A 88 -6.31 -2.77 -11.09
CA TYR A 88 -7.15 -1.84 -11.78
C TYR A 88 -6.62 -1.75 -13.14
N ASP A 89 -7.47 -1.67 -14.15
CA ASP A 89 -6.97 -1.65 -15.53
C ASP A 89 -5.94 -0.56 -15.68
N GLY A 90 -4.75 -0.95 -16.04
CA GLY A 90 -3.66 -0.05 -16.16
C GLY A 90 -2.52 -0.40 -15.22
N MET A 91 -2.82 -0.51 -13.92
CA MET A 91 -1.77 -0.76 -12.93
C MET A 91 -2.31 -1.45 -11.68
N ILE A 92 -1.40 -2.01 -10.92
CA ILE A 92 -1.74 -2.75 -9.72
C ILE A 92 -1.82 -1.79 -8.54
N GLN A 93 -2.80 -1.97 -7.69
CA GLN A 93 -3.00 -1.16 -6.51
C GLN A 93 -3.27 -2.06 -5.30
N LEU A 94 -2.72 -1.72 -4.18
CA LEU A 94 -2.85 -2.54 -3.00
C LEU A 94 -3.57 -1.75 -1.94
N THR A 95 -4.61 -2.32 -1.40
CA THR A 95 -5.40 -1.70 -0.37
C THR A 95 -5.19 -2.43 0.95
N TYR A 96 -4.94 -1.71 2.00
CA TYR A 96 -4.86 -2.32 3.31
C TYR A 96 -6.14 -2.19 4.09
N ARG A 97 -6.14 -2.69 5.32
CA ARG A 97 -7.33 -2.68 6.16
C ARG A 97 -7.63 -1.31 6.75
N ASP A 98 -8.74 -1.27 7.47
CA ASP A 98 -9.25 -0.05 8.10
C ASP A 98 -8.35 0.47 9.23
N GLY A 99 -7.81 -0.44 10.02
CA GLY A 99 -6.85 -0.09 11.06
C GLY A 99 -7.34 0.98 12.06
N THR A 100 -6.63 2.09 12.13
CA THR A 100 -6.94 3.15 13.05
C THR A 100 -7.62 4.32 12.32
N PRO A 101 -8.82 4.74 12.73
CA PRO A 101 -9.50 5.86 12.15
C PRO A 101 -9.01 7.18 12.72
N TYR A 102 -9.19 8.24 11.96
CA TYR A 102 -8.74 9.62 12.31
C TYR A 102 -9.37 10.16 13.62
N ASN A 103 -10.17 9.33 14.33
CA ASN A 103 -10.85 9.73 15.60
C ASN A 103 -11.85 10.81 15.32
N ASN A 104 -12.37 10.79 14.11
CA ASN A 104 -13.22 11.84 13.63
C ASN A 104 -14.67 11.40 13.71
N GLU A 105 -15.56 12.34 13.54
CA GLU A 105 -17.02 12.15 13.67
C GLU A 105 -17.54 11.03 12.75
N LYS A 106 -16.95 10.89 11.58
CA LYS A 106 -17.37 9.90 10.61
C LYS A 106 -16.72 8.52 10.88
N ARG A 107 -15.73 8.48 11.83
CA ARG A 107 -15.02 7.23 12.17
C ARG A 107 -14.34 6.72 10.88
N THR A 108 -13.60 7.60 10.26
CA THR A 108 -12.98 7.35 8.99
C THR A 108 -11.64 6.63 9.21
N PRO A 109 -11.54 5.38 8.74
CA PRO A 109 -10.32 4.58 8.89
C PRO A 109 -9.18 5.06 8.01
N ARG A 110 -7.97 5.01 8.54
CA ARG A 110 -6.82 5.35 7.75
C ARG A 110 -6.41 4.10 7.00
N ALA A 111 -6.36 4.19 5.72
CA ALA A 111 -6.02 3.05 4.90
C ALA A 111 -4.92 3.44 3.97
N THR A 112 -4.30 2.47 3.36
CA THR A 112 -3.23 2.73 2.44
C THR A 112 -3.53 2.10 1.10
N LEU A 113 -3.34 2.87 0.05
CA LEU A 113 -3.51 2.41 -1.27
C LEU A 113 -2.18 2.63 -1.97
N ILE A 114 -1.54 1.59 -2.34
CA ILE A 114 -0.27 1.68 -3.01
C ILE A 114 -0.50 1.44 -4.46
N THR A 115 -0.12 2.38 -5.27
CA THR A 115 -0.31 2.30 -6.69
C THR A 115 1.03 1.96 -7.34
N PHE A 116 1.08 0.86 -8.02
CA PHE A 116 2.29 0.39 -8.63
C PHE A 116 2.28 0.73 -10.09
N LEU A 117 3.31 1.38 -10.53
CA LEU A 117 3.44 1.75 -11.90
C LEU A 117 4.59 0.98 -12.51
N CYS A 118 4.46 0.73 -13.76
CA CYS A 118 5.45 0.01 -14.50
C CYS A 118 6.52 0.95 -14.98
N ASP A 119 7.76 0.64 -14.65
CA ASP A 119 8.88 1.39 -15.17
C ASP A 119 10.00 0.44 -15.47
N ARG A 120 10.58 0.57 -16.64
CA ARG A 120 11.65 -0.31 -17.11
C ARG A 120 12.92 -0.18 -16.30
N ASP A 121 13.23 1.03 -15.87
CA ASP A 121 14.45 1.24 -15.13
C ASP A 121 14.12 1.29 -13.67
N ALA A 122 14.50 0.25 -12.97
CA ALA A 122 14.26 0.08 -11.55
C ALA A 122 14.59 -1.33 -11.18
N GLY A 123 14.24 -1.68 -9.99
CA GLY A 123 14.36 -2.99 -9.50
C GLY A 123 13.16 -3.23 -8.67
N VAL A 124 13.28 -3.00 -7.38
CA VAL A 124 12.18 -3.10 -6.52
C VAL A 124 11.28 -1.88 -6.62
N GLY A 125 11.87 -0.71 -6.66
CA GLY A 125 11.12 0.47 -6.72
C GLY A 125 10.92 1.06 -5.35
N PHE A 126 10.92 2.34 -5.28
CA PHE A 126 10.69 3.04 -4.05
C PHE A 126 9.36 3.75 -4.09
N PRO A 127 8.55 3.62 -3.03
CA PRO A 127 7.27 4.28 -2.95
C PRO A 127 7.43 5.75 -2.61
N GLU A 128 6.53 6.56 -3.08
CA GLU A 128 6.53 7.95 -2.81
C GLU A 128 5.15 8.33 -2.30
N TYR A 129 5.08 9.28 -1.39
CA TYR A 129 3.80 9.69 -0.87
C TYR A 129 3.22 10.79 -1.71
N GLN A 130 2.11 10.51 -2.33
CA GLN A 130 1.44 11.45 -3.16
C GLN A 130 0.41 12.23 -2.41
N GLU A 131 -0.65 11.59 -2.01
CA GLU A 131 -1.72 12.31 -1.37
C GLU A 131 -2.72 11.39 -0.71
N GLU A 132 -3.04 11.70 0.50
CA GLU A 132 -4.22 11.15 1.11
C GLU A 132 -5.30 12.10 0.64
N ASP A 133 -6.43 11.60 0.28
CA ASP A 133 -7.47 12.40 -0.32
C ASP A 133 -8.79 11.69 -0.23
N ASN A 134 -8.71 10.40 -0.31
CA ASN A 134 -9.87 9.54 -0.39
C ASN A 134 -10.38 9.15 0.99
N SER A 135 -9.46 8.72 1.84
CA SER A 135 -9.67 8.10 3.14
C SER A 135 -8.46 7.21 3.32
N THR A 136 -7.93 6.84 2.18
CA THR A 136 -6.80 6.02 2.07
C THR A 136 -5.63 6.85 1.51
N TYR A 137 -4.45 6.55 1.97
CA TYR A 137 -3.25 7.23 1.58
C TYR A 137 -2.72 6.59 0.32
N ASN A 138 -2.49 7.38 -0.69
CA ASN A 138 -1.97 6.85 -1.94
C ASN A 138 -0.50 7.06 -2.08
N PHE A 139 0.16 5.97 -2.36
CA PHE A 139 1.57 5.96 -2.62
C PHE A 139 1.82 5.56 -4.03
N ARG A 140 2.80 6.15 -4.61
CA ARG A 140 3.21 5.90 -5.96
C ARG A 140 4.46 5.05 -5.96
N TRP A 141 4.40 3.90 -6.55
CA TRP A 141 5.51 2.99 -6.58
C TRP A 141 5.89 2.70 -8.03
N TYR A 142 7.12 2.89 -8.38
CA TYR A 142 7.59 2.55 -9.72
C TYR A 142 8.39 1.27 -9.65
N THR A 143 7.83 0.20 -10.15
CA THR A 143 8.48 -1.07 -10.05
C THR A 143 8.52 -1.79 -11.39
N SER A 144 9.63 -2.43 -11.64
CA SER A 144 9.82 -3.24 -12.80
C SER A 144 8.99 -4.53 -12.71
N TYR A 145 8.64 -4.94 -11.48
CA TYR A 145 7.85 -6.15 -11.28
C TYR A 145 6.41 -5.99 -11.78
N ALA A 146 6.01 -4.77 -12.07
CA ALA A 146 4.69 -4.49 -12.61
C ALA A 146 4.75 -4.50 -14.13
N CYS A 147 5.92 -4.76 -14.64
CA CYS A 147 6.17 -4.81 -16.05
C CYS A 147 6.38 -6.24 -16.50
N PRO A 148 5.87 -6.63 -17.67
CA PRO A 148 6.08 -7.95 -18.20
C PRO A 148 7.33 -7.98 -19.08
N GLU A 1 -18.56 -6.54 3.47
CA GLU A 1 -17.45 -5.88 4.15
C GLU A 1 -16.50 -5.38 3.07
N ALA A 2 -15.97 -6.33 2.31
CA ALA A 2 -15.07 -6.07 1.22
C ALA A 2 -15.04 -7.32 0.35
N GLU A 3 -15.97 -7.41 -0.55
CA GLU A 3 -16.07 -8.54 -1.43
C GLU A 3 -16.06 -8.05 -2.86
N ALA A 4 -15.58 -8.85 -3.76
CA ALA A 4 -15.57 -8.51 -5.17
C ALA A 4 -15.83 -9.74 -6.01
N GLU A 5 -17.03 -9.84 -6.56
CA GLU A 5 -17.39 -10.98 -7.39
C GLU A 5 -16.64 -10.91 -8.71
N PHE A 6 -16.59 -9.72 -9.28
CA PHE A 6 -15.89 -9.41 -10.50
C PHE A 6 -16.18 -7.95 -10.80
N LEU A 7 -15.18 -7.24 -11.23
CA LEU A 7 -15.28 -5.81 -11.45
C LEU A 7 -14.06 -5.46 -12.30
N SER A 8 -13.79 -4.18 -12.47
CA SER A 8 -12.55 -3.75 -13.12
C SER A 8 -11.36 -3.94 -12.16
N ARG A 9 -11.64 -4.60 -11.04
CA ARG A 9 -10.69 -4.95 -10.03
C ARG A 9 -10.58 -6.46 -9.99
N THR A 10 -9.41 -6.96 -10.11
CA THR A 10 -9.19 -8.33 -9.84
C THR A 10 -8.52 -8.34 -8.47
N GLU A 11 -8.84 -9.28 -7.62
CA GLU A 11 -8.28 -9.24 -6.32
C GLU A 11 -7.58 -10.55 -5.99
N GLY A 12 -6.34 -10.44 -5.55
CA GLY A 12 -5.56 -11.57 -5.14
C GLY A 12 -5.53 -11.66 -3.64
N ASP A 13 -5.13 -12.79 -3.10
CA ASP A 13 -5.16 -12.97 -1.65
C ASP A 13 -3.80 -12.81 -1.05
N ASN A 14 -2.82 -13.36 -1.73
CA ASN A 14 -1.44 -13.21 -1.32
C ASN A 14 -0.80 -12.10 -2.11
N CYS A 15 0.49 -11.92 -1.95
CA CYS A 15 1.22 -10.84 -2.58
C CYS A 15 1.34 -11.04 -4.15
N THR A 16 0.39 -11.76 -4.77
CA THR A 16 0.39 -11.97 -6.20
C THR A 16 -0.96 -11.61 -6.77
N VAL A 17 -0.99 -11.05 -7.95
CA VAL A 17 -2.24 -10.70 -8.54
C VAL A 17 -2.34 -11.21 -9.98
N PHE A 18 -3.47 -11.77 -10.34
CA PHE A 18 -3.73 -12.10 -11.72
C PHE A 18 -5.01 -11.46 -12.15
N ASP A 19 -4.94 -10.72 -13.22
CA ASP A 19 -6.05 -9.96 -13.72
C ASP A 19 -6.58 -10.60 -14.98
N SER A 20 -7.84 -10.99 -14.91
CA SER A 20 -8.50 -11.69 -15.98
C SER A 20 -8.75 -10.80 -17.20
N GLN A 21 -9.02 -9.54 -16.96
CA GLN A 21 -9.32 -8.62 -18.03
C GLN A 21 -8.04 -8.23 -18.78
N ALA A 22 -6.94 -8.02 -18.05
CA ALA A 22 -5.69 -7.65 -18.70
C ALA A 22 -4.96 -8.87 -19.19
N GLY A 23 -5.27 -10.02 -18.62
CA GLY A 23 -4.66 -11.26 -19.06
C GLY A 23 -3.17 -11.31 -18.71
N PHE A 24 -2.77 -10.55 -17.72
CA PHE A 24 -1.39 -10.53 -17.28
C PHE A 24 -1.33 -10.84 -15.80
N SER A 25 -0.33 -11.58 -15.41
CA SER A 25 -0.12 -11.92 -14.05
C SER A 25 1.06 -11.15 -13.49
N PHE A 26 0.97 -10.71 -12.27
CA PHE A 26 2.00 -9.93 -11.66
C PHE A 26 2.36 -10.45 -10.28
N ASP A 27 3.63 -10.68 -10.05
CA ASP A 27 4.14 -11.20 -8.78
C ASP A 27 4.82 -10.07 -8.05
N LEU A 28 4.25 -9.69 -6.93
CA LEU A 28 4.78 -8.63 -6.12
C LEU A 28 5.42 -9.21 -4.88
N THR A 29 5.71 -10.47 -4.97
CA THR A 29 6.27 -11.26 -3.95
C THR A 29 7.70 -10.77 -3.48
N PRO A 30 8.67 -10.44 -4.41
CA PRO A 30 10.02 -9.93 -4.03
C PRO A 30 9.95 -8.54 -3.38
N LEU A 31 8.84 -7.87 -3.63
CA LEU A 31 8.58 -6.52 -3.16
C LEU A 31 8.42 -6.48 -1.65
N THR A 32 8.10 -7.59 -1.07
CA THR A 32 7.90 -7.70 0.35
C THR A 32 9.25 -7.72 1.09
N LYS A 33 9.46 -6.72 1.92
CA LYS A 33 10.66 -6.63 2.70
C LYS A 33 10.32 -6.67 4.17
N LYS A 34 11.16 -7.31 4.95
CA LYS A 34 10.97 -7.38 6.39
C LYS A 34 11.26 -6.01 6.96
N ASP A 35 12.33 -5.43 6.42
CA ASP A 35 12.81 -4.10 6.74
C ASP A 35 11.76 -3.07 6.37
N ALA A 36 11.00 -3.41 5.33
CA ALA A 36 9.94 -2.58 4.78
C ALA A 36 10.50 -1.34 4.10
N TYR A 37 9.61 -0.53 3.59
CA TYR A 37 9.96 0.68 2.87
C TYR A 37 9.54 1.88 3.66
N LYS A 38 10.28 2.94 3.58
CA LYS A 38 9.95 4.12 4.26
C LYS A 38 10.01 5.33 3.33
N VAL A 39 9.02 6.16 3.45
CA VAL A 39 8.91 7.41 2.71
C VAL A 39 8.86 8.51 3.75
N GLU A 40 9.47 9.63 3.50
CA GLU A 40 9.52 10.68 4.49
C GLU A 40 8.90 11.95 3.99
N THR A 41 8.24 12.65 4.88
CA THR A 41 7.71 13.93 4.60
C THR A 41 8.48 14.90 5.47
N ASP A 42 7.98 16.10 5.69
CA ASP A 42 8.71 17.08 6.50
C ASP A 42 8.96 16.56 7.92
N LYS A 43 7.92 16.05 8.55
CA LYS A 43 8.05 15.59 9.93
C LYS A 43 7.41 14.23 10.19
N TYR A 44 6.96 13.58 9.15
CA TYR A 44 6.36 12.25 9.28
C TYR A 44 7.06 11.30 8.34
N GLU A 45 6.94 10.05 8.61
CA GLU A 45 7.45 9.05 7.74
C GLU A 45 6.41 8.00 7.61
N PHE A 46 6.41 7.34 6.52
CA PHE A 46 5.53 6.28 6.32
C PHE A 46 6.36 5.05 6.12
N HIS A 47 6.14 4.09 6.92
CA HIS A 47 6.78 2.84 6.75
C HIS A 47 5.72 1.87 6.30
N ILE A 48 5.94 1.27 5.16
CA ILE A 48 4.95 0.40 4.58
C ILE A 48 5.65 -0.79 3.99
N ASN A 49 4.95 -1.85 3.86
CA ASN A 49 5.46 -3.04 3.25
C ASN A 49 4.46 -3.56 2.23
N VAL A 50 4.94 -4.19 1.18
CA VAL A 50 4.07 -4.81 0.22
C VAL A 50 3.65 -6.13 0.74
N CYS A 51 2.37 -6.23 1.02
CA CYS A 51 1.73 -7.44 1.46
C CYS A 51 2.10 -7.73 2.93
N GLY A 52 1.14 -8.29 3.63
CA GLY A 52 1.33 -8.68 5.00
C GLY A 52 1.49 -7.50 5.92
N PRO A 53 2.07 -7.71 7.07
CA PRO A 53 2.38 -6.65 8.01
C PRO A 53 3.73 -6.00 7.73
N VAL A 54 3.97 -4.92 8.42
CA VAL A 54 5.20 -4.23 8.35
C VAL A 54 5.96 -4.53 9.64
N SER A 55 7.20 -4.91 9.53
CA SER A 55 7.94 -5.25 10.69
C SER A 55 8.82 -4.11 11.11
N VAL A 56 8.21 -3.16 11.78
CA VAL A 56 8.95 -2.05 12.34
C VAL A 56 8.63 -1.98 13.82
N GLY A 57 9.62 -1.63 14.62
CA GLY A 57 9.41 -1.52 16.04
C GLY A 57 8.95 -0.13 16.44
N ALA A 58 8.43 0.60 15.49
CA ALA A 58 7.94 1.94 15.74
C ALA A 58 6.43 1.97 15.58
N CYS A 59 5.88 0.87 15.13
CA CYS A 59 4.48 0.75 14.90
C CYS A 59 4.04 -0.68 15.19
N PRO A 60 2.73 -0.91 15.46
CA PRO A 60 2.22 -2.26 15.78
C PRO A 60 2.38 -3.28 14.63
N PRO A 61 2.70 -4.54 14.98
CA PRO A 61 2.93 -5.63 14.00
C PRO A 61 1.66 -6.04 13.24
N ASP A 62 0.51 -5.56 13.69
CA ASP A 62 -0.74 -5.88 13.02
C ASP A 62 -0.97 -4.96 11.84
N SER A 63 -0.10 -4.01 11.65
CA SER A 63 -0.26 -3.09 10.57
C SER A 63 0.74 -3.39 9.45
N GLY A 64 0.33 -3.16 8.23
CA GLY A 64 1.21 -3.35 7.09
C GLY A 64 1.73 -2.03 6.59
N ALA A 65 1.14 -0.98 7.10
CA ALA A 65 1.51 0.37 6.79
C ALA A 65 1.33 1.21 8.02
N CYS A 66 2.37 1.87 8.43
CA CYS A 66 2.34 2.64 9.63
C CYS A 66 3.09 3.96 9.46
N GLN A 67 2.49 5.03 9.92
CA GLN A 67 3.17 6.30 9.89
C GLN A 67 3.58 6.68 11.28
N VAL A 68 4.70 7.31 11.42
CA VAL A 68 5.15 7.76 12.69
C VAL A 68 5.66 9.18 12.58
N SER A 69 5.26 10.00 13.51
CA SER A 69 5.66 11.36 13.54
C SER A 69 7.02 11.46 14.18
N ARG A 70 8.01 11.94 13.45
CA ARG A 70 9.34 12.09 14.00
C ARG A 70 9.33 13.23 15.02
N SER A 71 8.38 14.11 14.86
CA SER A 71 8.16 15.21 15.75
C SER A 71 7.38 14.82 17.02
N ASP A 72 6.28 14.10 16.86
CA ASP A 72 5.38 13.80 17.99
C ASP A 72 5.65 12.43 18.63
N ARG A 73 6.31 11.58 17.88
CA ARG A 73 6.70 10.19 18.29
C ARG A 73 5.53 9.23 18.41
N LYS A 74 4.43 9.58 17.84
CA LYS A 74 3.34 8.66 17.78
C LYS A 74 3.25 8.05 16.43
N SER A 75 2.63 6.93 16.35
CA SER A 75 2.46 6.24 15.13
C SER A 75 1.04 5.78 14.97
N TRP A 76 0.58 5.75 13.77
CA TRP A 76 -0.79 5.42 13.50
C TRP A 76 -0.86 4.25 12.54
N ASN A 77 -1.99 3.60 12.52
CA ASN A 77 -2.20 2.40 11.71
C ASN A 77 -2.84 2.81 10.41
N LEU A 78 -2.17 2.52 9.31
CA LEU A 78 -2.64 2.95 8.00
C LEU A 78 -3.17 1.76 7.23
N GLY A 79 -3.44 0.71 7.93
CA GLY A 79 -3.95 -0.46 7.30
C GLY A 79 -3.38 -1.68 7.94
N ARG A 80 -4.25 -2.55 8.44
CA ARG A 80 -3.82 -3.74 9.08
C ARG A 80 -3.24 -4.69 8.04
N SER A 81 -2.56 -5.72 8.48
CA SER A 81 -1.91 -6.67 7.61
C SER A 81 -2.89 -7.32 6.63
N ASN A 82 -2.58 -7.20 5.37
CA ASN A 82 -3.44 -7.67 4.33
C ASN A 82 -2.59 -7.91 3.10
N ALA A 83 -3.07 -8.66 2.15
CA ALA A 83 -2.30 -8.90 0.96
C ALA A 83 -3.18 -8.84 -0.25
N LYS A 84 -4.35 -8.27 -0.06
CA LYS A 84 -5.31 -8.16 -1.14
C LYS A 84 -4.83 -7.19 -2.19
N LEU A 85 -4.28 -7.74 -3.23
CA LEU A 85 -3.83 -6.94 -4.32
C LEU A 85 -4.98 -6.69 -5.23
N SER A 86 -5.13 -5.49 -5.62
CA SER A 86 -6.21 -5.09 -6.44
C SER A 86 -5.68 -4.53 -7.74
N TYR A 87 -6.15 -5.01 -8.82
CA TYR A 87 -5.66 -4.50 -10.06
C TYR A 87 -6.79 -3.77 -10.68
N TYR A 88 -6.60 -2.52 -10.91
CA TYR A 88 -7.53 -1.72 -11.61
C TYR A 88 -6.93 -1.46 -12.92
N ASP A 89 -7.75 -1.48 -13.96
CA ASP A 89 -7.27 -1.24 -15.32
C ASP A 89 -6.28 -0.09 -15.37
N GLY A 90 -5.10 -0.39 -15.83
CA GLY A 90 -4.07 0.59 -15.88
C GLY A 90 -2.91 0.29 -14.94
N MET A 91 -3.19 0.17 -13.63
CA MET A 91 -2.10 0.01 -12.65
C MET A 91 -2.47 -0.99 -11.58
N ILE A 92 -1.49 -1.76 -11.13
CA ILE A 92 -1.67 -2.67 -10.02
C ILE A 92 -1.73 -1.81 -8.77
N GLN A 93 -2.61 -2.14 -7.87
CA GLN A 93 -2.78 -1.40 -6.65
C GLN A 93 -2.90 -2.34 -5.45
N LEU A 94 -2.56 -1.87 -4.29
CA LEU A 94 -2.61 -2.69 -3.12
C LEU A 94 -3.58 -2.04 -2.16
N THR A 95 -4.58 -2.78 -1.73
CA THR A 95 -5.60 -2.26 -0.86
C THR A 95 -5.40 -2.79 0.57
N TYR A 96 -5.20 -1.90 1.52
CA TYR A 96 -5.08 -2.32 2.91
C TYR A 96 -6.37 -2.20 3.70
N ARG A 97 -6.32 -2.68 4.93
CA ARG A 97 -7.48 -2.73 5.82
C ARG A 97 -7.79 -1.40 6.46
N ASP A 98 -8.86 -1.40 7.24
CA ASP A 98 -9.41 -0.25 7.97
C ASP A 98 -8.37 0.43 8.88
N GLY A 99 -7.55 -0.38 9.50
CA GLY A 99 -6.47 0.11 10.35
C GLY A 99 -6.98 0.89 11.53
N THR A 100 -6.51 2.10 11.69
CA THR A 100 -6.94 2.96 12.75
C THR A 100 -7.40 4.30 12.14
N PRO A 101 -8.67 4.69 12.33
CA PRO A 101 -9.23 5.90 11.73
C PRO A 101 -8.56 7.19 12.16
N TYR A 102 -8.67 8.21 11.30
CA TYR A 102 -8.07 9.56 11.50
C TYR A 102 -8.63 10.25 12.71
N ASN A 103 -9.73 9.72 13.21
CA ASN A 103 -10.45 10.29 14.34
C ASN A 103 -11.20 11.49 13.93
N ASN A 104 -12.22 11.24 13.19
CA ASN A 104 -13.13 12.26 12.76
C ASN A 104 -14.43 11.92 13.38
N GLU A 105 -15.41 12.73 13.18
CA GLU A 105 -16.75 12.46 13.62
C GLU A 105 -17.30 11.28 12.82
N LYS A 106 -16.78 11.12 11.60
CA LYS A 106 -17.23 10.05 10.74
C LYS A 106 -16.41 8.76 10.99
N ARG A 107 -15.41 8.87 11.89
CA ARG A 107 -14.53 7.72 12.28
C ARG A 107 -13.92 7.02 11.05
N THR A 108 -13.44 7.82 10.12
CA THR A 108 -12.92 7.34 8.83
C THR A 108 -11.63 6.52 8.99
N PRO A 109 -11.67 5.21 8.66
CA PRO A 109 -10.50 4.32 8.75
C PRO A 109 -9.35 4.75 7.83
N ARG A 110 -8.14 4.59 8.31
CA ARG A 110 -6.96 4.89 7.53
C ARG A 110 -6.56 3.69 6.73
N ALA A 111 -6.49 3.84 5.44
CA ALA A 111 -6.08 2.74 4.61
C ALA A 111 -4.98 3.19 3.71
N THR A 112 -4.24 2.27 3.20
CA THR A 112 -3.18 2.58 2.29
C THR A 112 -3.46 1.94 0.95
N LEU A 113 -3.32 2.71 -0.11
CA LEU A 113 -3.53 2.26 -1.42
C LEU A 113 -2.25 2.56 -2.19
N ILE A 114 -1.59 1.55 -2.62
CA ILE A 114 -0.35 1.72 -3.33
C ILE A 114 -0.60 1.53 -4.81
N THR A 115 -0.24 2.50 -5.60
CA THR A 115 -0.43 2.45 -7.02
C THR A 115 0.91 2.11 -7.68
N PHE A 116 0.96 1.03 -8.39
CA PHE A 116 2.17 0.54 -9.02
C PHE A 116 2.21 0.91 -10.48
N LEU A 117 3.32 1.47 -10.90
CA LEU A 117 3.54 1.90 -12.26
C LEU A 117 4.65 1.08 -12.90
N CYS A 118 4.72 1.13 -14.21
CA CYS A 118 5.75 0.45 -14.96
C CYS A 118 7.09 1.15 -14.85
N ASP A 119 8.00 0.50 -14.19
CA ASP A 119 9.38 0.92 -14.10
C ASP A 119 10.16 0.26 -15.21
N ARG A 120 11.10 0.97 -15.79
CA ARG A 120 11.90 0.41 -16.84
C ARG A 120 12.92 -0.50 -16.20
N ASP A 121 13.88 0.06 -15.50
CA ASP A 121 14.81 -0.75 -14.77
C ASP A 121 15.35 -0.03 -13.57
N ALA A 122 14.93 -0.48 -12.43
CA ALA A 122 15.42 -0.01 -11.15
C ALA A 122 15.48 -1.20 -10.24
N GLY A 123 14.48 -2.04 -10.35
CA GLY A 123 14.49 -3.26 -9.65
C GLY A 123 13.25 -3.42 -8.86
N VAL A 124 13.38 -3.32 -7.59
CA VAL A 124 12.30 -3.50 -6.70
C VAL A 124 11.42 -2.23 -6.67
N GLY A 125 12.06 -1.09 -6.78
CA GLY A 125 11.35 0.14 -6.80
C GLY A 125 11.11 0.71 -5.41
N PHE A 126 11.03 1.98 -5.39
CA PHE A 126 10.72 2.76 -4.19
C PHE A 126 9.34 3.42 -4.34
N PRO A 127 8.54 3.45 -3.26
CA PRO A 127 7.25 4.13 -3.26
C PRO A 127 7.36 5.65 -2.98
N GLU A 128 6.49 6.42 -3.59
CA GLU A 128 6.43 7.87 -3.40
C GLU A 128 5.13 8.22 -2.70
N TYR A 129 5.14 9.21 -1.83
CA TYR A 129 3.93 9.62 -1.17
C TYR A 129 3.35 10.84 -1.84
N GLN A 130 2.14 10.69 -2.35
CA GLN A 130 1.43 11.81 -2.95
C GLN A 130 0.85 12.70 -1.88
N GLU A 131 -0.35 12.35 -1.42
CA GLU A 131 -1.09 13.01 -0.35
C GLU A 131 -2.33 12.21 -0.05
N GLU A 132 -2.60 12.02 1.19
CA GLU A 132 -3.83 11.42 1.61
C GLU A 132 -4.92 12.47 1.47
N ASP A 133 -6.00 12.06 0.87
CA ASP A 133 -7.11 12.94 0.56
C ASP A 133 -8.35 12.12 0.39
N ASN A 134 -8.22 11.12 -0.44
CA ASN A 134 -9.27 10.19 -0.80
C ASN A 134 -9.43 9.05 0.22
N SER A 135 -9.32 9.39 1.52
CA SER A 135 -9.53 8.48 2.70
C SER A 135 -8.49 7.35 2.81
N THR A 136 -7.59 7.32 1.91
CA THR A 136 -6.57 6.34 1.89
C THR A 136 -5.30 6.98 1.37
N TYR A 137 -4.19 6.53 1.88
CA TYR A 137 -2.91 7.05 1.51
C TYR A 137 -2.48 6.42 0.21
N ASN A 138 -2.24 7.23 -0.77
CA ASN A 138 -1.76 6.73 -2.05
C ASN A 138 -0.29 6.91 -2.21
N PHE A 139 0.36 5.82 -2.53
CA PHE A 139 1.76 5.79 -2.82
C PHE A 139 1.97 5.41 -4.26
N ARG A 140 2.96 5.99 -4.88
CA ARG A 140 3.28 5.73 -6.25
C ARG A 140 4.51 4.85 -6.28
N TRP A 141 4.39 3.69 -6.81
CA TRP A 141 5.48 2.77 -6.79
C TRP A 141 5.93 2.49 -8.20
N TYR A 142 7.18 2.74 -8.49
CA TYR A 142 7.74 2.39 -9.76
C TYR A 142 8.53 1.11 -9.65
N THR A 143 7.91 0.02 -10.02
CA THR A 143 8.54 -1.26 -9.91
C THR A 143 8.50 -2.00 -11.24
N SER A 144 9.59 -2.68 -11.55
CA SER A 144 9.70 -3.44 -12.76
C SER A 144 8.63 -4.55 -12.79
N TYR A 145 8.21 -5.01 -11.60
CA TYR A 145 7.27 -6.11 -11.45
C TYR A 145 5.85 -5.72 -11.78
N ALA A 146 5.60 -4.42 -11.92
CA ALA A 146 4.27 -3.94 -12.26
C ALA A 146 4.19 -3.64 -13.75
N CYS A 147 5.21 -4.03 -14.45
CA CYS A 147 5.30 -3.79 -15.85
C CYS A 147 5.49 -5.11 -16.57
N PRO A 148 4.66 -5.41 -17.57
CA PRO A 148 4.81 -6.62 -18.33
C PRO A 148 5.87 -6.47 -19.42
N GLU A 1 -14.01 5.80 4.01
CA GLU A 1 -13.19 4.87 3.23
C GLU A 1 -14.10 3.71 2.86
N ALA A 2 -14.46 3.62 1.61
CA ALA A 2 -15.33 2.57 1.13
C ALA A 2 -15.22 2.45 -0.36
N GLU A 3 -15.17 1.25 -0.85
CA GLU A 3 -15.10 1.05 -2.26
C GLU A 3 -15.76 -0.25 -2.66
N ALA A 4 -17.04 -0.16 -2.91
CA ALA A 4 -17.81 -1.29 -3.37
C ALA A 4 -18.07 -1.13 -4.85
N GLU A 5 -17.67 0.02 -5.35
CA GLU A 5 -17.78 0.33 -6.74
C GLU A 5 -16.49 -0.07 -7.42
N PHE A 6 -16.50 -1.23 -8.05
CA PHE A 6 -15.33 -1.73 -8.69
C PHE A 6 -15.66 -2.66 -9.85
N LEU A 7 -14.91 -2.50 -10.91
CA LEU A 7 -15.01 -3.35 -12.10
C LEU A 7 -13.64 -3.36 -12.74
N SER A 8 -13.03 -2.18 -12.80
CA SER A 8 -11.70 -2.03 -13.34
C SER A 8 -10.66 -2.42 -12.28
N ARG A 9 -11.15 -2.84 -11.14
CA ARG A 9 -10.34 -3.32 -10.04
C ARG A 9 -10.62 -4.79 -9.85
N THR A 10 -9.64 -5.57 -10.11
CA THR A 10 -9.68 -6.98 -9.94
C THR A 10 -8.90 -7.29 -8.66
N GLU A 11 -9.40 -8.12 -7.79
CA GLU A 11 -8.64 -8.42 -6.60
C GLU A 11 -8.20 -9.87 -6.60
N GLY A 12 -6.94 -10.09 -6.37
CA GLY A 12 -6.39 -11.40 -6.43
C GLY A 12 -6.21 -12.03 -5.08
N ASP A 13 -5.04 -12.61 -4.89
CA ASP A 13 -4.72 -13.36 -3.69
C ASP A 13 -3.60 -12.70 -2.92
N ASN A 14 -3.02 -13.42 -1.99
CA ASN A 14 -1.96 -12.90 -1.16
C ASN A 14 -0.67 -12.72 -1.95
N CYS A 15 -0.22 -11.48 -2.03
CA CYS A 15 1.07 -11.10 -2.61
C CYS A 15 1.19 -11.30 -4.13
N THR A 16 0.27 -12.03 -4.72
CA THR A 16 0.25 -12.21 -6.14
C THR A 16 -1.11 -11.80 -6.67
N VAL A 17 -1.14 -11.24 -7.83
CA VAL A 17 -2.39 -10.85 -8.40
C VAL A 17 -2.53 -11.35 -9.82
N PHE A 18 -3.54 -12.13 -10.06
CA PHE A 18 -3.87 -12.50 -11.40
C PHE A 18 -5.14 -11.84 -11.80
N ASP A 19 -5.07 -11.09 -12.86
CA ASP A 19 -6.19 -10.36 -13.35
C ASP A 19 -6.73 -11.05 -14.58
N SER A 20 -7.99 -11.37 -14.53
CA SER A 20 -8.68 -12.05 -15.59
C SER A 20 -8.88 -11.17 -16.84
N GLN A 21 -9.11 -9.87 -16.65
CA GLN A 21 -9.36 -9.02 -17.78
C GLN A 21 -8.06 -8.63 -18.44
N ALA A 22 -7.03 -8.44 -17.63
CA ALA A 22 -5.74 -8.04 -18.12
C ALA A 22 -4.97 -9.23 -18.64
N GLY A 23 -5.33 -10.42 -18.17
CA GLY A 23 -4.71 -11.66 -18.62
C GLY A 23 -3.26 -11.81 -18.17
N PHE A 24 -2.86 -11.01 -17.20
CA PHE A 24 -1.49 -11.06 -16.70
C PHE A 24 -1.49 -11.27 -15.22
N SER A 25 -0.47 -11.92 -14.75
CA SER A 25 -0.31 -12.22 -13.36
C SER A 25 0.96 -11.54 -12.85
N PHE A 26 0.86 -10.85 -11.75
CA PHE A 26 1.98 -10.13 -11.22
C PHE A 26 2.30 -10.56 -9.79
N ASP A 27 3.58 -10.71 -9.51
CA ASP A 27 4.06 -11.15 -8.21
C ASP A 27 4.70 -9.99 -7.53
N LEU A 28 4.12 -9.57 -6.45
CA LEU A 28 4.71 -8.53 -5.67
C LEU A 28 5.29 -9.13 -4.39
N THR A 29 5.37 -10.43 -4.40
CA THR A 29 5.87 -11.23 -3.32
C THR A 29 7.37 -10.89 -2.96
N PRO A 30 8.33 -10.85 -3.96
CA PRO A 30 9.76 -10.52 -3.68
C PRO A 30 9.95 -9.09 -3.18
N LEU A 31 8.95 -8.28 -3.44
CA LEU A 31 8.95 -6.85 -3.11
C LEU A 31 8.90 -6.62 -1.61
N THR A 32 8.37 -7.60 -0.91
CA THR A 32 8.24 -7.56 0.53
C THR A 32 9.62 -7.51 1.19
N LYS A 33 9.81 -6.57 2.10
CA LYS A 33 11.05 -6.42 2.80
C LYS A 33 10.85 -6.46 4.31
N LYS A 34 11.78 -7.07 5.00
CA LYS A 34 11.77 -7.10 6.45
C LYS A 34 12.14 -5.73 7.02
N ASP A 35 12.91 -4.98 6.26
CA ASP A 35 13.26 -3.61 6.65
C ASP A 35 12.11 -2.72 6.29
N ALA A 36 11.31 -3.21 5.34
CA ALA A 36 10.18 -2.52 4.76
C ALA A 36 10.66 -1.25 4.04
N TYR A 37 9.74 -0.50 3.55
CA TYR A 37 10.07 0.71 2.83
C TYR A 37 9.66 1.89 3.63
N LYS A 38 10.50 2.88 3.67
CA LYS A 38 10.21 4.09 4.36
C LYS A 38 10.21 5.23 3.38
N VAL A 39 9.24 6.08 3.51
CA VAL A 39 9.21 7.30 2.78
C VAL A 39 9.32 8.39 3.83
N GLU A 40 10.12 9.36 3.61
CA GLU A 40 10.31 10.38 4.62
C GLU A 40 9.76 11.67 4.13
N THR A 41 9.14 12.40 5.00
CA THR A 41 8.62 13.67 4.67
C THR A 41 9.24 14.63 5.65
N ASP A 42 8.75 15.81 5.73
CA ASP A 42 9.29 16.77 6.66
C ASP A 42 9.07 16.34 8.08
N LYS A 43 7.87 15.90 8.39
CA LYS A 43 7.53 15.61 9.76
C LYS A 43 7.10 14.18 9.99
N TYR A 44 6.95 13.42 8.95
CA TYR A 44 6.51 12.05 9.10
C TYR A 44 7.36 11.13 8.29
N GLU A 45 7.30 9.89 8.61
CA GLU A 45 7.84 8.89 7.78
C GLU A 45 6.74 7.90 7.60
N PHE A 46 6.68 7.32 6.48
CA PHE A 46 5.73 6.31 6.26
C PHE A 46 6.49 5.05 6.04
N HIS A 47 6.22 4.07 6.83
CA HIS A 47 6.85 2.83 6.65
C HIS A 47 5.81 1.84 6.23
N ILE A 48 6.03 1.23 5.11
CA ILE A 48 5.05 0.34 4.54
C ILE A 48 5.78 -0.87 4.00
N ASN A 49 5.10 -1.94 3.90
CA ASN A 49 5.68 -3.15 3.35
C ASN A 49 4.71 -3.72 2.33
N VAL A 50 5.21 -4.47 1.37
CA VAL A 50 4.37 -5.03 0.34
C VAL A 50 3.75 -6.30 0.82
N CYS A 51 2.44 -6.26 0.92
CA CYS A 51 1.54 -7.31 1.37
C CYS A 51 1.83 -7.81 2.79
N GLY A 52 0.79 -8.17 3.47
CA GLY A 52 0.92 -8.67 4.80
C GLY A 52 1.14 -7.55 5.75
N PRO A 53 1.84 -7.81 6.83
CA PRO A 53 2.21 -6.79 7.79
C PRO A 53 3.54 -6.10 7.45
N VAL A 54 3.81 -5.04 8.17
CA VAL A 54 5.03 -4.33 8.05
C VAL A 54 5.89 -4.68 9.26
N SER A 55 7.10 -5.04 9.04
CA SER A 55 7.96 -5.39 10.11
C SER A 55 8.75 -4.19 10.64
N VAL A 56 8.05 -3.36 11.40
CA VAL A 56 8.60 -2.19 12.05
C VAL A 56 8.07 -2.17 13.47
N GLY A 57 8.93 -1.93 14.43
CA GLY A 57 8.54 -1.94 15.83
C GLY A 57 7.58 -0.82 16.20
N ALA A 58 7.49 0.18 15.35
CA ALA A 58 6.63 1.35 15.59
C ALA A 58 5.16 0.96 15.70
N CYS A 59 4.75 0.03 14.87
CA CYS A 59 3.39 -0.44 14.89
C CYS A 59 3.35 -1.94 15.03
N PRO A 60 2.25 -2.49 15.59
CA PRO A 60 2.10 -3.93 15.82
C PRO A 60 2.19 -4.76 14.53
N PRO A 61 2.61 -6.04 14.64
CA PRO A 61 2.65 -7.00 13.49
C PRO A 61 1.30 -7.14 12.78
N ASP A 62 0.27 -6.61 13.38
CA ASP A 62 -1.07 -6.62 12.80
C ASP A 62 -1.22 -5.53 11.75
N SER A 63 -0.23 -4.66 11.66
CA SER A 63 -0.27 -3.55 10.73
C SER A 63 0.67 -3.79 9.56
N GLY A 64 0.24 -3.38 8.37
CA GLY A 64 1.05 -3.52 7.17
C GLY A 64 1.64 -2.18 6.71
N ALA A 65 1.18 -1.11 7.30
CA ALA A 65 1.66 0.23 6.99
C ALA A 65 1.54 1.10 8.22
N CYS A 66 2.60 1.78 8.55
CA CYS A 66 2.68 2.54 9.76
C CYS A 66 3.36 3.88 9.53
N GLN A 67 2.79 4.92 10.07
CA GLN A 67 3.39 6.24 9.99
C GLN A 67 3.70 6.75 11.36
N VAL A 68 4.77 7.48 11.47
CA VAL A 68 5.13 8.08 12.71
C VAL A 68 5.55 9.52 12.48
N SER A 69 5.00 10.38 13.28
CA SER A 69 5.33 11.75 13.25
C SER A 69 6.61 11.93 14.01
N ARG A 70 7.64 12.27 13.31
CA ARG A 70 8.93 12.52 13.92
C ARG A 70 8.85 13.82 14.73
N SER A 71 7.85 14.63 14.37
CA SER A 71 7.63 15.91 14.97
C SER A 71 6.88 15.79 16.33
N ASP A 72 5.79 15.02 16.37
CA ASP A 72 4.97 14.93 17.61
C ASP A 72 5.20 13.59 18.37
N ARG A 73 5.87 12.66 17.72
CA ARG A 73 6.24 11.35 18.23
C ARG A 73 5.02 10.41 18.34
N LYS A 74 4.03 10.72 17.58
CA LYS A 74 2.84 9.91 17.45
C LYS A 74 2.96 8.99 16.25
N SER A 75 2.43 7.81 16.36
CA SER A 75 2.41 6.90 15.23
C SER A 75 1.03 6.35 15.03
N TRP A 76 0.71 6.03 13.80
CA TRP A 76 -0.61 5.61 13.44
C TRP A 76 -0.56 4.41 12.52
N ASN A 77 -1.64 3.68 12.51
CA ASN A 77 -1.76 2.47 11.72
C ASN A 77 -2.46 2.85 10.42
N LEU A 78 -1.83 2.56 9.31
CA LEU A 78 -2.34 2.94 8.01
C LEU A 78 -2.95 1.76 7.28
N GLY A 79 -3.18 0.71 8.00
CA GLY A 79 -3.79 -0.43 7.44
C GLY A 79 -3.31 -1.68 8.08
N ARG A 80 -4.24 -2.52 8.48
CA ARG A 80 -3.88 -3.75 9.09
C ARG A 80 -3.37 -4.70 8.01
N SER A 81 -2.78 -5.78 8.44
CA SER A 81 -2.16 -6.73 7.55
C SER A 81 -3.14 -7.27 6.51
N ASN A 82 -2.76 -7.12 5.27
CA ASN A 82 -3.55 -7.54 4.14
C ASN A 82 -2.63 -7.88 3.03
N ALA A 83 -2.88 -8.95 2.37
CA ALA A 83 -2.02 -9.35 1.31
C ALA A 83 -2.77 -9.48 0.02
N LYS A 84 -4.06 -9.17 0.06
CA LYS A 84 -4.89 -9.29 -1.12
C LYS A 84 -4.60 -8.13 -2.05
N LEU A 85 -3.95 -8.41 -3.14
CA LEU A 85 -3.58 -7.37 -4.08
C LEU A 85 -4.70 -7.10 -5.04
N SER A 86 -4.79 -5.89 -5.50
CA SER A 86 -5.77 -5.51 -6.46
C SER A 86 -5.08 -5.04 -7.73
N TYR A 87 -5.72 -5.21 -8.81
CA TYR A 87 -5.21 -4.80 -10.06
C TYR A 87 -6.20 -3.83 -10.64
N TYR A 88 -5.78 -2.64 -10.88
CA TYR A 88 -6.62 -1.65 -11.46
C TYR A 88 -6.22 -1.53 -12.90
N ASP A 89 -7.17 -1.36 -13.79
CA ASP A 89 -6.84 -1.24 -15.21
C ASP A 89 -5.83 -0.12 -15.41
N GLY A 90 -4.68 -0.49 -15.92
CA GLY A 90 -3.63 0.45 -16.10
C GLY A 90 -2.45 0.20 -15.16
N MET A 91 -2.74 -0.01 -13.87
CA MET A 91 -1.70 -0.22 -12.87
C MET A 91 -2.20 -1.00 -11.66
N ILE A 92 -1.31 -1.78 -11.06
CA ILE A 92 -1.64 -2.59 -9.90
C ILE A 92 -1.75 -1.70 -8.65
N GLN A 93 -2.72 -1.96 -7.80
CA GLN A 93 -2.95 -1.17 -6.60
C GLN A 93 -3.14 -2.08 -5.40
N LEU A 94 -2.58 -1.71 -4.30
CA LEU A 94 -2.72 -2.50 -3.11
C LEU A 94 -3.42 -1.64 -2.10
N THR A 95 -4.51 -2.11 -1.58
CA THR A 95 -5.27 -1.39 -0.61
C THR A 95 -5.17 -2.12 0.72
N TYR A 96 -4.84 -1.42 1.76
CA TYR A 96 -4.82 -2.04 3.07
C TYR A 96 -6.10 -1.82 3.80
N ARG A 97 -6.21 -2.43 4.96
CA ARG A 97 -7.42 -2.40 5.74
C ARG A 97 -7.54 -1.15 6.60
N ASP A 98 -8.62 -1.09 7.36
CA ASP A 98 -9.04 0.06 8.18
C ASP A 98 -7.91 0.61 9.09
N GLY A 99 -7.11 -0.28 9.62
CA GLY A 99 -5.98 0.10 10.46
C GLY A 99 -6.39 0.87 11.69
N THR A 100 -6.09 2.14 11.70
CA THR A 100 -6.44 3.01 12.77
C THR A 100 -6.98 4.33 12.25
N PRO A 101 -8.26 4.63 12.52
CA PRO A 101 -8.92 5.84 12.03
C PRO A 101 -8.30 7.12 12.60
N TYR A 102 -8.44 8.21 11.83
CA TYR A 102 -7.81 9.50 12.13
C TYR A 102 -7.97 9.98 13.57
N ASN A 103 -9.13 10.54 13.88
CA ASN A 103 -9.41 11.06 15.23
C ASN A 103 -10.81 11.64 15.29
N ASN A 104 -11.65 11.22 14.40
CA ASN A 104 -12.96 11.77 14.31
C ASN A 104 -13.96 10.86 14.96
N GLU A 105 -15.02 11.43 15.47
CA GLU A 105 -16.09 10.69 16.15
C GLU A 105 -16.70 9.63 15.24
N LYS A 106 -16.72 9.93 13.96
CA LYS A 106 -17.25 9.05 12.96
C LYS A 106 -16.26 7.91 12.68
N ARG A 107 -14.98 8.17 12.96
CA ARG A 107 -13.90 7.23 12.71
C ARG A 107 -13.73 6.91 11.26
N THR A 108 -12.89 7.62 10.65
CA THR A 108 -12.54 7.36 9.30
C THR A 108 -11.23 6.59 9.30
N PRO A 109 -11.27 5.30 8.93
CA PRO A 109 -10.10 4.45 8.93
C PRO A 109 -9.05 4.92 7.95
N ARG A 110 -7.81 4.80 8.34
CA ARG A 110 -6.70 5.13 7.51
C ARG A 110 -6.31 3.91 6.72
N ALA A 111 -6.28 4.05 5.43
CA ALA A 111 -5.91 2.95 4.62
C ALA A 111 -4.82 3.38 3.68
N THR A 112 -4.05 2.46 3.23
CA THR A 112 -2.96 2.76 2.34
C THR A 112 -3.24 2.16 0.97
N LEU A 113 -3.06 2.96 -0.05
CA LEU A 113 -3.22 2.52 -1.38
C LEU A 113 -1.89 2.70 -2.06
N ILE A 114 -1.31 1.63 -2.44
CA ILE A 114 -0.05 1.67 -3.11
C ILE A 114 -0.32 1.45 -4.57
N THR A 115 0.04 2.40 -5.36
CA THR A 115 -0.19 2.35 -6.77
C THR A 115 1.11 1.98 -7.44
N PHE A 116 1.12 0.89 -8.11
CA PHE A 116 2.31 0.39 -8.76
C PHE A 116 2.32 0.78 -10.20
N LEU A 117 3.37 1.43 -10.61
CA LEU A 117 3.50 1.89 -11.95
C LEU A 117 4.62 1.14 -12.62
N CYS A 118 4.48 0.97 -13.89
CA CYS A 118 5.45 0.29 -14.69
C CYS A 118 6.50 1.25 -15.17
N ASP A 119 7.74 1.02 -14.79
CA ASP A 119 8.80 1.86 -15.25
C ASP A 119 9.96 1.10 -15.86
N ARG A 120 10.53 1.74 -16.83
CA ARG A 120 11.68 1.30 -17.61
C ARG A 120 12.85 0.88 -16.71
N ASP A 121 13.15 1.67 -15.69
CA ASP A 121 14.27 1.37 -14.79
C ASP A 121 13.91 1.71 -13.37
N ALA A 122 13.79 0.70 -12.56
CA ALA A 122 13.44 0.88 -11.17
C ALA A 122 14.02 -0.24 -10.35
N GLY A 123 13.63 -1.44 -10.69
CA GLY A 123 14.13 -2.59 -10.03
C GLY A 123 13.10 -3.10 -9.11
N VAL A 124 13.39 -3.07 -7.84
CA VAL A 124 12.43 -3.47 -6.86
C VAL A 124 11.40 -2.34 -6.71
N GLY A 125 11.86 -1.15 -6.96
CA GLY A 125 10.99 -0.03 -6.93
C GLY A 125 10.92 0.68 -5.60
N PHE A 126 10.87 1.97 -5.69
CA PHE A 126 10.72 2.87 -4.56
C PHE A 126 9.31 3.45 -4.54
N PRO A 127 8.62 3.39 -3.39
CA PRO A 127 7.33 4.07 -3.22
C PRO A 127 7.53 5.58 -2.97
N GLU A 128 6.61 6.37 -3.45
CA GLU A 128 6.67 7.80 -3.28
C GLU A 128 5.35 8.25 -2.67
N TYR A 129 5.41 9.03 -1.60
CA TYR A 129 4.17 9.50 -0.99
C TYR A 129 3.64 10.67 -1.75
N GLN A 130 2.44 10.53 -2.20
CA GLN A 130 1.82 11.59 -2.93
C GLN A 130 0.88 12.38 -2.07
N GLU A 131 -0.26 11.83 -1.80
CA GLU A 131 -1.25 12.56 -1.06
C GLU A 131 -2.30 11.67 -0.45
N GLU A 132 -2.52 11.86 0.83
CA GLU A 132 -3.70 11.37 1.47
C GLU A 132 -4.74 12.44 1.22
N ASP A 133 -5.87 12.06 0.73
CA ASP A 133 -6.90 13.03 0.36
C ASP A 133 -8.25 12.35 0.29
N ASN A 134 -8.22 11.13 -0.15
CA ASN A 134 -9.42 10.32 -0.34
C ASN A 134 -9.61 9.33 0.82
N SER A 135 -9.09 9.69 2.00
CA SER A 135 -9.14 8.88 3.25
C SER A 135 -8.21 7.67 3.20
N THR A 136 -7.55 7.55 2.10
CA THR A 136 -6.62 6.53 1.86
C THR A 136 -5.31 7.20 1.39
N TYR A 137 -4.20 6.76 1.94
CA TYR A 137 -2.89 7.30 1.63
C TYR A 137 -2.38 6.66 0.35
N ASN A 138 -2.13 7.46 -0.65
CA ASN A 138 -1.63 6.94 -1.92
C ASN A 138 -0.14 7.11 -2.07
N PHE A 139 0.49 6.03 -2.43
CA PHE A 139 1.91 5.99 -2.72
C PHE A 139 2.10 5.49 -4.12
N ARG A 140 3.09 6.01 -4.80
CA ARG A 140 3.39 5.54 -6.15
C ARG A 140 4.58 4.69 -6.08
N TRP A 141 4.45 3.52 -6.52
CA TRP A 141 5.52 2.60 -6.50
C TRP A 141 5.92 2.35 -7.93
N TYR A 142 7.09 2.73 -8.29
CA TYR A 142 7.59 2.47 -9.61
C TYR A 142 8.41 1.21 -9.57
N THR A 143 7.86 0.13 -10.08
CA THR A 143 8.53 -1.16 -9.99
C THR A 143 8.52 -1.87 -11.32
N SER A 144 9.60 -2.53 -11.60
CA SER A 144 9.77 -3.32 -12.78
C SER A 144 8.84 -4.54 -12.74
N TYR A 145 8.46 -4.96 -11.52
CA TYR A 145 7.59 -6.11 -11.32
C TYR A 145 6.16 -5.82 -11.75
N ALA A 146 5.86 -4.55 -12.00
CA ALA A 146 4.53 -4.15 -12.45
C ALA A 146 4.51 -4.06 -13.97
N CYS A 147 5.58 -4.52 -14.59
CA CYS A 147 5.71 -4.49 -16.02
C CYS A 147 5.61 -5.89 -16.59
N PRO A 148 4.71 -6.10 -17.56
CA PRO A 148 4.58 -7.36 -18.25
C PRO A 148 5.64 -7.50 -19.35
N GLU A 1 -13.35 6.29 3.11
CA GLU A 1 -13.98 5.55 2.03
C GLU A 1 -14.84 4.45 2.60
N ALA A 2 -15.92 4.17 1.94
CA ALA A 2 -16.84 3.16 2.38
C ALA A 2 -16.94 2.04 1.35
N GLU A 3 -16.76 2.37 0.09
CA GLU A 3 -16.89 1.38 -0.96
C GLU A 3 -15.96 1.64 -2.13
N ALA A 4 -15.22 0.63 -2.51
CA ALA A 4 -14.34 0.71 -3.66
C ALA A 4 -14.71 -0.41 -4.61
N GLU A 5 -15.57 -0.10 -5.55
CA GLU A 5 -16.08 -1.08 -6.50
C GLU A 5 -15.99 -0.54 -7.90
N PHE A 6 -15.26 -1.23 -8.72
CA PHE A 6 -15.08 -0.86 -10.10
C PHE A 6 -15.60 -1.97 -10.98
N LEU A 7 -15.78 -1.69 -12.26
CA LEU A 7 -16.30 -2.67 -13.21
C LEU A 7 -15.35 -3.88 -13.27
N SER A 8 -14.08 -3.60 -13.21
CA SER A 8 -13.09 -4.62 -13.16
C SER A 8 -12.24 -4.45 -11.92
N ARG A 9 -12.59 -5.20 -10.91
CA ARG A 9 -11.88 -5.18 -9.68
C ARG A 9 -11.34 -6.55 -9.44
N THR A 10 -10.08 -6.73 -9.65
CA THR A 10 -9.51 -8.01 -9.45
C THR A 10 -8.76 -8.02 -8.14
N GLU A 11 -9.20 -8.80 -7.21
CA GLU A 11 -8.55 -8.90 -5.96
C GLU A 11 -7.88 -10.25 -5.85
N GLY A 12 -6.61 -10.25 -5.50
CA GLY A 12 -5.84 -11.45 -5.39
C GLY A 12 -6.00 -12.13 -4.04
N ASP A 13 -5.01 -12.89 -3.66
CA ASP A 13 -5.04 -13.63 -2.41
C ASP A 13 -3.74 -13.50 -1.69
N ASN A 14 -2.70 -13.81 -2.40
CA ASN A 14 -1.35 -13.69 -1.91
C ASN A 14 -0.84 -12.39 -2.54
N CYS A 15 0.41 -12.04 -2.38
CA CYS A 15 0.93 -10.83 -2.94
C CYS A 15 1.21 -11.02 -4.45
N THR A 16 0.36 -11.74 -5.10
CA THR A 16 0.44 -11.94 -6.48
C THR A 16 -0.92 -11.60 -7.03
N VAL A 17 -0.97 -11.02 -8.17
CA VAL A 17 -2.23 -10.67 -8.73
C VAL A 17 -2.33 -11.12 -10.16
N PHE A 18 -3.41 -11.73 -10.51
CA PHE A 18 -3.66 -12.04 -11.87
C PHE A 18 -4.96 -11.42 -12.27
N ASP A 19 -4.89 -10.61 -13.28
CA ASP A 19 -6.03 -9.92 -13.74
C ASP A 19 -6.50 -10.54 -15.04
N SER A 20 -7.74 -10.95 -15.06
CA SER A 20 -8.31 -11.63 -16.19
C SER A 20 -8.48 -10.67 -17.39
N GLN A 21 -8.64 -9.39 -17.13
CA GLN A 21 -8.86 -8.41 -18.19
C GLN A 21 -7.54 -8.07 -18.80
N ALA A 22 -6.55 -7.90 -17.93
CA ALA A 22 -5.22 -7.50 -18.32
C ALA A 22 -4.45 -8.66 -18.87
N GLY A 23 -4.85 -9.86 -18.51
CA GLY A 23 -4.23 -11.07 -19.04
C GLY A 23 -2.77 -11.23 -18.60
N PHE A 24 -2.41 -10.61 -17.49
CA PHE A 24 -1.06 -10.71 -16.98
C PHE A 24 -1.09 -11.02 -15.49
N SER A 25 -0.17 -11.85 -15.08
CA SER A 25 -0.02 -12.22 -13.71
C SER A 25 1.24 -11.57 -13.14
N PHE A 26 1.12 -10.94 -12.01
CA PHE A 26 2.22 -10.22 -11.42
C PHE A 26 2.51 -10.74 -10.02
N ASP A 27 3.77 -11.00 -9.72
CA ASP A 27 4.15 -11.48 -8.41
C ASP A 27 4.88 -10.38 -7.70
N LEU A 28 4.31 -9.86 -6.65
CA LEU A 28 4.96 -8.81 -5.91
C LEU A 28 5.50 -9.30 -4.57
N THR A 29 5.56 -10.59 -4.44
CA THR A 29 6.04 -11.26 -3.26
C THR A 29 7.56 -10.96 -2.93
N PRO A 30 8.49 -10.90 -3.95
CA PRO A 30 9.90 -10.56 -3.70
C PRO A 30 10.06 -9.12 -3.20
N LEU A 31 9.05 -8.31 -3.44
CA LEU A 31 9.02 -6.90 -3.08
C LEU A 31 8.81 -6.71 -1.58
N THR A 32 8.34 -7.73 -0.92
CA THR A 32 8.10 -7.72 0.51
C THR A 32 9.42 -7.66 1.27
N LYS A 33 9.49 -6.82 2.29
CA LYS A 33 10.67 -6.66 3.09
C LYS A 33 10.36 -6.69 4.57
N LYS A 34 11.28 -7.25 5.33
CA LYS A 34 11.24 -7.26 6.78
C LYS A 34 11.51 -5.86 7.28
N ASP A 35 12.48 -5.24 6.65
CA ASP A 35 12.91 -3.88 6.97
C ASP A 35 11.92 -2.83 6.47
N ALA A 36 11.02 -3.27 5.56
CA ALA A 36 9.98 -2.43 4.98
C ALA A 36 10.55 -1.30 4.11
N TYR A 37 9.68 -0.49 3.57
CA TYR A 37 10.05 0.67 2.81
C TYR A 37 9.67 1.91 3.56
N LYS A 38 10.58 2.84 3.70
CA LYS A 38 10.27 4.08 4.34
C LYS A 38 10.22 5.22 3.33
N VAL A 39 9.16 5.95 3.37
CA VAL A 39 8.99 7.13 2.58
C VAL A 39 9.11 8.29 3.55
N GLU A 40 9.74 9.36 3.15
CA GLU A 40 9.96 10.45 4.07
C GLU A 40 9.43 11.76 3.57
N THR A 41 8.90 12.53 4.48
CA THR A 41 8.43 13.84 4.22
C THR A 41 9.19 14.77 5.17
N ASP A 42 8.76 15.99 5.34
CA ASP A 42 9.45 16.90 6.25
C ASP A 42 9.40 16.42 7.68
N LYS A 43 8.22 16.05 8.12
CA LYS A 43 8.06 15.69 9.51
C LYS A 43 7.44 14.32 9.74
N TYR A 44 7.05 13.66 8.70
CA TYR A 44 6.49 12.33 8.83
C TYR A 44 7.25 11.36 7.98
N GLU A 45 7.21 10.14 8.34
CA GLU A 45 7.80 9.11 7.57
C GLU A 45 6.82 7.98 7.52
N PHE A 46 6.79 7.30 6.44
CA PHE A 46 5.84 6.25 6.27
C PHE A 46 6.57 4.95 6.00
N HIS A 47 6.28 3.96 6.77
CA HIS A 47 6.81 2.64 6.53
C HIS A 47 5.71 1.78 6.04
N ILE A 48 5.90 1.20 4.91
CA ILE A 48 4.92 0.34 4.33
C ILE A 48 5.64 -0.88 3.81
N ASN A 49 4.94 -1.94 3.70
CA ASN A 49 5.50 -3.15 3.17
C ASN A 49 4.58 -3.68 2.10
N VAL A 50 5.13 -4.42 1.15
CA VAL A 50 4.33 -5.01 0.10
C VAL A 50 3.71 -6.26 0.58
N CYS A 51 2.45 -6.15 0.91
CA CYS A 51 1.60 -7.23 1.32
C CYS A 51 1.97 -7.76 2.70
N GLY A 52 0.98 -8.19 3.41
CA GLY A 52 1.18 -8.72 4.71
C GLY A 52 1.36 -7.62 5.69
N PRO A 53 2.10 -7.87 6.74
CA PRO A 53 2.39 -6.91 7.74
C PRO A 53 3.75 -6.21 7.53
N VAL A 54 3.89 -5.09 8.17
CA VAL A 54 5.10 -4.33 8.14
C VAL A 54 5.78 -4.53 9.48
N SER A 55 7.04 -4.85 9.48
CA SER A 55 7.71 -5.05 10.71
C SER A 55 8.38 -3.78 11.19
N VAL A 56 7.59 -2.93 11.78
CA VAL A 56 8.08 -1.72 12.38
C VAL A 56 7.65 -1.73 13.82
N GLY A 57 8.55 -1.46 14.73
CA GLY A 57 8.21 -1.49 16.14
C GLY A 57 7.48 -0.25 16.62
N ALA A 58 6.90 0.47 15.69
CA ALA A 58 6.18 1.68 15.99
C ALA A 58 4.68 1.41 16.00
N CYS A 59 4.27 0.38 15.34
CA CYS A 59 2.87 0.03 15.27
C CYS A 59 2.71 -1.46 15.53
N PRO A 60 1.50 -1.92 15.90
CA PRO A 60 1.23 -3.34 16.14
C PRO A 60 1.68 -4.21 14.96
N PRO A 61 2.27 -5.39 15.26
CA PRO A 61 2.76 -6.34 14.25
C PRO A 61 1.75 -6.66 13.13
N ASP A 62 0.47 -6.55 13.42
CA ASP A 62 -0.59 -6.86 12.44
C ASP A 62 -0.84 -5.69 11.50
N SER A 63 -0.05 -4.65 11.58
CA SER A 63 -0.17 -3.53 10.68
C SER A 63 0.70 -3.78 9.44
N GLY A 64 0.21 -3.37 8.28
CA GLY A 64 0.96 -3.52 7.03
C GLY A 64 1.56 -2.21 6.56
N ALA A 65 1.15 -1.12 7.19
CA ALA A 65 1.63 0.21 6.89
C ALA A 65 1.51 1.08 8.12
N CYS A 66 2.60 1.66 8.52
CA CYS A 66 2.69 2.43 9.73
C CYS A 66 3.47 3.71 9.49
N GLN A 67 2.89 4.80 9.89
CA GLN A 67 3.55 6.08 9.79
C GLN A 67 3.89 6.58 11.15
N VAL A 68 4.97 7.25 11.24
CA VAL A 68 5.40 7.83 12.45
C VAL A 68 5.83 9.25 12.20
N SER A 69 5.37 10.14 13.01
CA SER A 69 5.75 11.49 12.93
C SER A 69 7.09 11.63 13.57
N ARG A 70 8.08 12.03 12.80
CA ARG A 70 9.41 12.16 13.33
C ARG A 70 9.46 13.35 14.27
N SER A 71 8.48 14.22 14.11
CA SER A 71 8.30 15.37 14.96
C SER A 71 7.56 15.04 16.26
N ASP A 72 6.48 14.32 16.17
CA ASP A 72 5.63 14.08 17.36
C ASP A 72 5.98 12.80 18.07
N ARG A 73 6.63 11.90 17.37
CA ARG A 73 6.98 10.55 17.88
C ARG A 73 5.72 9.70 18.03
N LYS A 74 4.69 10.14 17.34
CA LYS A 74 3.40 9.50 17.26
C LYS A 74 3.38 8.60 16.05
N SER A 75 2.83 7.43 16.17
CA SER A 75 2.72 6.54 15.04
C SER A 75 1.33 5.96 14.93
N TRP A 76 0.86 5.83 13.72
CA TRP A 76 -0.49 5.40 13.46
C TRP A 76 -0.51 4.23 12.50
N ASN A 77 -1.58 3.49 12.53
CA ASN A 77 -1.75 2.31 11.69
C ASN A 77 -2.52 2.75 10.46
N LEU A 78 -1.92 2.59 9.32
CA LEU A 78 -2.54 3.05 8.09
C LEU A 78 -3.21 1.90 7.36
N GLY A 79 -3.22 0.77 7.97
CA GLY A 79 -3.84 -0.37 7.40
C GLY A 79 -3.28 -1.62 7.96
N ARG A 80 -4.15 -2.54 8.34
CA ARG A 80 -3.71 -3.77 8.90
C ARG A 80 -3.23 -4.69 7.80
N SER A 81 -2.58 -5.77 8.18
CA SER A 81 -1.94 -6.68 7.25
C SER A 81 -2.91 -7.23 6.21
N ASN A 82 -2.48 -7.17 4.97
CA ASN A 82 -3.30 -7.56 3.86
C ASN A 82 -2.42 -7.94 2.70
N ALA A 83 -2.77 -8.98 2.01
CA ALA A 83 -1.99 -9.44 0.87
C ALA A 83 -2.82 -9.39 -0.37
N LYS A 84 -4.06 -9.00 -0.22
CA LYS A 84 -4.97 -8.98 -1.33
C LYS A 84 -4.64 -7.79 -2.22
N LEU A 85 -4.03 -8.06 -3.36
CA LEU A 85 -3.70 -7.03 -4.32
C LEU A 85 -4.91 -6.74 -5.17
N SER A 86 -5.08 -5.51 -5.55
CA SER A 86 -6.18 -5.16 -6.38
C SER A 86 -5.69 -4.65 -7.73
N TYR A 87 -6.24 -5.17 -8.76
CA TYR A 87 -5.86 -4.76 -10.06
C TYR A 87 -7.06 -4.08 -10.67
N TYR A 88 -6.83 -2.91 -11.18
CA TYR A 88 -7.81 -2.15 -11.88
C TYR A 88 -7.23 -1.85 -13.20
N ASP A 89 -8.03 -1.90 -14.26
CA ASP A 89 -7.52 -1.74 -15.64
C ASP A 89 -6.53 -0.58 -15.73
N GLY A 90 -5.32 -0.90 -16.12
CA GLY A 90 -4.27 0.07 -16.18
C GLY A 90 -3.03 -0.39 -15.43
N MET A 91 -3.13 -0.50 -14.10
CA MET A 91 -1.99 -0.84 -13.21
C MET A 91 -2.50 -1.53 -11.93
N ILE A 92 -1.59 -1.76 -11.00
CA ILE A 92 -1.92 -2.46 -9.77
C ILE A 92 -2.01 -1.45 -8.61
N GLN A 93 -2.98 -1.62 -7.75
CA GLN A 93 -3.13 -0.80 -6.57
C GLN A 93 -3.39 -1.70 -5.37
N LEU A 94 -2.81 -1.37 -4.25
CA LEU A 94 -2.99 -2.21 -3.08
C LEU A 94 -3.64 -1.39 -2.01
N THR A 95 -4.76 -1.88 -1.53
CA THR A 95 -5.55 -1.22 -0.54
C THR A 95 -5.36 -1.94 0.79
N TYR A 96 -4.96 -1.25 1.81
CA TYR A 96 -4.89 -1.86 3.12
C TYR A 96 -6.15 -1.61 3.90
N ARG A 97 -6.27 -2.25 5.04
CA ARG A 97 -7.50 -2.25 5.78
C ARG A 97 -7.60 -1.13 6.79
N ASP A 98 -8.70 -1.12 7.50
CA ASP A 98 -9.12 -0.05 8.43
C ASP A 98 -8.02 0.39 9.42
N GLY A 99 -7.26 -0.55 9.93
CA GLY A 99 -6.15 -0.26 10.83
C GLY A 99 -6.55 0.61 12.02
N THR A 100 -6.07 1.83 12.03
CA THR A 100 -6.36 2.78 13.07
C THR A 100 -7.00 4.04 12.45
N PRO A 101 -8.09 4.57 13.04
CA PRO A 101 -8.77 5.77 12.56
C PRO A 101 -7.95 7.05 12.73
N TYR A 102 -8.23 8.06 11.88
CA TYR A 102 -7.54 9.38 11.87
C TYR A 102 -7.33 9.94 13.29
N ASN A 103 -8.33 10.66 13.76
CA ASN A 103 -8.34 11.32 15.07
C ASN A 103 -9.61 12.13 15.17
N ASN A 104 -10.58 11.77 14.37
CA ASN A 104 -11.75 12.55 14.23
C ASN A 104 -12.86 12.03 15.11
N GLU A 105 -13.85 12.88 15.33
CA GLU A 105 -14.99 12.57 16.19
C GLU A 105 -15.79 11.37 15.69
N LYS A 106 -15.75 11.13 14.40
CA LYS A 106 -16.49 10.03 13.80
C LYS A 106 -15.60 8.75 13.82
N ARG A 107 -14.30 8.94 14.07
CA ARG A 107 -13.30 7.86 14.08
C ARG A 107 -13.29 7.10 12.77
N THR A 108 -12.74 7.72 11.77
CA THR A 108 -12.69 7.17 10.46
C THR A 108 -11.38 6.41 10.25
N PRO A 109 -11.45 5.10 9.92
CA PRO A 109 -10.27 4.28 9.67
C PRO A 109 -9.45 4.80 8.50
N ARG A 110 -8.14 4.71 8.64
CA ARG A 110 -7.23 5.17 7.61
C ARG A 110 -7.01 4.03 6.63
N ALA A 111 -6.62 4.35 5.43
CA ALA A 111 -6.32 3.34 4.45
C ALA A 111 -5.06 3.71 3.73
N THR A 112 -4.43 2.74 3.15
CA THR A 112 -3.25 2.97 2.37
C THR A 112 -3.46 2.35 1.02
N LEU A 113 -3.21 3.12 -0.01
CA LEU A 113 -3.29 2.61 -1.32
C LEU A 113 -1.98 2.85 -2.01
N ILE A 114 -1.49 1.85 -2.63
CA ILE A 114 -0.24 1.96 -3.30
C ILE A 114 -0.47 1.71 -4.75
N THR A 115 -0.07 2.62 -5.58
CA THR A 115 -0.26 2.52 -6.97
C THR A 115 1.06 2.07 -7.58
N PHE A 116 1.07 0.94 -8.19
CA PHE A 116 2.25 0.38 -8.77
C PHE A 116 2.28 0.69 -10.23
N LEU A 117 3.28 1.41 -10.63
CA LEU A 117 3.40 1.84 -11.99
C LEU A 117 4.60 1.19 -12.62
N CYS A 118 4.54 1.09 -13.91
CA CYS A 118 5.60 0.53 -14.71
C CYS A 118 6.80 1.44 -14.80
N ASP A 119 7.93 0.93 -14.41
CA ASP A 119 9.17 1.62 -14.61
C ASP A 119 10.12 0.60 -15.16
N ARG A 120 10.85 0.95 -16.18
CA ARG A 120 11.69 0.00 -16.84
C ARG A 120 12.97 -0.27 -16.05
N ASP A 121 13.42 0.72 -15.27
CA ASP A 121 14.65 0.56 -14.50
C ASP A 121 14.54 1.20 -13.15
N ALA A 122 14.51 0.37 -12.14
CA ALA A 122 14.43 0.81 -10.76
C ALA A 122 14.86 -0.34 -9.87
N GLY A 123 14.10 -1.39 -9.93
CA GLY A 123 14.37 -2.57 -9.18
C GLY A 123 13.16 -2.93 -8.43
N VAL A 124 13.27 -2.97 -7.12
CA VAL A 124 12.14 -3.18 -6.31
C VAL A 124 11.22 -1.98 -6.38
N GLY A 125 11.81 -0.81 -6.42
CA GLY A 125 11.04 0.36 -6.46
C GLY A 125 11.09 1.15 -5.20
N PHE A 126 10.94 2.40 -5.35
CA PHE A 126 10.87 3.35 -4.27
C PHE A 126 9.46 3.96 -4.27
N PRO A 127 8.66 3.69 -3.22
CA PRO A 127 7.34 4.28 -3.10
C PRO A 127 7.42 5.79 -2.81
N GLU A 128 6.51 6.52 -3.39
CA GLU A 128 6.45 7.95 -3.22
C GLU A 128 5.13 8.31 -2.57
N TYR A 129 5.14 9.29 -1.72
CA TYR A 129 3.92 9.72 -1.07
C TYR A 129 3.36 10.94 -1.75
N GLN A 130 2.15 10.84 -2.22
CA GLN A 130 1.48 11.95 -2.83
C GLN A 130 0.82 12.81 -1.79
N GLU A 131 -0.35 12.40 -1.36
CA GLU A 131 -1.11 13.11 -0.38
C GLU A 131 -2.29 12.29 0.07
N GLU A 132 -2.50 12.26 1.34
CA GLU A 132 -3.68 11.65 1.87
C GLU A 132 -4.79 12.68 1.76
N ASP A 133 -5.88 12.27 1.18
CA ASP A 133 -7.00 13.14 0.89
C ASP A 133 -8.15 12.26 0.50
N ASN A 134 -7.80 11.22 -0.22
CA ASN A 134 -8.75 10.22 -0.74
C ASN A 134 -9.21 9.27 0.36
N SER A 135 -9.04 9.68 1.64
CA SER A 135 -9.28 8.88 2.86
C SER A 135 -8.29 7.73 2.99
N THR A 136 -7.42 7.68 2.04
CA THR A 136 -6.41 6.71 1.96
C THR A 136 -5.12 7.41 1.57
N TYR A 137 -4.04 6.88 2.04
CA TYR A 137 -2.73 7.41 1.74
C TYR A 137 -2.27 6.79 0.46
N ASN A 138 -2.02 7.61 -0.53
CA ASN A 138 -1.59 7.08 -1.81
C ASN A 138 -0.12 7.19 -2.01
N PHE A 139 0.45 6.06 -2.33
CA PHE A 139 1.83 5.94 -2.63
C PHE A 139 2.00 5.54 -4.07
N ARG A 140 2.97 6.11 -4.70
CA ARG A 140 3.27 5.82 -6.08
C ARG A 140 4.53 5.01 -6.12
N TRP A 141 4.43 3.83 -6.64
CA TRP A 141 5.52 2.92 -6.64
C TRP A 141 5.97 2.70 -8.08
N TYR A 142 7.25 2.83 -8.31
CA TYR A 142 7.80 2.55 -9.62
C TYR A 142 8.56 1.26 -9.58
N THR A 143 8.03 0.23 -10.19
CA THR A 143 8.65 -1.05 -10.17
C THR A 143 8.55 -1.74 -11.51
N SER A 144 9.59 -2.43 -11.87
CA SER A 144 9.62 -3.19 -13.08
C SER A 144 8.68 -4.41 -12.96
N TYR A 145 8.43 -4.84 -11.72
CA TYR A 145 7.59 -6.00 -11.45
C TYR A 145 6.12 -5.76 -11.70
N ALA A 146 5.72 -4.52 -11.81
CA ALA A 146 4.32 -4.18 -12.04
C ALA A 146 4.10 -3.79 -13.47
N CYS A 147 5.03 -4.10 -14.31
CA CYS A 147 4.93 -3.70 -15.68
C CYS A 147 4.62 -4.90 -16.57
N PRO A 148 3.55 -4.80 -17.39
CA PRO A 148 3.14 -5.87 -18.29
C PRO A 148 4.09 -6.04 -19.49
N GLU A 1 -15.29 10.34 -3.30
CA GLU A 1 -16.16 9.18 -3.48
C GLU A 1 -15.30 7.94 -3.53
N ALA A 2 -15.91 6.79 -3.52
CA ALA A 2 -15.20 5.55 -3.60
C ALA A 2 -15.89 4.63 -4.58
N GLU A 3 -15.16 4.19 -5.57
CA GLU A 3 -15.72 3.34 -6.58
C GLU A 3 -15.46 1.88 -6.21
N ALA A 4 -16.35 1.01 -6.64
CA ALA A 4 -16.26 -0.41 -6.31
C ALA A 4 -16.49 -1.24 -7.56
N GLU A 5 -16.12 -0.69 -8.70
CA GLU A 5 -16.31 -1.35 -9.97
C GLU A 5 -15.34 -2.52 -10.16
N PHE A 6 -15.79 -3.71 -9.82
CA PHE A 6 -15.01 -4.89 -10.06
C PHE A 6 -15.20 -5.38 -11.48
N LEU A 7 -14.52 -4.70 -12.36
CA LEU A 7 -14.50 -5.00 -13.78
C LEU A 7 -13.16 -4.51 -14.27
N SER A 8 -12.89 -3.25 -13.99
CA SER A 8 -11.62 -2.63 -14.30
C SER A 8 -10.65 -2.93 -13.17
N ARG A 9 -11.20 -3.42 -12.10
CA ARG A 9 -10.51 -3.80 -10.92
C ARG A 9 -10.70 -5.25 -10.69
N THR A 10 -9.64 -5.91 -10.49
CA THR A 10 -9.62 -7.29 -10.22
C THR A 10 -8.92 -7.46 -8.90
N GLU A 11 -9.44 -8.30 -8.04
CA GLU A 11 -8.89 -8.42 -6.72
C GLU A 11 -8.07 -9.71 -6.60
N GLY A 12 -6.98 -9.64 -5.89
CA GLY A 12 -6.15 -10.78 -5.65
C GLY A 12 -6.39 -11.33 -4.27
N ASP A 13 -5.46 -12.11 -3.77
CA ASP A 13 -5.64 -12.66 -2.45
C ASP A 13 -4.37 -12.57 -1.63
N ASN A 14 -3.44 -13.45 -1.86
CA ASN A 14 -2.18 -13.48 -1.10
C ASN A 14 -0.97 -12.97 -1.90
N CYS A 15 -0.69 -11.65 -1.79
CA CYS A 15 0.53 -11.02 -2.39
C CYS A 15 0.58 -11.14 -3.92
N THR A 16 -0.47 -11.67 -4.49
CA THR A 16 -0.53 -11.87 -5.89
C THR A 16 -1.90 -11.50 -6.41
N VAL A 17 -1.93 -10.97 -7.59
CA VAL A 17 -3.17 -10.68 -8.26
C VAL A 17 -3.12 -11.24 -9.67
N PHE A 18 -4.18 -11.88 -10.09
CA PHE A 18 -4.25 -12.31 -11.45
C PHE A 18 -5.42 -11.68 -12.13
N ASP A 19 -5.13 -11.05 -13.21
CA ASP A 19 -6.12 -10.39 -13.96
C ASP A 19 -6.37 -11.13 -15.25
N SER A 20 -7.57 -11.61 -15.39
CA SER A 20 -7.96 -12.39 -16.53
C SER A 20 -8.04 -11.54 -17.81
N GLN A 21 -8.49 -10.30 -17.67
CA GLN A 21 -8.66 -9.42 -18.81
C GLN A 21 -7.30 -9.06 -19.43
N ALA A 22 -6.31 -8.78 -18.58
CA ALA A 22 -5.00 -8.43 -19.05
C ALA A 22 -4.20 -9.69 -19.33
N GLY A 23 -4.61 -10.77 -18.69
CA GLY A 23 -3.99 -12.06 -18.94
C GLY A 23 -2.63 -12.20 -18.28
N PHE A 24 -2.37 -11.39 -17.27
CA PHE A 24 -1.09 -11.45 -16.59
C PHE A 24 -1.29 -11.57 -15.10
N SER A 25 -0.47 -12.37 -14.49
CA SER A 25 -0.49 -12.54 -13.07
C SER A 25 0.67 -11.79 -12.47
N PHE A 26 0.40 -11.01 -11.46
CA PHE A 26 1.44 -10.23 -10.85
C PHE A 26 1.64 -10.60 -9.39
N ASP A 27 2.86 -11.00 -9.10
CA ASP A 27 3.30 -11.33 -7.76
C ASP A 27 4.25 -10.26 -7.31
N LEU A 28 3.88 -9.55 -6.30
CA LEU A 28 4.72 -8.50 -5.80
C LEU A 28 5.33 -8.94 -4.49
N THR A 29 5.25 -10.21 -4.32
CA THR A 29 5.76 -10.96 -3.22
C THR A 29 7.30 -10.72 -3.02
N PRO A 30 8.16 -10.71 -4.12
CA PRO A 30 9.60 -10.40 -4.00
C PRO A 30 9.84 -8.97 -3.49
N LEU A 31 8.84 -8.13 -3.62
CA LEU A 31 8.93 -6.73 -3.24
C LEU A 31 8.82 -6.54 -1.74
N THR A 32 8.34 -7.55 -1.05
CA THR A 32 8.22 -7.54 0.38
C THR A 32 9.61 -7.46 1.04
N LYS A 33 9.75 -6.57 1.98
CA LYS A 33 10.99 -6.37 2.68
C LYS A 33 10.80 -6.38 4.17
N LYS A 34 11.76 -6.94 4.86
CA LYS A 34 11.76 -7.00 6.32
C LYS A 34 12.02 -5.61 6.87
N ASP A 35 12.89 -4.90 6.18
CA ASP A 35 13.22 -3.51 6.50
C ASP A 35 12.08 -2.60 6.10
N ALA A 36 11.30 -3.10 5.13
CA ALA A 36 10.15 -2.43 4.58
C ALA A 36 10.56 -1.17 3.81
N TYR A 37 9.60 -0.41 3.39
CA TYR A 37 9.85 0.80 2.64
C TYR A 37 9.41 1.99 3.44
N LYS A 38 10.16 3.04 3.35
CA LYS A 38 9.83 4.24 4.05
C LYS A 38 9.82 5.42 3.09
N VAL A 39 8.86 6.26 3.28
CA VAL A 39 8.77 7.53 2.61
C VAL A 39 8.77 8.58 3.70
N GLU A 40 9.47 9.64 3.51
CA GLU A 40 9.58 10.65 4.52
C GLU A 40 8.94 11.93 4.10
N THR A 41 8.36 12.61 5.04
CA THR A 41 7.70 13.85 4.77
C THR A 41 8.29 14.87 5.75
N ASP A 42 7.60 15.97 5.96
CA ASP A 42 8.08 17.03 6.84
C ASP A 42 8.30 16.49 8.26
N LYS A 43 7.25 15.97 8.88
CA LYS A 43 7.37 15.49 10.26
C LYS A 43 7.01 14.02 10.39
N TYR A 44 6.71 13.38 9.30
CA TYR A 44 6.28 12.00 9.38
C TYR A 44 7.05 11.14 8.43
N GLU A 45 7.00 9.88 8.66
CA GLU A 45 7.50 8.94 7.74
C GLU A 45 6.41 7.95 7.55
N PHE A 46 6.30 7.41 6.41
CA PHE A 46 5.36 6.39 6.20
C PHE A 46 6.14 5.15 5.92
N HIS A 47 5.94 4.16 6.70
CA HIS A 47 6.63 2.93 6.50
C HIS A 47 5.61 1.89 6.08
N ILE A 48 5.84 1.29 4.96
CA ILE A 48 4.89 0.35 4.40
C ILE A 48 5.64 -0.84 3.86
N ASN A 49 4.99 -1.93 3.76
CA ASN A 49 5.58 -3.13 3.21
C ASN A 49 4.60 -3.75 2.23
N VAL A 50 5.07 -4.54 1.29
CA VAL A 50 4.20 -5.18 0.33
C VAL A 50 3.61 -6.42 0.92
N CYS A 51 2.34 -6.34 1.18
CA CYS A 51 1.48 -7.38 1.72
C CYS A 51 1.89 -7.87 3.10
N GLY A 52 0.90 -8.23 3.85
CA GLY A 52 1.12 -8.72 5.16
C GLY A 52 1.34 -7.59 6.10
N PRO A 53 2.10 -7.81 7.13
CA PRO A 53 2.45 -6.80 8.08
C PRO A 53 3.78 -6.12 7.73
N VAL A 54 4.05 -5.03 8.40
CA VAL A 54 5.27 -4.32 8.24
C VAL A 54 6.09 -4.51 9.51
N SER A 55 7.34 -4.81 9.35
CA SER A 55 8.17 -5.00 10.48
C SER A 55 8.98 -3.76 10.79
N VAL A 56 8.35 -2.84 11.46
CA VAL A 56 9.02 -1.65 11.93
C VAL A 56 8.92 -1.61 13.42
N GLY A 57 10.03 -1.43 14.10
CA GLY A 57 10.03 -1.37 15.55
C GLY A 57 9.51 -0.04 16.08
N ALA A 58 8.44 0.45 15.48
CA ALA A 58 7.84 1.68 15.89
C ALA A 58 6.33 1.62 15.69
N CYS A 59 5.85 0.53 15.14
CA CYS A 59 4.44 0.39 14.88
C CYS A 59 3.98 -1.05 15.10
N PRO A 60 2.68 -1.26 15.39
CA PRO A 60 2.11 -2.59 15.65
C PRO A 60 2.30 -3.58 14.49
N PRO A 61 2.76 -4.82 14.80
CA PRO A 61 2.93 -5.92 13.82
C PRO A 61 1.60 -6.29 13.12
N ASP A 62 0.47 -5.81 13.63
CA ASP A 62 -0.83 -6.03 12.98
C ASP A 62 -1.04 -5.11 11.81
N SER A 63 -0.12 -4.17 11.60
CA SER A 63 -0.26 -3.26 10.50
C SER A 63 0.76 -3.57 9.41
N GLY A 64 0.35 -3.36 8.17
CA GLY A 64 1.24 -3.55 7.04
C GLY A 64 1.74 -2.23 6.53
N ALA A 65 1.12 -1.19 7.02
CA ALA A 65 1.51 0.17 6.72
C ALA A 65 1.32 0.98 7.97
N CYS A 66 2.35 1.65 8.39
CA CYS A 66 2.31 2.38 9.61
C CYS A 66 3.04 3.70 9.48
N GLN A 67 2.45 4.74 9.99
CA GLN A 67 3.09 6.02 10.00
C GLN A 67 3.52 6.36 11.38
N VAL A 68 4.63 7.00 11.49
CA VAL A 68 5.10 7.46 12.73
C VAL A 68 5.60 8.88 12.58
N SER A 69 5.17 9.72 13.48
CA SER A 69 5.58 11.07 13.46
C SER A 69 6.96 11.15 14.03
N ARG A 70 7.88 11.64 13.25
CA ARG A 70 9.24 11.79 13.70
C ARG A 70 9.30 12.94 14.71
N SER A 71 8.29 13.81 14.64
CA SER A 71 8.19 14.91 15.55
C SER A 71 7.55 14.44 16.88
N ASP A 72 6.43 13.71 16.78
CA ASP A 72 5.63 13.36 17.97
C ASP A 72 6.04 12.04 18.59
N ARG A 73 6.71 11.23 17.82
CA ARG A 73 7.11 9.85 18.23
C ARG A 73 5.92 8.93 18.41
N LYS A 74 4.79 9.31 17.86
CA LYS A 74 3.62 8.48 17.90
C LYS A 74 3.43 7.85 16.56
N SER A 75 2.72 6.78 16.53
CA SER A 75 2.48 6.10 15.29
C SER A 75 1.03 5.74 15.14
N TRP A 76 0.60 5.67 13.92
CA TRP A 76 -0.76 5.37 13.60
C TRP A 76 -0.78 4.21 12.61
N ASN A 77 -1.89 3.54 12.56
CA ASN A 77 -2.05 2.37 11.72
C ASN A 77 -2.68 2.81 10.42
N LEU A 78 -2.05 2.50 9.31
CA LEU A 78 -2.53 2.91 8.01
C LEU A 78 -3.03 1.73 7.22
N GLY A 79 -3.26 0.65 7.89
CA GLY A 79 -3.74 -0.50 7.24
C GLY A 79 -3.25 -1.74 7.90
N ARG A 80 -4.18 -2.57 8.32
CA ARG A 80 -3.83 -3.79 9.00
C ARG A 80 -3.17 -4.73 7.99
N SER A 81 -2.53 -5.76 8.47
CA SER A 81 -1.86 -6.73 7.66
C SER A 81 -2.83 -7.36 6.66
N ASN A 82 -2.62 -7.07 5.40
CA ASN A 82 -3.50 -7.51 4.36
C ASN A 82 -2.66 -7.84 3.14
N ALA A 83 -3.13 -8.67 2.25
CA ALA A 83 -2.31 -9.07 1.13
C ALA A 83 -3.02 -8.88 -0.18
N LYS A 84 -4.09 -8.14 -0.14
CA LYS A 84 -4.95 -7.97 -1.29
C LYS A 84 -4.34 -7.02 -2.32
N LEU A 85 -3.84 -7.58 -3.39
CA LEU A 85 -3.41 -6.81 -4.51
C LEU A 85 -4.55 -6.67 -5.45
N SER A 86 -4.81 -5.51 -5.82
CA SER A 86 -5.86 -5.21 -6.71
C SER A 86 -5.23 -4.86 -8.05
N TYR A 87 -5.82 -5.27 -9.08
CA TYR A 87 -5.32 -4.97 -10.37
C TYR A 87 -6.32 -4.07 -11.00
N TYR A 88 -5.88 -2.90 -11.36
CA TYR A 88 -6.73 -1.98 -12.02
C TYR A 88 -6.15 -1.82 -13.38
N ASP A 89 -6.96 -2.01 -14.43
CA ASP A 89 -6.46 -2.04 -15.83
C ASP A 89 -5.40 -0.99 -16.10
N GLY A 90 -4.23 -1.48 -16.46
CA GLY A 90 -3.10 -0.63 -16.71
C GLY A 90 -2.08 -0.64 -15.57
N MET A 91 -2.48 -1.05 -14.37
CA MET A 91 -1.58 -1.03 -13.20
C MET A 91 -1.98 -2.03 -12.13
N ILE A 92 -1.28 -1.99 -11.01
CA ILE A 92 -1.56 -2.81 -9.86
C ILE A 92 -1.66 -1.88 -8.64
N GLN A 93 -2.59 -2.14 -7.78
CA GLN A 93 -2.79 -1.39 -6.56
C GLN A 93 -2.81 -2.35 -5.38
N LEU A 94 -2.44 -1.89 -4.23
CA LEU A 94 -2.52 -2.74 -3.04
C LEU A 94 -3.44 -2.04 -2.08
N THR A 95 -4.46 -2.73 -1.65
CA THR A 95 -5.44 -2.17 -0.78
C THR A 95 -5.26 -2.70 0.66
N TYR A 96 -5.11 -1.80 1.62
CA TYR A 96 -5.04 -2.20 3.00
C TYR A 96 -6.32 -1.91 3.75
N ARG A 97 -6.40 -2.38 4.97
CA ARG A 97 -7.60 -2.27 5.78
C ARG A 97 -7.71 -0.91 6.46
N ASP A 98 -8.81 -0.74 7.17
CA ASP A 98 -9.19 0.49 7.91
C ASP A 98 -8.09 0.98 8.85
N GLY A 99 -7.40 0.04 9.48
CA GLY A 99 -6.27 0.38 10.32
C GLY A 99 -6.66 1.16 11.57
N THR A 100 -6.27 2.40 11.62
CA THR A 100 -6.58 3.27 12.72
C THR A 100 -7.02 4.65 12.20
N PRO A 101 -8.15 5.18 12.72
CA PRO A 101 -8.72 6.46 12.27
C PRO A 101 -7.89 7.68 12.66
N TYR A 102 -8.05 8.76 11.86
CA TYR A 102 -7.35 10.06 12.02
C TYR A 102 -7.25 10.53 13.49
N ASN A 103 -8.32 11.22 13.91
CA ASN A 103 -8.45 11.87 15.23
C ASN A 103 -9.63 12.83 15.15
N ASN A 104 -10.53 12.56 14.23
CA ASN A 104 -11.57 13.50 13.88
C ASN A 104 -12.91 13.09 14.46
N GLU A 105 -13.88 14.03 14.43
CA GLU A 105 -15.24 13.80 14.94
C GLU A 105 -15.88 12.63 14.22
N LYS A 106 -15.59 12.55 12.94
CA LYS A 106 -16.14 11.56 12.07
C LYS A 106 -15.47 10.19 12.29
N ARG A 107 -14.31 10.19 12.99
CA ARG A 107 -13.50 9.02 13.22
C ARG A 107 -13.33 8.20 11.96
N THR A 108 -12.48 8.68 11.12
CA THR A 108 -12.29 8.13 9.82
C THR A 108 -11.04 7.25 9.77
N PRO A 109 -11.18 5.95 9.46
CA PRO A 109 -10.05 5.02 9.37
C PRO A 109 -9.04 5.39 8.28
N ARG A 110 -7.77 5.32 8.63
CA ARG A 110 -6.69 5.60 7.71
C ARG A 110 -6.24 4.32 7.04
N ALA A 111 -6.27 4.33 5.75
CA ALA A 111 -5.92 3.15 4.97
C ALA A 111 -4.87 3.53 3.97
N THR A 112 -4.24 2.55 3.38
CA THR A 112 -3.20 2.78 2.42
C THR A 112 -3.53 2.08 1.11
N LEU A 113 -3.34 2.80 0.03
CA LEU A 113 -3.55 2.28 -1.28
C LEU A 113 -2.25 2.54 -2.03
N ILE A 114 -1.58 1.51 -2.41
CA ILE A 114 -0.33 1.67 -3.08
C ILE A 114 -0.57 1.45 -4.55
N THR A 115 -0.18 2.39 -5.34
CA THR A 115 -0.38 2.34 -6.75
C THR A 115 0.95 2.06 -7.44
N PHE A 116 1.00 0.99 -8.17
CA PHE A 116 2.20 0.55 -8.81
C PHE A 116 2.20 0.93 -10.26
N LEU A 117 3.26 1.53 -10.69
CA LEU A 117 3.41 1.97 -12.04
C LEU A 117 4.52 1.20 -12.69
N CYS A 118 4.40 1.04 -13.97
CA CYS A 118 5.38 0.34 -14.75
C CYS A 118 6.53 1.26 -15.06
N ASP A 119 7.71 0.90 -14.60
CA ASP A 119 8.90 1.67 -14.84
C ASP A 119 10.00 0.70 -15.19
N ARG A 120 10.84 1.05 -16.12
CA ARG A 120 11.86 0.13 -16.59
C ARG A 120 13.12 0.15 -15.74
N ASP A 121 13.34 1.21 -14.98
CA ASP A 121 14.55 1.30 -14.14
C ASP A 121 14.24 1.86 -12.78
N ALA A 122 14.33 0.99 -11.82
CA ALA A 122 14.09 1.32 -10.44
C ALA A 122 14.60 0.17 -9.63
N GLY A 123 14.07 -0.98 -9.92
CA GLY A 123 14.50 -2.18 -9.28
C GLY A 123 13.33 -2.85 -8.67
N VAL A 124 13.41 -3.05 -7.39
CA VAL A 124 12.30 -3.62 -6.66
C VAL A 124 11.19 -2.57 -6.59
N GLY A 125 11.61 -1.33 -6.61
CA GLY A 125 10.72 -0.26 -6.69
C GLY A 125 10.89 0.74 -5.61
N PHE A 126 10.62 1.95 -5.94
CA PHE A 126 10.69 3.06 -5.02
C PHE A 126 9.32 3.71 -4.88
N PRO A 127 8.63 3.49 -3.74
CA PRO A 127 7.36 4.14 -3.46
C PRO A 127 7.54 5.61 -3.09
N GLU A 128 6.62 6.42 -3.52
CA GLU A 128 6.61 7.82 -3.23
C GLU A 128 5.24 8.22 -2.73
N TYR A 129 5.19 9.00 -1.68
CA TYR A 129 3.93 9.50 -1.17
C TYR A 129 3.38 10.56 -2.10
N GLN A 130 2.13 10.39 -2.49
CA GLN A 130 1.50 11.34 -3.39
C GLN A 130 0.48 12.21 -2.68
N GLU A 131 -0.69 11.66 -2.40
CA GLU A 131 -1.75 12.47 -1.86
C GLU A 131 -2.69 11.70 -0.94
N GLU A 132 -2.66 12.06 0.31
CA GLU A 132 -3.67 11.60 1.22
C GLU A 132 -4.77 12.64 1.11
N ASP A 133 -5.99 12.21 1.15
CA ASP A 133 -7.14 13.09 0.96
C ASP A 133 -8.39 12.28 1.15
N ASN A 134 -8.48 11.22 0.39
CA ASN A 134 -9.64 10.33 0.38
C ASN A 134 -9.58 9.27 1.51
N SER A 135 -9.01 9.64 2.66
CA SER A 135 -8.86 8.80 3.90
C SER A 135 -7.88 7.65 3.71
N THR A 136 -7.35 7.58 2.54
CA THR A 136 -6.47 6.54 2.17
C THR A 136 -5.20 7.15 1.57
N TYR A 137 -4.07 6.73 2.08
CA TYR A 137 -2.79 7.20 1.61
C TYR A 137 -2.45 6.53 0.32
N ASN A 138 -2.27 7.31 -0.71
CA ASN A 138 -1.89 6.79 -2.00
C ASN A 138 -0.42 7.01 -2.25
N PHE A 139 0.23 5.94 -2.59
CA PHE A 139 1.63 5.96 -2.89
C PHE A 139 1.85 5.59 -4.34
N ARG A 140 2.85 6.19 -4.91
CA ARG A 140 3.23 5.94 -6.26
C ARG A 140 4.47 5.08 -6.24
N TRP A 141 4.38 3.90 -6.77
CA TRP A 141 5.47 2.96 -6.72
C TRP A 141 5.92 2.65 -8.13
N TYR A 142 7.13 3.00 -8.46
CA TYR A 142 7.68 2.65 -9.76
C TYR A 142 8.44 1.35 -9.63
N THR A 143 7.96 0.31 -10.25
CA THR A 143 8.59 -0.98 -10.17
C THR A 143 8.56 -1.71 -11.51
N SER A 144 9.64 -2.41 -11.82
CA SER A 144 9.73 -3.20 -13.02
C SER A 144 8.77 -4.40 -12.94
N TYR A 145 8.44 -4.80 -11.70
CA TYR A 145 7.55 -5.91 -11.45
C TYR A 145 6.11 -5.59 -11.80
N ALA A 146 5.81 -4.32 -12.03
CA ALA A 146 4.48 -3.91 -12.45
C ALA A 146 4.40 -3.90 -13.96
N CYS A 147 5.48 -4.30 -14.57
CA CYS A 147 5.57 -4.39 -15.99
C CYS A 147 5.61 -5.85 -16.35
N PRO A 148 4.95 -6.26 -17.43
CA PRO A 148 5.04 -7.63 -17.90
C PRO A 148 6.42 -7.86 -18.52
N GLU A 1 -12.63 -12.89 -3.55
CA GLU A 1 -13.14 -13.99 -4.37
C GLU A 1 -14.01 -13.43 -5.49
N ALA A 2 -13.62 -13.65 -6.72
CA ALA A 2 -14.39 -13.19 -7.85
C ALA A 2 -15.21 -14.35 -8.39
N GLU A 3 -14.50 -15.37 -8.86
CA GLU A 3 -15.08 -16.62 -9.38
C GLU A 3 -15.74 -16.49 -10.75
N ALA A 4 -16.48 -15.42 -10.97
CA ALA A 4 -17.15 -15.22 -12.23
C ALA A 4 -16.14 -14.82 -13.31
N GLU A 5 -15.51 -13.67 -13.13
CA GLU A 5 -14.52 -13.19 -14.07
C GLU A 5 -13.83 -11.98 -13.45
N PHE A 6 -12.78 -11.52 -14.08
CA PHE A 6 -12.07 -10.35 -13.63
C PHE A 6 -12.18 -9.29 -14.71
N LEU A 7 -12.91 -8.25 -14.42
CA LEU A 7 -13.19 -7.22 -15.39
C LEU A 7 -12.93 -5.85 -14.79
N SER A 8 -12.11 -5.06 -15.48
CA SER A 8 -11.68 -3.69 -15.07
C SER A 8 -10.87 -3.66 -13.76
N ARG A 9 -11.48 -4.11 -12.68
CA ARG A 9 -10.86 -4.14 -11.39
C ARG A 9 -10.80 -5.60 -10.96
N THR A 10 -9.62 -6.11 -10.94
CA THR A 10 -9.35 -7.47 -10.59
C THR A 10 -8.81 -7.52 -9.17
N GLU A 11 -9.19 -8.49 -8.40
CA GLU A 11 -8.72 -8.60 -7.06
C GLU A 11 -8.07 -9.96 -6.83
N GLY A 12 -7.01 -9.95 -6.08
CA GLY A 12 -6.33 -11.17 -5.70
C GLY A 12 -6.54 -11.40 -4.23
N ASP A 13 -5.84 -12.31 -3.65
CA ASP A 13 -6.00 -12.57 -2.22
C ASP A 13 -4.66 -12.51 -1.52
N ASN A 14 -3.66 -13.03 -2.16
CA ASN A 14 -2.30 -12.94 -1.68
C ASN A 14 -1.58 -11.90 -2.50
N CYS A 15 -0.33 -11.65 -2.19
CA CYS A 15 0.47 -10.68 -2.90
C CYS A 15 1.00 -11.16 -4.26
N THR A 16 0.16 -11.89 -4.94
CA THR A 16 0.36 -12.26 -6.30
C THR A 16 -0.91 -11.88 -6.99
N VAL A 17 -0.85 -11.43 -8.19
CA VAL A 17 -2.06 -11.09 -8.86
C VAL A 17 -2.11 -11.68 -10.26
N PHE A 18 -3.11 -12.47 -10.53
CA PHE A 18 -3.31 -12.94 -11.86
C PHE A 18 -4.61 -12.40 -12.37
N ASP A 19 -4.51 -11.70 -13.46
CA ASP A 19 -5.62 -11.06 -14.06
C ASP A 19 -5.95 -11.72 -15.37
N SER A 20 -7.15 -12.22 -15.45
CA SER A 20 -7.60 -12.91 -16.62
C SER A 20 -7.80 -11.97 -17.82
N GLN A 21 -8.15 -10.71 -17.56
CA GLN A 21 -8.36 -9.77 -18.64
C GLN A 21 -7.02 -9.27 -19.16
N ALA A 22 -6.04 -9.16 -18.27
CA ALA A 22 -4.76 -8.65 -18.68
C ALA A 22 -3.92 -9.78 -19.23
N GLY A 23 -4.28 -10.99 -18.84
CA GLY A 23 -3.63 -12.18 -19.33
C GLY A 23 -2.25 -12.40 -18.76
N PHE A 24 -1.93 -11.72 -17.68
CA PHE A 24 -0.63 -11.84 -17.07
C PHE A 24 -0.72 -11.94 -15.56
N SER A 25 0.19 -12.69 -15.00
CA SER A 25 0.31 -12.89 -13.60
C SER A 25 1.53 -12.15 -13.06
N PHE A 26 1.38 -11.47 -11.95
CA PHE A 26 2.44 -10.68 -11.37
C PHE A 26 2.63 -11.01 -9.88
N ASP A 27 3.81 -11.46 -9.52
CA ASP A 27 4.16 -11.72 -8.14
C ASP A 27 4.81 -10.48 -7.62
N LEU A 28 4.19 -9.84 -6.66
CA LEU A 28 4.79 -8.66 -6.06
C LEU A 28 5.31 -9.03 -4.70
N THR A 29 5.44 -10.31 -4.55
CA THR A 29 5.96 -10.98 -3.43
C THR A 29 7.47 -10.59 -3.18
N PRO A 30 8.36 -10.50 -4.24
CA PRO A 30 9.75 -10.01 -4.07
C PRO A 30 9.79 -8.57 -3.52
N LEU A 31 8.69 -7.85 -3.66
CA LEU A 31 8.58 -6.48 -3.18
C LEU A 31 8.31 -6.45 -1.67
N THR A 32 7.96 -7.58 -1.13
CA THR A 32 7.71 -7.73 0.28
C THR A 32 9.01 -7.80 1.05
N LYS A 33 9.14 -6.95 2.04
CA LYS A 33 10.32 -6.93 2.86
C LYS A 33 9.94 -6.87 4.33
N LYS A 34 10.70 -7.55 5.16
CA LYS A 34 10.46 -7.55 6.60
C LYS A 34 10.74 -6.17 7.13
N ASP A 35 11.82 -5.64 6.65
CA ASP A 35 12.31 -4.33 7.03
C ASP A 35 11.47 -3.26 6.38
N ALA A 36 10.70 -3.69 5.40
CA ALA A 36 9.73 -2.87 4.70
C ALA A 36 10.36 -1.67 3.99
N TYR A 37 9.52 -0.79 3.57
CA TYR A 37 9.91 0.41 2.89
C TYR A 37 9.54 1.60 3.73
N LYS A 38 10.36 2.60 3.73
CA LYS A 38 10.08 3.80 4.46
C LYS A 38 10.19 4.99 3.54
N VAL A 39 9.19 5.79 3.55
CA VAL A 39 9.20 7.03 2.85
C VAL A 39 9.44 8.09 3.90
N GLU A 40 10.32 8.98 3.66
CA GLU A 40 10.66 9.97 4.66
C GLU A 40 10.24 11.32 4.18
N THR A 41 9.50 12.05 5.01
CA THR A 41 9.07 13.33 4.61
C THR A 41 9.60 14.31 5.64
N ASP A 42 9.10 15.52 5.64
CA ASP A 42 9.58 16.55 6.54
C ASP A 42 9.37 16.17 7.97
N LYS A 43 8.21 15.67 8.29
CA LYS A 43 7.94 15.33 9.66
C LYS A 43 7.49 13.89 9.84
N TYR A 44 7.11 13.24 8.79
CA TYR A 44 6.55 11.93 8.95
C TYR A 44 7.28 10.94 8.11
N GLU A 45 7.41 9.76 8.59
CA GLU A 45 7.92 8.71 7.78
C GLU A 45 6.77 7.80 7.58
N PHE A 46 6.68 7.25 6.45
CA PHE A 46 5.67 6.32 6.22
C PHE A 46 6.35 5.02 6.00
N HIS A 47 6.04 4.08 6.78
CA HIS A 47 6.64 2.82 6.65
C HIS A 47 5.59 1.86 6.20
N ILE A 48 5.82 1.22 5.11
CA ILE A 48 4.84 0.34 4.54
C ILE A 48 5.53 -0.85 3.96
N ASN A 49 4.83 -1.90 3.87
CA ASN A 49 5.33 -3.09 3.26
C ASN A 49 4.29 -3.64 2.31
N VAL A 50 4.73 -4.19 1.20
CA VAL A 50 3.83 -4.84 0.30
C VAL A 50 3.58 -6.21 0.82
N CYS A 51 2.34 -6.49 1.12
CA CYS A 51 1.85 -7.77 1.60
C CYS A 51 2.19 -7.96 3.07
N GLY A 52 1.29 -8.59 3.77
CA GLY A 52 1.48 -8.89 5.15
C GLY A 52 1.54 -7.65 5.99
N PRO A 53 2.23 -7.74 7.09
CA PRO A 53 2.49 -6.61 7.96
C PRO A 53 3.81 -5.91 7.68
N VAL A 54 4.10 -4.91 8.46
CA VAL A 54 5.34 -4.21 8.40
C VAL A 54 6.10 -4.49 9.69
N SER A 55 7.34 -4.88 9.58
CA SER A 55 8.10 -5.15 10.75
C SER A 55 8.94 -3.94 11.08
N VAL A 56 8.30 -3.02 11.74
CA VAL A 56 8.96 -1.84 12.19
C VAL A 56 8.58 -1.56 13.63
N GLY A 57 9.50 -0.99 14.39
CA GLY A 57 9.28 -0.71 15.79
C GLY A 57 8.36 0.47 16.00
N ALA A 58 7.87 1.03 14.92
CA ALA A 58 6.94 2.13 14.97
C ALA A 58 5.54 1.60 15.27
N CYS A 59 5.14 0.55 14.59
CA CYS A 59 3.80 0.00 14.83
C CYS A 59 3.81 -1.50 15.04
N PRO A 60 2.84 -2.02 15.85
CA PRO A 60 2.69 -3.46 16.14
C PRO A 60 2.66 -4.32 14.87
N PRO A 61 3.07 -5.61 14.98
CA PRO A 61 3.10 -6.57 13.86
C PRO A 61 1.75 -6.74 13.13
N ASP A 62 0.68 -6.21 13.69
CA ASP A 62 -0.63 -6.29 13.06
C ASP A 62 -0.81 -5.19 12.02
N SER A 63 0.13 -4.29 11.96
CA SER A 63 0.06 -3.20 11.02
C SER A 63 0.88 -3.52 9.78
N GLY A 64 0.36 -3.13 8.62
CA GLY A 64 1.08 -3.32 7.37
C GLY A 64 1.61 -2.00 6.84
N ALA A 65 1.01 -0.93 7.31
CA ALA A 65 1.42 0.41 6.93
C ALA A 65 1.30 1.31 8.16
N CYS A 66 2.37 1.95 8.48
CA CYS A 66 2.47 2.75 9.67
C CYS A 66 3.24 4.02 9.45
N GLN A 67 2.73 5.12 9.95
CA GLN A 67 3.47 6.35 9.93
C GLN A 67 3.80 6.75 11.33
N VAL A 68 4.95 7.33 11.51
CA VAL A 68 5.35 7.84 12.77
C VAL A 68 5.95 9.21 12.56
N SER A 69 5.61 10.12 13.41
CA SER A 69 6.12 11.43 13.31
C SER A 69 7.46 11.51 13.96
N ARG A 70 8.43 11.90 13.19
CA ARG A 70 9.78 12.09 13.70
C ARG A 70 9.77 13.32 14.61
N SER A 71 8.73 14.12 14.44
CA SER A 71 8.51 15.32 15.17
C SER A 71 7.91 15.08 16.57
N ASP A 72 6.83 14.31 16.66
CA ASP A 72 6.14 14.14 17.94
C ASP A 72 6.38 12.75 18.54
N ARG A 73 6.84 11.83 17.70
CA ARG A 73 7.03 10.39 18.03
C ARG A 73 5.70 9.67 18.11
N LYS A 74 4.70 10.26 17.49
CA LYS A 74 3.36 9.69 17.40
C LYS A 74 3.32 8.73 16.23
N SER A 75 2.70 7.59 16.37
CA SER A 75 2.55 6.74 15.23
C SER A 75 1.10 6.41 14.99
N TRP A 76 0.75 6.30 13.75
CA TRP A 76 -0.59 6.05 13.36
C TRP A 76 -0.66 4.82 12.50
N ASN A 77 -1.76 4.11 12.59
CA ASN A 77 -1.94 2.88 11.85
C ASN A 77 -2.67 3.19 10.59
N LEU A 78 -2.02 2.98 9.49
CA LEU A 78 -2.56 3.32 8.19
C LEU A 78 -3.11 2.09 7.51
N GLY A 79 -3.24 1.04 8.26
CA GLY A 79 -3.80 -0.15 7.75
C GLY A 79 -3.18 -1.36 8.34
N ARG A 80 -4.01 -2.27 8.78
CA ARG A 80 -3.53 -3.50 9.33
C ARG A 80 -2.99 -4.38 8.22
N SER A 81 -2.33 -5.44 8.61
CA SER A 81 -1.71 -6.38 7.71
C SER A 81 -2.73 -6.95 6.73
N ASN A 82 -2.34 -7.02 5.46
CA ASN A 82 -3.23 -7.46 4.41
C ASN A 82 -2.40 -7.85 3.20
N ALA A 83 -2.96 -8.64 2.31
CA ALA A 83 -2.25 -9.06 1.13
C ALA A 83 -3.09 -8.95 -0.12
N LYS A 84 -4.22 -8.27 -0.03
CA LYS A 84 -5.15 -8.26 -1.16
C LYS A 84 -4.69 -7.27 -2.23
N LEU A 85 -4.11 -7.78 -3.29
CA LEU A 85 -3.75 -6.95 -4.41
C LEU A 85 -4.93 -6.78 -5.31
N SER A 86 -5.00 -5.68 -5.96
CA SER A 86 -5.99 -5.44 -6.92
C SER A 86 -5.31 -4.96 -8.19
N TYR A 87 -5.75 -5.44 -9.30
CA TYR A 87 -5.17 -5.03 -10.53
C TYR A 87 -6.28 -4.30 -11.24
N TYR A 88 -6.04 -3.08 -11.52
CA TYR A 88 -6.97 -2.27 -12.21
C TYR A 88 -6.38 -2.06 -13.56
N ASP A 89 -7.17 -2.09 -14.60
CA ASP A 89 -6.63 -1.92 -15.95
C ASP A 89 -5.80 -0.63 -16.00
N GLY A 90 -4.52 -0.78 -16.26
CA GLY A 90 -3.64 0.34 -16.26
C GLY A 90 -2.63 0.33 -15.09
N MET A 91 -3.06 -0.09 -13.89
CA MET A 91 -2.17 -0.09 -12.70
C MET A 91 -2.62 -1.08 -11.62
N ILE A 92 -1.66 -1.59 -10.88
CA ILE A 92 -1.94 -2.47 -9.77
C ILE A 92 -2.09 -1.60 -8.51
N GLN A 93 -3.04 -1.91 -7.67
CA GLN A 93 -3.27 -1.17 -6.43
C GLN A 93 -3.46 -2.15 -5.27
N LEU A 94 -2.92 -1.81 -4.13
CA LEU A 94 -3.07 -2.65 -2.96
C LEU A 94 -3.77 -1.83 -1.89
N THR A 95 -4.85 -2.35 -1.38
CA THR A 95 -5.63 -1.67 -0.37
C THR A 95 -5.35 -2.31 0.99
N TYR A 96 -5.01 -1.52 1.97
CA TYR A 96 -4.85 -2.02 3.31
C TYR A 96 -6.09 -1.85 4.15
N ARG A 97 -6.10 -2.49 5.30
CA ARG A 97 -7.27 -2.50 6.17
C ARG A 97 -7.53 -1.15 6.81
N ASP A 98 -8.63 -1.10 7.54
CA ASP A 98 -9.16 0.10 8.22
C ASP A 98 -8.13 0.77 9.15
N GLY A 99 -7.35 -0.03 9.85
CA GLY A 99 -6.27 0.50 10.67
C GLY A 99 -6.75 1.38 11.83
N THR A 100 -6.32 2.61 11.85
CA THR A 100 -6.69 3.54 12.88
C THR A 100 -7.39 4.78 12.28
N PRO A 101 -8.62 5.09 12.73
CA PRO A 101 -9.39 6.21 12.22
C PRO A 101 -8.90 7.56 12.71
N TYR A 102 -9.20 8.59 11.93
CA TYR A 102 -8.92 10.00 12.28
C TYR A 102 -9.58 10.35 13.62
N ASN A 103 -9.34 11.57 14.04
CA ASN A 103 -9.95 12.12 15.23
C ASN A 103 -11.14 12.97 14.79
N ASN A 104 -11.72 12.59 13.65
CA ASN A 104 -12.77 13.37 13.03
C ASN A 104 -14.11 12.92 13.55
N GLU A 105 -15.12 13.74 13.32
CA GLU A 105 -16.49 13.48 13.80
C GLU A 105 -17.07 12.21 13.17
N LYS A 106 -16.53 11.81 12.05
CA LYS A 106 -16.97 10.62 11.39
C LYS A 106 -16.34 9.35 11.93
N ARG A 107 -15.10 9.45 12.48
CA ARG A 107 -14.30 8.26 12.82
C ARG A 107 -14.04 7.48 11.56
N THR A 108 -13.21 8.04 10.73
CA THR A 108 -12.90 7.49 9.44
C THR A 108 -11.57 6.73 9.48
N PRO A 109 -11.59 5.43 9.16
CA PRO A 109 -10.39 4.59 9.16
C PRO A 109 -9.35 5.03 8.11
N ARG A 110 -8.17 5.36 8.59
CA ARG A 110 -7.06 5.72 7.72
C ARG A 110 -6.53 4.45 7.09
N ALA A 111 -6.53 4.41 5.80
CA ALA A 111 -6.07 3.22 5.12
C ALA A 111 -5.04 3.60 4.12
N THR A 112 -4.34 2.63 3.62
CA THR A 112 -3.30 2.86 2.65
C THR A 112 -3.66 2.19 1.33
N LEU A 113 -3.45 2.91 0.26
CA LEU A 113 -3.67 2.43 -1.05
C LEU A 113 -2.36 2.62 -1.79
N ILE A 114 -1.76 1.55 -2.19
CA ILE A 114 -0.51 1.62 -2.88
C ILE A 114 -0.78 1.41 -4.34
N THR A 115 -0.38 2.37 -5.13
CA THR A 115 -0.60 2.35 -6.53
C THR A 115 0.71 2.03 -7.22
N PHE A 116 0.70 1.03 -8.04
CA PHE A 116 1.89 0.55 -8.71
C PHE A 116 1.91 1.02 -10.14
N LEU A 117 2.98 1.66 -10.50
CA LEU A 117 3.13 2.21 -11.82
C LEU A 117 4.26 1.52 -12.54
N CYS A 118 4.12 1.45 -13.83
CA CYS A 118 5.09 0.83 -14.68
C CYS A 118 6.18 1.82 -15.04
N ASP A 119 7.32 1.64 -14.43
CA ASP A 119 8.46 2.46 -14.74
C ASP A 119 9.61 1.53 -14.97
N ARG A 120 10.34 1.75 -16.03
CA ARG A 120 11.41 0.86 -16.41
C ARG A 120 12.69 1.10 -15.63
N ASP A 121 12.69 2.09 -14.77
CA ASP A 121 13.82 2.33 -13.89
C ASP A 121 13.33 2.35 -12.48
N ALA A 122 13.69 1.32 -11.72
CA ALA A 122 13.29 1.20 -10.31
C ALA A 122 13.80 -0.11 -9.77
N GLY A 123 13.33 -1.18 -10.34
CA GLY A 123 13.73 -2.49 -9.94
C GLY A 123 12.62 -3.10 -9.16
N VAL A 124 12.89 -3.37 -7.89
CA VAL A 124 11.88 -3.87 -7.00
C VAL A 124 10.82 -2.80 -6.82
N GLY A 125 11.26 -1.58 -6.87
CA GLY A 125 10.39 -0.49 -6.79
C GLY A 125 10.52 0.28 -5.52
N PHE A 126 10.28 1.53 -5.63
CA PHE A 126 10.34 2.45 -4.52
C PHE A 126 9.01 3.22 -4.44
N PRO A 127 8.39 3.26 -3.25
CA PRO A 127 7.15 4.01 -3.04
C PRO A 127 7.39 5.51 -2.78
N GLU A 128 6.51 6.32 -3.30
CA GLU A 128 6.54 7.75 -3.12
C GLU A 128 5.19 8.19 -2.57
N TYR A 129 5.20 9.01 -1.55
CA TYR A 129 3.97 9.47 -0.96
C TYR A 129 3.39 10.62 -1.74
N GLN A 130 2.20 10.44 -2.23
CA GLN A 130 1.54 11.47 -2.99
C GLN A 130 0.82 12.42 -2.08
N GLU A 131 -0.40 12.08 -1.73
CA GLU A 131 -1.15 12.91 -0.82
C GLU A 131 -2.31 12.14 -0.28
N GLU A 132 -2.50 12.23 1.00
CA GLU A 132 -3.69 11.73 1.58
C GLU A 132 -4.70 12.84 1.48
N ASP A 133 -5.81 12.53 0.93
CA ASP A 133 -6.84 13.52 0.67
C ASP A 133 -8.15 12.80 0.53
N ASN A 134 -8.07 11.65 -0.07
CA ASN A 134 -9.19 10.75 -0.30
C ASN A 134 -9.46 9.83 0.90
N SER A 135 -8.99 10.25 2.11
CA SER A 135 -9.20 9.52 3.39
C SER A 135 -8.36 8.25 3.46
N THR A 136 -7.60 8.04 2.44
CA THR A 136 -6.75 6.92 2.29
C THR A 136 -5.41 7.43 1.78
N TYR A 137 -4.35 6.91 2.31
CA TYR A 137 -3.03 7.32 1.91
C TYR A 137 -2.64 6.62 0.64
N ASN A 138 -2.42 7.38 -0.38
CA ASN A 138 -1.98 6.84 -1.64
C ASN A 138 -0.51 7.02 -1.84
N PHE A 139 0.13 5.94 -2.11
CA PHE A 139 1.51 5.92 -2.42
C PHE A 139 1.67 5.49 -3.82
N ARG A 140 2.60 6.07 -4.48
CA ARG A 140 2.89 5.75 -5.81
C ARG A 140 4.14 4.92 -5.82
N TRP A 141 4.02 3.74 -6.27
CA TRP A 141 5.09 2.81 -6.27
C TRP A 141 5.57 2.64 -7.69
N TYR A 142 6.76 3.04 -7.97
CA TYR A 142 7.32 2.83 -9.28
C TYR A 142 8.03 1.52 -9.25
N THR A 143 7.55 0.54 -9.98
CA THR A 143 8.16 -0.75 -9.98
C THR A 143 8.24 -1.32 -11.37
N SER A 144 9.33 -1.98 -11.64
CA SER A 144 9.56 -2.63 -12.88
C SER A 144 8.65 -3.87 -13.00
N TYR A 145 8.20 -4.39 -11.84
CA TYR A 145 7.31 -5.54 -11.81
C TYR A 145 5.90 -5.20 -12.26
N ALA A 146 5.59 -3.92 -12.37
CA ALA A 146 4.29 -3.51 -12.85
C ALA A 146 4.29 -3.43 -14.37
N CYS A 147 5.42 -3.79 -14.95
CA CYS A 147 5.59 -3.76 -16.38
C CYS A 147 5.59 -5.17 -16.94
N PRO A 148 4.74 -5.45 -17.93
CA PRO A 148 4.71 -6.73 -18.61
C PRO A 148 5.64 -6.70 -19.81
N GLU A 1 -19.32 1.46 -0.32
CA GLU A 1 -18.09 0.73 0.00
C GLU A 1 -17.98 -0.48 -0.89
N ALA A 2 -17.01 -0.50 -1.74
CA ALA A 2 -16.79 -1.62 -2.59
C ALA A 2 -15.83 -2.56 -1.91
N GLU A 3 -16.15 -3.84 -1.93
CA GLU A 3 -15.30 -4.83 -1.29
C GLU A 3 -14.06 -4.96 -2.18
N ALA A 4 -14.32 -5.16 -3.44
CA ALA A 4 -13.32 -5.16 -4.48
C ALA A 4 -14.05 -4.76 -5.73
N GLU A 5 -14.85 -5.72 -6.24
CA GLU A 5 -15.82 -5.50 -7.31
C GLU A 5 -15.24 -4.88 -8.59
N PHE A 6 -16.14 -4.49 -9.49
CA PHE A 6 -15.81 -3.86 -10.78
C PHE A 6 -15.24 -4.86 -11.78
N LEU A 7 -15.62 -4.72 -13.03
CA LEU A 7 -15.17 -5.61 -14.08
C LEU A 7 -13.83 -5.17 -14.64
N SER A 8 -13.38 -4.01 -14.20
CA SER A 8 -12.11 -3.49 -14.59
C SER A 8 -11.05 -3.82 -13.53
N ARG A 9 -11.48 -4.47 -12.46
CA ARG A 9 -10.61 -4.85 -11.36
C ARG A 9 -10.57 -6.34 -11.20
N THR A 10 -9.52 -6.81 -10.59
CA THR A 10 -9.40 -8.18 -10.18
C THR A 10 -8.90 -8.15 -8.73
N GLU A 11 -9.39 -9.02 -7.90
CA GLU A 11 -8.94 -9.03 -6.52
C GLU A 11 -8.10 -10.27 -6.27
N GLY A 12 -6.93 -10.06 -5.76
CA GLY A 12 -6.05 -11.14 -5.42
C GLY A 12 -6.18 -11.47 -3.97
N ASP A 13 -5.43 -12.42 -3.49
CA ASP A 13 -5.52 -12.81 -2.09
C ASP A 13 -4.18 -12.76 -1.41
N ASN A 14 -3.18 -13.34 -2.04
CA ASN A 14 -1.82 -13.31 -1.51
C ASN A 14 -1.07 -12.15 -2.20
N CYS A 15 0.19 -11.94 -1.87
CA CYS A 15 1.00 -10.85 -2.41
C CYS A 15 1.30 -11.04 -3.95
N THR A 16 0.49 -11.82 -4.64
CA THR A 16 0.61 -11.99 -6.07
C THR A 16 -0.74 -11.66 -6.69
N VAL A 17 -0.75 -11.10 -7.86
CA VAL A 17 -2.00 -10.74 -8.48
C VAL A 17 -2.09 -11.30 -9.88
N PHE A 18 -3.21 -11.85 -10.20
CA PHE A 18 -3.47 -12.31 -11.52
C PHE A 18 -4.73 -11.69 -12.01
N ASP A 19 -4.66 -11.10 -13.16
CA ASP A 19 -5.79 -10.46 -13.71
C ASP A 19 -6.31 -11.27 -14.87
N SER A 20 -7.54 -11.70 -14.80
CA SER A 20 -8.15 -12.48 -15.84
C SER A 20 -8.45 -11.67 -17.13
N GLN A 21 -8.56 -10.34 -17.01
CA GLN A 21 -8.83 -9.52 -18.16
C GLN A 21 -7.54 -9.31 -18.89
N ALA A 22 -6.46 -9.24 -18.11
CA ALA A 22 -5.19 -8.98 -18.70
C ALA A 22 -4.53 -10.25 -19.13
N GLY A 23 -4.93 -11.34 -18.50
CA GLY A 23 -4.39 -12.64 -18.83
C GLY A 23 -2.92 -12.80 -18.44
N PHE A 24 -2.47 -11.95 -17.51
CA PHE A 24 -1.08 -11.98 -17.06
C PHE A 24 -1.04 -11.93 -15.55
N SER A 25 -0.10 -12.62 -14.99
CA SER A 25 0.07 -12.69 -13.56
C SER A 25 1.33 -11.91 -13.16
N PHE A 26 1.27 -11.26 -12.03
CA PHE A 26 2.37 -10.48 -11.54
C PHE A 26 2.58 -10.77 -10.07
N ASP A 27 3.76 -11.22 -9.73
CA ASP A 27 4.08 -11.53 -8.35
C ASP A 27 4.79 -10.35 -7.71
N LEU A 28 4.19 -9.83 -6.66
CA LEU A 28 4.78 -8.71 -5.97
C LEU A 28 5.38 -9.18 -4.65
N THR A 29 5.58 -10.46 -4.58
CA THR A 29 6.19 -11.13 -3.45
C THR A 29 7.68 -10.71 -3.21
N PRO A 30 8.55 -10.50 -4.27
CA PRO A 30 9.93 -10.03 -4.07
C PRO A 30 9.94 -8.63 -3.44
N LEU A 31 8.82 -7.95 -3.58
CA LEU A 31 8.64 -6.61 -3.07
C LEU A 31 8.36 -6.62 -1.57
N THR A 32 8.01 -7.76 -1.03
CA THR A 32 7.78 -7.88 0.38
C THR A 32 9.13 -7.93 1.11
N LYS A 33 9.31 -7.02 2.04
CA LYS A 33 10.54 -6.91 2.79
C LYS A 33 10.28 -6.99 4.28
N LYS A 34 11.20 -7.62 4.99
CA LYS A 34 11.13 -7.78 6.44
C LYS A 34 11.37 -6.43 7.09
N ASP A 35 12.27 -5.71 6.48
CA ASP A 35 12.68 -4.38 6.89
C ASP A 35 11.66 -3.36 6.42
N ALA A 36 10.91 -3.76 5.38
CA ALA A 36 9.88 -2.94 4.76
C ALA A 36 10.46 -1.69 4.07
N TYR A 37 9.60 -0.89 3.50
CA TYR A 37 10.01 0.30 2.79
C TYR A 37 9.64 1.53 3.59
N LYS A 38 10.48 2.51 3.58
CA LYS A 38 10.18 3.73 4.29
C LYS A 38 10.19 4.93 3.33
N VAL A 39 9.23 5.78 3.51
CA VAL A 39 9.14 7.02 2.79
C VAL A 39 9.30 8.11 3.84
N GLU A 40 10.05 9.11 3.54
CA GLU A 40 10.34 10.15 4.50
C GLU A 40 9.78 11.49 4.04
N THR A 41 9.26 12.26 4.96
CA THR A 41 8.74 13.57 4.66
C THR A 41 9.40 14.53 5.65
N ASP A 42 8.93 15.77 5.71
CA ASP A 42 9.53 16.76 6.61
C ASP A 42 9.49 16.35 8.06
N LYS A 43 8.34 15.98 8.54
CA LYS A 43 8.22 15.61 9.93
C LYS A 43 7.58 14.26 10.16
N TYR A 44 7.32 13.55 9.11
CA TYR A 44 6.75 12.22 9.22
C TYR A 44 7.51 11.27 8.35
N GLU A 45 7.37 10.03 8.61
CA GLU A 45 7.92 9.02 7.81
C GLU A 45 6.90 7.91 7.74
N PHE A 46 6.79 7.33 6.63
CA PHE A 46 5.82 6.32 6.42
C PHE A 46 6.51 5.02 6.16
N HIS A 47 6.20 4.02 6.89
CA HIS A 47 6.81 2.76 6.68
C HIS A 47 5.74 1.79 6.21
N ILE A 48 5.96 1.19 5.08
CA ILE A 48 4.97 0.31 4.50
C ILE A 48 5.65 -0.91 3.96
N ASN A 49 4.93 -1.95 3.86
CA ASN A 49 5.44 -3.18 3.27
C ASN A 49 4.45 -3.66 2.23
N VAL A 50 4.92 -4.37 1.22
CA VAL A 50 4.04 -4.95 0.25
C VAL A 50 3.52 -6.23 0.76
N CYS A 51 2.25 -6.23 1.06
CA CYS A 51 1.52 -7.37 1.53
C CYS A 51 1.84 -7.71 2.98
N GLY A 52 0.83 -8.19 3.65
CA GLY A 52 0.97 -8.62 5.00
C GLY A 52 1.16 -7.49 5.94
N PRO A 53 1.86 -7.73 7.01
CA PRO A 53 2.20 -6.74 7.98
C PRO A 53 3.57 -6.11 7.73
N VAL A 54 3.79 -5.00 8.35
CA VAL A 54 5.03 -4.33 8.30
C VAL A 54 5.72 -4.62 9.61
N SER A 55 6.96 -4.93 9.58
CA SER A 55 7.64 -5.21 10.80
C SER A 55 8.55 -4.05 11.15
N VAL A 56 7.98 -3.03 11.77
CA VAL A 56 8.77 -1.89 12.22
C VAL A 56 8.67 -1.79 13.72
N GLY A 57 9.77 -1.49 14.37
CA GLY A 57 9.78 -1.40 15.83
C GLY A 57 9.22 -0.09 16.35
N ALA A 58 8.32 0.52 15.58
CA ALA A 58 7.67 1.75 15.97
C ALA A 58 6.21 1.68 15.57
N CYS A 59 5.81 0.54 15.07
CA CYS A 59 4.48 0.37 14.56
C CYS A 59 3.86 -0.86 15.19
N PRO A 60 2.53 -1.00 15.14
CA PRO A 60 1.86 -2.20 15.61
C PRO A 60 2.18 -3.39 14.70
N PRO A 61 2.36 -4.61 15.25
CA PRO A 61 2.69 -5.81 14.46
C PRO A 61 1.55 -6.20 13.51
N ASP A 62 0.37 -5.71 13.82
CA ASP A 62 -0.85 -5.95 13.07
C ASP A 62 -1.01 -4.98 11.91
N SER A 63 -0.10 -4.07 11.77
CA SER A 63 -0.21 -3.09 10.72
C SER A 63 0.68 -3.47 9.54
N GLY A 64 0.26 -3.13 8.35
CA GLY A 64 1.06 -3.36 7.16
C GLY A 64 1.62 -2.06 6.61
N ALA A 65 1.02 -0.97 7.03
CA ALA A 65 1.44 0.36 6.67
C ALA A 65 1.23 1.26 7.87
N CYS A 66 2.27 1.93 8.27
CA CYS A 66 2.23 2.75 9.45
C CYS A 66 2.98 4.05 9.25
N GLN A 67 2.41 5.13 9.67
CA GLN A 67 3.12 6.38 9.63
C GLN A 67 3.52 6.78 11.00
N VAL A 68 4.67 7.34 11.13
CA VAL A 68 5.15 7.80 12.39
C VAL A 68 5.72 9.21 12.24
N SER A 69 5.35 10.05 13.17
CA SER A 69 5.85 11.39 13.22
C SER A 69 7.28 11.32 13.66
N ARG A 70 8.18 11.65 12.77
CA ARG A 70 9.59 11.59 13.09
C ARG A 70 9.91 12.72 14.06
N SER A 71 9.02 13.71 14.08
CA SER A 71 9.15 14.85 14.92
C SER A 71 8.63 14.55 16.36
N ASP A 72 7.41 13.99 16.47
CA ASP A 72 6.76 13.81 17.80
C ASP A 72 6.78 12.36 18.31
N ARG A 73 7.11 11.43 17.42
CA ARG A 73 7.15 9.98 17.73
C ARG A 73 5.80 9.30 17.90
N LYS A 74 4.77 9.90 17.38
CA LYS A 74 3.48 9.23 17.35
C LYS A 74 3.34 8.45 16.08
N SER A 75 2.78 7.27 16.14
CA SER A 75 2.53 6.52 14.95
C SER A 75 1.07 6.13 14.83
N TRP A 76 0.61 6.02 13.62
CA TRP A 76 -0.76 5.72 13.35
C TRP A 76 -0.83 4.53 12.39
N ASN A 77 -1.94 3.86 12.38
CA ASN A 77 -2.14 2.67 11.57
C ASN A 77 -2.82 3.09 10.27
N LEU A 78 -2.21 2.76 9.16
CA LEU A 78 -2.72 3.14 7.85
C LEU A 78 -3.25 1.92 7.11
N GLY A 79 -3.39 0.84 7.81
CA GLY A 79 -3.88 -0.35 7.23
C GLY A 79 -3.33 -1.55 7.91
N ARG A 80 -4.21 -2.42 8.37
CA ARG A 80 -3.81 -3.62 9.06
C ARG A 80 -3.18 -4.58 8.04
N SER A 81 -2.55 -5.61 8.54
CA SER A 81 -1.91 -6.62 7.71
C SER A 81 -2.90 -7.24 6.74
N ASN A 82 -2.62 -7.12 5.46
CA ASN A 82 -3.52 -7.57 4.42
C ASN A 82 -2.74 -7.80 3.13
N ALA A 83 -3.22 -8.68 2.28
CA ALA A 83 -2.48 -9.05 1.08
C ALA A 83 -3.31 -8.93 -0.17
N LYS A 84 -4.42 -8.26 -0.08
CA LYS A 84 -5.31 -8.14 -1.21
C LYS A 84 -4.73 -7.21 -2.29
N LEU A 85 -4.19 -7.80 -3.32
CA LEU A 85 -3.71 -7.03 -4.45
C LEU A 85 -4.77 -6.94 -5.50
N SER A 86 -5.00 -5.79 -5.97
CA SER A 86 -5.97 -5.60 -6.97
C SER A 86 -5.30 -5.11 -8.23
N TYR A 87 -5.79 -5.53 -9.34
CA TYR A 87 -5.29 -5.03 -10.56
C TYR A 87 -6.42 -4.26 -11.15
N TYR A 88 -6.19 -3.01 -11.37
CA TYR A 88 -7.13 -2.14 -11.97
C TYR A 88 -6.65 -1.89 -13.35
N ASP A 89 -7.53 -1.88 -14.32
CA ASP A 89 -7.08 -1.65 -15.68
C ASP A 89 -6.29 -0.35 -15.75
N GLY A 90 -5.04 -0.49 -16.13
CA GLY A 90 -4.15 0.62 -16.13
C GLY A 90 -2.98 0.41 -15.16
N MET A 91 -3.28 0.15 -13.86
CA MET A 91 -2.22 0.02 -12.84
C MET A 91 -2.63 -0.98 -11.77
N ILE A 92 -1.65 -1.57 -11.13
CA ILE A 92 -1.91 -2.47 -10.03
C ILE A 92 -2.06 -1.62 -8.75
N GLN A 93 -3.00 -1.97 -7.91
CA GLN A 93 -3.25 -1.24 -6.68
C GLN A 93 -3.40 -2.18 -5.50
N LEU A 94 -2.89 -1.79 -4.36
CA LEU A 94 -2.98 -2.61 -3.17
C LEU A 94 -3.74 -1.80 -2.15
N THR A 95 -4.80 -2.37 -1.65
CA THR A 95 -5.62 -1.72 -0.66
C THR A 95 -5.44 -2.42 0.68
N TYR A 96 -5.14 -1.68 1.71
CA TYR A 96 -5.07 -2.24 3.04
C TYR A 96 -6.36 -2.07 3.79
N ARG A 97 -6.37 -2.48 5.04
CA ARG A 97 -7.55 -2.45 5.88
C ARG A 97 -7.76 -1.11 6.54
N ASP A 98 -8.86 -1.04 7.28
CA ASP A 98 -9.31 0.14 8.03
C ASP A 98 -8.23 0.69 8.96
N GLY A 99 -7.48 -0.21 9.57
CA GLY A 99 -6.41 0.17 10.45
C GLY A 99 -6.90 0.98 11.64
N THR A 100 -6.52 2.21 11.66
CA THR A 100 -6.92 3.11 12.70
C THR A 100 -7.52 4.36 12.05
N PRO A 101 -8.68 4.84 12.51
CA PRO A 101 -9.29 6.05 11.99
C PRO A 101 -8.53 7.30 12.41
N TYR A 102 -8.66 8.35 11.62
CA TYR A 102 -7.97 9.62 11.87
C TYR A 102 -8.11 10.10 13.30
N ASN A 103 -9.31 10.58 13.63
CA ASN A 103 -9.67 11.13 14.98
C ASN A 103 -10.97 11.91 14.83
N ASN A 104 -11.79 11.53 13.88
CA ASN A 104 -12.95 12.29 13.55
C ASN A 104 -14.20 11.60 14.06
N GLU A 105 -15.24 12.38 14.22
CA GLU A 105 -16.52 11.92 14.76
C GLU A 105 -17.17 10.87 13.86
N LYS A 106 -16.81 10.88 12.59
CA LYS A 106 -17.31 9.91 11.67
C LYS A 106 -16.57 8.57 11.80
N ARG A 107 -15.36 8.62 12.39
CA ARG A 107 -14.50 7.45 12.49
C ARG A 107 -14.15 6.95 11.10
N THR A 108 -13.37 7.72 10.43
CA THR A 108 -12.93 7.41 9.12
C THR A 108 -11.60 6.68 9.19
N PRO A 109 -11.56 5.42 8.75
CA PRO A 109 -10.35 4.61 8.80
C PRO A 109 -9.28 5.13 7.85
N ARG A 110 -8.05 5.08 8.30
CA ARG A 110 -6.93 5.46 7.48
C ARG A 110 -6.53 4.24 6.69
N ALA A 111 -6.56 4.31 5.41
CA ALA A 111 -6.23 3.14 4.63
C ALA A 111 -5.20 3.49 3.62
N THR A 112 -4.48 2.51 3.18
CA THR A 112 -3.41 2.72 2.23
C THR A 112 -3.75 2.08 0.91
N LEU A 113 -3.53 2.82 -0.15
CA LEU A 113 -3.72 2.37 -1.48
C LEU A 113 -2.42 2.65 -2.21
N ILE A 114 -1.77 1.62 -2.62
CA ILE A 114 -0.52 1.77 -3.33
C ILE A 114 -0.79 1.57 -4.81
N THR A 115 -0.38 2.50 -5.63
CA THR A 115 -0.59 2.42 -7.03
C THR A 115 0.74 2.13 -7.70
N PHE A 116 0.80 1.02 -8.34
CA PHE A 116 2.00 0.53 -8.94
C PHE A 116 2.07 0.93 -10.40
N LEU A 117 3.16 1.52 -10.75
CA LEU A 117 3.41 1.95 -12.10
C LEU A 117 4.65 1.24 -12.58
N CYS A 118 4.90 1.34 -13.84
CA CYS A 118 6.07 0.74 -14.41
C CYS A 118 7.25 1.67 -14.19
N ASP A 119 8.37 1.14 -13.76
CA ASP A 119 9.50 2.00 -13.46
C ASP A 119 10.33 2.24 -14.67
N ARG A 120 10.84 3.42 -14.74
CA ARG A 120 11.81 3.79 -15.72
C ARG A 120 13.16 3.77 -15.04
N ASP A 121 13.11 3.97 -13.73
CA ASP A 121 14.26 3.85 -12.88
C ASP A 121 13.80 3.42 -11.48
N ALA A 122 14.11 2.18 -11.12
CA ALA A 122 13.82 1.62 -9.79
C ALA A 122 14.18 0.14 -9.73
N GLY A 123 13.33 -0.71 -10.26
CA GLY A 123 13.55 -2.14 -10.21
C GLY A 123 12.50 -2.81 -9.37
N VAL A 124 12.80 -3.03 -8.09
CA VAL A 124 11.85 -3.61 -7.18
C VAL A 124 10.82 -2.55 -6.82
N GLY A 125 11.30 -1.34 -6.71
CA GLY A 125 10.44 -0.23 -6.52
C GLY A 125 10.74 0.58 -5.31
N PHE A 126 10.57 1.85 -5.47
CA PHE A 126 10.69 2.82 -4.40
C PHE A 126 9.36 3.56 -4.30
N PRO A 127 8.62 3.37 -3.20
CA PRO A 127 7.33 4.05 -2.99
C PRO A 127 7.49 5.55 -2.71
N GLU A 128 6.58 6.32 -3.22
CA GLU A 128 6.55 7.76 -3.00
C GLU A 128 5.22 8.07 -2.33
N TYR A 129 5.22 8.91 -1.34
CA TYR A 129 3.98 9.32 -0.74
C TYR A 129 3.42 10.48 -1.50
N GLN A 130 2.29 10.28 -2.14
CA GLN A 130 1.70 11.34 -2.91
C GLN A 130 1.10 12.35 -1.94
N GLU A 131 -0.07 12.02 -1.40
CA GLU A 131 -0.74 12.80 -0.38
C GLU A 131 -2.11 12.24 -0.11
N GLU A 132 -2.49 12.24 1.12
CA GLU A 132 -3.80 11.83 1.53
C GLU A 132 -4.75 13.02 1.40
N ASP A 133 -5.82 12.79 0.72
CA ASP A 133 -6.89 13.78 0.54
C ASP A 133 -8.20 13.03 0.36
N ASN A 134 -8.08 11.91 -0.27
CA ASN A 134 -9.18 11.01 -0.56
C ASN A 134 -9.44 10.00 0.58
N SER A 135 -8.93 10.30 1.81
CA SER A 135 -9.17 9.48 3.02
C SER A 135 -8.44 8.12 2.99
N THR A 136 -7.73 7.91 1.94
CA THR A 136 -6.93 6.79 1.73
C THR A 136 -5.56 7.32 1.31
N TYR A 137 -4.53 6.77 1.88
CA TYR A 137 -3.21 7.21 1.59
C TYR A 137 -2.72 6.53 0.34
N ASN A 138 -2.42 7.32 -0.64
CA ASN A 138 -1.92 6.81 -1.89
C ASN A 138 -0.44 6.96 -2.02
N PHE A 139 0.18 5.88 -2.32
CA PHE A 139 1.59 5.84 -2.58
C PHE A 139 1.80 5.44 -4.01
N ARG A 140 2.81 5.96 -4.61
CA ARG A 140 3.15 5.64 -5.95
C ARG A 140 4.33 4.72 -5.93
N TRP A 141 4.21 3.60 -6.57
CA TRP A 141 5.25 2.64 -6.56
C TRP A 141 5.70 2.37 -8.00
N TYR A 142 6.92 2.70 -8.31
CA TYR A 142 7.47 2.39 -9.62
C TYR A 142 8.17 1.05 -9.55
N THR A 143 7.62 0.05 -10.19
CA THR A 143 8.21 -1.28 -10.12
C THR A 143 8.15 -1.99 -11.45
N SER A 144 9.20 -2.71 -11.74
CA SER A 144 9.32 -3.52 -12.93
C SER A 144 8.28 -4.65 -12.89
N TYR A 145 7.86 -5.00 -11.69
CA TYR A 145 6.89 -6.04 -11.48
C TYR A 145 5.48 -5.58 -11.87
N ALA A 146 5.35 -4.29 -12.12
CA ALA A 146 4.10 -3.73 -12.58
C ALA A 146 4.23 -3.38 -14.06
N CYS A 147 5.23 -3.94 -14.70
CA CYS A 147 5.43 -3.69 -16.10
C CYS A 147 5.04 -4.92 -16.91
N PRO A 148 4.14 -4.77 -17.89
CA PRO A 148 3.77 -5.83 -18.78
C PRO A 148 4.66 -5.84 -20.03
N GLU A 1 -21.04 4.90 -5.33
CA GLU A 1 -20.43 3.63 -5.70
C GLU A 1 -21.08 3.18 -7.00
N ALA A 2 -20.33 2.46 -7.83
CA ALA A 2 -20.79 1.88 -9.12
C ALA A 2 -21.08 2.92 -10.22
N GLU A 3 -21.88 3.93 -9.88
CA GLU A 3 -22.32 4.99 -10.80
C GLU A 3 -21.15 5.67 -11.51
N ALA A 4 -20.10 5.93 -10.78
CA ALA A 4 -18.94 6.58 -11.33
C ALA A 4 -17.78 5.60 -11.47
N GLU A 5 -18.08 4.33 -11.31
CA GLU A 5 -17.06 3.32 -11.37
C GLU A 5 -17.24 2.42 -12.57
N PHE A 6 -16.73 2.87 -13.69
CA PHE A 6 -16.82 2.14 -14.91
C PHE A 6 -15.46 1.63 -15.31
N LEU A 7 -15.18 0.42 -14.89
CA LEU A 7 -13.94 -0.29 -15.15
C LEU A 7 -14.04 -1.66 -14.54
N SER A 8 -13.10 -2.49 -14.85
CA SER A 8 -13.07 -3.79 -14.26
C SER A 8 -11.70 -4.01 -13.65
N ARG A 9 -11.68 -4.26 -12.37
CA ARG A 9 -10.47 -4.48 -11.64
C ARG A 9 -10.51 -5.85 -11.03
N THR A 10 -9.38 -6.38 -10.73
CA THR A 10 -9.37 -7.66 -10.10
C THR A 10 -8.77 -7.52 -8.71
N GLU A 11 -9.32 -8.22 -7.79
CA GLU A 11 -8.78 -8.26 -6.48
C GLU A 11 -8.12 -9.61 -6.29
N GLY A 12 -6.86 -9.60 -5.96
CA GLY A 12 -6.12 -10.81 -5.81
C GLY A 12 -6.20 -11.38 -4.43
N ASP A 13 -5.18 -12.09 -4.05
CA ASP A 13 -5.11 -12.73 -2.75
C ASP A 13 -3.75 -12.34 -2.13
N ASN A 14 -3.21 -13.14 -1.22
CA ASN A 14 -2.03 -12.74 -0.47
C ASN A 14 -0.77 -12.60 -1.34
N CYS A 15 -0.34 -11.34 -1.50
CA CYS A 15 0.93 -10.98 -2.17
C CYS A 15 0.89 -11.19 -3.69
N THR A 16 -0.19 -11.77 -4.20
CA THR A 16 -0.28 -12.05 -5.62
C THR A 16 -1.64 -11.62 -6.18
N VAL A 17 -1.64 -11.15 -7.40
CA VAL A 17 -2.85 -10.75 -8.06
C VAL A 17 -2.98 -11.41 -9.44
N PHE A 18 -4.16 -11.87 -9.78
CA PHE A 18 -4.40 -12.38 -11.10
C PHE A 18 -5.62 -11.74 -11.70
N ASP A 19 -5.47 -11.23 -12.89
CA ASP A 19 -6.53 -10.58 -13.61
C ASP A 19 -6.86 -11.43 -14.81
N SER A 20 -8.06 -11.95 -14.84
CA SER A 20 -8.50 -12.83 -15.90
C SER A 20 -8.56 -12.09 -17.23
N GLN A 21 -8.98 -10.83 -17.18
CA GLN A 21 -9.07 -9.99 -18.36
C GLN A 21 -7.69 -9.67 -18.95
N ALA A 22 -6.71 -9.34 -18.09
CA ALA A 22 -5.36 -9.04 -18.58
C ALA A 22 -4.61 -10.31 -18.88
N GLY A 23 -5.04 -11.41 -18.28
CA GLY A 23 -4.42 -12.69 -18.52
C GLY A 23 -3.02 -12.79 -17.96
N PHE A 24 -2.71 -11.96 -16.99
CA PHE A 24 -1.40 -11.94 -16.38
C PHE A 24 -1.51 -12.03 -14.88
N SER A 25 -0.67 -12.84 -14.30
CA SER A 25 -0.61 -12.95 -12.87
C SER A 25 0.62 -12.24 -12.38
N PHE A 26 0.46 -11.42 -11.40
CA PHE A 26 1.55 -10.65 -10.88
C PHE A 26 1.80 -10.96 -9.42
N ASP A 27 3.01 -11.36 -9.13
CA ASP A 27 3.45 -11.59 -7.79
C ASP A 27 4.33 -10.44 -7.38
N LEU A 28 3.88 -9.71 -6.39
CA LEU A 28 4.61 -8.57 -5.88
C LEU A 28 5.32 -8.98 -4.61
N THR A 29 5.50 -10.25 -4.52
CA THR A 29 6.12 -10.94 -3.45
C THR A 29 7.64 -10.50 -3.28
N PRO A 30 8.45 -10.38 -4.39
CA PRO A 30 9.85 -9.89 -4.29
C PRO A 30 9.91 -8.45 -3.76
N LEU A 31 8.81 -7.74 -3.86
CA LEU A 31 8.67 -6.35 -3.43
C LEU A 31 8.56 -6.26 -1.90
N THR A 32 8.18 -7.37 -1.30
CA THR A 32 7.97 -7.47 0.13
C THR A 32 9.31 -7.53 0.86
N LYS A 33 9.48 -6.69 1.85
CA LYS A 33 10.67 -6.71 2.64
C LYS A 33 10.33 -6.66 4.12
N LYS A 34 11.06 -7.40 4.93
CA LYS A 34 10.93 -7.29 6.38
C LYS A 34 11.54 -5.99 6.85
N ASP A 35 12.54 -5.53 6.10
CA ASP A 35 13.22 -4.25 6.36
C ASP A 35 12.26 -3.11 6.06
N ALA A 36 11.29 -3.41 5.20
CA ALA A 36 10.22 -2.51 4.80
C ALA A 36 10.72 -1.27 4.08
N TYR A 37 9.80 -0.45 3.69
CA TYR A 37 10.09 0.77 3.01
C TYR A 37 9.61 1.96 3.81
N LYS A 38 10.46 2.95 3.96
CA LYS A 38 10.06 4.17 4.60
C LYS A 38 10.05 5.30 3.58
N VAL A 39 9.06 6.13 3.69
CA VAL A 39 8.94 7.33 2.92
C VAL A 39 9.06 8.48 3.92
N GLU A 40 9.73 9.54 3.55
CA GLU A 40 9.97 10.61 4.50
C GLU A 40 9.26 11.88 4.08
N THR A 41 8.74 12.61 5.05
CA THR A 41 8.14 13.89 4.81
C THR A 41 8.75 14.85 5.84
N ASP A 42 8.19 16.04 5.98
CA ASP A 42 8.69 17.02 6.92
C ASP A 42 8.67 16.51 8.36
N LYS A 43 7.50 16.14 8.86
CA LYS A 43 7.44 15.69 10.24
C LYS A 43 6.89 14.29 10.39
N TYR A 44 6.62 13.64 9.31
CA TYR A 44 6.13 12.27 9.38
C TYR A 44 6.95 11.38 8.49
N GLU A 45 6.88 10.14 8.74
CA GLU A 45 7.52 9.16 7.93
C GLU A 45 6.56 8.03 7.78
N PHE A 46 6.53 7.43 6.65
CA PHE A 46 5.60 6.39 6.41
C PHE A 46 6.33 5.09 6.19
N HIS A 47 5.99 4.11 6.94
CA HIS A 47 6.55 2.80 6.74
C HIS A 47 5.50 1.92 6.18
N ILE A 48 5.79 1.33 5.07
CA ILE A 48 4.87 0.46 4.42
C ILE A 48 5.62 -0.72 3.89
N ASN A 49 4.94 -1.78 3.71
CA ASN A 49 5.50 -2.97 3.13
C ASN A 49 4.52 -3.47 2.09
N VAL A 50 5.00 -4.14 1.08
CA VAL A 50 4.14 -4.71 0.08
C VAL A 50 3.64 -6.03 0.56
N CYS A 51 2.38 -6.06 0.91
CA CYS A 51 1.68 -7.23 1.37
C CYS A 51 2.07 -7.58 2.81
N GLY A 52 1.09 -8.09 3.53
CA GLY A 52 1.31 -8.54 4.88
C GLY A 52 1.54 -7.38 5.82
N PRO A 53 2.21 -7.65 6.92
CA PRO A 53 2.58 -6.62 7.88
C PRO A 53 3.87 -5.90 7.53
N VAL A 54 4.16 -4.87 8.27
CA VAL A 54 5.37 -4.15 8.13
C VAL A 54 6.19 -4.37 9.40
N SER A 55 7.44 -4.72 9.26
CA SER A 55 8.25 -5.00 10.40
C SER A 55 9.10 -3.80 10.79
N VAL A 56 8.48 -2.83 11.40
CA VAL A 56 9.18 -1.66 11.87
C VAL A 56 9.02 -1.55 13.37
N GLY A 57 10.09 -1.15 14.05
CA GLY A 57 10.05 -0.96 15.48
C GLY A 57 9.35 0.34 15.85
N ALA A 58 8.12 0.47 15.40
CA ALA A 58 7.29 1.63 15.66
C ALA A 58 5.83 1.22 15.66
N CYS A 59 5.53 0.16 14.95
CA CYS A 59 4.18 -0.32 14.85
C CYS A 59 4.10 -1.83 15.02
N PRO A 60 2.98 -2.31 15.60
CA PRO A 60 2.76 -3.74 15.85
C PRO A 60 2.71 -4.57 14.56
N PRO A 61 3.06 -5.87 14.64
CA PRO A 61 3.00 -6.81 13.50
C PRO A 61 1.61 -6.90 12.85
N ASP A 62 0.61 -6.35 13.52
CA ASP A 62 -0.76 -6.37 13.01
C ASP A 62 -0.95 -5.31 11.92
N SER A 63 -0.01 -4.40 11.78
CA SER A 63 -0.11 -3.36 10.79
C SER A 63 0.86 -3.59 9.61
N GLY A 64 0.38 -3.31 8.40
CA GLY A 64 1.20 -3.46 7.20
C GLY A 64 1.71 -2.13 6.69
N ALA A 65 1.12 -1.07 7.20
CA ALA A 65 1.53 0.27 6.88
C ALA A 65 1.28 1.11 8.10
N CYS A 66 2.30 1.77 8.55
CA CYS A 66 2.21 2.55 9.74
C CYS A 66 2.96 3.87 9.59
N GLN A 67 2.36 4.93 10.03
CA GLN A 67 3.02 6.21 10.01
C GLN A 67 3.42 6.59 11.37
N VAL A 68 4.53 7.23 11.47
CA VAL A 68 5.01 7.72 12.70
C VAL A 68 5.47 9.14 12.54
N SER A 69 5.00 9.97 13.42
CA SER A 69 5.37 11.34 13.44
C SER A 69 6.73 11.44 14.06
N ARG A 70 7.67 11.90 13.30
CA ARG A 70 9.03 12.02 13.79
C ARG A 70 9.08 13.18 14.79
N SER A 71 8.07 14.03 14.72
CA SER A 71 7.92 15.12 15.62
C SER A 71 7.29 14.65 16.95
N ASP A 72 6.21 13.88 16.87
CA ASP A 72 5.46 13.51 18.09
C ASP A 72 5.90 12.19 18.66
N ARG A 73 6.61 11.43 17.87
CA ARG A 73 7.05 10.07 18.23
C ARG A 73 5.87 9.10 18.39
N LYS A 74 4.74 9.49 17.84
CA LYS A 74 3.54 8.69 17.86
C LYS A 74 3.32 8.06 16.52
N SER A 75 2.58 7.02 16.49
CA SER A 75 2.32 6.32 15.27
C SER A 75 0.84 6.03 15.12
N TRP A 76 0.43 5.83 13.90
CA TRP A 76 -0.94 5.53 13.56
C TRP A 76 -0.98 4.34 12.62
N ASN A 77 -2.11 3.70 12.56
CA ASN A 77 -2.30 2.50 11.74
C ASN A 77 -2.89 2.93 10.42
N LEU A 78 -2.22 2.59 9.33
CA LEU A 78 -2.67 2.98 8.01
C LEU A 78 -3.17 1.77 7.25
N GLY A 79 -3.44 0.73 7.96
CA GLY A 79 -3.94 -0.46 7.37
C GLY A 79 -3.35 -1.67 8.01
N ARG A 80 -4.22 -2.52 8.54
CA ARG A 80 -3.79 -3.71 9.20
C ARG A 80 -3.24 -4.65 8.13
N SER A 81 -2.46 -5.64 8.54
CA SER A 81 -1.80 -6.55 7.62
C SER A 81 -2.79 -7.24 6.70
N ASN A 82 -2.73 -6.85 5.46
CA ASN A 82 -3.62 -7.31 4.45
C ASN A 82 -2.82 -7.45 3.18
N ALA A 83 -3.26 -8.25 2.26
CA ALA A 83 -2.45 -8.52 1.11
C ALA A 83 -3.25 -8.40 -0.16
N LYS A 84 -4.40 -7.79 -0.08
CA LYS A 84 -5.28 -7.69 -1.23
C LYS A 84 -4.74 -6.73 -2.28
N LEU A 85 -4.16 -7.29 -3.31
CA LEU A 85 -3.72 -6.55 -4.46
C LEU A 85 -4.88 -6.37 -5.40
N SER A 86 -4.89 -5.30 -6.10
CA SER A 86 -5.92 -5.02 -7.06
C SER A 86 -5.29 -4.55 -8.36
N TYR A 87 -5.82 -5.00 -9.47
CA TYR A 87 -5.22 -4.67 -10.74
C TYR A 87 -6.19 -3.79 -11.52
N TYR A 88 -5.71 -2.64 -11.91
CA TYR A 88 -6.41 -1.67 -12.72
C TYR A 88 -5.68 -1.58 -14.03
N ASP A 89 -6.39 -1.42 -15.13
CA ASP A 89 -5.73 -1.32 -16.44
C ASP A 89 -4.62 -0.25 -16.38
N GLY A 90 -3.39 -0.68 -16.63
CA GLY A 90 -2.27 0.22 -16.62
C GLY A 90 -1.45 0.21 -15.32
N MET A 91 -2.07 -0.17 -14.19
CA MET A 91 -1.36 -0.11 -12.90
C MET A 91 -1.92 -1.07 -11.86
N ILE A 92 -1.05 -1.56 -11.03
CA ILE A 92 -1.42 -2.43 -9.96
C ILE A 92 -1.53 -1.59 -8.69
N GLN A 93 -2.52 -1.83 -7.90
CA GLN A 93 -2.70 -1.10 -6.67
C GLN A 93 -2.87 -2.08 -5.52
N LEU A 94 -2.41 -1.70 -4.36
CA LEU A 94 -2.54 -2.55 -3.19
C LEU A 94 -3.37 -1.77 -2.20
N THR A 95 -4.40 -2.40 -1.69
CA THR A 95 -5.27 -1.74 -0.75
C THR A 95 -5.16 -2.42 0.61
N TYR A 96 -4.91 -1.66 1.65
CA TYR A 96 -4.90 -2.19 3.00
C TYR A 96 -6.23 -1.97 3.69
N ARG A 97 -6.31 -2.32 4.96
CA ARG A 97 -7.55 -2.25 5.68
C ARG A 97 -7.78 -0.92 6.34
N ASP A 98 -8.95 -0.83 6.95
CA ASP A 98 -9.45 0.31 7.70
C ASP A 98 -8.49 0.77 8.81
N GLY A 99 -7.84 -0.18 9.45
CA GLY A 99 -6.81 0.11 10.45
C GLY A 99 -7.32 0.91 11.63
N THR A 100 -6.71 2.05 11.86
CA THR A 100 -7.12 2.94 12.91
C THR A 100 -7.74 4.19 12.28
N PRO A 101 -9.03 4.44 12.51
CA PRO A 101 -9.69 5.56 11.89
C PRO A 101 -9.24 6.94 12.42
N TYR A 102 -8.60 7.71 11.49
CA TYR A 102 -8.06 9.06 11.68
C TYR A 102 -7.70 9.43 13.10
N ASN A 103 -8.58 10.21 13.68
CA ASN A 103 -8.46 10.82 14.98
C ASN A 103 -9.63 11.79 15.11
N ASN A 104 -10.62 11.57 14.27
CA ASN A 104 -11.73 12.46 14.14
C ASN A 104 -12.93 11.86 14.81
N GLU A 105 -13.85 12.70 15.17
CA GLU A 105 -15.07 12.30 15.88
C GLU A 105 -15.94 11.37 15.02
N LYS A 106 -15.78 11.49 13.71
CA LYS A 106 -16.49 10.66 12.77
C LYS A 106 -15.90 9.25 12.74
N ARG A 107 -14.59 9.17 12.97
CA ARG A 107 -13.84 7.92 12.88
C ARG A 107 -13.89 7.34 11.49
N THR A 108 -13.07 7.92 10.67
CA THR A 108 -12.91 7.53 9.30
C THR A 108 -11.65 6.66 9.19
N PRO A 109 -11.72 5.46 8.65
CA PRO A 109 -10.58 4.52 8.60
C PRO A 109 -9.39 5.05 7.78
N ARG A 110 -8.18 4.81 8.28
CA ARG A 110 -6.97 5.18 7.56
C ARG A 110 -6.50 3.95 6.81
N ALA A 111 -6.44 4.06 5.52
CA ALA A 111 -6.05 2.93 4.72
C ALA A 111 -4.95 3.35 3.78
N THR A 112 -4.21 2.41 3.28
CA THR A 112 -3.12 2.68 2.38
C THR A 112 -3.41 2.07 1.01
N LEU A 113 -3.15 2.85 -0.02
CA LEU A 113 -3.31 2.43 -1.36
C LEU A 113 -1.97 2.68 -2.04
N ILE A 114 -1.34 1.64 -2.46
CA ILE A 114 -0.09 1.79 -3.13
C ILE A 114 -0.32 1.61 -4.60
N THR A 115 0.05 2.60 -5.36
CA THR A 115 -0.15 2.60 -6.77
C THR A 115 1.18 2.25 -7.44
N PHE A 116 1.20 1.20 -8.18
CA PHE A 116 2.37 0.71 -8.84
C PHE A 116 2.36 1.10 -10.29
N LEU A 117 3.41 1.73 -10.73
CA LEU A 117 3.51 2.18 -12.09
C LEU A 117 4.60 1.43 -12.80
N CYS A 118 4.44 1.28 -14.09
CA CYS A 118 5.44 0.69 -14.93
C CYS A 118 6.57 1.69 -15.13
N ASP A 119 7.71 1.38 -14.60
CA ASP A 119 8.86 2.26 -14.75
C ASP A 119 9.95 1.53 -15.49
N ARG A 120 10.69 2.27 -16.29
CA ARG A 120 11.74 1.70 -17.14
C ARG A 120 12.95 1.20 -16.33
N ASP A 121 13.13 1.72 -15.13
CA ASP A 121 14.30 1.37 -14.34
C ASP A 121 14.00 0.13 -13.54
N ALA A 122 14.69 -0.93 -13.86
CA ALA A 122 14.44 -2.20 -13.24
C ALA A 122 15.06 -2.29 -11.86
N GLY A 123 14.26 -2.04 -10.88
CA GLY A 123 14.63 -2.21 -9.55
C GLY A 123 13.44 -2.67 -8.82
N VAL A 124 13.52 -2.77 -7.54
CA VAL A 124 12.38 -3.17 -6.79
C VAL A 124 11.44 -1.97 -6.70
N GLY A 125 12.01 -0.80 -6.80
CA GLY A 125 11.25 0.40 -6.78
C GLY A 125 11.14 1.00 -5.41
N PHE A 126 11.19 2.28 -5.39
CA PHE A 126 11.01 3.07 -4.19
C PHE A 126 9.61 3.70 -4.18
N PRO A 127 8.87 3.57 -3.08
CA PRO A 127 7.57 4.22 -2.93
C PRO A 127 7.70 5.69 -2.53
N GLU A 128 6.77 6.49 -2.96
CA GLU A 128 6.73 7.89 -2.61
C GLU A 128 5.32 8.25 -2.19
N TYR A 129 5.20 9.02 -1.14
CA TYR A 129 3.91 9.42 -0.66
C TYR A 129 3.36 10.50 -1.54
N GLN A 130 2.18 10.29 -2.04
CA GLN A 130 1.58 11.26 -2.89
C GLN A 130 0.86 12.28 -2.08
N GLU A 131 -0.30 11.92 -1.61
CA GLU A 131 -1.11 12.77 -0.79
C GLU A 131 -2.34 12.02 -0.33
N GLU A 132 -2.70 12.18 0.90
CA GLU A 132 -3.96 11.65 1.35
C GLU A 132 -5.03 12.68 1.02
N ASP A 133 -6.04 12.23 0.32
CA ASP A 133 -7.15 13.08 -0.10
C ASP A 133 -8.45 12.30 -0.01
N ASN A 134 -8.36 11.01 -0.25
CA ASN A 134 -9.51 10.14 -0.33
C ASN A 134 -9.63 9.24 0.91
N SER A 135 -8.96 9.64 2.00
CA SER A 135 -8.95 8.90 3.29
C SER A 135 -8.04 7.68 3.24
N THR A 136 -7.61 7.36 2.07
CA THR A 136 -6.69 6.34 1.85
C THR A 136 -5.40 6.99 1.34
N TYR A 137 -4.31 6.63 1.94
CA TYR A 137 -3.03 7.20 1.63
C TYR A 137 -2.49 6.55 0.38
N ASN A 138 -2.19 7.36 -0.62
CA ASN A 138 -1.67 6.83 -1.86
C ASN A 138 -0.19 6.99 -1.95
N PHE A 139 0.45 5.92 -2.33
CA PHE A 139 1.86 5.90 -2.55
C PHE A 139 2.14 5.58 -4.00
N ARG A 140 3.16 6.16 -4.50
CA ARG A 140 3.58 6.01 -5.86
C ARG A 140 4.77 5.08 -5.90
N TRP A 141 4.63 3.98 -6.58
CA TRP A 141 5.69 3.02 -6.63
C TRP A 141 6.08 2.79 -8.08
N TYR A 142 7.31 3.06 -8.42
CA TYR A 142 7.81 2.79 -9.74
C TYR A 142 8.55 1.47 -9.76
N THR A 143 7.93 0.43 -10.28
CA THR A 143 8.53 -0.87 -10.24
C THR A 143 8.39 -1.60 -11.58
N SER A 144 9.41 -2.32 -11.93
CA SER A 144 9.44 -3.08 -13.15
C SER A 144 8.48 -4.29 -13.08
N TYR A 145 8.19 -4.78 -11.85
CA TYR A 145 7.38 -5.98 -11.68
C TYR A 145 5.90 -5.72 -11.94
N ALA A 146 5.50 -4.47 -11.90
CA ALA A 146 4.09 -4.13 -12.10
C ALA A 146 3.80 -3.86 -13.55
N CYS A 147 4.77 -4.09 -14.37
CA CYS A 147 4.64 -3.79 -15.76
C CYS A 147 4.56 -5.07 -16.59
N PRO A 148 3.52 -5.21 -17.43
CA PRO A 148 3.37 -6.36 -18.31
C PRO A 148 4.30 -6.24 -19.52
N GLU A 1 -11.63 -5.19 -1.41
CA GLU A 1 -11.68 -5.63 0.00
C GLU A 1 -12.94 -6.40 0.22
N ALA A 2 -14.06 -5.71 0.17
CA ALA A 2 -15.33 -6.33 0.25
C ALA A 2 -15.73 -6.74 -1.15
N GLU A 3 -15.80 -5.76 -2.02
CA GLU A 3 -16.11 -5.99 -3.41
C GLU A 3 -14.85 -5.95 -4.22
N ALA A 4 -14.88 -6.64 -5.34
CA ALA A 4 -13.78 -6.70 -6.25
C ALA A 4 -14.25 -6.35 -7.65
N GLU A 5 -15.44 -6.79 -7.98
CA GLU A 5 -16.01 -6.58 -9.30
C GLU A 5 -16.65 -5.18 -9.41
N PHE A 6 -17.45 -4.98 -10.48
CA PHE A 6 -18.18 -3.72 -10.76
C PHE A 6 -17.30 -2.59 -11.27
N LEU A 7 -16.01 -2.87 -11.37
CA LEU A 7 -15.01 -1.92 -11.84
C LEU A 7 -13.97 -2.71 -12.61
N SER A 8 -12.98 -2.03 -13.15
CA SER A 8 -11.86 -2.69 -13.85
C SER A 8 -10.81 -3.12 -12.81
N ARG A 9 -11.33 -3.57 -11.71
CA ARG A 9 -10.59 -3.96 -10.55
C ARG A 9 -10.62 -5.45 -10.43
N THR A 10 -9.50 -6.02 -10.35
CA THR A 10 -9.40 -7.43 -10.19
C THR A 10 -8.57 -7.70 -8.93
N GLU A 11 -9.14 -8.35 -7.96
CA GLU A 11 -8.42 -8.62 -6.72
C GLU A 11 -7.99 -10.07 -6.69
N GLY A 12 -6.71 -10.27 -6.51
CA GLY A 12 -6.16 -11.62 -6.56
C GLY A 12 -6.09 -12.28 -5.22
N ASP A 13 -4.90 -12.73 -4.87
CA ASP A 13 -4.67 -13.47 -3.64
C ASP A 13 -3.62 -12.76 -2.81
N ASN A 14 -3.04 -13.47 -1.87
CA ASN A 14 -2.00 -12.92 -1.03
C ASN A 14 -0.72 -12.65 -1.82
N CYS A 15 -0.35 -11.37 -1.90
CA CYS A 15 0.92 -10.89 -2.49
C CYS A 15 1.00 -11.11 -4.01
N THR A 16 0.00 -11.74 -4.58
CA THR A 16 0.01 -12.01 -5.97
C THR A 16 -1.34 -11.67 -6.56
N VAL A 17 -1.33 -11.17 -7.75
CA VAL A 17 -2.55 -10.88 -8.43
C VAL A 17 -2.55 -11.45 -9.83
N PHE A 18 -3.51 -12.25 -10.12
CA PHE A 18 -3.72 -12.67 -11.46
C PHE A 18 -5.03 -12.14 -11.91
N ASP A 19 -5.01 -11.39 -12.96
CA ASP A 19 -6.20 -10.79 -13.41
C ASP A 19 -6.69 -11.45 -14.69
N SER A 20 -7.95 -11.71 -14.71
CA SER A 20 -8.59 -12.32 -15.84
C SER A 20 -8.68 -11.35 -17.05
N GLN A 21 -8.66 -10.03 -16.79
CA GLN A 21 -8.84 -9.07 -17.85
C GLN A 21 -7.58 -8.84 -18.69
N ALA A 22 -6.44 -8.70 -18.05
CA ALA A 22 -5.19 -8.48 -18.76
C ALA A 22 -4.53 -9.80 -19.01
N GLY A 23 -4.91 -10.77 -18.20
CA GLY A 23 -4.36 -12.07 -18.31
C GLY A 23 -2.94 -12.10 -17.83
N PHE A 24 -2.61 -11.27 -16.86
CA PHE A 24 -1.26 -11.24 -16.37
C PHE A 24 -1.21 -11.45 -14.89
N SER A 25 -0.33 -12.28 -14.48
CA SER A 25 -0.16 -12.54 -13.11
C SER A 25 1.05 -11.78 -12.60
N PHE A 26 0.88 -11.09 -11.52
CA PHE A 26 1.92 -10.29 -10.95
C PHE A 26 2.17 -10.63 -9.49
N ASP A 27 3.40 -11.01 -9.20
CA ASP A 27 3.83 -11.32 -7.85
C ASP A 27 4.71 -10.19 -7.35
N LEU A 28 4.25 -9.55 -6.31
CA LEU A 28 5.02 -8.48 -5.69
C LEU A 28 5.60 -9.00 -4.38
N THR A 29 5.55 -10.28 -4.28
CA THR A 29 6.00 -11.07 -3.18
C THR A 29 7.53 -10.85 -2.86
N PRO A 30 8.47 -10.82 -3.89
CA PRO A 30 9.90 -10.57 -3.63
C PRO A 30 10.14 -9.18 -3.07
N LEU A 31 9.18 -8.32 -3.30
CA LEU A 31 9.24 -6.93 -2.90
C LEU A 31 8.93 -6.75 -1.43
N THR A 32 8.41 -7.79 -0.82
CA THR A 32 8.10 -7.80 0.59
C THR A 32 9.38 -7.90 1.42
N LYS A 33 9.65 -6.86 2.18
CA LYS A 33 10.85 -6.77 2.97
C LYS A 33 10.57 -6.98 4.44
N LYS A 34 11.50 -7.63 5.12
CA LYS A 34 11.46 -7.78 6.57
C LYS A 34 11.76 -6.45 7.22
N ASP A 35 12.60 -5.69 6.56
CA ASP A 35 12.99 -4.34 7.03
C ASP A 35 11.93 -3.32 6.65
N ALA A 36 11.11 -3.68 5.66
CA ALA A 36 10.04 -2.84 5.10
C ALA A 36 10.59 -1.60 4.36
N TYR A 37 9.68 -0.76 3.90
CA TYR A 37 10.02 0.47 3.21
C TYR A 37 9.57 1.66 4.03
N LYS A 38 10.39 2.68 4.09
CA LYS A 38 10.02 3.92 4.75
C LYS A 38 9.97 5.04 3.73
N VAL A 39 8.89 5.73 3.72
CA VAL A 39 8.72 6.90 2.89
C VAL A 39 8.87 8.08 3.81
N GLU A 40 9.57 9.08 3.39
CA GLU A 40 9.83 10.21 4.25
C GLU A 40 9.25 11.48 3.70
N THR A 41 8.76 12.29 4.60
CA THR A 41 8.27 13.59 4.28
C THR A 41 9.04 14.56 5.16
N ASP A 42 8.56 15.76 5.36
CA ASP A 42 9.29 16.70 6.19
C ASP A 42 9.26 16.27 7.65
N LYS A 43 8.09 15.94 8.16
CA LYS A 43 7.99 15.58 9.56
C LYS A 43 7.36 14.23 9.81
N TYR A 44 6.98 13.56 8.77
CA TYR A 44 6.37 12.26 8.94
C TYR A 44 7.09 11.23 8.11
N GLU A 45 7.03 10.03 8.54
CA GLU A 45 7.62 8.95 7.83
C GLU A 45 6.61 7.84 7.80
N PHE A 46 6.50 7.23 6.69
CA PHE A 46 5.52 6.21 6.54
C PHE A 46 6.23 4.89 6.32
N HIS A 47 5.92 3.92 7.10
CA HIS A 47 6.47 2.60 6.92
C HIS A 47 5.43 1.71 6.38
N ILE A 48 5.71 1.12 5.27
CA ILE A 48 4.80 0.25 4.62
C ILE A 48 5.57 -0.94 4.11
N ASN A 49 4.89 -2.00 3.96
CA ASN A 49 5.48 -3.19 3.39
C ASN A 49 4.56 -3.70 2.32
N VAL A 50 5.09 -4.43 1.38
CA VAL A 50 4.29 -5.00 0.32
C VAL A 50 3.64 -6.23 0.83
N CYS A 51 2.34 -6.13 0.97
CA CYS A 51 1.43 -7.17 1.43
C CYS A 51 1.72 -7.63 2.86
N GLY A 52 0.68 -8.00 3.53
CA GLY A 52 0.79 -8.48 4.86
C GLY A 52 0.99 -7.34 5.80
N PRO A 53 1.79 -7.54 6.81
CA PRO A 53 2.11 -6.54 7.78
C PRO A 53 3.42 -5.82 7.47
N VAL A 54 3.70 -4.79 8.22
CA VAL A 54 4.93 -4.11 8.11
C VAL A 54 5.79 -4.52 9.28
N SER A 55 6.98 -4.89 9.00
CA SER A 55 7.85 -5.31 10.01
C SER A 55 8.79 -4.18 10.34
N VAL A 56 8.31 -3.28 11.15
CA VAL A 56 9.12 -2.17 11.58
C VAL A 56 9.09 -2.04 13.09
N GLY A 57 10.25 -1.73 13.68
CA GLY A 57 10.36 -1.55 15.12
C GLY A 57 9.83 -0.21 15.57
N ALA A 58 8.68 0.12 15.09
CA ALA A 58 8.04 1.37 15.38
C ALA A 58 6.58 1.12 15.58
N CYS A 59 6.00 0.30 14.72
CA CYS A 59 4.59 0.07 14.79
C CYS A 59 4.33 -1.45 14.83
N PRO A 60 3.28 -1.89 15.56
CA PRO A 60 2.94 -3.32 15.71
C PRO A 60 2.64 -4.06 14.38
N PRO A 61 2.98 -5.37 14.30
CA PRO A 61 2.77 -6.22 13.12
C PRO A 61 1.32 -6.36 12.65
N ASP A 62 0.37 -5.93 13.45
CA ASP A 62 -1.02 -5.97 12.98
C ASP A 62 -1.26 -4.96 11.88
N SER A 63 -0.35 -4.02 11.75
CA SER A 63 -0.44 -3.03 10.73
C SER A 63 0.46 -3.41 9.54
N GLY A 64 0.00 -3.06 8.34
CA GLY A 64 0.79 -3.29 7.13
C GLY A 64 1.37 -2.00 6.61
N ALA A 65 0.74 -0.91 6.97
CA ALA A 65 1.21 0.40 6.65
C ALA A 65 0.91 1.27 7.83
N CYS A 66 1.93 1.84 8.38
CA CYS A 66 1.81 2.61 9.57
C CYS A 66 2.72 3.82 9.52
N GLN A 67 2.22 4.96 9.90
CA GLN A 67 3.01 6.15 9.89
C GLN A 67 3.41 6.59 11.26
N VAL A 68 4.57 7.15 11.35
CA VAL A 68 5.08 7.68 12.57
C VAL A 68 5.63 9.08 12.32
N SER A 69 5.29 9.99 13.19
CA SER A 69 5.77 11.32 13.08
C SER A 69 7.18 11.38 13.60
N ARG A 70 8.09 11.78 12.76
CA ARG A 70 9.48 11.89 13.17
C ARG A 70 9.63 13.08 14.12
N SER A 71 8.62 13.95 14.09
CA SER A 71 8.59 15.12 14.90
C SER A 71 8.12 14.81 16.35
N ASP A 72 6.99 14.09 16.50
CA ASP A 72 6.44 13.85 17.86
C ASP A 72 6.66 12.42 18.34
N ARG A 73 6.89 11.54 17.39
CA ARG A 73 7.06 10.09 17.62
C ARG A 73 5.77 9.39 17.98
N LYS A 74 4.76 9.76 17.26
CA LYS A 74 3.44 9.18 17.32
C LYS A 74 3.27 8.29 16.13
N SER A 75 2.58 7.20 16.25
CA SER A 75 2.33 6.39 15.09
C SER A 75 0.84 6.13 14.94
N TRP A 76 0.41 6.07 13.73
CA TRP A 76 -0.98 5.87 13.40
C TRP A 76 -1.09 4.75 12.41
N ASN A 77 -2.15 3.99 12.47
CA ASN A 77 -2.31 2.81 11.65
C ASN A 77 -3.05 3.21 10.41
N LEU A 78 -2.49 2.92 9.27
CA LEU A 78 -3.04 3.32 8.02
C LEU A 78 -3.61 2.12 7.28
N GLY A 79 -3.65 1.01 7.94
CA GLY A 79 -4.19 -0.17 7.36
C GLY A 79 -3.58 -1.39 7.95
N ARG A 80 -4.42 -2.27 8.43
CA ARG A 80 -3.97 -3.47 9.06
C ARG A 80 -3.45 -4.45 8.01
N SER A 81 -2.78 -5.49 8.45
CA SER A 81 -2.17 -6.46 7.56
C SER A 81 -3.15 -7.09 6.57
N ASN A 82 -2.82 -6.96 5.31
CA ASN A 82 -3.63 -7.43 4.21
C ASN A 82 -2.72 -7.72 3.04
N ALA A 83 -3.02 -8.70 2.26
CA ALA A 83 -2.13 -9.08 1.19
C ALA A 83 -2.83 -9.11 -0.14
N LYS A 84 -4.04 -8.60 -0.18
CA LYS A 84 -4.82 -8.64 -1.40
C LYS A 84 -4.36 -7.55 -2.37
N LEU A 85 -3.88 -7.96 -3.51
CA LEU A 85 -3.52 -7.04 -4.55
C LEU A 85 -4.69 -6.85 -5.48
N SER A 86 -4.90 -5.62 -5.88
CA SER A 86 -5.96 -5.26 -6.77
C SER A 86 -5.35 -4.77 -8.08
N TYR A 87 -5.91 -5.16 -9.16
CA TYR A 87 -5.37 -4.80 -10.44
C TYR A 87 -6.34 -3.88 -11.13
N TYR A 88 -5.83 -2.77 -11.58
CA TYR A 88 -6.54 -1.83 -12.40
C TYR A 88 -5.80 -1.77 -13.69
N ASP A 89 -6.50 -1.68 -14.81
CA ASP A 89 -5.79 -1.70 -16.11
C ASP A 89 -4.72 -0.61 -16.14
N GLY A 90 -3.48 -1.04 -16.30
CA GLY A 90 -2.38 -0.13 -16.31
C GLY A 90 -1.51 -0.21 -15.05
N MET A 91 -2.13 -0.42 -13.89
CA MET A 91 -1.38 -0.43 -12.63
C MET A 91 -2.06 -1.25 -11.56
N ILE A 92 -1.26 -1.92 -10.79
CA ILE A 92 -1.73 -2.71 -9.69
C ILE A 92 -1.78 -1.82 -8.44
N GLN A 93 -2.81 -1.94 -7.66
CA GLN A 93 -2.98 -1.18 -6.45
C GLN A 93 -3.25 -2.11 -5.28
N LEU A 94 -2.75 -1.77 -4.14
CA LEU A 94 -2.98 -2.59 -2.96
C LEU A 94 -3.73 -1.72 -1.98
N THR A 95 -4.81 -2.23 -1.45
CA THR A 95 -5.63 -1.48 -0.54
C THR A 95 -5.63 -2.15 0.84
N TYR A 96 -5.22 -1.42 1.85
CA TYR A 96 -5.24 -1.95 3.21
C TYR A 96 -6.51 -1.53 3.93
N ARG A 97 -6.73 -2.12 5.10
CA ARG A 97 -7.98 -1.96 5.83
C ARG A 97 -8.06 -0.69 6.66
N ASP A 98 -9.21 -0.53 7.30
CA ASP A 98 -9.61 0.62 8.12
C ASP A 98 -8.57 0.99 9.21
N GLY A 99 -7.94 -0.02 9.81
CA GLY A 99 -6.83 0.17 10.76
C GLY A 99 -7.18 1.05 11.97
N THR A 100 -6.75 2.29 11.93
CA THR A 100 -6.99 3.24 12.99
C THR A 100 -7.54 4.54 12.42
N PRO A 101 -8.69 5.03 12.94
CA PRO A 101 -9.31 6.25 12.47
C PRO A 101 -8.57 7.52 12.88
N TYR A 102 -8.76 8.55 12.09
CA TYR A 102 -8.21 9.88 12.36
C TYR A 102 -8.78 10.40 13.69
N ASN A 103 -8.27 11.50 14.14
CA ASN A 103 -8.70 12.12 15.39
C ASN A 103 -9.73 13.19 15.05
N ASN A 104 -10.52 12.91 14.06
CA ASN A 104 -11.49 13.82 13.58
C ASN A 104 -12.82 13.53 14.25
N GLU A 105 -13.68 14.54 14.35
CA GLU A 105 -14.99 14.41 15.01
C GLU A 105 -15.85 13.36 14.31
N LYS A 106 -15.55 13.14 13.07
CA LYS A 106 -16.22 12.21 12.23
C LYS A 106 -15.79 10.77 12.56
N ARG A 107 -14.54 10.60 13.04
CA ARG A 107 -13.94 9.28 13.35
C ARG A 107 -13.91 8.44 12.07
N THR A 108 -12.94 8.72 11.26
CA THR A 108 -12.81 8.08 9.98
C THR A 108 -11.60 7.15 9.93
N PRO A 109 -11.81 5.87 9.60
CA PRO A 109 -10.72 4.90 9.46
C PRO A 109 -9.75 5.27 8.35
N ARG A 110 -8.49 5.02 8.58
CA ARG A 110 -7.45 5.33 7.62
C ARG A 110 -7.12 4.11 6.79
N ALA A 111 -6.97 4.30 5.51
CA ALA A 111 -6.63 3.21 4.64
C ALA A 111 -5.43 3.60 3.79
N THR A 112 -4.74 2.62 3.26
CA THR A 112 -3.59 2.86 2.44
C THR A 112 -3.77 2.23 1.07
N LEU A 113 -3.43 2.98 0.05
CA LEU A 113 -3.52 2.53 -1.29
C LEU A 113 -2.15 2.68 -1.90
N ILE A 114 -1.56 1.59 -2.25
CA ILE A 114 -0.27 1.62 -2.88
C ILE A 114 -0.48 1.37 -4.36
N THR A 115 -0.10 2.32 -5.15
CA THR A 115 -0.27 2.26 -6.57
C THR A 115 1.07 1.89 -7.20
N PHE A 116 1.11 0.79 -7.88
CA PHE A 116 2.32 0.30 -8.49
C PHE A 116 2.36 0.72 -9.94
N LEU A 117 3.41 1.38 -10.33
CA LEU A 117 3.56 1.90 -11.67
C LEU A 117 4.65 1.18 -12.38
N CYS A 118 4.47 1.05 -13.66
CA CYS A 118 5.41 0.43 -14.53
C CYS A 118 6.33 1.48 -15.10
N ASP A 119 7.57 1.45 -14.72
CA ASP A 119 8.50 2.42 -15.23
C ASP A 119 9.71 1.73 -15.77
N ARG A 120 10.27 2.30 -16.82
CA ARG A 120 11.45 1.75 -17.47
C ARG A 120 12.66 1.73 -16.55
N ASP A 121 12.75 2.71 -15.68
CA ASP A 121 13.89 2.80 -14.79
C ASP A 121 13.43 2.56 -13.38
N ALA A 122 13.80 1.43 -12.85
CA ALA A 122 13.39 1.02 -11.53
C ALA A 122 14.12 -0.25 -11.12
N GLY A 123 13.69 -0.80 -10.04
CA GLY A 123 14.22 -2.02 -9.51
C GLY A 123 13.17 -2.60 -8.65
N VAL A 124 13.40 -2.67 -7.36
CA VAL A 124 12.39 -3.06 -6.47
C VAL A 124 11.29 -2.02 -6.45
N GLY A 125 11.71 -0.79 -6.40
CA GLY A 125 10.80 0.28 -6.35
C GLY A 125 10.75 0.87 -5.00
N PHE A 126 10.68 2.13 -4.95
CA PHE A 126 10.60 2.85 -3.72
C PHE A 126 9.36 3.68 -3.76
N PRO A 127 8.46 3.48 -2.80
CA PRO A 127 7.19 4.18 -2.76
C PRO A 127 7.35 5.66 -2.44
N GLU A 128 6.53 6.45 -3.06
CA GLU A 128 6.49 7.86 -2.85
C GLU A 128 5.12 8.24 -2.36
N TYR A 129 5.06 9.02 -1.31
CA TYR A 129 3.79 9.44 -0.78
C TYR A 129 3.19 10.50 -1.67
N GLN A 130 2.02 10.22 -2.16
CA GLN A 130 1.35 11.14 -3.03
C GLN A 130 0.53 12.13 -2.25
N GLU A 131 -0.64 11.71 -1.83
CA GLU A 131 -1.53 12.57 -1.10
C GLU A 131 -2.62 11.77 -0.44
N GLU A 132 -2.84 12.05 0.80
CA GLU A 132 -4.05 11.61 1.43
C GLU A 132 -5.06 12.69 1.12
N ASP A 133 -6.16 12.29 0.60
CA ASP A 133 -7.19 13.24 0.16
C ASP A 133 -8.52 12.51 0.09
N ASN A 134 -8.42 11.26 -0.25
CA ASN A 134 -9.57 10.42 -0.46
C ASN A 134 -9.81 9.46 0.71
N SER A 135 -9.37 9.84 1.94
CA SER A 135 -9.49 9.03 3.18
C SER A 135 -8.57 7.80 3.16
N THR A 136 -7.85 7.71 2.09
CA THR A 136 -6.93 6.67 1.87
C THR A 136 -5.59 7.34 1.48
N TYR A 137 -4.52 6.85 2.05
CA TYR A 137 -3.20 7.37 1.78
C TYR A 137 -2.65 6.68 0.56
N ASN A 138 -2.31 7.44 -0.45
CA ASN A 138 -1.77 6.88 -1.68
C ASN A 138 -0.29 7.00 -1.76
N PHE A 139 0.34 5.90 -2.10
CA PHE A 139 1.75 5.83 -2.34
C PHE A 139 1.97 5.37 -3.73
N ARG A 140 2.89 5.97 -4.39
CA ARG A 140 3.19 5.65 -5.73
C ARG A 140 4.49 4.86 -5.77
N TRP A 141 4.39 3.64 -6.23
CA TRP A 141 5.52 2.74 -6.28
C TRP A 141 5.97 2.63 -7.74
N TYR A 142 7.25 2.67 -7.98
CA TYR A 142 7.77 2.56 -9.34
C TYR A 142 8.49 1.24 -9.45
N THR A 143 7.92 0.28 -10.11
CA THR A 143 8.55 -1.01 -10.16
C THR A 143 8.49 -1.63 -11.53
N SER A 144 9.57 -2.27 -11.89
CA SER A 144 9.69 -2.99 -13.10
C SER A 144 8.83 -4.28 -13.03
N TYR A 145 8.57 -4.75 -11.81
CA TYR A 145 7.78 -5.96 -11.58
C TYR A 145 6.31 -5.75 -11.93
N ALA A 146 5.92 -4.51 -12.14
CA ALA A 146 4.55 -4.19 -12.54
C ALA A 146 4.47 -4.08 -14.06
N CYS A 147 5.53 -4.48 -14.70
CA CYS A 147 5.59 -4.44 -16.15
C CYS A 147 5.51 -5.87 -16.70
N PRO A 148 4.59 -6.11 -17.67
CA PRO A 148 4.40 -7.44 -18.26
C PRO A 148 5.54 -7.80 -19.22
N GLU A 1 -15.40 7.11 -2.00
CA GLU A 1 -15.98 5.80 -1.73
C GLU A 1 -17.06 5.48 -2.74
N ALA A 2 -17.04 4.27 -3.21
CA ALA A 2 -18.02 3.75 -4.15
C ALA A 2 -18.16 2.27 -3.87
N GLU A 3 -19.05 1.59 -4.53
CA GLU A 3 -19.22 0.17 -4.27
C GLU A 3 -18.17 -0.64 -5.00
N ALA A 4 -18.38 -0.79 -6.30
CA ALA A 4 -17.48 -1.51 -7.20
C ALA A 4 -17.48 -3.00 -6.95
N GLU A 5 -17.93 -3.73 -7.93
CA GLU A 5 -17.88 -5.16 -7.89
C GLU A 5 -16.54 -5.56 -8.46
N PHE A 6 -16.40 -5.30 -9.75
CA PHE A 6 -15.21 -5.55 -10.53
C PHE A 6 -15.46 -5.08 -11.96
N LEU A 7 -14.49 -4.46 -12.54
CA LEU A 7 -14.61 -3.97 -13.91
C LEU A 7 -13.22 -3.68 -14.41
N SER A 8 -12.65 -2.62 -13.90
CA SER A 8 -11.32 -2.26 -14.24
C SER A 8 -10.39 -2.54 -13.08
N ARG A 9 -10.98 -2.95 -11.98
CA ARG A 9 -10.26 -3.33 -10.80
C ARG A 9 -10.55 -4.78 -10.49
N THR A 10 -9.53 -5.51 -10.13
CA THR A 10 -9.69 -6.86 -9.69
C THR A 10 -8.97 -6.96 -8.35
N GLU A 11 -9.51 -7.67 -7.43
CA GLU A 11 -8.81 -7.88 -6.20
C GLU A 11 -8.33 -9.32 -6.19
N GLY A 12 -7.03 -9.47 -6.12
CA GLY A 12 -6.43 -10.77 -6.26
C GLY A 12 -6.26 -11.51 -4.97
N ASP A 13 -5.16 -12.19 -4.86
CA ASP A 13 -4.89 -13.03 -3.71
C ASP A 13 -3.72 -12.42 -2.94
N ASN A 14 -3.06 -13.21 -2.13
CA ASN A 14 -2.00 -12.75 -1.26
C ASN A 14 -0.71 -12.66 -2.03
N CYS A 15 -0.20 -11.44 -2.15
CA CYS A 15 1.07 -11.12 -2.83
C CYS A 15 1.03 -11.34 -4.32
N THR A 16 -0.09 -11.76 -4.81
CA THR A 16 -0.24 -12.03 -6.19
C THR A 16 -1.56 -11.47 -6.68
N VAL A 17 -1.56 -10.99 -7.86
CA VAL A 17 -2.76 -10.50 -8.45
C VAL A 17 -2.96 -11.09 -9.82
N PHE A 18 -4.10 -11.61 -10.07
CA PHE A 18 -4.44 -12.03 -11.37
C PHE A 18 -5.60 -11.24 -11.86
N ASP A 19 -5.46 -10.66 -13.01
CA ASP A 19 -6.52 -9.89 -13.54
C ASP A 19 -7.06 -10.57 -14.77
N SER A 20 -8.33 -10.88 -14.73
CA SER A 20 -9.00 -11.53 -15.82
C SER A 20 -9.09 -10.64 -17.07
N GLN A 21 -9.07 -9.31 -16.90
CA GLN A 21 -9.14 -8.42 -18.03
C GLN A 21 -7.78 -8.32 -18.68
N ALA A 22 -6.73 -8.31 -17.87
CA ALA A 22 -5.40 -8.13 -18.40
C ALA A 22 -4.84 -9.43 -18.89
N GLY A 23 -5.38 -10.52 -18.36
CA GLY A 23 -4.96 -11.84 -18.76
C GLY A 23 -3.57 -12.20 -18.24
N PHE A 24 -3.09 -11.46 -17.24
CA PHE A 24 -1.78 -11.71 -16.67
C PHE A 24 -1.85 -11.71 -15.17
N SER A 25 -0.99 -12.50 -14.57
CA SER A 25 -0.91 -12.62 -13.15
C SER A 25 0.47 -12.14 -12.71
N PHE A 26 0.51 -11.34 -11.66
CA PHE A 26 1.75 -10.78 -11.18
C PHE A 26 1.96 -11.04 -9.69
N ASP A 27 3.15 -11.52 -9.36
CA ASP A 27 3.55 -11.76 -7.98
C ASP A 27 4.47 -10.66 -7.53
N LEU A 28 4.04 -9.91 -6.55
CA LEU A 28 4.84 -8.83 -6.01
C LEU A 28 5.39 -9.23 -4.67
N THR A 29 5.41 -10.50 -4.50
CA THR A 29 5.85 -11.20 -3.35
C THR A 29 7.34 -10.85 -3.01
N PRO A 30 8.31 -10.89 -4.01
CA PRO A 30 9.73 -10.54 -3.76
C PRO A 30 9.91 -9.11 -3.23
N LEU A 31 8.90 -8.29 -3.45
CA LEU A 31 8.92 -6.90 -3.05
C LEU A 31 8.81 -6.73 -1.53
N THR A 32 8.43 -7.79 -0.84
CA THR A 32 8.34 -7.76 0.64
C THR A 32 9.74 -7.59 1.25
N LYS A 33 9.85 -6.69 2.23
CA LYS A 33 11.11 -6.46 2.88
C LYS A 33 10.96 -6.41 4.40
N LYS A 34 11.94 -6.95 5.10
CA LYS A 34 12.03 -6.81 6.55
C LYS A 34 12.43 -5.41 6.93
N ASP A 35 13.24 -4.86 6.07
CA ASP A 35 13.67 -3.46 6.18
C ASP A 35 12.48 -2.56 5.96
N ALA A 36 11.52 -3.09 5.20
CA ALA A 36 10.30 -2.40 4.81
C ALA A 36 10.62 -1.14 3.99
N TYR A 37 9.60 -0.47 3.59
CA TYR A 37 9.77 0.73 2.82
C TYR A 37 9.26 1.89 3.63
N LYS A 38 10.07 2.88 3.77
CA LYS A 38 9.74 4.02 4.51
C LYS A 38 9.93 5.27 3.69
N VAL A 39 8.91 6.06 3.65
CA VAL A 39 8.92 7.32 2.95
C VAL A 39 8.94 8.40 4.01
N GLU A 40 9.72 9.40 3.82
CA GLU A 40 9.87 10.44 4.81
C GLU A 40 9.40 11.77 4.29
N THR A 41 8.63 12.47 5.08
CA THR A 41 8.18 13.77 4.73
C THR A 41 8.78 14.74 5.74
N ASP A 42 8.22 15.91 5.86
CA ASP A 42 8.74 16.91 6.80
C ASP A 42 8.60 16.45 8.24
N LYS A 43 7.48 15.83 8.57
CA LYS A 43 7.26 15.39 9.95
C LYS A 43 6.83 13.95 10.05
N TYR A 44 6.40 13.37 8.98
CA TYR A 44 5.84 12.04 9.08
C TYR A 44 6.57 11.09 8.19
N GLU A 45 6.76 9.91 8.64
CA GLU A 45 7.29 8.90 7.80
C GLU A 45 6.20 7.92 7.60
N PHE A 46 6.17 7.33 6.49
CA PHE A 46 5.24 6.31 6.27
C PHE A 46 6.04 5.07 6.10
N HIS A 47 5.80 4.11 6.92
CA HIS A 47 6.50 2.90 6.84
C HIS A 47 5.50 1.85 6.40
N ILE A 48 5.79 1.21 5.31
CA ILE A 48 4.88 0.26 4.73
C ILE A 48 5.67 -0.92 4.24
N ASN A 49 5.04 -2.02 4.14
CA ASN A 49 5.67 -3.21 3.60
C ASN A 49 4.72 -3.83 2.61
N VAL A 50 5.26 -4.57 1.67
CA VAL A 50 4.47 -5.20 0.65
C VAL A 50 4.04 -6.54 1.17
N CYS A 51 2.75 -6.67 1.38
CA CYS A 51 2.10 -7.84 1.96
C CYS A 51 2.30 -7.89 3.46
N GLY A 52 1.29 -8.40 4.11
CA GLY A 52 1.35 -8.68 5.50
C GLY A 52 1.52 -7.45 6.32
N PRO A 53 2.34 -7.56 7.32
CA PRO A 53 2.66 -6.48 8.20
C PRO A 53 3.94 -5.75 7.83
N VAL A 54 4.18 -4.66 8.51
CA VAL A 54 5.40 -3.96 8.36
C VAL A 54 6.26 -4.28 9.55
N SER A 55 7.46 -4.66 9.29
CA SER A 55 8.35 -5.00 10.32
C SER A 55 9.18 -3.80 10.74
N VAL A 56 8.57 -2.95 11.53
CA VAL A 56 9.24 -1.79 12.06
C VAL A 56 8.99 -1.65 13.56
N GLY A 57 10.07 -1.42 14.31
CA GLY A 57 9.96 -1.22 15.74
C GLY A 57 9.44 0.16 16.08
N ALA A 58 8.24 0.39 15.65
CA ALA A 58 7.54 1.63 15.83
C ALA A 58 6.07 1.35 15.78
N CYS A 59 5.71 0.41 14.92
CA CYS A 59 4.34 0.04 14.78
C CYS A 59 4.17 -1.46 14.97
N PRO A 60 3.04 -1.88 15.56
CA PRO A 60 2.79 -3.30 15.88
C PRO A 60 2.76 -4.23 14.65
N PRO A 61 3.16 -5.50 14.84
CA PRO A 61 3.17 -6.55 13.79
C PRO A 61 1.80 -6.79 13.11
N ASP A 62 0.75 -6.26 13.65
CA ASP A 62 -0.58 -6.39 13.02
C ASP A 62 -0.81 -5.27 12.01
N SER A 63 0.11 -4.37 11.92
CA SER A 63 0.01 -3.26 11.03
C SER A 63 0.93 -3.49 9.82
N GLY A 64 0.41 -3.24 8.63
CA GLY A 64 1.19 -3.40 7.42
C GLY A 64 1.68 -2.10 6.88
N ALA A 65 0.95 -1.06 7.18
CA ALA A 65 1.32 0.26 6.78
C ALA A 65 1.04 1.18 7.95
N CYS A 66 2.04 1.85 8.39
CA CYS A 66 1.93 2.68 9.54
C CYS A 66 2.72 3.96 9.40
N GLN A 67 2.14 5.06 9.79
CA GLN A 67 2.87 6.31 9.80
C GLN A 67 3.20 6.71 11.19
N VAL A 68 4.33 7.30 11.34
CA VAL A 68 4.76 7.78 12.61
C VAL A 68 5.36 9.15 12.47
N SER A 69 4.88 10.03 13.29
CA SER A 69 5.36 11.37 13.35
C SER A 69 6.71 11.36 14.00
N ARG A 70 7.71 11.79 13.27
CA ARG A 70 9.03 11.89 13.81
C ARG A 70 9.06 13.07 14.78
N SER A 71 8.07 13.94 14.62
CA SER A 71 7.92 15.13 15.40
C SER A 71 7.24 14.79 16.75
N ASP A 72 6.14 14.03 16.71
CA ASP A 72 5.30 13.79 17.90
C ASP A 72 5.52 12.42 18.50
N ARG A 73 6.10 11.55 17.72
CA ARG A 73 6.35 10.16 18.06
C ARG A 73 5.00 9.37 18.11
N LYS A 74 4.03 9.97 17.50
CA LYS A 74 2.70 9.40 17.35
C LYS A 74 2.68 8.54 16.12
N SER A 75 2.07 7.38 16.20
CA SER A 75 1.94 6.57 15.03
C SER A 75 0.47 6.29 14.78
N TRP A 76 0.12 6.21 13.54
CA TRP A 76 -1.24 5.95 13.15
C TRP A 76 -1.25 4.76 12.23
N ASN A 77 -2.29 3.98 12.32
CA ASN A 77 -2.37 2.74 11.60
C ASN A 77 -3.08 2.94 10.29
N LEU A 78 -2.34 2.77 9.22
CA LEU A 78 -2.83 3.03 7.88
C LEU A 78 -3.23 1.73 7.20
N GLY A 79 -3.40 0.71 7.98
CA GLY A 79 -3.83 -0.52 7.44
C GLY A 79 -3.25 -1.68 8.16
N ARG A 80 -4.11 -2.59 8.57
CA ARG A 80 -3.68 -3.78 9.23
C ARG A 80 -3.04 -4.69 8.21
N SER A 81 -2.37 -5.70 8.68
CA SER A 81 -1.69 -6.66 7.82
C SER A 81 -2.64 -7.30 6.80
N ASN A 82 -2.27 -7.23 5.54
CA ASN A 82 -3.07 -7.74 4.44
C ASN A 82 -2.16 -8.02 3.27
N ALA A 83 -2.52 -8.92 2.40
CA ALA A 83 -1.65 -9.23 1.27
C ALA A 83 -2.41 -9.21 -0.04
N LYS A 84 -3.65 -8.74 -0.01
CA LYS A 84 -4.48 -8.78 -1.20
C LYS A 84 -4.09 -7.68 -2.18
N LEU A 85 -3.54 -8.07 -3.31
CA LEU A 85 -3.16 -7.12 -4.34
C LEU A 85 -4.36 -6.81 -5.22
N SER A 86 -4.35 -5.66 -5.81
CA SER A 86 -5.42 -5.25 -6.68
C SER A 86 -4.84 -4.87 -8.05
N TYR A 87 -5.53 -5.16 -9.09
CA TYR A 87 -5.05 -4.75 -10.39
C TYR A 87 -6.03 -3.76 -10.90
N TYR A 88 -5.55 -2.67 -11.36
CA TYR A 88 -6.38 -1.67 -11.92
C TYR A 88 -5.97 -1.57 -13.36
N ASP A 89 -6.91 -1.41 -14.26
CA ASP A 89 -6.57 -1.30 -15.67
C ASP A 89 -5.54 -0.20 -15.87
N GLY A 90 -4.39 -0.59 -16.37
CA GLY A 90 -3.32 0.34 -16.52
C GLY A 90 -2.15 0.06 -15.56
N MET A 91 -2.44 -0.15 -14.26
CA MET A 91 -1.37 -0.32 -13.23
C MET A 91 -1.86 -1.14 -12.04
N ILE A 92 -0.94 -1.77 -11.35
CA ILE A 92 -1.25 -2.60 -10.20
C ILE A 92 -1.35 -1.74 -8.92
N GLN A 93 -2.31 -2.05 -8.07
CA GLN A 93 -2.52 -1.35 -6.83
C GLN A 93 -2.55 -2.33 -5.64
N LEU A 94 -2.37 -1.85 -4.44
CA LEU A 94 -2.45 -2.71 -3.28
C LEU A 94 -3.40 -2.03 -2.31
N THR A 95 -4.40 -2.75 -1.87
CA THR A 95 -5.40 -2.18 -0.99
C THR A 95 -5.22 -2.73 0.44
N TYR A 96 -4.92 -1.87 1.40
CA TYR A 96 -4.82 -2.29 2.79
C TYR A 96 -6.09 -2.04 3.58
N ARG A 97 -6.09 -2.50 4.82
CA ARG A 97 -7.23 -2.41 5.68
C ARG A 97 -7.45 -1.02 6.26
N ASP A 98 -8.54 -0.94 6.97
CA ASP A 98 -9.06 0.26 7.61
C ASP A 98 -8.14 0.78 8.74
N GLY A 99 -7.51 -0.14 9.44
CA GLY A 99 -6.51 0.22 10.44
C GLY A 99 -7.06 1.07 11.58
N THR A 100 -6.53 2.26 11.73
CA THR A 100 -6.96 3.17 12.76
C THR A 100 -7.55 4.41 12.10
N PRO A 101 -8.75 4.83 12.50
CA PRO A 101 -9.39 6.00 11.93
C PRO A 101 -8.72 7.30 12.39
N TYR A 102 -8.88 8.34 11.56
CA TYR A 102 -8.28 9.69 11.78
C TYR A 102 -8.37 10.15 13.22
N ASN A 103 -9.53 10.68 13.57
CA ASN A 103 -9.85 11.29 14.88
C ASN A 103 -11.11 12.11 14.71
N ASN A 104 -11.91 11.76 13.73
CA ASN A 104 -13.01 12.59 13.32
C ASN A 104 -14.33 12.03 13.79
N GLU A 105 -15.38 12.80 13.58
CA GLU A 105 -16.72 12.45 14.02
C GLU A 105 -17.22 11.18 13.35
N LYS A 106 -16.87 11.02 12.09
CA LYS A 106 -17.31 9.88 11.32
C LYS A 106 -16.48 8.62 11.63
N ARG A 107 -15.28 8.81 12.18
CA ARG A 107 -14.31 7.74 12.36
C ARG A 107 -13.95 7.17 11.01
N THR A 108 -13.21 7.93 10.29
CA THR A 108 -12.79 7.53 8.98
C THR A 108 -11.51 6.71 9.09
N PRO A 109 -11.54 5.45 8.68
CA PRO A 109 -10.37 4.58 8.74
C PRO A 109 -9.26 5.04 7.78
N ARG A 110 -8.03 4.93 8.23
CA ARG A 110 -6.90 5.29 7.42
C ARG A 110 -6.40 4.04 6.73
N ALA A 111 -6.36 4.06 5.44
CA ALA A 111 -5.95 2.90 4.69
C ALA A 111 -4.87 3.29 3.72
N THR A 112 -4.16 2.32 3.21
CA THR A 112 -3.08 2.56 2.30
C THR A 112 -3.35 1.92 0.96
N LEU A 113 -3.12 2.67 -0.09
CA LEU A 113 -3.27 2.20 -1.42
C LEU A 113 -1.98 2.48 -2.14
N ILE A 114 -1.32 1.48 -2.55
CA ILE A 114 -0.07 1.65 -3.24
C ILE A 114 -0.33 1.46 -4.71
N THR A 115 0.05 2.43 -5.50
CA THR A 115 -0.12 2.36 -6.92
C THR A 115 1.24 2.10 -7.56
N PHE A 116 1.35 1.01 -8.26
CA PHE A 116 2.58 0.57 -8.85
C PHE A 116 2.64 0.98 -10.29
N LEU A 117 3.73 1.56 -10.68
CA LEU A 117 3.90 2.03 -12.02
C LEU A 117 4.97 1.25 -12.73
N CYS A 118 4.75 1.08 -14.00
CA CYS A 118 5.72 0.46 -14.89
C CYS A 118 6.77 1.46 -15.32
N ASP A 119 8.00 1.26 -14.90
CA ASP A 119 9.06 2.12 -15.39
C ASP A 119 10.17 1.32 -16.05
N ARG A 120 10.73 1.93 -17.07
CA ARG A 120 11.85 1.44 -17.89
C ARG A 120 13.00 0.90 -17.05
N ASP A 121 13.32 1.60 -15.98
CA ASP A 121 14.44 1.20 -15.14
C ASP A 121 14.07 1.30 -13.70
N ALA A 122 13.97 0.16 -13.07
CA ALA A 122 13.65 0.07 -11.68
C ALA A 122 14.15 -1.26 -11.16
N GLY A 123 13.74 -1.60 -9.99
CA GLY A 123 14.14 -2.83 -9.40
C GLY A 123 13.01 -3.40 -8.64
N VAL A 124 13.20 -3.51 -7.34
CA VAL A 124 12.17 -4.03 -6.49
C VAL A 124 11.06 -3.00 -6.35
N GLY A 125 11.46 -1.75 -6.30
CA GLY A 125 10.50 -0.72 -6.27
C GLY A 125 10.88 0.43 -5.41
N PHE A 126 10.53 1.59 -5.86
CA PHE A 126 10.73 2.82 -5.14
C PHE A 126 9.37 3.49 -4.88
N PRO A 127 8.85 3.39 -3.64
CA PRO A 127 7.62 4.09 -3.25
C PRO A 127 7.83 5.57 -2.88
N GLU A 128 6.83 6.36 -3.16
CA GLU A 128 6.80 7.76 -2.82
C GLU A 128 5.38 8.12 -2.38
N TYR A 129 5.25 9.00 -1.41
CA TYR A 129 3.94 9.38 -0.94
C TYR A 129 3.37 10.47 -1.81
N GLN A 130 2.24 10.21 -2.40
CA GLN A 130 1.62 11.19 -3.24
C GLN A 130 0.72 12.09 -2.42
N GLU A 131 -0.47 11.61 -2.08
CA GLU A 131 -1.39 12.39 -1.28
C GLU A 131 -2.57 11.54 -0.88
N GLU A 132 -2.94 11.67 0.36
CA GLU A 132 -4.17 11.11 0.82
C GLU A 132 -5.27 12.10 0.50
N ASP A 133 -6.31 11.63 -0.11
CA ASP A 133 -7.44 12.47 -0.50
C ASP A 133 -8.74 11.69 -0.43
N ASN A 134 -8.65 10.42 -0.73
CA ASN A 134 -9.79 9.53 -0.82
C ASN A 134 -9.92 8.67 0.44
N SER A 135 -9.35 9.17 1.57
CA SER A 135 -9.31 8.52 2.93
C SER A 135 -8.28 7.41 2.98
N THR A 136 -7.79 7.08 1.83
CA THR A 136 -6.81 6.11 1.68
C THR A 136 -5.56 6.81 1.16
N TYR A 137 -4.45 6.49 1.74
CA TYR A 137 -3.18 7.07 1.42
C TYR A 137 -2.63 6.41 0.20
N ASN A 138 -2.41 7.17 -0.85
CA ASN A 138 -1.88 6.63 -2.08
C ASN A 138 -0.40 6.90 -2.23
N PHE A 139 0.29 5.84 -2.54
CA PHE A 139 1.71 5.88 -2.77
C PHE A 139 2.01 5.54 -4.21
N ARG A 140 3.06 6.11 -4.69
CA ARG A 140 3.52 5.91 -6.04
C ARG A 140 4.71 4.98 -5.99
N TRP A 141 4.61 3.85 -6.61
CA TRP A 141 5.64 2.85 -6.53
C TRP A 141 6.20 2.55 -7.92
N TYR A 142 7.45 2.85 -8.14
CA TYR A 142 8.07 2.53 -9.43
C TYR A 142 8.74 1.16 -9.35
N THR A 143 8.16 0.18 -10.01
CA THR A 143 8.73 -1.15 -9.99
C THR A 143 8.61 -1.82 -11.35
N SER A 144 9.64 -2.52 -11.73
CA SER A 144 9.65 -3.28 -12.95
C SER A 144 8.72 -4.51 -12.85
N TYR A 145 8.48 -4.98 -11.61
CA TYR A 145 7.67 -6.17 -11.36
C TYR A 145 6.17 -5.94 -11.60
N ALA A 146 5.78 -4.69 -11.75
CA ALA A 146 4.37 -4.36 -11.97
C ALA A 146 4.14 -4.05 -13.43
N CYS A 147 5.12 -4.29 -14.24
CA CYS A 147 5.01 -3.95 -15.60
C CYS A 147 4.87 -5.18 -16.49
N PRO A 148 3.83 -5.23 -17.34
CA PRO A 148 3.66 -6.29 -18.31
C PRO A 148 4.60 -6.08 -19.50
N GLU A 1 -14.39 -4.30 -2.97
CA GLU A 1 -13.92 -3.07 -2.37
C GLU A 1 -14.80 -1.92 -2.91
N ALA A 2 -15.72 -1.43 -2.06
CA ALA A 2 -16.62 -0.28 -2.35
C ALA A 2 -17.47 -0.48 -3.62
N GLU A 3 -17.70 -1.75 -4.00
CA GLU A 3 -18.42 -2.13 -5.23
C GLU A 3 -17.60 -1.74 -6.47
N ALA A 4 -17.53 -2.64 -7.43
CA ALA A 4 -16.72 -2.40 -8.60
C ALA A 4 -17.41 -1.48 -9.59
N GLU A 5 -17.26 -0.19 -9.39
CA GLU A 5 -17.75 0.80 -10.33
C GLU A 5 -16.82 0.77 -11.52
N PHE A 6 -17.39 0.49 -12.69
CA PHE A 6 -16.63 0.22 -13.91
C PHE A 6 -15.87 -1.10 -13.75
N LEU A 7 -16.41 -2.16 -14.34
CA LEU A 7 -15.84 -3.50 -14.18
C LEU A 7 -14.45 -3.60 -14.80
N SER A 8 -13.47 -3.35 -13.97
CA SER A 8 -12.09 -3.34 -14.34
C SER A 8 -11.25 -3.78 -13.13
N ARG A 9 -11.88 -4.52 -12.26
CA ARG A 9 -11.31 -4.96 -11.00
C ARG A 9 -11.00 -6.42 -10.98
N THR A 10 -9.90 -6.74 -10.41
CA THR A 10 -9.59 -8.08 -10.10
C THR A 10 -8.99 -8.06 -8.70
N GLU A 11 -9.34 -8.99 -7.86
CA GLU A 11 -8.75 -9.07 -6.57
C GLU A 11 -7.83 -10.26 -6.54
N GLY A 12 -6.59 -9.99 -6.30
CA GLY A 12 -5.59 -10.98 -6.28
C GLY A 12 -5.37 -11.49 -4.90
N ASP A 13 -4.73 -12.62 -4.83
CA ASP A 13 -4.46 -13.27 -3.58
C ASP A 13 -3.14 -12.76 -3.01
N ASN A 14 -2.58 -13.51 -2.06
CA ASN A 14 -1.35 -13.14 -1.35
C ASN A 14 -0.20 -12.73 -2.25
N CYS A 15 0.00 -11.42 -2.33
CA CYS A 15 1.13 -10.80 -3.05
C CYS A 15 1.05 -10.93 -4.54
N THR A 16 -0.04 -11.39 -5.04
CA THR A 16 -0.12 -11.63 -6.44
C THR A 16 -1.40 -11.11 -6.97
N VAL A 17 -1.36 -10.62 -8.15
CA VAL A 17 -2.53 -10.17 -8.78
C VAL A 17 -2.65 -10.76 -10.17
N PHE A 18 -3.67 -11.50 -10.40
CA PHE A 18 -3.95 -11.97 -11.70
C PHE A 18 -5.20 -11.31 -12.21
N ASP A 19 -5.08 -10.67 -13.33
CA ASP A 19 -6.15 -9.92 -13.90
C ASP A 19 -6.69 -10.66 -15.09
N SER A 20 -7.96 -11.00 -15.03
CA SER A 20 -8.60 -11.75 -16.08
C SER A 20 -8.76 -10.94 -17.38
N GLN A 21 -8.93 -9.63 -17.24
CA GLN A 21 -9.10 -8.77 -18.39
C GLN A 21 -7.75 -8.51 -19.06
N ALA A 22 -6.68 -8.49 -18.25
CA ALA A 22 -5.36 -8.25 -18.78
C ALA A 22 -4.74 -9.57 -19.21
N GLY A 23 -5.27 -10.64 -18.66
CA GLY A 23 -4.85 -11.99 -19.00
C GLY A 23 -3.41 -12.26 -18.63
N PHE A 24 -2.89 -11.52 -17.67
CA PHE A 24 -1.52 -11.68 -17.27
C PHE A 24 -1.42 -11.50 -15.77
N SER A 25 -0.48 -12.19 -15.17
CA SER A 25 -0.33 -12.19 -13.73
C SER A 25 0.94 -11.45 -13.29
N PHE A 26 0.88 -10.85 -12.12
CA PHE A 26 2.00 -10.14 -11.54
C PHE A 26 2.16 -10.54 -10.07
N ASP A 27 3.40 -10.80 -9.66
CA ASP A 27 3.70 -11.19 -8.28
C ASP A 27 4.62 -10.15 -7.65
N LEU A 28 4.14 -9.55 -6.61
CA LEU A 28 4.88 -8.53 -5.88
C LEU A 28 5.39 -9.12 -4.57
N THR A 29 5.42 -10.42 -4.57
CA THR A 29 5.84 -11.25 -3.48
C THR A 29 7.32 -10.95 -3.03
N PRO A 30 8.32 -10.91 -3.99
CA PRO A 30 9.73 -10.60 -3.67
C PRO A 30 9.92 -9.20 -3.09
N LEU A 31 8.93 -8.35 -3.31
CA LEU A 31 8.95 -6.96 -2.89
C LEU A 31 8.70 -6.81 -1.38
N THR A 32 8.33 -7.89 -0.74
CA THR A 32 8.09 -7.89 0.70
C THR A 32 9.41 -7.78 1.47
N LYS A 33 9.43 -6.92 2.49
CA LYS A 33 10.60 -6.78 3.33
C LYS A 33 10.21 -6.78 4.79
N LYS A 34 11.02 -7.41 5.61
CA LYS A 34 10.81 -7.41 7.05
C LYS A 34 11.14 -6.03 7.58
N ASP A 35 12.20 -5.48 7.03
CA ASP A 35 12.69 -4.12 7.36
C ASP A 35 11.71 -3.07 6.91
N ALA A 36 10.91 -3.45 5.92
CA ALA A 36 9.86 -2.62 5.33
C ALA A 36 10.41 -1.46 4.51
N TYR A 37 9.51 -0.70 3.97
CA TYR A 37 9.85 0.46 3.19
C TYR A 37 9.44 1.69 3.95
N LYS A 38 10.30 2.65 4.01
CA LYS A 38 10.00 3.88 4.65
C LYS A 38 10.03 5.00 3.65
N VAL A 39 9.00 5.76 3.62
CA VAL A 39 8.92 6.94 2.82
C VAL A 39 9.15 8.10 3.75
N GLU A 40 9.99 8.99 3.39
CA GLU A 40 10.32 10.09 4.25
C GLU A 40 9.86 11.39 3.68
N THR A 41 9.24 12.18 4.51
CA THR A 41 8.84 13.47 4.12
C THR A 41 9.60 14.44 5.01
N ASP A 42 9.18 15.67 5.05
CA ASP A 42 9.86 16.67 5.85
C ASP A 42 9.75 16.38 7.34
N LYS A 43 8.59 15.89 7.78
CA LYS A 43 8.42 15.61 9.22
C LYS A 43 7.85 14.23 9.48
N TYR A 44 7.53 13.51 8.46
CA TYR A 44 6.91 12.22 8.66
C TYR A 44 7.66 11.15 7.93
N GLU A 45 7.40 9.95 8.32
CA GLU A 45 7.95 8.82 7.68
C GLU A 45 6.86 7.78 7.64
N PHE A 46 6.69 7.17 6.54
CA PHE A 46 5.67 6.20 6.39
C PHE A 46 6.31 4.87 6.16
N HIS A 47 5.98 3.90 6.96
CA HIS A 47 6.49 2.57 6.78
C HIS A 47 5.40 1.70 6.30
N ILE A 48 5.63 1.08 5.19
CA ILE A 48 4.68 0.18 4.63
C ILE A 48 5.43 -1.03 4.15
N ASN A 49 4.77 -2.11 4.08
CA ASN A 49 5.34 -3.31 3.57
C ASN A 49 4.41 -3.89 2.53
N VAL A 50 4.97 -4.55 1.55
CA VAL A 50 4.19 -5.20 0.53
C VAL A 50 3.79 -6.53 1.08
N CYS A 51 2.51 -6.65 1.38
CA CYS A 51 1.91 -7.84 1.96
C CYS A 51 2.21 -7.97 3.44
N GLY A 52 1.27 -8.52 4.14
CA GLY A 52 1.44 -8.83 5.51
C GLY A 52 1.55 -7.61 6.36
N PRO A 53 2.28 -7.74 7.43
CA PRO A 53 2.52 -6.67 8.34
C PRO A 53 3.85 -5.97 8.12
N VAL A 54 3.98 -4.84 8.73
CA VAL A 54 5.16 -4.08 8.68
C VAL A 54 5.90 -4.26 10.01
N SER A 55 7.15 -4.58 9.95
CA SER A 55 7.88 -4.78 11.17
C SER A 55 8.62 -3.52 11.55
N VAL A 56 7.89 -2.60 12.12
CA VAL A 56 8.48 -1.37 12.59
C VAL A 56 8.46 -1.40 14.10
N GLY A 57 9.53 -0.98 14.72
CA GLY A 57 9.61 -0.98 16.17
C GLY A 57 8.83 0.16 16.80
N ALA A 58 7.96 0.79 16.02
CA ALA A 58 7.16 1.90 16.50
C ALA A 58 5.70 1.69 16.14
N CYS A 59 5.42 0.52 15.58
CA CYS A 59 4.09 0.20 15.13
C CYS A 59 3.75 -1.25 15.47
N PRO A 60 2.48 -1.55 15.73
CA PRO A 60 2.05 -2.91 16.07
C PRO A 60 2.20 -3.86 14.88
N PRO A 61 2.60 -5.12 15.13
CA PRO A 61 2.77 -6.16 14.08
C PRO A 61 1.47 -6.46 13.33
N ASP A 62 0.36 -5.96 13.85
CA ASP A 62 -0.93 -6.13 13.21
C ASP A 62 -1.11 -5.18 12.06
N SER A 63 -0.20 -4.22 11.92
CA SER A 63 -0.32 -3.26 10.86
C SER A 63 0.64 -3.58 9.73
N GLY A 64 0.23 -3.33 8.51
CA GLY A 64 1.08 -3.53 7.34
C GLY A 64 1.56 -2.20 6.81
N ALA A 65 0.89 -1.15 7.23
CA ALA A 65 1.27 0.20 6.87
C ALA A 65 1.01 1.08 8.06
N CYS A 66 2.03 1.74 8.49
CA CYS A 66 1.98 2.57 9.64
C CYS A 66 2.81 3.82 9.44
N GLN A 67 2.27 4.95 9.81
CA GLN A 67 2.99 6.18 9.68
C GLN A 67 3.43 6.65 11.03
N VAL A 68 4.59 7.21 11.08
CA VAL A 68 5.12 7.75 12.29
C VAL A 68 5.74 9.12 12.01
N SER A 69 5.44 10.07 12.84
CA SER A 69 5.98 11.37 12.69
C SER A 69 7.39 11.38 13.21
N ARG A 70 8.34 11.70 12.36
CA ARG A 70 9.74 11.74 12.78
C ARG A 70 9.92 12.97 13.68
N SER A 71 9.02 13.92 13.54
CA SER A 71 9.01 15.12 14.30
C SER A 71 8.37 14.90 15.69
N ASP A 72 7.21 14.25 15.72
CA ASP A 72 6.41 14.15 16.97
C ASP A 72 6.59 12.83 17.66
N ARG A 73 7.08 11.85 16.94
CA ARG A 73 7.23 10.47 17.44
C ARG A 73 5.91 9.77 17.68
N LYS A 74 4.88 10.29 17.07
CA LYS A 74 3.57 9.69 17.14
C LYS A 74 3.38 8.82 15.95
N SER A 75 2.51 7.88 16.05
CA SER A 75 2.30 6.96 14.96
C SER A 75 0.84 6.58 14.81
N TRP A 76 0.45 6.24 13.61
CA TRP A 76 -0.92 5.92 13.28
C TRP A 76 -0.95 4.67 12.39
N ASN A 77 -2.00 3.90 12.50
CA ASN A 77 -2.15 2.66 11.74
C ASN A 77 -2.95 2.95 10.50
N LEU A 78 -2.40 2.61 9.37
CA LEU A 78 -3.01 2.93 8.11
C LEU A 78 -3.46 1.68 7.40
N GLY A 79 -3.51 0.60 8.12
CA GLY A 79 -3.98 -0.62 7.54
C GLY A 79 -3.41 -1.81 8.22
N ARG A 80 -4.28 -2.72 8.64
CA ARG A 80 -3.85 -3.93 9.28
C ARG A 80 -3.18 -4.81 8.22
N SER A 81 -2.57 -5.90 8.65
CA SER A 81 -1.88 -6.83 7.76
C SER A 81 -2.82 -7.34 6.68
N ASN A 82 -2.32 -7.35 5.47
CA ASN A 82 -3.10 -7.78 4.33
C ASN A 82 -2.17 -8.06 3.16
N ALA A 83 -2.57 -8.92 2.24
CA ALA A 83 -1.77 -9.22 1.07
C ALA A 83 -2.62 -9.29 -0.19
N LYS A 84 -3.78 -8.66 -0.14
CA LYS A 84 -4.69 -8.67 -1.30
C LYS A 84 -4.34 -7.53 -2.24
N LEU A 85 -3.92 -7.87 -3.43
CA LEU A 85 -3.61 -6.86 -4.44
C LEU A 85 -4.75 -6.78 -5.43
N SER A 86 -4.93 -5.65 -6.03
CA SER A 86 -5.96 -5.50 -7.01
C SER A 86 -5.38 -4.88 -8.26
N TYR A 87 -5.93 -5.21 -9.39
CA TYR A 87 -5.43 -4.66 -10.60
C TYR A 87 -6.51 -3.76 -11.16
N TYR A 88 -6.13 -2.58 -11.49
CA TYR A 88 -6.98 -1.59 -12.04
C TYR A 88 -6.47 -1.29 -13.40
N ASP A 89 -7.34 -1.05 -14.36
CA ASP A 89 -6.89 -0.78 -15.72
C ASP A 89 -5.77 0.27 -15.75
N GLY A 90 -4.61 -0.15 -16.23
CA GLY A 90 -3.47 0.72 -16.26
C GLY A 90 -2.39 0.33 -15.24
N MET A 91 -2.78 0.05 -13.98
CA MET A 91 -1.78 -0.21 -12.93
C MET A 91 -2.33 -1.08 -11.80
N ILE A 92 -1.42 -1.58 -11.00
CA ILE A 92 -1.75 -2.43 -9.89
C ILE A 92 -1.85 -1.58 -8.64
N GLN A 93 -2.82 -1.84 -7.81
CA GLN A 93 -2.97 -1.13 -6.56
C GLN A 93 -3.22 -2.12 -5.44
N LEU A 94 -2.73 -1.82 -4.28
CA LEU A 94 -2.89 -2.71 -3.16
C LEU A 94 -3.67 -1.94 -2.11
N THR A 95 -4.77 -2.50 -1.70
CA THR A 95 -5.63 -1.88 -0.74
C THR A 95 -5.43 -2.55 0.62
N TYR A 96 -5.13 -1.78 1.63
CA TYR A 96 -4.98 -2.32 2.96
C TYR A 96 -6.25 -2.23 3.77
N ARG A 97 -6.16 -2.69 5.00
CA ARG A 97 -7.32 -2.80 5.87
C ARG A 97 -7.64 -1.50 6.57
N ASP A 98 -8.71 -1.55 7.34
CA ASP A 98 -9.28 -0.43 8.08
C ASP A 98 -8.24 0.30 8.97
N GLY A 99 -7.37 -0.45 9.60
CA GLY A 99 -6.32 0.13 10.41
C GLY A 99 -6.86 1.00 11.55
N THR A 100 -6.38 2.22 11.62
CA THR A 100 -6.82 3.16 12.61
C THR A 100 -7.78 4.18 11.96
N PRO A 101 -8.92 4.46 12.60
CA PRO A 101 -9.85 5.45 12.11
C PRO A 101 -9.35 6.85 12.40
N TYR A 102 -9.79 7.82 11.59
CA TYR A 102 -9.35 9.24 11.70
C TYR A 102 -9.32 9.68 13.17
N ASN A 103 -10.49 9.89 13.73
CA ASN A 103 -10.68 10.23 15.16
C ASN A 103 -12.14 10.60 15.37
N ASN A 104 -12.98 10.17 14.46
CA ASN A 104 -14.34 10.62 14.44
C ASN A 104 -15.23 9.67 15.18
N GLU A 105 -16.42 10.13 15.52
CA GLU A 105 -17.40 9.36 16.29
C GLU A 105 -17.84 8.15 15.48
N LYS A 106 -17.81 8.29 14.18
CA LYS A 106 -18.19 7.25 13.28
C LYS A 106 -17.07 6.20 13.19
N ARG A 107 -15.84 6.56 13.65
CA ARG A 107 -14.72 5.64 13.67
C ARG A 107 -14.45 5.14 12.25
N THR A 108 -14.22 6.08 11.37
CA THR A 108 -13.99 5.80 9.99
C THR A 108 -12.50 5.55 9.73
N PRO A 109 -12.19 4.36 9.21
CA PRO A 109 -10.82 3.89 8.99
C PRO A 109 -9.99 4.67 7.96
N ARG A 110 -8.71 4.83 8.26
CA ARG A 110 -7.80 5.42 7.31
C ARG A 110 -7.04 4.26 6.71
N ALA A 111 -6.89 4.25 5.44
CA ALA A 111 -6.30 3.09 4.79
C ALA A 111 -5.17 3.49 3.89
N THR A 112 -4.41 2.52 3.45
CA THR A 112 -3.31 2.75 2.54
C THR A 112 -3.62 2.08 1.21
N LEU A 113 -3.39 2.80 0.14
CA LEU A 113 -3.56 2.31 -1.18
C LEU A 113 -2.25 2.56 -1.91
N ILE A 114 -1.60 1.52 -2.31
CA ILE A 114 -0.33 1.66 -2.99
C ILE A 114 -0.55 1.45 -4.47
N THR A 115 -0.16 2.40 -5.27
CA THR A 115 -0.33 2.36 -6.66
C THR A 115 1.03 2.04 -7.31
N PHE A 116 1.08 0.93 -7.97
CA PHE A 116 2.28 0.45 -8.60
C PHE A 116 2.29 0.84 -10.03
N LEU A 117 3.30 1.53 -10.43
CA LEU A 117 3.38 1.99 -11.77
C LEU A 117 4.53 1.33 -12.46
N CYS A 118 4.38 1.15 -13.71
CA CYS A 118 5.38 0.56 -14.54
C CYS A 118 6.26 1.67 -15.10
N ASP A 119 7.54 1.59 -14.84
CA ASP A 119 8.47 2.56 -15.38
C ASP A 119 9.70 1.83 -15.87
N ARG A 120 10.30 2.34 -16.94
CA ARG A 120 11.45 1.70 -17.57
C ARG A 120 12.65 1.65 -16.62
N ASP A 121 12.81 2.68 -15.82
CA ASP A 121 13.91 2.74 -14.89
C ASP A 121 13.41 2.50 -13.49
N ALA A 122 13.78 1.36 -12.95
CA ALA A 122 13.33 0.94 -11.64
C ALA A 122 13.99 -0.39 -11.31
N GLY A 123 13.59 -0.96 -10.22
CA GLY A 123 14.05 -2.24 -9.82
C GLY A 123 13.10 -2.80 -8.83
N VAL A 124 13.47 -2.75 -7.56
CA VAL A 124 12.59 -3.18 -6.51
C VAL A 124 11.52 -2.11 -6.31
N GLY A 125 11.94 -0.89 -6.28
CA GLY A 125 11.05 0.19 -6.15
C GLY A 125 10.91 0.68 -4.74
N PHE A 126 10.90 1.95 -4.61
CA PHE A 126 10.65 2.59 -3.35
C PHE A 126 9.42 3.45 -3.50
N PRO A 127 8.46 3.32 -2.57
CA PRO A 127 7.21 4.06 -2.62
C PRO A 127 7.39 5.55 -2.40
N GLU A 128 6.63 6.31 -3.10
CA GLU A 128 6.69 7.74 -3.02
C GLU A 128 5.30 8.21 -2.56
N TYR A 129 5.25 9.04 -1.55
CA TYR A 129 3.98 9.45 -0.96
C TYR A 129 3.22 10.43 -1.83
N GLN A 130 2.05 10.02 -2.27
CA GLN A 130 1.21 10.84 -3.10
C GLN A 130 0.48 11.90 -2.31
N GLU A 131 -0.68 11.54 -1.78
CA GLU A 131 -1.53 12.49 -1.09
C GLU A 131 -2.71 11.83 -0.42
N GLU A 132 -2.76 11.92 0.87
CA GLU A 132 -3.95 11.53 1.57
C GLU A 132 -4.83 12.75 1.58
N ASP A 133 -6.02 12.59 1.15
CA ASP A 133 -6.97 13.68 1.09
C ASP A 133 -8.32 13.08 0.98
N ASN A 134 -8.41 12.17 0.04
CA ASN A 134 -9.61 11.43 -0.26
C ASN A 134 -10.16 10.70 0.97
N SER A 135 -9.33 9.89 1.62
CA SER A 135 -9.71 9.05 2.75
C SER A 135 -8.59 8.07 3.04
N THR A 136 -7.88 7.77 1.99
CA THR A 136 -6.88 6.77 1.97
C THR A 136 -5.51 7.36 1.55
N TYR A 137 -4.45 6.84 2.14
CA TYR A 137 -3.08 7.24 1.83
C TYR A 137 -2.61 6.53 0.58
N ASN A 138 -2.28 7.29 -0.43
CA ASN A 138 -1.78 6.72 -1.67
C ASN A 138 -0.28 6.84 -1.78
N PHE A 139 0.33 5.77 -2.21
CA PHE A 139 1.74 5.75 -2.48
C PHE A 139 1.98 5.33 -3.90
N ARG A 140 2.94 5.93 -4.51
CA ARG A 140 3.30 5.64 -5.87
C ARG A 140 4.57 4.83 -5.88
N TRP A 141 4.49 3.65 -6.43
CA TRP A 141 5.60 2.74 -6.42
C TRP A 141 6.10 2.54 -7.86
N TYR A 142 7.39 2.69 -8.07
CA TYR A 142 7.98 2.43 -9.37
C TYR A 142 8.74 1.13 -9.30
N THR A 143 8.24 0.12 -9.94
CA THR A 143 8.87 -1.16 -9.86
C THR A 143 8.88 -1.88 -11.20
N SER A 144 9.96 -2.55 -11.48
CA SER A 144 10.10 -3.34 -12.68
C SER A 144 9.12 -4.53 -12.64
N TYR A 145 8.72 -4.93 -11.43
CA TYR A 145 7.83 -6.05 -11.24
C TYR A 145 6.39 -5.73 -11.65
N ALA A 146 6.12 -4.46 -11.88
CA ALA A 146 4.80 -4.03 -12.35
C ALA A 146 4.81 -3.98 -13.88
N CYS A 147 5.91 -4.36 -14.45
CA CYS A 147 6.08 -4.37 -15.88
C CYS A 147 6.18 -5.81 -16.37
N PRO A 148 5.67 -6.10 -17.57
CA PRO A 148 5.73 -7.43 -18.14
C PRO A 148 6.99 -7.60 -19.03
#